data_3KOY
#
_entry.id   3KOY
#
_cell.length_a   66.520
_cell.length_b   233.220
_cell.length_c   124.140
_cell.angle_alpha   90.00
_cell.angle_beta   103.43
_cell.angle_gamma   90.00
#
_symmetry.space_group_name_H-M   'P 1 21 1'
#
loop_
_entity.id
_entity.type
_entity.pdbx_description
1 polymer 'D-ornithine aminomutase E component'
2 polymer 'D-ornithine aminomutase S component'
3 non-polymer COBALAMIN
4 non-polymer (E)-N~5~-({3-hydroxy-2-methyl-5-[(phosphonooxy)methyl]pyridin-4-yl}methylidene)-L-ornithine
5 non-polymer "5'-DEOXYADENOSINE"
#
loop_
_entity_poly.entity_id
_entity_poly.type
_entity_poly.pdbx_seq_one_letter_code
_entity_poly.pdbx_strand_id
1 'polypeptide(L)'
;MEKDLQLRVNEKLDVENILKDLDKYTPKRRGWTWRQPAENLQMGPFIYKDASTPLENSVALPSAKYFGDIDPQPLPVITT
EIASGRFEDDIRRMRMAAWHGADHIMVIRTAGQSHYDGLIEGTPQGIGGVPITRKQVRAQRKALDLIEEEVGRPINYHSY
VSGVAGPDIAVMFAEEGVNGAHQDPQYNVLYRNINMIRSFIDACESKTIMAWADMAQIDGAHNANATAREAWKVMPELMV
QHALNSIFSLKVGMKKSNICLSTVPPTAPPAPSMYLDLPYAVALREMFEGYRMRAQMNTKYMEASTREATVTHVLNLLIS
KLTRADIQSTITPDEGRNVPWHIYNIEACDTAKQALIGMDGLMDMVQLKREGVLGDTVRELKERAVLFMEEIIEAGGYFN
AVEQGFFVDSGYYPERNGDGIARQINGGIGAGTVFERDEDYMAPVTAHFGYNNVKQYDEALVSEPSKLIDGCTLEVPEKI
VYIDELDENDNVNVRMEETKEFRHSSMIKPEVEWQADGTVLLTMFLPTSKRVAEFAAIEFAKKMNLEEVEVINREVMQEA
EGTRIELKGRVPFSIDINSLVIPPEPEILSEDEIREDIEKTPLKIVAATVGEDEHSVGLREVIDIKHGGIEKYGVEVHYL
GTSVPVEKLVDAAIELKADAILASTIISHDDIHYKNMKRIHELAVEKGIRDKIMIGCGGTQVTPEVAVKQGVDAGFGRGS
KGIHVATFLVKKRREMREGKSEDPNSSSVDKLAAALEHHHHHH
;
A,B,C,D
2 'polypeptide(L)'
;MKRADDFQQRRAHLANLSDEELQTRFWEMAEKIVDPLLDLGKKNTTPSIERSVLLRMGFSSLEAKAIVDKTMDRGLMGKG
AGHIVYKIAKEKNISVREAGLALSEGKYWDDAIQIFKGGVK
;
E,F,G,H
#
loop_
_chem_comp.id
_chem_comp.type
_chem_comp.name
_chem_comp.formula
5AD non-polymer 5'-DEOXYADENOSINE 'C10 H13 N5 O3'
B12 non-polymer COBALAMIN 'C62 H89 Co N13 O14 P 2'
Z97 non-polymer (E)-N~5~-({3-hydroxy-2-methyl-5-[(phosphonooxy)methyl]pyridin-4-yl}methylidene)-L-ornithine 'C13 H20 N3 O7 P'
#
# COMPACT_ATOMS: atom_id res chain seq x y z
N LEU A 5 11.36 31.18 27.40
CA LEU A 5 11.46 32.60 27.65
C LEU A 5 12.71 33.21 27.01
N GLN A 6 12.52 34.35 26.32
CA GLN A 6 13.54 35.12 25.57
C GLN A 6 13.22 35.17 24.07
N LEU A 7 14.11 35.80 23.29
CA LEU A 7 14.01 35.84 21.83
C LEU A 7 13.02 36.86 21.27
N ARG A 8 13.53 38.01 20.84
CA ARG A 8 12.71 38.99 20.16
C ARG A 8 13.28 39.15 18.75
N VAL A 9 12.39 39.33 17.78
CA VAL A 9 12.77 39.31 16.37
C VAL A 9 13.97 40.17 15.99
N ASN A 10 14.15 41.29 16.68
CA ASN A 10 15.17 42.27 16.28
C ASN A 10 16.43 42.20 17.15
N GLU A 11 16.43 41.32 18.13
CA GLU A 11 17.57 41.14 19.02
C GLU A 11 18.26 39.82 18.71
N LYS A 12 19.51 39.86 18.30
CA LYS A 12 20.27 38.63 18.04
C LYS A 12 20.15 37.57 19.15
N LEU A 13 20.58 36.36 18.84
CA LEU A 13 20.57 35.28 19.81
C LEU A 13 21.69 35.51 20.79
N ASP A 14 21.39 35.47 22.09
CA ASP A 14 22.42 35.65 23.10
C ASP A 14 23.17 34.33 23.23
N VAL A 15 24.14 34.13 22.35
CA VAL A 15 24.83 32.85 22.30
C VAL A 15 25.59 32.64 23.60
N GLU A 16 26.15 33.72 24.14
CA GLU A 16 26.78 33.68 25.45
C GLU A 16 25.87 33.03 26.47
N ASN A 17 24.67 33.57 26.60
CA ASN A 17 23.73 33.13 27.63
C ASN A 17 23.16 31.72 27.41
N ILE A 18 23.18 31.24 26.18
CA ILE A 18 22.62 29.92 25.93
C ILE A 18 23.51 28.84 26.53
N LEU A 19 24.82 29.04 26.50
CA LEU A 19 25.78 28.08 27.03
C LEU A 19 25.77 27.97 28.56
N LYS A 20 25.06 28.89 29.23
CA LYS A 20 24.97 28.87 30.68
C LYS A 20 23.99 27.78 31.16
N ASP A 21 24.32 27.13 32.28
CA ASP A 21 23.39 26.21 32.91
C ASP A 21 23.05 24.96 32.08
N LEU A 22 23.89 24.64 31.11
CA LEU A 22 23.62 23.48 30.27
C LEU A 22 23.41 22.21 31.08
N ASP A 23 24.01 22.15 32.27
CA ASP A 23 23.88 21.01 33.17
C ASP A 23 22.44 20.83 33.67
N LYS A 24 21.68 21.92 33.60
CA LYS A 24 20.31 21.91 34.10
C LYS A 24 19.28 21.87 32.97
N TYR A 25 19.77 21.67 31.74
CA TYR A 25 18.93 21.68 30.53
C TYR A 25 18.21 20.35 30.18
N THR A 26 16.91 20.44 29.99
CA THR A 26 16.11 19.32 29.55
C THR A 26 15.53 19.65 28.18
N PRO A 27 15.42 18.64 27.31
CA PRO A 27 14.77 18.88 26.02
C PRO A 27 13.30 19.17 26.26
N LYS A 28 12.77 20.17 25.56
CA LYS A 28 11.38 20.58 25.76
C LYS A 28 10.44 19.49 25.27
N ARG A 29 10.91 18.64 24.34
CA ARG A 29 10.11 17.53 23.83
C ARG A 29 10.93 16.46 23.11
N ARG A 30 10.30 15.30 22.92
CA ARG A 30 10.95 14.13 22.31
C ARG A 30 10.30 13.73 20.98
N GLY A 31 11.01 12.89 20.23
CA GLY A 31 10.53 12.36 18.96
C GLY A 31 10.57 13.27 17.75
N TRP A 32 10.16 12.71 16.61
CA TRP A 32 10.13 13.42 15.33
C TRP A 32 8.78 14.08 15.13
N THR A 33 8.78 15.23 14.46
CA THR A 33 7.52 15.90 14.09
C THR A 33 7.43 16.13 12.56
N TRP A 34 6.27 15.76 11.98
CA TRP A 34 5.96 16.09 10.60
C TRP A 34 5.30 17.46 10.58
N ARG A 35 5.01 17.99 9.38
CA ARG A 35 4.34 19.27 9.24
C ARG A 35 2.81 19.10 9.16
N GLN A 36 2.10 20.13 9.58
CA GLN A 36 0.63 20.12 9.53
C GLN A 36 0.06 20.37 8.13
N PRO A 37 -0.97 19.59 7.76
CA PRO A 37 -1.64 19.86 6.50
C PRO A 37 -2.61 21.06 6.58
N ALA A 38 -2.73 21.81 5.48
CA ALA A 38 -3.60 22.98 5.39
C ALA A 38 -4.48 22.88 4.16
N GLU A 39 -5.55 22.07 4.24
CA GLU A 39 -6.48 21.88 3.14
C GLU A 39 -6.97 23.22 2.60
N ASN A 40 -6.90 23.39 1.28
CA ASN A 40 -7.40 24.59 0.62
C ASN A 40 -7.01 25.87 1.33
N LEU A 41 -5.76 25.91 1.81
CA LEU A 41 -5.26 27.07 2.54
C LEU A 41 -5.21 28.31 1.65
N GLN A 42 -5.88 29.38 2.09
CA GLN A 42 -5.84 30.65 1.37
C GLN A 42 -4.72 31.56 1.86
N MET A 43 -3.94 32.08 0.94
CA MET A 43 -2.95 33.09 1.28
C MET A 43 -3.01 34.18 0.23
N GLY A 44 -3.23 35.41 0.67
CA GLY A 44 -3.46 36.49 -0.26
C GLY A 44 -4.55 36.16 -1.27
N PRO A 45 -4.18 36.20 -2.58
CA PRO A 45 -5.16 35.98 -3.65
C PRO A 45 -5.27 34.51 -4.06
N PHE A 46 -4.56 33.61 -3.40
CA PHE A 46 -4.42 32.27 -3.93
C PHE A 46 -4.89 31.16 -3.01
N ILE A 47 -5.42 30.12 -3.64
CA ILE A 47 -5.71 28.88 -2.93
C ILE A 47 -4.62 27.83 -3.19
N TYR A 48 -4.21 27.12 -2.14
CA TYR A 48 -3.16 26.10 -2.24
C TYR A 48 -3.61 24.69 -1.90
N LYS A 49 -3.32 23.75 -2.81
CA LYS A 49 -3.76 22.37 -2.64
C LYS A 49 -2.77 21.44 -1.91
N ASP A 50 -1.51 21.82 -1.81
CA ASP A 50 -0.47 20.98 -1.17
C ASP A 50 0.34 21.68 -0.09
N ALA A 51 -0.26 22.67 0.57
CA ALA A 51 0.49 23.46 1.54
C ALA A 51 0.36 22.94 2.96
N SER A 52 1.25 23.41 3.82
CA SER A 52 1.19 23.13 5.25
C SER A 52 0.88 24.42 6.00
N THR A 53 0.64 24.31 7.30
CA THR A 53 0.41 25.47 8.15
C THR A 53 1.55 26.47 7.99
N PRO A 54 1.20 27.76 7.84
CA PRO A 54 2.19 28.81 7.64
C PRO A 54 2.97 29.10 8.93
N LEU A 55 4.06 29.84 8.81
CA LEU A 55 4.88 30.17 9.96
C LEU A 55 4.40 31.47 10.61
N GLU A 56 4.55 31.59 11.93
CA GLU A 56 4.25 32.85 12.60
C GLU A 56 5.23 33.96 12.20
N ASN A 57 6.52 33.67 12.23
CA ASN A 57 7.51 34.60 11.70
C ASN A 57 8.35 33.87 10.65
N SER A 58 8.65 34.53 9.53
CA SER A 58 9.53 33.96 8.50
C SER A 58 10.04 35.01 7.54
N VAL A 59 10.76 34.55 6.52
CA VAL A 59 11.27 35.42 5.47
C VAL A 59 10.76 34.86 4.17
N ALA A 60 9.84 35.57 3.53
CA ALA A 60 9.27 35.11 2.28
C ALA A 60 10.26 35.29 1.12
N LEU A 61 10.00 34.59 0.02
CA LEU A 61 10.83 34.70 -1.16
C LEU A 61 10.84 36.17 -1.56
N PRO A 62 11.94 36.63 -2.16
CA PRO A 62 12.02 37.98 -2.72
C PRO A 62 10.76 38.39 -3.51
N SER A 63 10.34 37.64 -4.51
CA SER A 63 9.20 38.10 -5.31
C SER A 63 7.90 37.88 -4.60
N ALA A 64 7.96 37.65 -3.31
CA ALA A 64 6.75 37.58 -2.50
C ALA A 64 6.23 38.99 -2.28
N LYS A 65 7.06 39.98 -2.60
CA LYS A 65 6.67 41.37 -2.43
C LYS A 65 5.49 41.73 -3.34
N TYR A 66 5.43 41.11 -4.53
CA TYR A 66 4.35 41.37 -5.47
C TYR A 66 3.04 40.70 -5.05
N PHE A 67 3.05 39.94 -3.95
CA PHE A 67 1.81 39.31 -3.43
C PHE A 67 1.62 39.40 -1.91
N GLY A 68 1.93 40.56 -1.33
CA GLY A 68 1.70 40.77 0.10
C GLY A 68 2.64 39.99 1.02
N ASP A 69 3.89 39.84 0.60
CA ASP A 69 4.84 38.95 1.26
C ASP A 69 4.21 37.68 1.86
N ILE A 70 3.32 37.03 1.12
CA ILE A 70 2.86 35.71 1.54
C ILE A 70 4.04 34.75 1.50
N ASP A 71 4.19 33.93 2.55
CA ASP A 71 5.22 32.89 2.59
C ASP A 71 4.65 31.50 2.89
N PRO A 72 4.02 30.87 1.88
CA PRO A 72 3.44 29.52 1.93
C PRO A 72 4.49 28.43 2.11
N GLN A 73 4.16 27.39 2.87
CA GLN A 73 5.09 26.30 3.13
C GLN A 73 4.62 24.94 2.54
N PRO A 74 5.48 24.25 1.77
CA PRO A 74 5.08 22.93 1.23
C PRO A 74 4.80 21.88 2.34
N LEU A 75 4.28 20.69 1.97
CA LEU A 75 3.94 19.64 2.95
C LEU A 75 5.11 18.81 3.48
N PRO A 76 6.18 18.67 2.68
CA PRO A 76 7.34 17.90 3.16
C PRO A 76 8.25 18.68 4.13
N VAL A 77 8.75 17.95 5.13
CA VAL A 77 9.77 18.49 6.01
C VAL A 77 10.98 18.90 5.16
N ILE A 78 11.39 20.17 5.27
CA ILE A 78 12.54 20.65 4.52
C ILE A 78 13.79 20.62 5.40
N THR A 79 14.81 19.90 4.94
CA THR A 79 16.07 19.76 5.65
C THR A 79 17.12 20.77 5.19
N THR A 80 18.08 21.01 6.09
CA THR A 80 19.27 21.82 5.82
C THR A 80 20.44 21.28 6.67
N GLU A 81 21.61 21.13 6.05
CA GLU A 81 22.81 20.63 6.73
C GLU A 81 23.65 21.78 7.31
N ILE A 82 23.71 21.88 8.64
CA ILE A 82 24.56 22.90 9.28
C ILE A 82 25.59 22.39 10.32
N ALA A 83 26.86 22.51 9.98
CA ALA A 83 27.93 21.97 10.80
C ALA A 83 29.32 22.35 10.26
N SER A 84 29.92 23.38 10.85
CA SER A 84 31.10 24.06 10.28
C SER A 84 32.37 23.86 11.10
N GLY A 85 32.23 23.15 12.22
CA GLY A 85 33.35 22.90 13.12
C GLY A 85 33.15 23.65 14.42
N ARG A 86 32.47 24.79 14.32
CA ARG A 86 32.18 25.58 15.52
C ARG A 86 30.69 25.69 15.67
N PHE A 87 30.10 24.72 16.37
CA PHE A 87 28.65 24.65 16.52
C PHE A 87 28.05 25.98 16.98
N GLU A 88 28.83 26.76 17.72
CA GLU A 88 28.33 28.00 18.32
C GLU A 88 28.18 29.14 17.33
N ASP A 89 28.90 29.06 16.20
CA ASP A 89 28.62 29.92 15.05
C ASP A 89 27.36 29.40 14.35
N ASP A 90 27.34 28.09 14.12
CA ASP A 90 26.22 27.37 13.51
C ASP A 90 24.84 27.75 14.08
N ILE A 91 24.74 27.81 15.40
CA ILE A 91 23.49 28.18 16.04
C ILE A 91 22.89 29.40 15.35
N ARG A 92 23.73 30.35 14.98
CA ARG A 92 23.21 31.59 14.42
C ARG A 92 22.66 31.32 13.03
N ARG A 93 23.35 30.46 12.28
CA ARG A 93 22.90 30.03 10.97
C ARG A 93 21.55 29.28 11.05
N MET A 94 21.40 28.39 12.05
CA MET A 94 20.13 27.71 12.27
C MET A 94 18.96 28.70 12.38
N ARG A 95 19.12 29.75 13.16
CA ARG A 95 18.04 30.72 13.26
C ARG A 95 17.75 31.35 11.90
N MET A 96 18.79 31.64 11.12
CA MET A 96 18.60 32.13 9.74
C MET A 96 17.76 31.18 8.89
N ALA A 97 18.26 29.98 8.67
CA ALA A 97 17.55 29.00 7.85
C ALA A 97 16.13 28.72 8.37
N ALA A 98 15.96 28.69 9.69
CA ALA A 98 14.68 28.36 10.30
C ALA A 98 13.60 29.31 9.83
N TRP A 99 13.99 30.57 9.68
CA TRP A 99 13.09 31.64 9.27
C TRP A 99 12.83 31.53 7.79
N HIS A 100 13.77 30.92 7.08
CA HIS A 100 13.65 30.75 5.65
C HIS A 100 12.98 29.44 5.25
N GLY A 101 12.43 28.73 6.24
CA GLY A 101 11.59 27.57 5.97
C GLY A 101 12.05 26.22 6.50
N ALA A 102 13.34 26.08 6.80
CA ALA A 102 13.87 24.82 7.31
C ALA A 102 13.29 24.43 8.67
N ASP A 103 12.82 23.20 8.78
CA ASP A 103 12.35 22.63 10.05
C ASP A 103 13.06 21.30 10.39
N HIS A 104 14.13 21.00 9.66
CA HIS A 104 14.95 19.82 9.88
C HIS A 104 16.40 20.24 9.73
N ILE A 105 17.11 20.38 10.85
CA ILE A 105 18.51 20.83 10.91
C ILE A 105 19.39 19.64 11.18
N MET A 106 20.29 19.33 10.26
CA MET A 106 21.06 18.10 10.34
C MET A 106 22.52 18.46 10.61
N VAL A 107 23.06 18.02 11.73
CA VAL A 107 24.47 18.32 12.06
C VAL A 107 25.42 17.17 11.70
N ILE A 108 26.24 17.36 10.66
CA ILE A 108 27.23 16.34 10.29
C ILE A 108 28.32 16.23 11.35
N ARG A 109 28.80 15.03 11.60
CA ARG A 109 29.83 14.84 12.61
C ARG A 109 31.22 15.21 12.14
N THR A 110 32.07 15.60 13.09
CA THR A 110 33.48 15.87 12.82
C THR A 110 34.13 14.67 12.14
N ALA A 111 35.09 14.96 11.28
CA ALA A 111 35.68 13.95 10.42
C ALA A 111 36.14 12.71 11.19
N GLY A 112 35.56 11.56 10.83
CA GLY A 112 35.96 10.28 11.37
C GLY A 112 35.35 9.87 12.71
N GLN A 113 34.24 10.49 13.11
CA GLN A 113 33.69 10.19 14.44
C GLN A 113 33.23 8.75 14.60
N SER A 114 32.99 8.08 13.48
CA SER A 114 32.59 6.68 13.49
C SER A 114 33.59 5.87 14.29
N HIS A 115 34.86 6.24 14.21
CA HIS A 115 35.90 5.44 14.83
C HIS A 115 36.09 5.69 16.32
N TYR A 116 35.49 6.76 16.84
CA TYR A 116 35.47 7.01 18.29
C TYR A 116 34.76 5.86 19.01
N ASP A 117 35.52 4.99 19.68
CA ASP A 117 34.95 3.89 20.47
C ASP A 117 34.34 4.35 21.82
N GLY A 118 33.51 5.38 21.75
CA GLY A 118 32.78 5.87 22.90
C GLY A 118 32.28 7.28 22.68
N LEU A 119 31.45 7.77 23.60
CA LEU A 119 31.08 9.17 23.57
C LEU A 119 32.34 9.97 23.78
N ILE A 120 32.31 11.24 23.38
CA ILE A 120 33.33 12.19 23.78
C ILE A 120 32.61 13.32 24.53
N GLU A 121 33.33 14.30 25.03
CA GLU A 121 32.68 15.31 25.86
C GLU A 121 33.12 16.72 25.52
N GLY A 122 32.33 17.70 25.93
CA GLY A 122 32.69 19.09 25.72
C GLY A 122 32.67 19.56 24.29
N THR A 123 33.42 20.61 24.01
CA THR A 123 33.23 21.34 22.79
C THR A 123 34.53 21.56 22.04
N PRO A 124 35.24 20.47 21.74
CA PRO A 124 36.44 20.63 20.90
C PRO A 124 36.02 21.19 19.55
N GLN A 125 36.97 21.81 18.88
CA GLN A 125 36.76 22.35 17.55
C GLN A 125 36.69 21.16 16.60
N GLY A 126 35.94 21.29 15.52
CA GLY A 126 35.83 20.19 14.59
C GLY A 126 36.58 20.44 13.31
N ILE A 127 36.56 19.44 12.43
CA ILE A 127 36.93 19.69 11.04
C ILE A 127 35.95 18.97 10.12
N GLY A 128 35.40 19.70 9.17
CA GLY A 128 34.42 19.14 8.25
C GLY A 128 33.18 18.62 8.93
N GLY A 129 32.87 19.15 10.11
CA GLY A 129 31.74 18.73 10.91
C GLY A 129 31.89 19.16 12.35
N VAL A 130 30.87 18.90 13.16
CA VAL A 130 30.88 19.24 14.57
C VAL A 130 31.13 17.99 15.41
N PRO A 131 32.08 18.05 16.36
CA PRO A 131 32.28 16.88 17.24
C PRO A 131 31.03 16.69 18.08
N ILE A 132 30.49 15.49 18.15
CA ILE A 132 29.15 15.31 18.75
C ILE A 132 29.24 14.90 20.21
N THR A 133 28.87 15.82 21.10
CA THR A 133 28.95 15.58 22.53
C THR A 133 27.63 15.89 23.20
N ARG A 134 27.49 15.54 24.49
CA ARG A 134 26.26 15.87 25.21
C ARG A 134 26.10 17.36 25.46
N LYS A 135 27.21 18.04 25.69
CA LYS A 135 27.15 19.48 25.91
C LYS A 135 26.72 20.15 24.62
N GLN A 136 27.41 19.85 23.53
CA GLN A 136 27.17 20.56 22.29
C GLN A 136 25.77 20.26 21.77
N VAL A 137 25.25 19.07 22.07
CA VAL A 137 23.87 18.74 21.65
C VAL A 137 22.84 19.46 22.52
N ARG A 138 23.14 19.60 23.81
CA ARG A 138 22.27 20.32 24.71
C ARG A 138 22.17 21.76 24.25
N ALA A 139 23.31 22.35 23.91
CA ALA A 139 23.34 23.73 23.45
C ALA A 139 22.42 23.93 22.24
N GLN A 140 22.55 23.07 21.24
CA GLN A 140 21.84 23.29 19.99
C GLN A 140 20.32 23.07 20.13
N ARG A 141 19.94 22.09 20.93
CA ARG A 141 18.54 21.77 21.13
C ARG A 141 17.88 22.86 21.98
N LYS A 142 18.60 23.35 22.98
CA LYS A 142 18.14 24.43 23.85
C LYS A 142 17.88 25.63 22.99
N ALA A 143 18.87 25.99 22.17
CA ALA A 143 18.72 27.08 21.21
C ALA A 143 17.55 26.86 20.24
N LEU A 144 17.42 25.65 19.70
CA LEU A 144 16.35 25.39 18.74
C LEU A 144 14.98 25.50 19.41
N ASP A 145 14.83 24.98 20.63
CA ASP A 145 13.59 25.15 21.39
C ASP A 145 13.12 26.63 21.38
N LEU A 146 14.07 27.54 21.34
CA LEU A 146 13.76 28.96 21.25
C LEU A 146 13.38 29.34 19.82
N ILE A 147 14.24 29.00 18.87
CA ILE A 147 14.00 29.27 17.46
C ILE A 147 12.67 28.65 16.95
N GLU A 148 12.27 27.51 17.49
CA GLU A 148 10.99 26.95 17.10
C GLU A 148 9.83 27.59 17.88
N GLU A 149 10.13 28.22 19.00
CA GLU A 149 9.09 28.97 19.70
C GLU A 149 8.80 30.24 18.88
N GLU A 150 9.90 30.88 18.46
CA GLU A 150 9.88 32.07 17.61
C GLU A 150 9.22 31.85 16.26
N VAL A 151 9.73 30.91 15.46
CA VAL A 151 9.12 30.76 14.13
C VAL A 151 7.72 30.16 14.23
N GLY A 152 7.45 29.41 15.30
CA GLY A 152 6.11 28.90 15.51
C GLY A 152 5.80 27.54 14.89
N ARG A 153 6.84 26.76 14.65
CA ARG A 153 6.70 25.43 14.08
C ARG A 153 7.87 24.61 14.62
N PRO A 154 7.59 23.42 15.17
CA PRO A 154 8.67 22.59 15.73
C PRO A 154 9.74 22.25 14.67
N ILE A 155 11.02 22.37 15.03
CA ILE A 155 12.15 21.94 14.20
C ILE A 155 12.78 20.61 14.65
N ASN A 156 12.87 19.62 13.76
CA ASN A 156 13.53 18.34 14.10
C ASN A 156 15.05 18.49 14.05
N TYR A 157 15.73 18.06 15.10
CA TYR A 157 17.17 18.19 15.20
C TYR A 157 17.74 16.83 14.89
N HIS A 158 18.86 16.79 14.15
CA HIS A 158 19.32 15.56 13.51
C HIS A 158 20.87 15.43 13.41
N SER A 159 21.38 14.27 13.83
CA SER A 159 22.79 13.91 13.67
C SER A 159 22.95 12.40 13.39
N TYR A 160 24.17 11.90 13.49
CA TYR A 160 24.50 10.53 13.06
C TYR A 160 24.79 9.56 14.21
N VAL A 161 24.35 8.32 14.05
CA VAL A 161 24.48 7.31 15.08
C VAL A 161 25.49 6.27 14.60
N SER A 162 26.05 6.49 13.43
CA SER A 162 26.96 5.53 12.82
C SER A 162 28.28 5.33 13.58
N GLY A 163 29.03 4.29 13.21
CA GLY A 163 30.31 4.01 13.85
C GLY A 163 30.35 2.80 14.77
N VAL A 164 31.47 2.59 15.44
CA VAL A 164 31.63 1.49 16.38
C VAL A 164 31.03 1.79 17.75
N ALA A 165 30.37 2.92 17.89
CA ALA A 165 29.82 3.22 19.20
C ALA A 165 28.40 3.77 19.06
N GLY A 166 27.61 3.07 18.23
CA GLY A 166 26.24 3.46 17.98
C GLY A 166 25.39 3.39 19.23
N PRO A 167 25.41 2.23 19.92
CA PRO A 167 24.68 2.15 21.18
C PRO A 167 24.96 3.34 22.09
N ASP A 168 26.22 3.78 22.20
CA ASP A 168 26.58 4.94 23.03
C ASP A 168 25.85 6.22 22.64
N ILE A 169 26.12 6.70 21.44
CA ILE A 169 25.47 7.88 20.89
C ILE A 169 23.96 7.73 20.95
N ALA A 170 23.45 6.57 20.54
CA ALA A 170 22.00 6.32 20.63
C ALA A 170 21.43 6.57 22.05
N VAL A 171 22.17 6.20 23.09
CA VAL A 171 21.70 6.47 24.44
C VAL A 171 21.65 7.98 24.68
N MET A 172 22.68 8.70 24.29
CA MET A 172 22.75 10.11 24.60
C MET A 172 21.75 10.93 23.79
N PHE A 173 21.66 10.61 22.51
CA PHE A 173 20.68 11.17 21.60
C PHE A 173 19.25 10.98 22.14
N ALA A 174 18.91 9.74 22.54
CA ALA A 174 17.57 9.47 23.12
C ALA A 174 17.32 10.30 24.39
N GLU A 175 18.36 10.44 25.20
CA GLU A 175 18.29 11.26 26.43
C GLU A 175 18.05 12.75 26.16
N GLU A 176 18.83 13.32 25.26
CA GLU A 176 18.85 14.76 25.02
C GLU A 176 17.83 15.23 23.99
N GLY A 177 16.89 14.35 23.65
CA GLY A 177 15.80 14.69 22.76
C GLY A 177 16.10 14.99 21.29
N VAL A 178 17.16 14.37 20.76
CA VAL A 178 17.43 14.48 19.32
C VAL A 178 16.27 13.81 18.61
N ASN A 179 15.85 14.35 17.48
CA ASN A 179 14.59 13.93 16.88
C ASN A 179 14.73 12.91 15.76
N GLY A 180 15.85 12.99 15.04
CA GLY A 180 16.13 12.08 13.94
C GLY A 180 17.59 11.80 13.79
N ALA A 181 17.93 10.69 13.12
CA ALA A 181 19.33 10.27 12.95
C ALA A 181 19.53 9.18 11.90
N HIS A 182 20.73 9.12 11.32
CA HIS A 182 21.10 8.02 10.44
C HIS A 182 21.56 6.80 11.25
N GLN A 183 21.17 5.61 10.84
CA GLN A 183 21.78 4.43 11.41
C GLN A 183 21.64 3.29 10.42
N ASP A 184 22.75 2.87 9.84
CA ASP A 184 22.68 1.79 8.87
C ASP A 184 23.90 0.92 9.04
N PRO A 185 23.67 -0.28 9.60
CA PRO A 185 24.73 -1.28 9.82
C PRO A 185 25.67 -1.33 8.60
N GLN A 186 25.09 -1.37 7.40
CA GLN A 186 25.81 -1.42 6.12
C GLN A 186 26.71 -0.21 5.91
N TYR A 187 26.31 0.93 6.43
CA TYR A 187 27.18 2.08 6.29
C TYR A 187 28.52 1.82 6.98
N ASN A 188 28.48 1.21 8.16
CA ASN A 188 29.71 1.04 8.94
C ASN A 188 30.62 0.02 8.27
N VAL A 189 30.01 -1.04 7.73
CA VAL A 189 30.77 -2.08 7.07
C VAL A 189 31.38 -1.61 5.74
N LEU A 190 30.58 -1.09 4.83
CA LEU A 190 31.11 -0.79 3.50
C LEU A 190 32.06 0.42 3.43
N TYR A 191 31.76 1.48 4.17
CA TYR A 191 32.50 2.72 4.00
C TYR A 191 33.48 3.10 5.10
N ARG A 192 33.29 2.55 6.29
CA ARG A 192 34.24 2.80 7.38
C ARG A 192 35.01 1.54 7.81
N ASN A 193 34.93 0.48 7.00
CA ASN A 193 35.52 -0.81 7.34
C ASN A 193 35.44 -1.11 8.85
N ILE A 194 34.24 -0.99 9.39
CA ILE A 194 33.99 -1.50 10.71
C ILE A 194 33.64 -2.96 10.52
N ASN A 195 34.11 -3.82 11.45
CA ASN A 195 33.84 -5.25 11.38
C ASN A 195 32.36 -5.60 11.31
N MET A 196 32.02 -6.43 10.32
CA MET A 196 30.63 -6.68 9.98
C MET A 196 29.78 -7.36 11.06
N ILE A 197 30.35 -8.32 11.80
CA ILE A 197 29.62 -8.99 12.88
C ILE A 197 29.16 -8.01 13.97
N ARG A 198 30.11 -7.19 14.38
CA ARG A 198 29.91 -6.33 15.52
C ARG A 198 29.11 -5.12 15.12
N SER A 199 29.20 -4.74 13.84
CA SER A 199 28.41 -3.63 13.33
C SER A 199 26.92 -3.94 13.47
N PHE A 200 26.55 -5.17 13.11
CA PHE A 200 25.15 -5.62 13.07
C PHE A 200 24.59 -6.00 14.45
N ILE A 201 25.43 -6.60 15.30
CA ILE A 201 25.02 -6.87 16.66
C ILE A 201 24.72 -5.53 17.36
N ASP A 202 25.52 -4.52 17.03
CA ASP A 202 25.38 -3.19 17.61
C ASP A 202 24.11 -2.44 17.16
N ALA A 203 23.80 -2.57 15.88
CA ALA A 203 22.68 -1.84 15.32
C ALA A 203 21.37 -2.26 15.95
N CYS A 204 21.29 -3.51 16.41
CA CYS A 204 20.08 -3.99 17.05
C CYS A 204 19.77 -3.13 18.27
N GLU A 205 20.80 -2.86 19.07
CA GLU A 205 20.65 -2.01 20.23
C GLU A 205 20.44 -0.53 19.84
N SER A 206 21.24 -0.01 18.91
CA SER A 206 21.07 1.34 18.39
C SER A 206 19.63 1.60 17.97
N LYS A 207 19.11 0.71 17.12
CA LYS A 207 17.80 0.88 16.54
C LYS A 207 16.70 0.72 17.58
N THR A 208 16.96 -0.06 18.62
CA THR A 208 15.99 -0.21 19.69
C THR A 208 15.93 1.03 20.58
N ILE A 209 17.08 1.61 20.86
CA ILE A 209 17.11 2.88 21.57
C ILE A 209 16.41 3.98 20.77
N MET A 210 16.63 4.03 19.46
CA MET A 210 15.94 5.02 18.62
C MET A 210 14.44 4.69 18.45
N ALA A 211 14.07 3.45 18.66
CA ALA A 211 12.65 3.11 18.55
C ALA A 211 11.94 3.71 19.77
N TRP A 212 12.56 3.53 20.92
CA TRP A 212 12.12 4.16 22.17
C TRP A 212 11.92 5.67 22.03
N ALA A 213 12.97 6.39 21.62
CA ALA A 213 12.94 7.86 21.57
C ALA A 213 12.01 8.45 20.51
N ASP A 214 11.31 7.59 19.79
CA ASP A 214 10.50 7.99 18.64
C ASP A 214 11.26 8.82 17.60
N MET A 215 12.50 8.44 17.29
CA MET A 215 13.33 9.17 16.33
C MET A 215 13.06 8.75 14.87
N ALA A 216 13.14 9.70 13.95
CA ALA A 216 13.10 9.30 12.55
C ALA A 216 14.47 8.67 12.22
N GLN A 217 14.44 7.67 11.38
CA GLN A 217 15.68 7.03 11.02
C GLN A 217 15.86 7.11 9.52
N ILE A 218 16.98 7.72 9.12
CA ILE A 218 17.36 7.79 7.73
C ILE A 218 18.42 6.74 7.49
N ASP A 219 18.38 6.06 6.34
CA ASP A 219 19.41 5.06 6.02
C ASP A 219 20.62 5.56 5.21
N GLY A 220 21.51 4.64 4.83
CA GLY A 220 22.79 5.02 4.28
C GLY A 220 22.96 4.93 2.77
N ALA A 221 21.98 4.31 2.12
CA ALA A 221 22.06 4.05 0.67
C ALA A 221 22.65 5.19 -0.21
N HIS A 222 22.45 6.44 0.20
CA HIS A 222 22.90 7.57 -0.62
C HIS A 222 24.41 7.59 -0.69
N ASN A 223 25.05 6.77 0.12
CA ASN A 223 26.49 6.61 0.02
C ASN A 223 26.90 5.75 -1.17
N ALA A 224 25.99 4.89 -1.63
CA ALA A 224 26.30 4.03 -2.77
C ALA A 224 26.38 4.86 -4.09
N ASN A 225 25.72 6.02 -4.10
CA ASN A 225 25.81 6.94 -5.22
C ASN A 225 27.21 7.53 -5.29
N ALA A 226 27.65 8.04 -4.15
CA ALA A 226 28.97 8.64 -4.02
C ALA A 226 30.07 7.71 -4.51
N THR A 227 30.02 6.45 -4.05
CA THR A 227 31.07 5.49 -4.32
C THR A 227 31.00 4.74 -5.67
N ALA A 228 29.97 5.01 -6.47
CA ALA A 228 29.81 4.33 -7.76
C ALA A 228 30.59 5.00 -8.92
N ARG A 229 31.29 4.19 -9.72
CA ARG A 229 31.95 4.77 -10.89
C ARG A 229 30.92 5.54 -11.73
N GLU A 230 29.91 4.83 -12.21
CA GLU A 230 28.74 5.49 -12.82
C GLU A 230 27.48 5.29 -11.95
N ALA A 231 26.86 6.38 -11.52
CA ALA A 231 25.71 6.31 -10.62
C ALA A 231 24.51 5.69 -11.29
N TRP A 232 24.45 5.77 -12.62
CA TRP A 232 23.25 5.34 -13.31
C TRP A 232 23.21 3.84 -13.48
N LYS A 233 24.06 3.13 -12.74
CA LYS A 233 24.19 1.67 -12.81
C LYS A 233 24.03 1.00 -11.43
N VAL A 234 23.82 1.82 -10.41
CA VAL A 234 23.92 1.35 -9.02
C VAL A 234 22.58 1.00 -8.43
N MET A 235 21.53 1.16 -9.21
CA MET A 235 20.20 1.13 -8.64
C MET A 235 19.85 -0.23 -8.05
N PRO A 236 20.20 -1.31 -8.76
CA PRO A 236 19.90 -2.60 -8.12
C PRO A 236 20.54 -2.67 -6.74
N GLU A 237 21.72 -2.10 -6.54
CA GLU A 237 22.34 -2.16 -5.22
C GLU A 237 21.59 -1.30 -4.18
N LEU A 238 21.24 -0.07 -4.57
CA LEU A 238 20.45 0.83 -3.73
C LEU A 238 19.24 0.12 -3.15
N MET A 239 18.53 -0.60 -4.02
CA MET A 239 17.31 -1.27 -3.65
C MET A 239 17.63 -2.30 -2.58
N VAL A 240 18.67 -3.10 -2.79
CA VAL A 240 19.08 -4.12 -1.83
C VAL A 240 19.39 -3.49 -0.49
N GLN A 241 20.15 -2.41 -0.50
CA GLN A 241 20.54 -1.76 0.74
C GLN A 241 19.35 -1.11 1.44
N HIS A 242 18.46 -0.44 0.68
CA HIS A 242 17.27 0.14 1.29
C HIS A 242 16.45 -0.97 1.94
N ALA A 243 16.38 -2.13 1.28
CA ALA A 243 15.61 -3.27 1.77
C ALA A 243 16.24 -3.94 3.00
N LEU A 244 17.53 -4.23 2.94
CA LEU A 244 18.16 -4.91 4.06
C LEU A 244 18.10 -4.09 5.36
N ASN A 245 18.38 -2.79 5.27
CA ASN A 245 18.23 -1.95 6.46
C ASN A 245 16.78 -1.79 6.99
N SER A 246 15.82 -1.66 6.09
CA SER A 246 14.39 -1.49 6.45
C SER A 246 13.81 -2.73 7.14
N ILE A 247 13.87 -3.87 6.48
CA ILE A 247 13.33 -5.10 7.07
C ILE A 247 14.08 -5.44 8.35
N PHE A 248 15.35 -5.03 8.45
CA PHE A 248 16.11 -5.21 9.69
C PHE A 248 15.53 -4.32 10.79
N SER A 249 15.41 -3.02 10.51
CA SER A 249 14.86 -2.05 11.47
C SER A 249 13.42 -2.37 11.89
N LEU A 250 12.60 -2.84 10.95
CA LEU A 250 11.22 -3.17 11.26
C LEU A 250 11.16 -4.20 12.36
N LYS A 251 11.83 -5.31 12.12
CA LYS A 251 11.85 -6.47 13.01
C LYS A 251 12.53 -6.21 14.36
N VAL A 252 13.24 -5.10 14.49
CA VAL A 252 13.85 -4.75 15.76
C VAL A 252 12.80 -4.04 16.62
N GLY A 253 11.72 -3.60 15.98
CA GLY A 253 10.65 -2.91 16.67
C GLY A 253 10.43 -1.50 16.20
N MET A 254 11.28 -1.04 15.29
CA MET A 254 11.19 0.33 14.82
C MET A 254 9.87 0.47 14.06
N LYS A 255 9.25 1.64 14.11
CA LYS A 255 7.96 1.78 13.42
C LYS A 255 8.12 1.93 11.91
N LYS A 256 7.26 1.26 11.16
CA LYS A 256 7.36 1.28 9.70
C LYS A 256 7.25 2.69 9.19
N SER A 257 6.76 3.60 10.03
CA SER A 257 6.53 4.97 9.60
C SER A 257 7.62 5.92 10.10
N ASN A 258 8.63 5.35 10.73
CA ASN A 258 9.80 6.09 11.20
C ASN A 258 11.05 5.69 10.42
N ILE A 259 10.86 4.79 9.47
CA ILE A 259 11.95 4.23 8.68
C ILE A 259 12.01 4.95 7.33
N CYS A 260 13.00 5.83 7.18
CA CYS A 260 13.13 6.63 5.97
C CYS A 260 14.27 6.14 5.04
N LEU A 261 14.00 6.19 3.74
CA LEU A 261 15.01 5.83 2.75
C LEU A 261 15.68 7.08 2.25
N SER A 262 17.00 7.14 2.41
CA SER A 262 17.80 8.20 1.80
C SER A 262 17.91 7.93 0.32
N THR A 263 17.18 8.69 -0.47
CA THR A 263 17.11 8.44 -1.89
C THR A 263 17.39 9.69 -2.76
N VAL A 264 18.57 9.65 -3.39
CA VAL A 264 18.99 10.70 -4.30
C VAL A 264 18.84 10.24 -5.74
N PRO A 265 18.17 11.03 -6.59
CA PRO A 265 18.16 10.69 -8.03
C PRO A 265 19.59 10.57 -8.60
N PRO A 266 19.91 9.41 -9.20
CA PRO A 266 21.27 9.00 -9.55
C PRO A 266 22.00 9.90 -10.55
N THR A 267 21.32 10.66 -11.41
CA THR A 267 22.04 11.47 -12.41
C THR A 267 21.68 12.95 -12.51
N ALA A 268 22.27 13.57 -13.52
CA ALA A 268 22.20 15.01 -13.73
C ALA A 268 22.53 15.32 -15.19
N PRO A 269 22.02 16.45 -15.71
CA PRO A 269 22.30 16.79 -17.09
C PRO A 269 23.77 17.08 -17.18
N PRO A 270 24.42 16.79 -18.30
CA PRO A 270 23.85 16.44 -19.60
C PRO A 270 23.31 15.03 -19.72
N ALA A 271 23.37 14.20 -18.69
CA ALA A 271 22.70 12.89 -18.77
C ALA A 271 21.19 13.14 -18.92
N PRO A 272 20.48 12.27 -19.65
CA PRO A 272 19.04 12.50 -19.73
C PRO A 272 18.45 12.07 -18.39
N SER A 273 18.62 12.90 -17.37
CA SER A 273 18.44 12.48 -15.99
C SER A 273 17.00 12.16 -15.55
N MET A 274 16.01 12.93 -16.01
CA MET A 274 14.62 12.61 -15.69
C MET A 274 14.28 11.22 -16.22
N TYR A 275 14.72 10.95 -17.45
CA TYR A 275 14.43 9.68 -18.10
C TYR A 275 15.07 8.53 -17.31
N LEU A 276 16.32 8.71 -16.94
CA LEU A 276 17.03 7.67 -16.23
C LEU A 276 16.51 7.52 -14.83
N ASP A 277 16.28 8.62 -14.12
CA ASP A 277 15.91 8.57 -12.70
C ASP A 277 14.40 8.43 -12.37
N LEU A 278 13.51 8.87 -13.24
CA LEU A 278 12.09 8.71 -12.91
C LEU A 278 11.62 7.26 -12.68
N PRO A 279 12.06 6.29 -13.51
CA PRO A 279 11.60 4.92 -13.23
C PRO A 279 12.12 4.38 -11.91
N TYR A 280 13.39 4.60 -11.60
CA TYR A 280 13.92 4.14 -10.32
C TYR A 280 13.09 4.72 -9.13
N ALA A 281 12.80 6.01 -9.17
CA ALA A 281 12.01 6.65 -8.12
C ALA A 281 10.66 5.99 -7.98
N VAL A 282 9.99 5.78 -9.11
CA VAL A 282 8.67 5.16 -9.09
C VAL A 282 8.83 3.74 -8.55
N ALA A 283 9.84 3.03 -9.05
CA ALA A 283 9.99 1.62 -8.71
C ALA A 283 10.18 1.50 -7.21
N LEU A 284 11.13 2.28 -6.70
CA LEU A 284 11.49 2.27 -5.28
C LEU A 284 10.24 2.55 -4.42
N ARG A 285 9.44 3.53 -4.82
CA ARG A 285 8.27 3.93 -4.04
C ARG A 285 7.13 2.91 -4.04
N GLU A 286 6.99 2.19 -5.15
CA GLU A 286 6.03 1.09 -5.24
C GLU A 286 6.52 -0.09 -4.40
N MET A 287 7.81 -0.36 -4.52
CA MET A 287 8.39 -1.54 -3.91
C MET A 287 8.53 -1.34 -2.42
N PHE A 288 8.45 -0.08 -1.99
CA PHE A 288 8.74 0.24 -0.60
C PHE A 288 7.56 0.95 0.02
N GLU A 289 6.37 0.65 -0.50
CA GLU A 289 5.14 1.20 0.07
C GLU A 289 5.08 0.94 1.56
N GLY A 290 4.82 1.99 2.32
CA GLY A 290 4.78 1.90 3.75
C GLY A 290 5.90 2.68 4.39
N TYR A 291 7.10 2.57 3.85
CA TYR A 291 8.23 3.31 4.38
C TYR A 291 8.19 4.76 3.90
N ARG A 292 8.88 5.63 4.63
CA ARG A 292 8.96 7.04 4.31
C ARG A 292 10.08 7.28 3.31
N MET A 293 9.87 8.26 2.44
CA MET A 293 10.87 8.62 1.43
C MET A 293 11.60 9.90 1.84
N ARG A 294 12.90 9.79 2.08
CA ARG A 294 13.70 10.95 2.45
C ARG A 294 14.51 11.32 1.21
N ALA A 295 13.96 12.19 0.38
CA ALA A 295 14.59 12.55 -0.89
C ALA A 295 15.79 13.43 -0.63
N GLN A 296 16.97 13.03 -1.10
CA GLN A 296 18.12 13.92 -1.05
C GLN A 296 18.45 14.46 -2.45
N MET A 297 19.28 15.49 -2.48
CA MET A 297 19.66 16.10 -3.73
C MET A 297 21.01 15.61 -4.21
N ASN A 298 21.30 15.91 -5.47
CA ASN A 298 22.54 15.52 -6.14
C ASN A 298 23.79 16.16 -5.54
N THR A 299 24.82 15.36 -5.28
CA THR A 299 26.13 15.93 -5.00
C THR A 299 27.25 15.33 -5.87
N LYS A 300 27.00 14.15 -6.44
CA LYS A 300 27.95 13.53 -7.36
C LYS A 300 28.25 14.38 -8.61
N TYR A 301 27.20 14.74 -9.34
CA TYR A 301 27.36 15.47 -10.60
C TYR A 301 27.20 16.98 -10.41
N MET A 302 28.27 17.58 -9.89
CA MET A 302 28.22 18.94 -9.39
C MET A 302 29.60 19.53 -9.48
N GLU A 303 29.66 20.85 -9.55
CA GLU A 303 30.90 21.59 -9.74
C GLU A 303 30.86 22.95 -9.00
N ALA A 304 31.62 23.92 -9.49
CA ALA A 304 31.76 25.17 -8.78
C ALA A 304 30.66 26.17 -9.15
N SER A 305 29.88 25.87 -10.17
CA SER A 305 28.82 26.78 -10.57
C SER A 305 27.61 26.59 -9.69
N THR A 306 27.27 27.58 -8.87
CA THR A 306 26.06 27.48 -8.07
C THR A 306 24.76 27.50 -8.93
N ARG A 307 24.80 28.14 -10.09
CA ARG A 307 23.66 28.16 -11.01
C ARG A 307 23.38 26.76 -11.53
N GLU A 308 24.43 26.03 -11.89
CA GLU A 308 24.27 24.67 -12.36
C GLU A 308 23.65 23.80 -11.27
N ALA A 309 24.08 24.00 -10.03
CA ALA A 309 23.65 23.18 -8.93
C ALA A 309 22.16 23.37 -8.66
N THR A 310 21.69 24.59 -8.89
CA THR A 310 20.34 24.99 -8.55
C THR A 310 19.43 24.42 -9.63
N VAL A 311 19.87 24.53 -10.87
CA VAL A 311 19.12 23.95 -11.97
C VAL A 311 18.94 22.42 -11.75
N THR A 312 19.98 21.72 -11.31
CA THR A 312 19.80 20.29 -11.06
C THR A 312 18.95 19.99 -9.81
N HIS A 313 18.95 20.89 -8.83
CA HIS A 313 18.13 20.64 -7.65
C HIS A 313 16.65 20.79 -7.94
N VAL A 314 16.31 21.62 -8.91
CA VAL A 314 14.91 21.81 -9.24
C VAL A 314 14.38 20.56 -9.95
N LEU A 315 15.16 20.01 -10.88
CA LEU A 315 14.82 18.71 -11.47
C LEU A 315 14.77 17.61 -10.40
N ASN A 316 15.62 17.74 -9.38
CA ASN A 316 15.57 16.85 -8.23
C ASN A 316 14.26 16.94 -7.46
N LEU A 317 13.83 18.17 -7.27
CA LEU A 317 12.55 18.47 -6.66
C LEU A 317 11.41 17.96 -7.55
N LEU A 318 11.59 18.04 -8.87
CA LEU A 318 10.58 17.59 -9.82
C LEU A 318 10.36 16.09 -9.68
N ILE A 319 11.46 15.35 -9.54
CA ILE A 319 11.33 13.93 -9.25
C ILE A 319 10.52 13.69 -7.97
N SER A 320 10.83 14.41 -6.89
CA SER A 320 10.04 14.27 -5.67
C SER A 320 8.56 14.63 -5.88
N LYS A 321 8.29 15.72 -6.59
CA LYS A 321 6.91 16.11 -6.85
C LYS A 321 6.17 15.12 -7.76
N LEU A 322 6.84 14.60 -8.78
CA LEU A 322 6.22 13.59 -9.63
C LEU A 322 6.01 12.23 -8.95
N THR A 323 6.68 11.98 -7.82
CA THR A 323 6.44 10.77 -7.04
C THR A 323 5.94 11.11 -5.63
N ARG A 324 6.80 10.97 -4.62
CA ARG A 324 6.50 11.50 -3.29
C ARG A 324 7.75 11.63 -2.42
N ALA A 325 7.75 12.59 -1.50
CA ALA A 325 8.83 12.75 -0.53
C ALA A 325 8.28 13.16 0.85
N ASP A 326 8.44 12.28 1.83
CA ASP A 326 8.04 12.60 3.21
C ASP A 326 8.96 13.68 3.77
N ILE A 327 10.25 13.48 3.51
CA ILE A 327 11.30 14.42 3.88
C ILE A 327 11.92 14.88 2.56
N GLN A 328 12.01 16.18 2.34
CA GLN A 328 12.79 16.67 1.21
C GLN A 328 14.04 17.42 1.67
N SER A 329 15.16 16.71 1.77
CA SER A 329 16.44 17.29 2.20
C SER A 329 17.08 18.13 1.12
N THR A 330 18.00 19.00 1.53
CA THR A 330 18.65 19.91 0.59
C THR A 330 20.18 19.89 0.58
N ILE A 331 20.74 20.43 -0.49
CA ILE A 331 22.17 20.57 -0.69
C ILE A 331 22.43 22.04 -1.06
N THR A 332 23.44 22.66 -0.44
CA THR A 332 23.70 24.06 -0.76
C THR A 332 24.36 24.12 -2.13
N PRO A 333 23.96 25.10 -2.95
CA PRO A 333 24.42 25.30 -4.33
C PRO A 333 25.93 25.51 -4.47
N ASP A 334 26.60 25.89 -3.38
CA ASP A 334 28.03 26.15 -3.41
C ASP A 334 28.80 24.95 -2.90
N GLU A 335 28.09 23.84 -2.78
CA GLU A 335 28.62 22.66 -2.13
C GLU A 335 29.88 22.15 -2.80
N GLY A 336 29.98 22.33 -4.12
CA GLY A 336 31.07 21.75 -4.89
C GLY A 336 32.22 22.73 -5.02
N ARG A 337 32.23 23.71 -4.14
CA ARG A 337 33.05 24.90 -4.32
C ARG A 337 33.78 25.32 -3.04
N ASN A 338 33.15 25.04 -1.90
CA ASN A 338 33.66 25.42 -0.58
C ASN A 338 32.77 24.86 0.51
N VAL A 339 33.26 24.83 1.75
CA VAL A 339 32.39 24.40 2.84
C VAL A 339 31.27 25.42 3.01
N PRO A 340 30.04 24.94 3.09
CA PRO A 340 28.84 25.76 2.98
C PRO A 340 28.85 27.04 3.80
N TRP A 341 28.45 28.12 3.13
CA TRP A 341 28.35 29.44 3.73
C TRP A 341 26.95 29.70 4.23
N HIS A 342 26.83 30.62 5.16
CA HIS A 342 25.53 31.13 5.57
C HIS A 342 24.57 31.36 4.41
N ILE A 343 25.00 32.16 3.43
CA ILE A 343 24.08 32.57 2.38
C ILE A 343 23.56 31.39 1.55
N TYR A 344 24.35 30.34 1.46
CA TYR A 344 23.99 29.24 0.58
C TYR A 344 23.09 28.17 1.22
N ASN A 345 23.09 28.09 2.54
CA ASN A 345 22.03 27.34 3.20
C ASN A 345 20.70 28.03 2.93
N ILE A 346 20.69 29.35 3.02
CA ILE A 346 19.47 30.08 2.72
C ILE A 346 19.11 29.97 1.22
N GLU A 347 20.10 29.82 0.35
CA GLU A 347 19.75 29.54 -1.05
C GLU A 347 19.04 28.17 -1.13
N ALA A 348 19.63 27.17 -0.47
CA ALA A 348 19.06 25.83 -0.40
C ALA A 348 17.58 25.85 0.02
N CYS A 349 17.29 26.47 1.15
CA CYS A 349 15.93 26.43 1.66
C CYS A 349 14.96 27.21 0.77
N ASP A 350 15.40 28.40 0.32
CA ASP A 350 14.62 29.22 -0.61
C ASP A 350 14.27 28.42 -1.88
N THR A 351 15.31 27.89 -2.53
CA THR A 351 15.10 27.06 -3.71
C THR A 351 14.06 25.98 -3.48
N ALA A 352 14.18 25.23 -2.39
CA ALA A 352 13.26 24.12 -2.14
C ALA A 352 11.83 24.62 -1.99
N LYS A 353 11.62 25.56 -1.07
CA LYS A 353 10.33 26.16 -0.85
C LYS A 353 9.67 26.75 -2.11
N GLN A 354 10.46 27.47 -2.90
CA GLN A 354 9.97 28.11 -4.14
C GLN A 354 9.55 27.14 -5.26
N ALA A 355 10.38 26.13 -5.52
CA ALA A 355 10.04 25.18 -6.55
C ALA A 355 8.82 24.33 -6.14
N LEU A 356 8.72 23.96 -4.86
CA LEU A 356 7.61 23.10 -4.41
C LEU A 356 6.27 23.85 -4.44
N ILE A 357 6.33 25.11 -4.01
CA ILE A 357 5.14 25.93 -4.01
C ILE A 357 4.80 26.26 -5.45
N GLY A 358 5.82 26.41 -6.28
CA GLY A 358 5.60 26.60 -7.69
C GLY A 358 4.96 25.40 -8.35
N MET A 359 5.10 24.23 -7.74
CA MET A 359 4.51 23.02 -8.30
C MET A 359 3.24 22.61 -7.56
N ASP A 360 2.69 23.52 -6.78
CA ASP A 360 1.54 23.20 -5.92
C ASP A 360 0.40 22.59 -6.70
N GLY A 361 -0.01 21.38 -6.33
CA GLY A 361 -1.14 20.75 -6.98
C GLY A 361 -0.91 20.38 -8.44
N LEU A 362 0.36 20.26 -8.83
CA LEU A 362 0.74 19.88 -10.17
C LEU A 362 0.15 18.51 -10.52
N MET A 363 0.06 17.63 -9.53
CA MET A 363 -0.47 16.28 -9.76
C MET A 363 -2.01 16.20 -9.90
N ASP A 364 -2.67 17.34 -9.91
CA ASP A 364 -4.07 17.36 -10.32
C ASP A 364 -4.14 17.61 -11.83
N MET A 365 -2.98 17.85 -12.44
CA MET A 365 -2.94 18.20 -13.86
C MET A 365 -1.94 17.33 -14.62
N VAL A 366 -0.98 16.75 -13.90
CA VAL A 366 0.03 15.92 -14.52
C VAL A 366 0.01 14.53 -13.90
N GLN A 367 0.22 13.51 -14.72
CA GLN A 367 0.28 12.15 -14.19
C GLN A 367 1.22 11.26 -14.98
N LEU A 368 1.74 10.23 -14.33
CA LEU A 368 2.72 9.35 -14.95
C LEU A 368 2.05 8.39 -15.90
N LYS A 369 2.54 8.32 -17.14
CA LYS A 369 2.13 7.28 -18.08
C LYS A 369 2.73 5.98 -17.57
N ARG A 370 2.06 5.34 -16.62
CA ARG A 370 2.66 4.24 -15.87
C ARG A 370 2.86 3.01 -16.75
N GLU A 371 2.11 2.92 -17.84
CA GLU A 371 2.36 1.88 -18.83
C GLU A 371 3.02 2.45 -20.07
N GLY A 372 4.20 1.92 -20.39
CA GLY A 372 4.94 2.33 -21.56
C GLY A 372 6.38 2.01 -21.24
N VAL A 373 7.32 2.81 -21.73
CA VAL A 373 8.69 2.58 -21.32
C VAL A 373 8.79 2.66 -19.79
N LEU A 374 8.07 3.60 -19.19
CA LEU A 374 8.20 3.80 -17.76
C LEU A 374 7.89 2.54 -17.01
N GLY A 375 6.75 1.93 -17.34
CA GLY A 375 6.28 0.76 -16.62
C GLY A 375 7.19 -0.44 -16.76
N ASP A 376 7.76 -0.59 -17.96
CA ASP A 376 8.67 -1.69 -18.30
C ASP A 376 9.92 -1.60 -17.47
N THR A 377 10.49 -0.40 -17.42
CA THR A 377 11.76 -0.21 -16.73
C THR A 377 11.54 -0.42 -15.23
N VAL A 378 10.43 0.11 -14.71
CA VAL A 378 10.08 -0.10 -13.32
C VAL A 378 10.12 -1.58 -13.03
N ARG A 379 9.56 -2.36 -13.96
CA ARG A 379 9.55 -3.79 -13.81
C ARG A 379 11.00 -4.31 -13.72
N GLU A 380 11.76 -4.06 -14.78
CA GLU A 380 13.14 -4.55 -14.93
C GLU A 380 14.01 -4.28 -13.70
N LEU A 381 13.92 -3.06 -13.18
CA LEU A 381 14.65 -2.70 -11.95
C LEU A 381 14.24 -3.57 -10.75
N LYS A 382 12.93 -3.75 -10.53
CA LYS A 382 12.47 -4.65 -9.49
C LYS A 382 13.11 -6.03 -9.67
N GLU A 383 13.08 -6.54 -10.89
CA GLU A 383 13.62 -7.87 -11.18
C GLU A 383 15.15 -7.97 -10.89
N ARG A 384 15.93 -6.98 -11.34
CA ARG A 384 17.38 -6.97 -11.06
C ARG A 384 17.68 -7.02 -9.56
N ALA A 385 16.83 -6.35 -8.77
CA ALA A 385 17.02 -6.28 -7.33
C ALA A 385 16.60 -7.59 -6.69
N VAL A 386 15.54 -8.18 -7.22
CA VAL A 386 15.18 -9.53 -6.79
C VAL A 386 16.27 -10.54 -7.14
N LEU A 387 16.91 -10.38 -8.29
CA LEU A 387 18.01 -11.27 -8.61
C LEU A 387 19.10 -11.07 -7.56
N PHE A 388 19.38 -9.81 -7.24
CA PHE A 388 20.49 -9.45 -6.37
C PHE A 388 20.27 -10.15 -5.01
N MET A 389 19.03 -10.11 -4.52
CA MET A 389 18.66 -10.83 -3.30
C MET A 389 18.96 -12.33 -3.42
N GLU A 390 18.62 -12.91 -4.56
CA GLU A 390 18.80 -14.33 -4.76
C GLU A 390 20.27 -14.76 -4.74
N GLU A 391 21.12 -14.04 -5.47
CA GLU A 391 22.52 -14.37 -5.43
C GLU A 391 23.10 -14.20 -4.00
N ILE A 392 22.63 -13.22 -3.24
CA ILE A 392 23.09 -13.10 -1.86
C ILE A 392 22.76 -14.37 -1.05
N ILE A 393 21.59 -14.93 -1.30
CA ILE A 393 21.17 -16.13 -0.60
C ILE A 393 21.98 -17.35 -1.07
N GLU A 394 22.13 -17.48 -2.38
CA GLU A 394 22.85 -18.61 -2.93
C GLU A 394 24.31 -18.68 -2.50
N ALA A 395 24.84 -17.55 -2.04
CA ALA A 395 26.26 -17.46 -1.71
C ALA A 395 26.46 -17.57 -0.22
N GLY A 396 25.40 -17.93 0.48
CA GLY A 396 25.50 -18.26 1.88
C GLY A 396 25.09 -17.17 2.86
N GLY A 397 24.57 -16.05 2.37
CA GLY A 397 24.06 -15.02 3.26
C GLY A 397 24.63 -13.65 3.03
N TYR A 398 24.36 -12.71 3.95
CA TYR A 398 24.89 -11.36 3.84
C TYR A 398 26.42 -11.33 3.99
N PHE A 399 26.94 -11.78 5.14
CA PHE A 399 28.38 -11.78 5.35
C PHE A 399 29.16 -12.35 4.15
N ASN A 400 28.80 -13.55 3.71
CA ASN A 400 29.42 -14.12 2.52
C ASN A 400 29.41 -13.19 1.30
N ALA A 401 28.29 -12.52 1.07
CA ALA A 401 28.15 -11.67 -0.09
C ALA A 401 29.07 -10.46 0.03
N VAL A 402 29.19 -9.92 1.23
CA VAL A 402 30.13 -8.83 1.45
C VAL A 402 31.58 -9.32 1.28
N GLU A 403 31.89 -10.49 1.83
CA GLU A 403 33.21 -11.08 1.62
C GLU A 403 33.56 -11.22 0.14
N GLN A 404 32.54 -11.30 -0.71
CA GLN A 404 32.74 -11.63 -2.10
C GLN A 404 32.70 -10.43 -3.03
N GLY A 405 32.58 -9.24 -2.44
CA GLY A 405 32.59 -8.03 -3.22
C GLY A 405 31.31 -7.75 -3.97
N PHE A 406 30.19 -8.30 -3.52
CA PHE A 406 28.91 -8.01 -4.16
C PHE A 406 28.68 -6.52 -4.14
N PHE A 407 29.15 -5.85 -3.08
CA PHE A 407 28.87 -4.43 -2.94
C PHE A 407 29.97 -3.48 -3.48
N VAL A 408 29.55 -2.26 -3.82
CA VAL A 408 30.42 -1.19 -4.31
C VAL A 408 31.05 -1.51 -5.66
N ASP A 409 30.55 -2.56 -6.31
CA ASP A 409 31.04 -3.00 -7.62
C ASP A 409 30.51 -2.03 -8.68
N SER A 410 31.39 -1.58 -9.58
CA SER A 410 31.06 -0.63 -10.65
C SER A 410 30.18 -1.21 -11.77
N GLY A 411 29.72 -2.44 -11.58
CA GLY A 411 28.86 -3.08 -12.56
C GLY A 411 27.39 -2.78 -12.37
N TYR A 412 26.61 -3.09 -13.41
CA TYR A 412 25.19 -2.84 -13.41
C TYR A 412 24.53 -4.15 -13.13
N TYR A 413 24.23 -4.42 -11.86
CA TYR A 413 23.82 -5.78 -11.51
C TYR A 413 22.74 -6.32 -12.41
N PRO A 414 22.91 -7.55 -12.89
CA PRO A 414 23.81 -8.64 -12.51
C PRO A 414 25.24 -8.61 -13.09
N GLU A 415 25.62 -7.53 -13.78
CA GLU A 415 26.98 -7.35 -14.25
C GLU A 415 27.86 -7.25 -13.01
N ARG A 416 29.01 -7.91 -13.02
CA ARG A 416 29.97 -7.79 -11.93
C ARG A 416 31.36 -7.54 -12.50
N ASN A 417 31.89 -6.35 -12.26
CA ASN A 417 33.22 -5.97 -12.78
C ASN A 417 34.36 -6.46 -11.88
N GLY A 418 34.07 -6.74 -10.62
CA GLY A 418 35.05 -7.36 -9.74
C GLY A 418 35.95 -6.35 -9.09
N ASP A 419 35.38 -5.21 -8.73
CA ASP A 419 36.14 -4.07 -8.22
C ASP A 419 35.40 -3.49 -7.04
N GLY A 420 34.52 -4.30 -6.47
CA GLY A 420 33.79 -3.86 -5.29
C GLY A 420 34.63 -4.01 -4.04
N ILE A 421 34.08 -3.54 -2.92
CA ILE A 421 34.81 -3.56 -1.68
C ILE A 421 34.52 -4.86 -0.96
N ALA A 422 35.58 -5.61 -0.67
CA ALA A 422 35.51 -6.84 0.12
C ALA A 422 35.95 -6.55 1.54
N ARG A 423 35.08 -6.91 2.48
CA ARG A 423 35.40 -6.82 3.90
C ARG A 423 35.50 -8.25 4.39
N GLN A 424 36.35 -8.49 5.38
CA GLN A 424 36.50 -9.84 5.92
C GLN A 424 35.68 -9.97 7.18
N ILE A 425 34.99 -11.10 7.32
CA ILE A 425 34.08 -11.29 8.43
C ILE A 425 34.83 -11.17 9.76
N ASN A 426 36.05 -11.71 9.80
CA ASN A 426 36.84 -11.69 11.01
C ASN A 426 37.77 -10.47 11.03
N GLY A 427 37.68 -9.64 9.98
CA GLY A 427 38.53 -8.47 9.85
C GLY A 427 37.76 -7.20 10.15
N GLY A 428 38.43 -6.05 10.03
CA GLY A 428 37.79 -4.75 10.23
C GLY A 428 37.92 -4.18 11.63
N ILE A 429 37.75 -2.86 11.76
CA ILE A 429 37.76 -2.19 13.06
C ILE A 429 36.76 -2.82 14.01
N GLY A 430 37.20 -3.25 15.18
CA GLY A 430 36.33 -3.90 16.14
C GLY A 430 36.25 -5.41 15.91
N ALA A 431 37.19 -5.92 15.11
CA ALA A 431 37.27 -7.34 14.87
C ALA A 431 37.56 -7.97 16.21
N GLY A 432 36.87 -9.08 16.50
CA GLY A 432 37.13 -9.83 17.73
C GLY A 432 36.73 -9.18 19.05
N THR A 433 35.72 -8.32 18.99
CA THR A 433 35.17 -7.70 20.18
C THR A 433 33.71 -8.12 20.25
N VAL A 434 33.41 -9.36 19.89
CA VAL A 434 32.05 -9.87 20.01
C VAL A 434 31.94 -10.99 21.05
N PHE A 435 31.15 -10.72 22.09
CA PHE A 435 30.99 -11.67 23.20
C PHE A 435 29.62 -12.37 23.20
N GLU A 436 29.62 -13.68 23.46
CA GLU A 436 28.36 -14.44 23.52
C GLU A 436 27.66 -14.28 24.85
N ARG A 437 26.35 -13.98 24.79
CA ARG A 437 25.57 -13.82 26.00
C ARG A 437 25.45 -15.16 26.72
N ASP A 438 25.81 -15.15 28.00
CA ASP A 438 25.72 -16.36 28.83
C ASP A 438 24.33 -16.56 29.35
N GLU A 439 24.04 -17.78 29.77
CA GLU A 439 22.70 -18.15 30.20
C GLU A 439 22.17 -17.18 31.26
N ASP A 440 23.07 -16.66 32.09
CA ASP A 440 22.68 -15.76 33.16
C ASP A 440 23.02 -14.31 32.86
N TYR A 441 23.27 -14.00 31.59
CA TYR A 441 23.48 -12.61 31.16
C TYR A 441 22.26 -11.78 31.59
N MET A 442 22.48 -10.51 31.94
CA MET A 442 21.37 -9.66 32.30
C MET A 442 21.72 -8.20 32.05
N ALA A 443 20.71 -7.38 31.77
CA ALA A 443 20.90 -5.96 31.49
C ALA A 443 19.76 -5.12 32.11
N PRO A 444 20.07 -4.30 33.13
CA PRO A 444 19.03 -3.70 33.98
C PRO A 444 18.39 -2.42 33.44
N VAL A 445 18.07 -2.33 32.16
CA VAL A 445 17.63 -1.04 31.66
C VAL A 445 16.51 -1.11 30.64
N THR A 446 15.97 0.06 30.33
CA THR A 446 14.94 0.17 29.31
C THR A 446 15.58 0.01 27.94
N ALA A 447 14.85 -0.60 27.01
CA ALA A 447 15.22 -0.65 25.61
C ALA A 447 16.51 -1.43 25.31
N HIS A 448 16.57 -2.66 25.82
CA HIS A 448 17.66 -3.55 25.47
C HIS A 448 17.11 -4.59 24.49
N PHE A 449 17.85 -4.90 23.43
CA PHE A 449 17.30 -5.75 22.38
C PHE A 449 17.42 -7.22 22.66
N GLY A 450 18.63 -7.65 22.97
CA GLY A 450 18.93 -9.07 23.01
C GLY A 450 18.56 -9.79 24.30
N TYR A 451 18.91 -11.07 24.33
CA TYR A 451 18.67 -11.95 25.48
C TYR A 451 18.93 -11.27 26.81
N ASN A 452 17.95 -11.34 27.70
CA ASN A 452 18.03 -10.65 28.97
C ASN A 452 17.37 -11.47 30.09
N ASN A 453 18.19 -12.05 30.94
CA ASN A 453 17.69 -12.94 31.97
C ASN A 453 17.29 -12.20 33.23
N VAL A 454 16.11 -11.60 33.22
CA VAL A 454 15.60 -10.84 34.35
C VAL A 454 14.92 -11.82 35.31
N LYS A 455 14.28 -12.83 34.73
CA LYS A 455 13.47 -13.80 35.47
C LYS A 455 14.27 -14.51 36.55
N GLN A 456 15.59 -14.35 36.52
CA GLN A 456 16.42 -14.96 37.55
C GLN A 456 16.35 -14.12 38.82
N TYR A 457 16.22 -12.81 38.65
CA TYR A 457 16.13 -11.92 39.79
C TYR A 457 14.70 -11.58 40.18
N ASP A 458 13.75 -11.79 39.27
CA ASP A 458 12.36 -11.46 39.53
C ASP A 458 11.47 -11.70 38.32
N GLU A 459 10.71 -12.78 38.33
CA GLU A 459 9.82 -13.10 37.21
C GLU A 459 9.02 -11.89 36.76
N ALA A 460 8.43 -11.17 37.71
CA ALA A 460 7.43 -10.14 37.42
C ALA A 460 7.97 -8.89 36.70
N LEU A 461 9.28 -8.71 36.72
CA LEU A 461 9.94 -7.51 36.19
C LEU A 461 10.43 -7.66 34.74
N VAL A 462 10.15 -8.80 34.14
CA VAL A 462 10.64 -9.06 32.80
C VAL A 462 10.25 -7.97 31.77
N SER A 463 9.07 -7.38 31.89
CA SER A 463 8.66 -6.32 30.96
C SER A 463 9.10 -4.90 31.36
N GLU A 464 9.70 -4.74 32.53
CA GLU A 464 10.29 -3.46 32.92
C GLU A 464 11.66 -3.66 33.57
N PRO A 465 12.58 -4.32 32.87
CA PRO A 465 13.89 -4.70 33.42
C PRO A 465 14.58 -3.53 34.10
N SER A 466 14.06 -2.32 33.91
CA SER A 466 14.66 -1.12 34.48
C SER A 466 14.37 -0.98 35.98
N LYS A 467 13.26 -1.55 36.41
CA LYS A 467 12.88 -1.49 37.82
C LYS A 467 13.97 -2.04 38.75
N LEU A 468 14.63 -3.14 38.36
CA LEU A 468 15.72 -3.68 39.17
C LEU A 468 16.59 -2.59 39.80
N ILE A 469 16.63 -1.41 39.18
CA ILE A 469 17.43 -0.30 39.71
C ILE A 469 16.60 0.99 39.90
N ASP A 470 15.28 0.82 40.10
CA ASP A 470 14.34 1.94 40.20
C ASP A 470 14.48 2.97 39.09
N GLY A 471 14.57 2.50 37.85
CA GLY A 471 14.62 3.35 36.67
C GLY A 471 16.01 3.69 36.16
N CYS A 472 16.17 3.64 34.84
CA CYS A 472 17.42 4.02 34.19
C CYS A 472 17.28 5.43 33.67
N THR A 473 18.33 5.97 33.06
CA THR A 473 18.34 7.38 32.66
C THR A 473 17.19 7.73 31.71
N LEU A 474 16.66 6.73 31.01
CA LEU A 474 15.54 6.97 30.12
C LEU A 474 14.25 7.21 30.94
N GLU A 475 14.22 6.65 32.14
CA GLU A 475 13.14 6.91 33.09
C GLU A 475 13.54 8.02 34.03
N VAL A 476 14.78 7.96 34.51
CA VAL A 476 15.24 8.89 35.54
C VAL A 476 16.41 9.70 35.04
N PRO A 477 16.10 10.88 34.51
CA PRO A 477 17.07 11.78 33.86
C PRO A 477 18.08 12.44 34.80
N GLU A 478 17.86 12.36 36.11
CA GLU A 478 18.82 12.98 37.02
C GLU A 478 20.00 12.05 37.24
N LYS A 479 19.75 10.75 37.03
CA LYS A 479 20.79 9.71 37.06
C LYS A 479 21.84 9.89 35.95
N ILE A 480 21.62 10.84 35.03
CA ILE A 480 22.57 11.12 33.96
C ILE A 480 23.80 11.91 34.42
N VAL A 481 24.96 11.51 33.92
CA VAL A 481 26.18 12.20 34.26
C VAL A 481 26.58 13.23 33.18
N TYR A 482 26.48 14.53 33.55
CA TYR A 482 26.92 15.62 32.69
C TYR A 482 28.40 15.87 32.88
N ILE A 483 29.09 16.16 31.78
CA ILE A 483 30.51 16.50 31.78
C ILE A 483 30.70 17.79 30.97
N ASP A 484 31.37 18.79 31.55
CA ASP A 484 31.48 20.07 30.86
C ASP A 484 32.60 20.15 29.83
N GLU A 485 33.84 19.97 30.27
CA GLU A 485 34.98 20.03 29.35
C GLU A 485 36.07 19.06 29.76
N LEU A 486 36.92 18.68 28.81
CA LEU A 486 38.02 17.79 29.11
C LEU A 486 39.32 18.43 28.67
N ASP A 487 39.37 18.90 27.44
CA ASP A 487 40.45 19.78 27.04
C ASP A 487 40.18 21.11 27.74
N GLU A 488 41.18 21.96 27.89
CA GLU A 488 40.94 23.22 28.57
C GLU A 488 41.37 24.41 27.73
N ASN A 489 41.88 24.14 26.55
CA ASN A 489 42.15 25.20 25.59
C ASN A 489 41.32 24.97 24.35
N ASP A 490 40.92 23.72 24.16
CA ASP A 490 40.15 23.35 22.98
C ASP A 490 38.67 23.36 23.29
N ASN A 491 38.14 24.46 23.79
CA ASN A 491 36.72 24.47 24.08
C ASN A 491 36.00 25.73 23.61
N VAL A 492 34.67 25.70 23.62
CA VAL A 492 33.87 26.81 23.12
C VAL A 492 34.21 28.06 23.91
N ASN A 493 34.34 27.90 25.23
CA ASN A 493 34.69 29.00 26.13
C ASN A 493 35.89 29.83 25.64
N VAL A 494 37.03 29.16 25.46
CA VAL A 494 38.20 29.82 24.88
C VAL A 494 37.77 30.54 23.60
N ARG A 495 37.27 29.76 22.66
CA ARG A 495 37.00 30.25 21.30
C ARG A 495 36.20 31.52 21.26
N MET A 496 35.40 31.76 22.29
CA MET A 496 34.49 32.91 22.31
C MET A 496 35.04 34.12 23.05
N GLU A 497 36.02 33.92 23.93
CA GLU A 497 36.77 35.05 24.49
C GLU A 497 37.68 35.56 23.37
N GLU A 498 38.01 34.66 22.46
CA GLU A 498 38.87 34.99 21.33
C GLU A 498 38.31 36.16 20.48
N THR A 499 37.03 36.48 20.65
CA THR A 499 36.42 37.57 19.88
C THR A 499 35.29 38.31 20.58
N LYS A 500 35.39 38.44 21.90
CA LYS A 500 34.47 39.31 22.64
C LYS A 500 34.41 40.68 21.95
N GLU A 501 35.52 41.02 21.29
CA GLU A 501 35.66 42.32 20.61
C GLU A 501 34.48 42.67 19.71
N PHE A 502 33.96 41.69 18.98
CA PHE A 502 32.92 41.94 17.97
C PHE A 502 31.50 41.66 18.45
N ARG A 503 31.35 41.52 19.76
CA ARG A 503 30.10 41.07 20.34
C ARG A 503 29.74 41.77 21.66
N SER A 506 31.73 46.21 19.44
CA SER A 506 30.71 46.96 18.69
C SER A 506 31.15 47.34 17.27
N MET A 507 32.08 46.57 16.72
CA MET A 507 32.49 46.74 15.33
C MET A 507 31.77 45.72 14.45
N ILE A 508 32.23 45.56 13.21
CA ILE A 508 31.66 44.56 12.31
C ILE A 508 32.51 44.26 11.08
N LYS A 509 32.56 42.99 10.68
CA LYS A 509 33.15 42.64 9.38
C LYS A 509 32.44 41.44 8.74
N PRO A 510 32.76 41.15 7.47
CA PRO A 510 32.11 40.03 6.78
C PRO A 510 32.49 38.66 7.34
N GLU A 511 31.57 37.72 7.23
CA GLU A 511 31.85 36.32 7.52
C GLU A 511 31.17 35.41 6.50
N VAL A 512 31.61 34.15 6.44
CA VAL A 512 30.92 33.14 5.64
C VAL A 512 30.45 31.98 6.50
N GLU A 513 31.18 31.71 7.58
CA GLU A 513 30.76 30.72 8.60
C GLU A 513 31.01 31.12 10.05
N TRP A 514 32.23 31.58 10.36
CA TRP A 514 32.61 31.93 11.73
C TRP A 514 32.72 33.44 11.96
N GLN A 515 32.41 33.88 13.18
CA GLN A 515 32.35 35.30 13.50
C GLN A 515 33.61 36.00 13.04
N ALA A 516 33.42 37.05 12.28
CA ALA A 516 34.52 37.86 11.79
C ALA A 516 35.53 37.07 10.98
N ASP A 517 35.09 36.01 10.30
CA ASP A 517 36.04 35.24 9.50
C ASP A 517 36.54 36.02 8.29
N GLY A 518 35.91 37.17 8.04
CA GLY A 518 36.36 38.14 7.04
C GLY A 518 36.23 37.75 5.58
N THR A 519 35.73 36.54 5.32
CA THR A 519 35.63 36.01 3.96
C THR A 519 34.47 36.65 3.17
N VAL A 520 34.71 36.84 1.87
CA VAL A 520 33.75 37.44 0.97
C VAL A 520 33.96 36.96 -0.46
N LEU A 521 32.94 37.08 -1.31
CA LEU A 521 33.01 36.51 -2.65
C LEU A 521 33.10 37.53 -3.76
N LEU A 522 34.05 37.30 -4.68
CA LEU A 522 34.29 38.20 -5.80
C LEU A 522 34.03 37.49 -7.12
N THR A 523 33.12 38.04 -7.91
CA THR A 523 32.81 37.50 -9.23
C THR A 523 33.18 38.52 -10.33
N MET A 524 33.97 38.08 -11.31
CA MET A 524 34.41 38.95 -12.39
C MET A 524 34.57 38.20 -13.70
N PHE A 525 34.59 38.95 -14.80
CA PHE A 525 34.85 38.41 -16.13
C PHE A 525 36.10 39.06 -16.69
N LEU A 526 36.94 38.28 -17.35
CA LEU A 526 38.15 38.82 -17.93
C LEU A 526 38.30 38.32 -19.35
N PRO A 527 38.53 39.25 -20.29
CA PRO A 527 38.66 39.06 -21.74
C PRO A 527 39.82 38.20 -22.20
N THR A 528 40.15 37.12 -21.50
CA THR A 528 41.28 36.28 -21.91
C THR A 528 41.11 34.80 -21.61
N SER A 529 42.10 33.99 -22.00
CA SER A 529 42.09 32.55 -21.73
C SER A 529 41.82 32.23 -20.25
N LYS A 530 41.35 31.01 -19.96
CA LYS A 530 40.97 30.72 -18.57
C LYS A 530 42.14 30.73 -17.61
N ARG A 531 43.28 30.18 -18.03
CA ARG A 531 44.44 30.15 -17.14
C ARG A 531 44.95 31.55 -16.84
N VAL A 532 45.34 32.28 -17.87
CA VAL A 532 45.80 33.64 -17.66
C VAL A 532 44.87 34.37 -16.71
N ALA A 533 43.58 34.42 -17.04
CA ALA A 533 42.65 35.25 -16.30
C ALA A 533 42.54 34.77 -14.87
N GLU A 534 42.82 33.49 -14.66
CA GLU A 534 42.76 32.95 -13.31
C GLU A 534 43.79 33.64 -12.42
N PHE A 535 44.99 33.84 -12.97
CA PHE A 535 46.06 34.53 -12.25
C PHE A 535 45.85 36.04 -12.25
N ALA A 536 45.35 36.56 -13.37
CA ALA A 536 44.95 37.96 -13.45
C ALA A 536 43.99 38.33 -12.32
N ALA A 537 42.97 37.50 -12.09
CA ALA A 537 41.96 37.78 -11.07
C ALA A 537 42.56 37.86 -9.67
N ILE A 538 43.40 36.89 -9.33
CA ILE A 538 44.05 36.89 -8.02
C ILE A 538 44.80 38.19 -7.74
N GLU A 539 45.36 38.77 -8.80
CA GLU A 539 46.06 40.05 -8.69
C GLU A 539 45.12 41.21 -8.39
N PHE A 540 44.10 41.41 -9.23
CA PHE A 540 43.10 42.44 -8.95
C PHE A 540 42.60 42.28 -7.52
N ALA A 541 42.51 41.03 -7.08
CA ALA A 541 41.97 40.70 -5.77
C ALA A 541 42.82 41.24 -4.63
N LYS A 542 44.12 40.97 -4.70
CA LYS A 542 45.10 41.51 -3.74
C LYS A 542 45.21 43.04 -3.82
N LYS A 543 45.24 43.54 -5.06
CA LYS A 543 45.15 44.96 -5.36
C LYS A 543 43.85 45.56 -4.83
N MET A 544 42.93 44.73 -4.37
CA MET A 544 41.73 45.22 -3.70
C MET A 544 41.84 45.03 -2.19
N ASN A 545 43.07 44.80 -1.73
CA ASN A 545 43.38 44.62 -0.30
C ASN A 545 42.91 43.29 0.30
N LEU A 546 42.66 42.30 -0.55
CA LEU A 546 42.12 41.04 -0.06
C LEU A 546 43.19 40.01 0.26
N GLU A 547 42.92 39.22 1.29
CA GLU A 547 43.89 38.27 1.82
C GLU A 547 43.46 36.84 1.56
N GLU A 548 44.45 35.93 1.56
CA GLU A 548 44.15 34.52 1.43
C GLU A 548 43.28 34.34 0.19
N VAL A 549 43.64 35.04 -0.89
CA VAL A 549 42.89 34.96 -2.12
C VAL A 549 43.05 33.60 -2.80
N GLU A 550 41.92 33.04 -3.24
CA GLU A 550 41.94 31.86 -4.07
C GLU A 550 40.70 31.76 -4.95
N VAL A 551 40.94 31.27 -6.16
CA VAL A 551 39.96 31.09 -7.20
C VAL A 551 39.11 29.87 -6.85
N ILE A 552 37.79 30.06 -6.76
CA ILE A 552 36.92 28.94 -6.37
C ILE A 552 36.00 28.43 -7.48
N ASN A 553 35.93 29.15 -8.60
CA ASN A 553 35.17 28.70 -9.76
C ASN A 553 35.68 29.39 -11.01
N ARG A 554 35.71 28.64 -12.12
CA ARG A 554 36.22 29.12 -13.40
C ARG A 554 35.41 28.50 -14.56
N GLU A 555 34.61 29.32 -15.24
CA GLU A 555 33.87 28.86 -16.41
C GLU A 555 34.33 29.63 -17.63
N VAL A 556 34.47 28.92 -18.76
CA VAL A 556 34.79 29.53 -20.05
C VAL A 556 33.54 30.20 -20.64
N MET A 557 33.66 31.40 -21.20
CA MET A 557 32.55 31.96 -21.95
C MET A 557 32.85 31.54 -23.35
N GLN A 558 34.06 31.84 -23.78
CA GLN A 558 34.61 31.29 -25.01
C GLN A 558 36.13 31.35 -24.87
N GLU A 559 36.84 30.39 -25.45
CA GLU A 559 38.29 30.31 -25.24
C GLU A 559 39.03 31.64 -25.43
N ALA A 560 38.81 32.32 -26.55
CA ALA A 560 39.49 33.59 -26.82
C ALA A 560 38.89 34.82 -26.14
N GLU A 561 37.56 34.87 -26.02
CA GLU A 561 36.84 36.11 -25.69
C GLU A 561 36.82 36.50 -24.22
N GLY A 562 36.88 35.51 -23.33
CA GLY A 562 36.79 35.83 -21.92
C GLY A 562 36.49 34.62 -21.06
N THR A 563 36.57 34.83 -19.74
CA THR A 563 36.46 33.76 -18.76
C THR A 563 35.78 34.23 -17.48
N ARG A 564 34.81 33.47 -17.01
CA ARG A 564 34.16 33.82 -15.75
C ARG A 564 35.07 33.34 -14.64
N ILE A 565 35.36 34.21 -13.67
CA ILE A 565 36.17 33.81 -12.52
C ILE A 565 35.51 34.27 -11.22
N GLU A 566 35.43 33.36 -10.25
CA GLU A 566 34.93 33.69 -8.91
C GLU A 566 36.04 33.44 -7.88
N LEU A 567 36.17 34.30 -6.87
CA LEU A 567 37.25 34.17 -5.88
C LEU A 567 36.76 34.42 -4.47
N LYS A 568 37.32 33.69 -3.51
CA LYS A 568 37.14 34.10 -2.12
C LYS A 568 38.42 34.70 -1.56
N GLY A 569 38.25 35.67 -0.66
CA GLY A 569 39.38 36.28 0.00
C GLY A 569 38.94 36.81 1.34
N ARG A 570 39.90 37.04 2.23
CA ARG A 570 39.61 37.63 3.54
C ARG A 570 39.84 39.15 3.54
N VAL A 571 38.98 39.85 4.27
CA VAL A 571 39.08 41.29 4.39
C VAL A 571 39.81 41.66 5.69
N PRO A 572 40.96 42.38 5.58
CA PRO A 572 41.93 42.57 6.67
C PRO A 572 41.62 43.73 7.59
N PHE A 573 40.35 44.07 7.76
CA PHE A 573 39.99 45.22 8.59
C PHE A 573 38.49 45.29 8.83
N SER A 574 38.10 46.03 9.85
CA SER A 574 36.70 46.11 10.22
C SER A 574 36.13 47.43 9.77
N ILE A 575 35.11 47.90 10.50
CA ILE A 575 34.41 49.13 10.19
C ILE A 575 33.48 49.38 11.36
N ASP A 576 33.34 50.63 11.80
CA ASP A 576 32.47 50.89 12.92
C ASP A 576 31.07 51.19 12.42
N ILE A 577 30.08 50.51 13.00
CA ILE A 577 28.69 50.82 12.75
C ILE A 577 28.44 52.26 13.19
N ASN A 578 29.08 52.62 14.30
CA ASN A 578 28.95 53.96 14.88
C ASN A 578 29.52 55.04 13.96
N SER A 579 30.64 54.77 13.28
CA SER A 579 31.23 55.76 12.39
C SER A 579 30.67 55.64 10.98
N LEU A 580 29.43 55.18 10.87
CA LEU A 580 28.75 55.08 9.58
C LEU A 580 27.66 56.15 9.48
N VAL A 581 27.62 56.85 8.36
CA VAL A 581 26.60 57.87 8.15
C VAL A 581 25.48 57.37 7.27
N ILE A 582 24.26 57.43 7.79
CA ILE A 582 23.13 56.75 7.19
C ILE A 582 21.83 57.55 7.26
N PRO A 583 21.37 58.08 6.11
CA PRO A 583 20.17 58.93 6.00
C PRO A 583 18.89 58.19 6.41
N PRO A 584 18.09 58.78 7.31
CA PRO A 584 16.91 58.14 7.91
C PRO A 584 16.05 57.33 6.93
N ILE A 588 9.33 56.41 0.39
CA ILE A 588 8.78 55.27 -0.36
C ILE A 588 7.30 55.46 -0.70
N LEU A 589 7.02 56.30 -1.70
CA LEU A 589 5.65 56.46 -2.17
C LEU A 589 5.31 55.35 -3.17
N SER A 590 4.50 54.40 -2.72
CA SER A 590 4.27 53.13 -3.43
C SER A 590 3.53 53.23 -4.78
N GLU A 591 3.56 52.13 -5.53
CA GLU A 591 2.83 52.04 -6.78
C GLU A 591 1.35 52.31 -6.54
N ASP A 592 0.79 51.64 -5.53
CA ASP A 592 -0.63 51.75 -5.22
C ASP A 592 -1.04 53.07 -4.58
N GLU A 593 -0.10 53.71 -3.89
CA GLU A 593 -0.40 55.00 -3.26
C GLU A 593 -0.61 56.07 -4.34
N ILE A 594 0.10 55.93 -5.47
CA ILE A 594 0.02 56.90 -6.55
C ILE A 594 -1.20 56.73 -7.44
N ARG A 595 -1.45 55.50 -7.87
CA ARG A 595 -2.60 55.18 -8.72
C ARG A 595 -3.92 55.57 -8.04
N GLU A 596 -3.91 55.52 -6.70
CA GLU A 596 -5.10 55.77 -5.89
C GLU A 596 -5.39 57.26 -5.66
N ASP A 597 -4.34 58.08 -5.59
CA ASP A 597 -4.50 59.53 -5.49
C ASP A 597 -5.26 60.05 -6.71
N ILE A 598 -4.81 59.63 -7.89
CA ILE A 598 -5.43 60.06 -9.15
C ILE A 598 -6.75 59.32 -9.42
N GLU A 599 -7.49 59.08 -8.34
CA GLU A 599 -8.82 58.49 -8.40
C GLU A 599 -9.77 59.28 -7.48
N LYS A 600 -9.41 59.38 -6.21
CA LYS A 600 -10.11 60.26 -5.27
C LYS A 600 -10.13 61.68 -5.84
N THR A 601 -8.98 62.14 -6.31
CA THR A 601 -8.83 63.43 -6.96
C THR A 601 -8.26 63.21 -8.36
N PRO A 602 -9.13 63.06 -9.37
CA PRO A 602 -8.67 62.93 -10.77
C PRO A 602 -7.68 64.03 -11.20
N LEU A 603 -6.68 63.66 -12.01
CA LEU A 603 -5.59 64.57 -12.36
C LEU A 603 -5.31 64.62 -13.87
N LYS A 604 -4.86 65.78 -14.35
CA LYS A 604 -4.62 66.02 -15.77
C LYS A 604 -3.32 66.82 -16.03
N ILE A 605 -2.70 66.57 -17.18
CA ILE A 605 -1.39 67.13 -17.52
C ILE A 605 -1.30 67.67 -18.95
N VAL A 606 -0.47 68.68 -19.17
CA VAL A 606 -0.13 69.11 -20.53
C VAL A 606 1.37 69.02 -20.76
N ALA A 607 1.78 68.25 -21.76
CA ALA A 607 3.20 68.01 -22.01
C ALA A 607 3.65 68.38 -23.42
N ALA A 608 4.87 68.90 -23.54
CA ALA A 608 5.41 69.28 -24.85
C ALA A 608 6.94 69.34 -24.84
N THR A 609 7.54 69.23 -26.02
CA THR A 609 8.97 69.42 -26.19
C THR A 609 9.16 70.86 -26.68
N VAL A 610 9.61 71.73 -25.78
CA VAL A 610 9.65 73.17 -26.03
C VAL A 610 10.95 73.65 -26.68
N GLY A 611 10.84 74.75 -27.43
CA GLY A 611 11.94 75.29 -28.19
C GLY A 611 11.80 74.85 -29.63
N GLU A 612 12.91 74.83 -30.37
CA GLU A 612 12.91 74.23 -31.68
C GLU A 612 13.46 72.80 -31.60
N ASP A 613 13.07 72.12 -30.52
CA ASP A 613 13.50 70.75 -30.23
C ASP A 613 12.62 69.73 -30.96
N GLU A 614 13.22 68.96 -31.86
CA GLU A 614 12.49 67.91 -32.60
C GLU A 614 12.53 66.56 -31.87
N HIS A 615 13.38 66.48 -30.85
CA HIS A 615 13.53 65.26 -30.05
C HIS A 615 12.30 65.02 -29.22
N SER A 616 11.60 63.94 -29.54
CA SER A 616 10.35 63.59 -28.86
C SER A 616 10.52 62.37 -27.96
N VAL A 617 11.65 61.69 -28.11
CA VAL A 617 11.87 60.39 -27.47
C VAL A 617 11.76 60.42 -25.96
N GLY A 618 12.51 61.30 -25.31
CA GLY A 618 12.61 61.32 -23.87
C GLY A 618 11.33 61.69 -23.14
N LEU A 619 10.74 62.81 -23.53
CA LEU A 619 9.45 63.21 -23.00
C LEU A 619 8.50 62.03 -23.12
N ARG A 620 8.43 61.46 -24.32
CA ARG A 620 7.59 60.30 -24.58
C ARG A 620 7.96 59.13 -23.64
N GLU A 621 9.25 59.02 -23.34
CA GLU A 621 9.73 57.96 -22.45
C GLU A 621 9.08 57.97 -21.07
N VAL A 622 8.79 59.16 -20.54
CA VAL A 622 8.16 59.25 -19.23
C VAL A 622 6.64 59.39 -19.27
N ILE A 623 6.05 59.31 -20.48
CA ILE A 623 4.59 59.31 -20.60
C ILE A 623 4.02 57.97 -21.08
N ASP A 624 4.55 57.46 -22.20
CA ASP A 624 4.13 56.17 -22.78
C ASP A 624 4.15 55.09 -21.70
N ILE A 625 3.11 54.27 -21.64
CA ILE A 625 3.02 53.30 -20.56
C ILE A 625 4.09 52.23 -20.73
N LYS A 626 4.51 52.04 -21.98
CA LYS A 626 5.54 51.07 -22.30
C LYS A 626 6.61 50.98 -21.19
N HIS A 627 7.15 52.11 -20.74
CA HIS A 627 8.18 52.12 -19.70
C HIS A 627 7.73 52.72 -18.37
N GLY A 628 6.46 52.48 -18.03
CA GLY A 628 5.91 52.92 -16.76
C GLY A 628 5.88 54.43 -16.64
N GLY A 629 5.41 55.09 -17.70
CA GLY A 629 5.29 56.54 -17.71
C GLY A 629 3.98 56.94 -17.09
N ILE A 630 3.87 58.22 -16.74
CA ILE A 630 2.72 58.75 -16.01
C ILE A 630 1.41 58.15 -16.50
N GLU A 631 1.36 57.80 -17.77
CA GLU A 631 0.19 57.17 -18.37
C GLU A 631 -0.27 55.98 -17.53
N LYS A 632 0.67 55.11 -17.18
CA LYS A 632 0.37 53.91 -16.37
C LYS A 632 -0.45 54.22 -15.13
N TYR A 633 -0.21 55.39 -14.55
CA TYR A 633 -0.78 55.73 -13.25
C TYR A 633 -2.15 56.38 -13.39
N GLY A 634 -2.61 56.53 -14.62
CA GLY A 634 -3.92 57.09 -14.88
C GLY A 634 -3.95 58.60 -15.00
N VAL A 635 -2.82 59.20 -15.35
CA VAL A 635 -2.77 60.64 -15.56
C VAL A 635 -3.34 60.98 -16.94
N GLU A 636 -4.12 62.03 -17.01
CA GLU A 636 -4.61 62.50 -18.29
C GLU A 636 -3.49 63.28 -18.95
N VAL A 637 -3.01 62.79 -20.09
CA VAL A 637 -1.97 63.51 -20.81
C VAL A 637 -2.47 64.07 -22.14
N HIS A 638 -2.30 65.38 -22.31
CA HIS A 638 -2.62 66.05 -23.57
C HIS A 638 -1.32 66.55 -24.22
N TYR A 639 -0.68 65.65 -24.99
CA TYR A 639 0.60 65.90 -25.63
C TYR A 639 0.42 66.93 -26.75
N LEU A 640 1.44 67.74 -27.00
CA LEU A 640 1.34 68.80 -28.00
C LEU A 640 2.31 68.64 -29.19
N GLY A 641 3.25 67.71 -29.07
CA GLY A 641 4.20 67.43 -30.13
C GLY A 641 5.57 68.03 -29.88
N THR A 642 6.35 68.21 -30.95
CA THR A 642 7.67 68.81 -30.82
C THR A 642 7.68 70.24 -31.37
N SER A 643 8.80 70.93 -31.19
CA SER A 643 8.95 72.33 -31.61
C SER A 643 7.90 73.25 -30.99
N VAL A 644 7.05 72.70 -30.11
CA VAL A 644 6.06 73.51 -29.39
C VAL A 644 6.69 74.76 -28.80
N PRO A 645 6.02 75.91 -28.96
CA PRO A 645 6.60 77.19 -28.52
C PRO A 645 6.33 77.52 -27.05
N VAL A 646 7.18 78.39 -26.51
CA VAL A 646 7.05 78.91 -25.15
C VAL A 646 5.60 78.94 -24.68
N GLU A 647 4.77 79.64 -25.45
CA GLU A 647 3.42 80.00 -25.03
C GLU A 647 2.32 78.98 -25.36
N LYS A 648 2.38 78.38 -26.55
CA LYS A 648 1.37 77.41 -26.95
C LYS A 648 1.19 76.35 -25.85
N LEU A 649 2.29 76.06 -25.16
CA LEU A 649 2.26 75.15 -24.01
C LEU A 649 1.65 75.84 -22.79
N VAL A 650 2.09 77.07 -22.55
CA VAL A 650 1.55 77.88 -21.46
C VAL A 650 0.05 78.15 -21.63
N ASP A 651 -0.32 78.60 -22.84
CA ASP A 651 -1.71 78.85 -23.19
C ASP A 651 -2.56 77.62 -22.98
N ALA A 652 -2.01 76.46 -23.34
CA ALA A 652 -2.73 75.18 -23.30
C ALA A 652 -3.20 74.80 -21.89
N ALA A 653 -2.27 74.76 -20.94
CA ALA A 653 -2.62 74.43 -19.56
C ALA A 653 -3.89 75.17 -19.17
N ILE A 654 -3.96 76.42 -19.62
CA ILE A 654 -5.16 77.23 -19.46
C ILE A 654 -6.29 76.69 -20.34
N GLU A 655 -6.10 76.76 -21.65
CA GLU A 655 -7.14 76.38 -22.62
C GLU A 655 -7.68 74.97 -22.41
N LEU A 656 -7.04 74.20 -21.55
CA LEU A 656 -7.44 72.81 -21.28
C LEU A 656 -7.76 72.56 -19.80
N LYS A 657 -7.45 73.55 -18.95
CA LYS A 657 -7.74 73.49 -17.51
C LYS A 657 -6.87 72.47 -16.75
N ALA A 658 -5.55 72.65 -16.85
CA ALA A 658 -4.58 71.64 -16.42
C ALA A 658 -3.98 71.89 -15.04
N ASP A 659 -3.68 70.80 -14.31
CA ASP A 659 -3.07 70.88 -12.98
C ASP A 659 -1.54 70.83 -13.02
N ALA A 660 -0.94 70.92 -14.21
CA ALA A 660 0.51 70.86 -14.37
C ALA A 660 1.00 70.94 -15.83
N ILE A 661 2.09 71.67 -16.04
CA ILE A 661 2.80 71.67 -17.33
C ILE A 661 4.09 70.87 -17.19
N LEU A 662 4.43 70.10 -18.23
CA LEU A 662 5.65 69.29 -18.26
C LEU A 662 6.34 69.43 -19.61
N ALA A 663 7.57 69.93 -19.61
CA ALA A 663 8.27 70.15 -20.87
C ALA A 663 9.70 69.64 -20.85
N SER A 664 10.26 69.38 -22.03
CA SER A 664 11.59 68.79 -22.13
C SER A 664 12.54 69.61 -22.99
N THR A 665 13.83 69.57 -22.66
CA THR A 665 14.83 70.15 -23.55
C THR A 665 16.04 69.25 -23.73
N ILE A 666 16.25 68.86 -24.99
CA ILE A 666 17.28 67.93 -25.39
C ILE A 666 18.49 68.68 -25.93
N ILE A 667 18.26 69.49 -26.97
CA ILE A 667 19.30 70.34 -27.52
C ILE A 667 19.72 71.33 -26.44
N SER A 668 21.02 71.59 -26.35
CA SER A 668 21.55 72.33 -25.21
C SER A 668 22.40 73.57 -25.55
N HIS A 669 22.94 73.64 -26.77
CA HIS A 669 23.82 74.75 -27.18
C HIS A 669 23.33 76.09 -26.62
N ASP A 670 24.27 76.87 -26.08
CA ASP A 670 23.96 78.19 -25.52
C ASP A 670 23.02 78.07 -24.32
N ASP A 671 23.07 76.93 -23.62
CA ASP A 671 22.19 76.69 -22.48
C ASP A 671 20.72 76.95 -22.82
N ILE A 672 20.33 76.58 -24.05
CA ILE A 672 18.96 76.78 -24.53
C ILE A 672 17.96 76.01 -23.68
N HIS A 673 18.41 74.96 -23.01
CA HIS A 673 17.53 74.14 -22.17
C HIS A 673 17.14 74.79 -20.83
N TYR A 674 18.08 74.87 -19.90
CA TYR A 674 17.84 75.54 -18.62
C TYR A 674 17.15 76.88 -18.88
N LYS A 675 17.50 77.49 -20.01
CA LYS A 675 16.95 78.78 -20.41
C LYS A 675 15.43 78.74 -20.54
N ASN A 676 14.93 77.94 -21.48
CA ASN A 676 13.49 77.88 -21.79
C ASN A 676 12.58 77.67 -20.58
N MET A 677 13.07 76.97 -19.57
CA MET A 677 12.29 76.73 -18.36
C MET A 677 11.93 78.05 -17.70
N LYS A 678 12.77 79.05 -17.95
CA LYS A 678 12.58 80.39 -17.41
C LYS A 678 11.36 81.05 -18.04
N ARG A 679 11.46 81.40 -19.33
CA ARG A 679 10.37 82.09 -20.01
C ARG A 679 9.06 81.35 -19.84
N ILE A 680 9.16 80.07 -19.49
CA ILE A 680 7.96 79.26 -19.20
C ILE A 680 7.39 79.59 -17.82
N HIS A 681 8.28 79.72 -16.83
CA HIS A 681 7.87 80.16 -15.50
C HIS A 681 7.51 81.64 -15.48
N GLU A 682 8.28 82.43 -16.24
CA GLU A 682 8.02 83.86 -16.39
C GLU A 682 6.68 84.13 -17.08
N LEU A 683 6.40 83.38 -18.15
CA LEU A 683 5.09 83.46 -18.82
C LEU A 683 4.01 82.62 -18.13
N ALA A 684 4.34 82.08 -16.95
CA ALA A 684 3.36 81.34 -16.14
C ALA A 684 2.87 82.21 -14.99
N VAL A 685 3.72 83.15 -14.59
CA VAL A 685 3.36 84.17 -13.60
C VAL A 685 2.87 85.41 -14.33
N GLU A 686 3.58 85.77 -15.40
CA GLU A 686 3.26 86.95 -16.20
C GLU A 686 1.83 86.88 -16.75
N LYS A 687 1.25 85.67 -16.75
CA LYS A 687 -0.17 85.48 -17.07
C LYS A 687 -0.98 85.39 -15.77
N GLY A 688 -0.55 84.49 -14.89
CA GLY A 688 -1.19 84.35 -13.58
C GLY A 688 -1.72 82.95 -13.32
N ILE A 689 -0.90 81.95 -13.62
CA ILE A 689 -1.26 80.58 -13.32
C ILE A 689 -0.26 79.99 -12.33
N ARG A 690 0.76 80.77 -12.01
CA ARG A 690 1.93 80.23 -11.32
C ARG A 690 1.80 80.12 -9.81
N ASP A 691 0.69 79.58 -9.33
CA ASP A 691 0.53 79.32 -7.90
C ASP A 691 -0.63 78.37 -7.59
N LYS A 692 -1.41 78.05 -8.62
CA LYS A 692 -2.39 76.99 -8.54
C LYS A 692 -2.05 75.96 -9.61
N ILE A 693 -0.86 76.10 -10.18
CA ILE A 693 -0.32 75.11 -11.12
C ILE A 693 1.11 74.72 -10.77
N MET A 694 1.51 73.53 -11.20
CA MET A 694 2.88 73.06 -11.06
C MET A 694 3.57 73.11 -12.41
N ILE A 695 4.90 73.14 -12.43
CA ILE A 695 5.65 73.19 -13.68
C ILE A 695 6.97 72.41 -13.60
N GLY A 696 7.05 71.29 -14.33
CA GLY A 696 8.24 70.45 -14.35
C GLY A 696 8.86 70.27 -15.72
N CYS A 697 10.19 70.15 -15.77
CA CYS A 697 10.90 70.00 -17.04
C CYS A 697 12.11 69.09 -16.87
N GLY A 698 12.68 68.64 -17.99
CA GLY A 698 13.82 67.73 -17.97
C GLY A 698 14.43 67.46 -19.34
N GLY A 699 15.60 66.84 -19.35
CA GLY A 699 16.29 66.55 -20.61
C GLY A 699 17.63 65.86 -20.46
N THR A 700 18.27 65.53 -21.58
CA THR A 700 19.59 64.93 -21.54
C THR A 700 20.42 65.68 -20.51
N GLN A 701 20.63 66.97 -20.77
CA GLN A 701 21.43 67.82 -19.89
C GLN A 701 20.54 68.63 -18.94
N VAL A 702 20.16 68.03 -17.81
CA VAL A 702 19.31 68.70 -16.84
C VAL A 702 19.44 68.11 -15.44
N THR A 703 19.74 68.96 -14.47
CA THR A 703 19.80 68.55 -13.08
C THR A 703 18.67 69.24 -12.30
N PRO A 704 17.95 68.49 -11.47
CA PRO A 704 16.79 68.97 -10.69
C PRO A 704 17.15 70.17 -9.83
N GLU A 705 18.43 70.50 -9.77
CA GLU A 705 18.93 71.61 -8.97
C GLU A 705 18.95 72.90 -9.77
N VAL A 706 19.67 72.89 -10.89
CA VAL A 706 19.73 74.04 -11.79
C VAL A 706 18.36 74.27 -12.45
N ALA A 707 17.34 73.58 -11.93
CA ALA A 707 15.97 73.69 -12.42
C ALA A 707 15.07 74.47 -11.45
N VAL A 708 15.28 74.26 -10.15
CA VAL A 708 14.57 75.05 -9.14
C VAL A 708 15.07 76.50 -9.22
N LYS A 709 16.32 76.63 -9.66
CA LYS A 709 16.95 77.94 -9.86
C LYS A 709 16.62 78.49 -11.25
N GLN A 710 15.38 78.25 -11.67
CA GLN A 710 14.86 78.82 -12.91
C GLN A 710 13.38 79.15 -12.70
N GLY A 711 12.88 78.84 -11.51
CA GLY A 711 11.51 79.14 -11.13
C GLY A 711 10.56 77.94 -11.20
N VAL A 712 10.88 76.98 -12.07
CA VAL A 712 10.06 75.78 -12.25
C VAL A 712 10.16 74.84 -11.03
N ASP A 713 9.04 74.21 -10.66
CA ASP A 713 8.92 73.47 -9.39
C ASP A 713 9.87 72.27 -9.17
N ALA A 714 9.93 71.34 -10.12
CA ALA A 714 10.80 70.17 -9.98
C ALA A 714 11.55 69.83 -11.28
N GLY A 715 12.78 69.33 -11.14
CA GLY A 715 13.58 68.96 -12.29
C GLY A 715 13.76 67.47 -12.42
N PHE A 716 14.01 66.98 -13.64
CA PHE A 716 14.24 65.55 -13.89
C PHE A 716 15.31 65.30 -14.95
N GLY A 717 16.37 64.60 -14.58
CA GLY A 717 17.53 64.48 -15.44
C GLY A 717 17.70 63.11 -16.08
N ARG A 718 18.86 62.92 -16.71
CA ARG A 718 19.18 61.65 -17.36
C ARG A 718 18.82 60.46 -16.48
N GLY A 719 17.82 59.69 -16.91
CA GLY A 719 17.44 58.46 -16.21
C GLY A 719 16.17 58.51 -15.37
N SER A 720 15.29 59.47 -15.67
CA SER A 720 14.06 59.64 -14.90
C SER A 720 12.93 58.77 -15.45
N LYS A 721 12.36 57.89 -14.63
CA LYS A 721 11.27 57.04 -15.08
C LYS A 721 9.92 57.63 -14.70
N GLY A 722 8.85 57.01 -15.15
CA GLY A 722 7.52 57.51 -14.88
C GLY A 722 7.24 57.58 -13.40
N ILE A 723 7.79 56.62 -12.67
CA ILE A 723 7.62 56.58 -11.23
C ILE A 723 8.02 57.90 -10.57
N HIS A 724 9.10 58.49 -11.06
CA HIS A 724 9.67 59.73 -10.50
C HIS A 724 8.76 60.93 -10.72
N VAL A 725 8.12 60.98 -11.89
CA VAL A 725 7.24 62.10 -12.22
C VAL A 725 5.95 62.02 -11.42
N ALA A 726 5.24 60.90 -11.56
CA ALA A 726 3.95 60.69 -10.89
C ALA A 726 4.04 60.86 -9.37
N THR A 727 5.11 60.33 -8.79
CA THR A 727 5.38 60.52 -7.36
C THR A 727 5.44 62.01 -7.01
N PHE A 728 6.11 62.80 -7.83
CA PHE A 728 6.19 64.25 -7.62
C PHE A 728 4.86 64.97 -7.86
N LEU A 729 4.11 64.52 -8.86
CA LEU A 729 2.89 65.20 -9.28
C LEU A 729 1.74 65.10 -8.28
N VAL A 730 1.81 64.11 -7.39
CA VAL A 730 0.79 63.97 -6.35
C VAL A 730 1.27 64.60 -5.03
N LYS A 731 2.57 64.87 -4.94
CA LYS A 731 3.21 65.45 -3.75
C LYS A 731 3.13 66.99 -3.68
N LYS A 732 3.48 67.64 -4.78
CA LYS A 732 3.40 69.10 -4.89
C LYS A 732 1.94 69.52 -5.04
N ARG A 733 1.07 68.53 -5.02
CA ARG A 733 -0.37 68.77 -5.05
C ARG A 733 -1.01 68.48 -3.70
N ARG A 734 -0.34 67.66 -2.89
CA ARG A 734 -0.78 67.38 -1.52
C ARG A 734 -0.20 68.40 -0.55
N GLU A 735 0.43 69.43 -1.12
CA GLU A 735 0.90 70.60 -0.37
C GLU A 735 0.00 71.82 -0.64
N MET A 736 -0.04 72.27 -1.90
CA MET A 736 -0.97 73.30 -2.29
C MET A 736 -2.39 72.82 -1.98
N ARG A 737 -2.77 71.70 -2.60
CA ARG A 737 -4.06 71.08 -2.35
C ARG A 737 -3.96 69.92 -1.35
N ASP B 5 23.43 -9.26 -19.63
CA ASP B 5 22.35 -10.13 -20.12
C ASP B 5 22.86 -11.34 -20.93
N ASP B 6 23.39 -12.37 -20.27
CA ASP B 6 23.23 -12.70 -18.84
C ASP B 6 21.90 -12.36 -18.18
N PHE B 7 21.63 -11.09 -17.96
CA PHE B 7 20.37 -10.63 -17.38
C PHE B 7 19.16 -11.34 -17.99
N GLN B 8 19.11 -11.44 -19.31
CA GLN B 8 18.01 -12.14 -19.97
C GLN B 8 17.82 -13.58 -19.46
N GLN B 9 18.93 -14.31 -19.38
CA GLN B 9 18.88 -15.68 -18.91
C GLN B 9 18.86 -15.76 -17.39
N ARG B 10 19.09 -14.63 -16.73
CA ARG B 10 18.99 -14.60 -15.27
C ARG B 10 17.55 -14.40 -14.84
N ARG B 11 16.87 -13.46 -15.50
CA ARG B 11 15.52 -13.06 -15.13
C ARG B 11 14.48 -14.10 -15.53
N ALA B 12 14.89 -15.07 -16.34
CA ALA B 12 13.95 -16.00 -16.94
C ALA B 12 12.91 -16.58 -15.98
N HIS B 13 13.30 -16.85 -14.75
CA HIS B 13 12.37 -17.50 -13.82
C HIS B 13 11.40 -16.52 -13.14
N LEU B 14 11.69 -15.22 -13.27
CA LEU B 14 10.80 -14.21 -12.75
C LEU B 14 9.83 -13.76 -13.85
N ALA B 15 10.18 -14.09 -15.08
CA ALA B 15 9.42 -13.66 -16.26
C ALA B 15 7.91 -13.66 -16.07
N ASN B 16 7.40 -14.69 -15.41
CA ASN B 16 5.95 -14.88 -15.33
C ASN B 16 5.33 -14.47 -14.01
N LEU B 17 6.13 -14.08 -13.03
CA LEU B 17 5.57 -13.56 -11.78
C LEU B 17 4.79 -12.26 -11.98
N SER B 18 3.71 -12.10 -11.22
CA SER B 18 2.99 -10.83 -11.23
C SER B 18 3.77 -9.89 -10.32
N ASP B 19 3.45 -8.61 -10.45
CA ASP B 19 4.12 -7.64 -9.63
C ASP B 19 4.07 -8.03 -8.15
N GLU B 20 2.94 -8.56 -7.68
CA GLU B 20 2.79 -8.89 -6.24
C GLU B 20 3.66 -10.07 -5.84
N GLU B 21 3.69 -11.10 -6.67
CA GLU B 21 4.58 -12.21 -6.44
C GLU B 21 5.98 -11.63 -6.37
N LEU B 22 6.33 -10.86 -7.40
CA LEU B 22 7.66 -10.29 -7.50
C LEU B 22 8.02 -9.44 -6.29
N GLN B 23 7.10 -8.62 -5.83
CA GLN B 23 7.40 -7.75 -4.70
C GLN B 23 7.54 -8.56 -3.42
N THR B 24 6.63 -9.52 -3.18
CA THR B 24 6.65 -10.30 -1.94
C THR B 24 7.83 -11.26 -1.89
N ARG B 25 8.30 -11.65 -3.06
CA ARG B 25 9.51 -12.45 -3.18
C ARG B 25 10.71 -11.60 -2.80
N PHE B 26 10.69 -10.34 -3.24
CA PHE B 26 11.72 -9.36 -2.90
C PHE B 26 11.90 -9.25 -1.39
N TRP B 27 10.77 -9.18 -0.68
CA TRP B 27 10.74 -9.01 0.78
C TRP B 27 10.93 -10.31 1.53
N GLU B 28 10.44 -11.40 0.95
CA GLU B 28 10.60 -12.71 1.54
C GLU B 28 12.08 -12.98 1.70
N MET B 29 12.85 -12.67 0.66
CA MET B 29 14.27 -12.96 0.68
C MET B 29 15.07 -12.00 1.53
N ALA B 30 14.76 -10.72 1.44
CA ALA B 30 15.32 -9.73 2.35
C ALA B 30 15.22 -10.28 3.75
N GLU B 31 14.02 -10.67 4.18
CA GLU B 31 13.86 -11.22 5.53
C GLU B 31 14.67 -12.51 5.76
N LYS B 32 14.75 -13.38 4.76
CA LYS B 32 15.61 -14.56 4.93
C LYS B 32 17.07 -14.16 5.20
N ILE B 33 17.54 -13.10 4.55
CA ILE B 33 18.90 -12.62 4.71
C ILE B 33 19.21 -12.06 6.11
N VAL B 34 18.32 -11.23 6.64
CA VAL B 34 18.58 -10.51 7.90
C VAL B 34 18.36 -11.37 9.15
N ASP B 35 17.59 -12.45 9.04
CA ASP B 35 17.25 -13.24 10.22
C ASP B 35 18.48 -13.73 10.99
N PRO B 36 19.49 -14.30 10.28
CA PRO B 36 20.73 -14.68 10.96
C PRO B 36 21.48 -13.48 11.58
N LEU B 37 21.24 -12.28 11.06
CA LEU B 37 21.88 -11.09 11.61
C LEU B 37 21.23 -10.68 12.93
N LEU B 38 19.89 -10.59 12.92
CA LEU B 38 19.11 -10.25 14.13
C LEU B 38 19.34 -11.29 15.23
N ASP B 39 19.49 -12.54 14.83
CA ASP B 39 19.69 -13.61 15.79
C ASP B 39 21.07 -13.51 16.44
N LEU B 40 22.05 -12.94 15.75
CA LEU B 40 23.35 -12.66 16.36
C LEU B 40 23.24 -11.58 17.45
N GLY B 41 22.42 -10.57 17.22
CA GLY B 41 22.19 -9.53 18.21
C GLY B 41 21.45 -9.98 19.46
N LYS B 42 20.63 -11.02 19.34
CA LYS B 42 19.97 -11.60 20.51
C LYS B 42 20.97 -12.36 21.38
N LYS B 43 21.90 -13.07 20.73
CA LYS B 43 22.71 -14.08 21.41
C LYS B 43 24.09 -13.59 21.84
N ASN B 44 24.37 -12.31 21.60
CA ASN B 44 25.72 -11.79 21.85
C ASN B 44 25.76 -10.33 22.29
N THR B 45 26.95 -9.84 22.59
CA THR B 45 27.08 -8.44 22.97
C THR B 45 28.46 -7.90 22.57
N THR B 46 28.67 -6.62 22.88
CA THR B 46 29.88 -5.90 22.50
C THR B 46 30.27 -4.88 23.56
N PRO B 47 31.49 -4.34 23.46
CA PRO B 47 31.89 -3.27 24.37
C PRO B 47 30.95 -2.05 24.37
N SER B 48 30.34 -1.74 23.23
CA SER B 48 29.54 -0.52 23.15
C SER B 48 28.11 -0.76 23.60
N ILE B 49 27.58 -1.93 23.32
CA ILE B 49 26.30 -2.31 23.89
C ILE B 49 26.40 -2.28 25.41
N GLU B 50 27.49 -2.82 25.96
CA GLU B 50 27.67 -2.91 27.41
C GLU B 50 27.89 -1.54 28.03
N ARG B 51 28.63 -0.68 27.34
CA ARG B 51 28.85 0.69 27.83
C ARG B 51 27.54 1.44 27.80
N SER B 52 26.73 1.16 26.78
CA SER B 52 25.45 1.83 26.60
C SER B 52 24.50 1.43 27.72
N VAL B 53 24.65 0.20 28.20
CA VAL B 53 23.91 -0.22 29.39
C VAL B 53 24.36 0.62 30.58
N LEU B 54 25.67 0.77 30.74
CA LEU B 54 26.23 1.49 31.88
C LEU B 54 25.85 2.98 31.85
N LEU B 55 25.66 3.53 30.67
CA LEU B 55 25.26 4.92 30.58
C LEU B 55 23.86 5.05 31.15
N ARG B 56 22.96 4.14 30.76
CA ARG B 56 21.60 4.07 31.29
C ARG B 56 21.52 3.79 32.80
N MET B 57 22.52 3.13 33.36
CA MET B 57 22.54 2.86 34.79
C MET B 57 23.06 4.06 35.58
N GLY B 58 23.56 5.07 34.90
CA GLY B 58 23.95 6.30 35.57
C GLY B 58 25.43 6.54 35.74
N PHE B 59 26.24 6.01 34.80
CA PHE B 59 27.68 6.21 34.80
C PHE B 59 28.13 7.00 33.57
N SER B 60 29.19 7.78 33.73
CA SER B 60 29.70 8.61 32.64
C SER B 60 30.40 7.75 31.61
N SER B 61 30.58 8.31 30.41
CA SER B 61 31.33 7.63 29.38
C SER B 61 32.67 7.17 29.93
N LEU B 62 33.29 8.01 30.76
CA LEU B 62 34.61 7.66 31.30
C LEU B 62 34.54 6.45 32.20
N GLU B 63 33.50 6.40 33.00
CA GLU B 63 33.35 5.33 33.97
C GLU B 63 32.95 4.03 33.30
N ALA B 64 32.27 4.17 32.15
CA ALA B 64 31.78 3.02 31.39
C ALA B 64 32.91 2.31 30.63
N LYS B 65 33.81 3.08 30.03
CA LYS B 65 34.97 2.47 29.40
C LYS B 65 35.77 1.70 30.46
N ALA B 66 35.93 2.33 31.62
CA ALA B 66 36.72 1.74 32.69
C ALA B 66 36.22 0.36 33.11
N ILE B 67 34.90 0.26 33.30
CA ILE B 67 34.22 -0.97 33.76
C ILE B 67 34.24 -2.09 32.74
N VAL B 68 34.03 -1.72 31.48
CA VAL B 68 33.97 -2.70 30.41
C VAL B 68 35.37 -3.15 30.03
N ASP B 69 36.31 -2.23 30.04
CA ASP B 69 37.68 -2.61 29.76
C ASP B 69 38.00 -3.74 30.74
N LYS B 70 37.82 -3.47 32.02
CA LYS B 70 38.10 -4.46 33.05
C LYS B 70 37.24 -5.72 32.94
N THR B 71 35.99 -5.56 32.51
CA THR B 71 35.08 -6.69 32.32
C THR B 71 35.55 -7.64 31.24
N MET B 72 36.20 -7.11 30.22
CA MET B 72 36.74 -7.93 29.14
C MET B 72 38.00 -8.68 29.59
N ASP B 73 38.80 -8.04 30.44
CA ASP B 73 40.03 -8.64 30.97
C ASP B 73 39.74 -9.83 31.90
N ARG B 74 38.56 -9.84 32.50
CA ARG B 74 38.18 -10.91 33.42
C ARG B 74 37.30 -11.94 32.73
N GLY B 75 37.27 -11.89 31.40
CA GLY B 75 36.47 -12.82 30.63
C GLY B 75 35.04 -12.87 31.13
N LEU B 76 34.53 -11.72 31.57
CA LEU B 76 33.20 -11.68 32.15
C LEU B 76 32.15 -11.07 31.23
N MET B 77 32.53 -10.68 30.03
CA MET B 77 31.57 -10.01 29.15
C MET B 77 30.24 -10.76 29.00
N GLY B 78 30.30 -12.09 28.91
CA GLY B 78 29.09 -12.87 28.74
C GLY B 78 28.06 -12.80 29.86
N LYS B 79 28.42 -12.27 31.03
CA LYS B 79 27.47 -12.16 32.13
C LYS B 79 26.73 -10.82 32.07
N GLY B 80 27.37 -9.84 31.42
CA GLY B 80 26.79 -8.52 31.27
C GLY B 80 27.42 -7.50 32.19
N ALA B 81 27.96 -6.42 31.64
CA ALA B 81 28.61 -5.41 32.48
C ALA B 81 27.66 -4.83 33.50
N GLY B 82 26.40 -4.66 33.13
CA GLY B 82 25.42 -4.08 34.05
C GLY B 82 25.03 -5.06 35.14
N HIS B 83 24.82 -6.31 34.75
CA HIS B 83 24.56 -7.39 35.68
C HIS B 83 25.68 -7.48 36.72
N ILE B 84 26.92 -7.27 36.30
CA ILE B 84 28.06 -7.32 37.21
C ILE B 84 27.92 -6.23 38.26
N VAL B 85 27.66 -5.02 37.79
CA VAL B 85 27.59 -3.88 38.66
C VAL B 85 26.40 -4.01 39.62
N TYR B 86 25.36 -4.68 39.16
CA TYR B 86 24.14 -4.81 39.93
C TYR B 86 24.31 -5.86 41.02
N LYS B 87 24.82 -7.03 40.64
CA LYS B 87 25.03 -8.09 41.62
C LYS B 87 25.95 -7.64 42.76
N ILE B 88 27.04 -6.95 42.42
CA ILE B 88 27.98 -6.48 43.43
C ILE B 88 27.35 -5.47 44.36
N ALA B 89 26.52 -4.60 43.80
CA ALA B 89 25.83 -3.58 44.58
C ALA B 89 24.97 -4.28 45.62
N LYS B 90 24.24 -5.30 45.18
CA LYS B 90 23.42 -6.08 46.07
C LYS B 90 24.31 -6.74 47.13
N GLU B 91 25.24 -7.59 46.70
CA GLU B 91 26.01 -8.41 47.62
C GLU B 91 26.76 -7.62 48.69
N LYS B 92 27.54 -6.63 48.27
CA LYS B 92 28.26 -5.84 49.24
C LYS B 92 27.34 -4.72 49.78
N ASN B 93 26.04 -4.96 49.67
CA ASN B 93 24.98 -4.06 50.18
C ASN B 93 25.18 -2.54 50.01
N ILE B 94 25.67 -2.14 48.83
CA ILE B 94 25.84 -0.72 48.47
C ILE B 94 24.87 -0.28 47.40
N SER B 95 25.19 0.85 46.75
CA SER B 95 24.36 1.39 45.67
C SER B 95 24.93 1.06 44.28
N VAL B 96 24.04 0.90 43.29
CA VAL B 96 24.47 0.66 41.92
C VAL B 96 25.59 1.64 41.57
N ARG B 97 25.41 2.88 41.97
CA ARG B 97 26.43 3.89 41.75
C ARG B 97 27.73 3.56 42.47
N GLU B 98 27.67 3.33 43.79
CA GLU B 98 28.88 3.03 44.56
C GLU B 98 29.64 1.86 43.97
N ALA B 99 28.94 0.75 43.74
CA ALA B 99 29.54 -0.46 43.19
C ALA B 99 30.27 -0.21 41.87
N GLY B 100 29.70 0.64 41.04
CA GLY B 100 30.29 0.96 39.75
C GLY B 100 31.58 1.69 39.94
N LEU B 101 31.52 2.89 40.51
CA LEU B 101 32.72 3.68 40.78
C LEU B 101 33.76 2.75 41.36
N ALA B 102 33.30 1.89 42.26
CA ALA B 102 34.16 0.90 42.89
C ALA B 102 34.82 -0.01 41.86
N LEU B 103 34.01 -0.66 41.03
CA LEU B 103 34.50 -1.56 40.01
C LEU B 103 35.42 -0.88 39.00
N SER B 104 35.13 0.38 38.67
CA SER B 104 35.88 1.10 37.65
C SER B 104 37.28 1.47 38.11
N GLU B 105 37.59 1.12 39.36
CA GLU B 105 38.89 1.46 39.93
C GLU B 105 39.62 0.19 40.37
N GLY B 106 39.04 -0.96 40.05
CA GLY B 106 39.67 -2.23 40.33
C GLY B 106 39.15 -2.99 41.53
N LYS B 107 38.24 -2.40 42.31
CA LYS B 107 37.76 -3.07 43.50
C LYS B 107 36.63 -4.06 43.18
N TYR B 108 36.70 -5.25 43.78
CA TYR B 108 35.60 -6.20 43.73
C TYR B 108 35.62 -7.20 42.56
N TRP B 109 36.54 -7.04 41.62
CA TRP B 109 36.55 -7.97 40.49
C TRP B 109 36.83 -9.38 40.99
N ASP B 110 37.55 -9.46 42.11
CA ASP B 110 37.80 -10.72 42.78
C ASP B 110 36.48 -11.38 43.12
N ASP B 111 35.66 -10.66 43.88
CA ASP B 111 34.40 -11.17 44.39
C ASP B 111 33.41 -11.57 43.27
N ALA B 112 33.49 -10.84 42.16
CA ALA B 112 32.63 -11.08 41.00
C ALA B 112 32.95 -12.37 40.24
N ILE B 113 34.23 -12.73 40.17
CA ILE B 113 34.59 -13.96 39.47
C ILE B 113 33.88 -15.17 40.11
N GLN B 114 33.33 -14.95 41.32
CA GLN B 114 32.39 -15.87 41.94
C GLN B 114 31.10 -15.16 42.38
N LEU C 5 -50.40 -18.75 31.82
CA LEU C 5 -51.70 -19.21 31.35
C LEU C 5 -51.53 -20.39 30.37
N GLN C 6 -50.30 -20.85 30.22
CA GLN C 6 -50.01 -22.00 29.36
C GLN C 6 -48.54 -22.43 29.38
N LEU C 7 -48.23 -23.36 28.47
CA LEU C 7 -46.88 -23.83 28.14
C LEU C 7 -46.27 -24.96 29.00
N ARG C 8 -46.23 -26.14 28.40
CA ARG C 8 -45.78 -27.33 29.10
C ARG C 8 -44.89 -28.16 28.18
N VAL C 9 -43.77 -28.64 28.72
CA VAL C 9 -42.71 -29.20 27.89
C VAL C 9 -43.09 -30.40 27.03
N ASN C 10 -43.98 -31.26 27.51
CA ASN C 10 -44.37 -32.42 26.70
C ASN C 10 -45.63 -32.17 25.88
N GLU C 11 -46.00 -30.90 25.75
CA GLU C 11 -47.20 -30.50 25.04
C GLU C 11 -46.95 -29.45 23.95
N LYS C 12 -47.27 -29.80 22.71
CA LYS C 12 -47.14 -28.90 21.58
C LYS C 12 -47.90 -27.62 21.75
N LEU C 13 -47.30 -26.53 21.27
CA LEU C 13 -47.94 -25.23 21.12
C LEU C 13 -49.32 -25.34 20.47
N ASP C 14 -50.32 -24.71 21.06
CA ASP C 14 -51.60 -24.63 20.38
C ASP C 14 -51.66 -23.35 19.55
N VAL C 15 -51.27 -23.47 18.29
CA VAL C 15 -51.30 -22.35 17.37
C VAL C 15 -52.75 -21.89 17.22
N GLU C 16 -53.62 -22.86 16.98
CA GLU C 16 -55.05 -22.66 16.83
C GLU C 16 -55.53 -21.76 17.95
N ASN C 17 -55.05 -22.04 19.16
CA ASN C 17 -55.47 -21.29 20.33
C ASN C 17 -54.85 -19.91 20.39
N ILE C 18 -53.59 -19.83 20.00
CA ILE C 18 -52.86 -18.56 19.97
C ILE C 18 -53.51 -17.57 18.99
N LEU C 19 -53.97 -18.06 17.84
CA LEU C 19 -54.67 -17.19 16.88
C LEU C 19 -56.01 -16.63 17.40
N LYS C 20 -56.58 -17.27 18.42
CA LYS C 20 -57.79 -16.79 19.10
C LYS C 20 -57.49 -15.53 19.91
N ASP C 21 -58.33 -14.51 19.77
CA ASP C 21 -58.25 -13.30 20.60
C ASP C 21 -57.12 -12.32 20.29
N LEU C 22 -56.50 -12.42 19.12
CA LEU C 22 -55.41 -11.52 18.80
C LEU C 22 -55.76 -10.05 19.09
N ASP C 23 -57.02 -9.71 18.88
CA ASP C 23 -57.54 -8.36 19.11
C ASP C 23 -57.36 -7.90 20.56
N LYS C 24 -57.53 -8.82 21.50
CA LYS C 24 -57.41 -8.47 22.90
C LYS C 24 -55.98 -8.57 23.38
N TYR C 25 -55.04 -8.66 22.43
CA TYR C 25 -53.64 -8.95 22.78
C TYR C 25 -52.75 -7.73 23.01
N THR C 26 -51.91 -7.83 24.05
CA THR C 26 -50.99 -6.76 24.43
C THR C 26 -49.62 -7.30 24.82
N PRO C 27 -48.55 -6.68 24.31
CA PRO C 27 -47.18 -7.07 24.64
C PRO C 27 -46.87 -7.03 26.14
N LYS C 28 -46.29 -8.12 26.62
CA LYS C 28 -45.82 -8.23 28.00
C LYS C 28 -44.64 -7.31 28.26
N ARG C 29 -44.00 -6.81 27.21
CA ARG C 29 -42.82 -5.95 27.39
C ARG C 29 -42.29 -5.29 26.13
N ARG C 30 -41.61 -4.17 26.33
CA ARG C 30 -41.03 -3.37 25.25
C ARG C 30 -39.51 -3.34 25.33
N GLY C 31 -38.86 -2.98 24.23
CA GLY C 31 -37.41 -2.82 24.22
C GLY C 31 -36.61 -4.08 23.96
N TRP C 32 -35.32 -3.88 23.78
CA TRP C 32 -34.36 -4.95 23.51
C TRP C 32 -33.68 -5.39 24.81
N THR C 33 -33.34 -6.68 24.91
CA THR C 33 -32.66 -7.21 26.09
C THR C 33 -31.35 -7.85 25.72
N TRP C 34 -30.29 -7.56 26.48
CA TRP C 34 -28.99 -8.21 26.34
C TRP C 34 -28.81 -9.36 27.32
N ARG C 35 -28.02 -10.35 26.93
CA ARG C 35 -27.76 -11.47 27.81
C ARG C 35 -26.97 -10.95 29.01
N GLN C 36 -27.20 -11.56 30.16
CA GLN C 36 -26.56 -11.11 31.37
C GLN C 36 -25.33 -11.94 31.60
N PRO C 37 -24.17 -11.29 31.79
CA PRO C 37 -22.94 -12.02 32.13
C PRO C 37 -23.06 -12.86 33.41
N ALA C 38 -22.38 -14.01 33.43
CA ALA C 38 -22.29 -14.86 34.60
C ALA C 38 -20.81 -15.16 34.87
N GLU C 39 -20.21 -14.36 35.75
CA GLU C 39 -18.78 -14.47 36.07
C GLU C 39 -18.40 -15.83 36.66
N ASN C 40 -17.23 -16.32 36.27
CA ASN C 40 -16.72 -17.56 36.81
C ASN C 40 -17.83 -18.55 37.19
N LEU C 41 -18.65 -18.89 36.20
CA LEU C 41 -19.83 -19.73 36.42
C LEU C 41 -19.50 -21.22 36.41
N GLN C 42 -19.82 -21.93 37.48
CA GLN C 42 -19.59 -23.38 37.47
C GLN C 42 -20.71 -24.16 36.79
N MET C 43 -20.37 -24.97 35.80
CA MET C 43 -21.33 -25.92 35.24
C MET C 43 -20.66 -27.27 35.14
N GLY C 44 -21.33 -28.31 35.63
CA GLY C 44 -20.67 -29.60 35.76
C GLY C 44 -19.27 -29.38 36.31
N PRO C 45 -18.27 -30.03 35.70
CA PRO C 45 -16.91 -30.06 36.24
C PRO C 45 -16.14 -28.79 36.00
N PHE C 46 -16.64 -27.94 35.10
CA PHE C 46 -15.84 -26.85 34.57
C PHE C 46 -16.24 -25.46 35.07
N ILE C 47 -15.39 -24.49 34.76
CA ILE C 47 -15.64 -23.08 35.05
C ILE C 47 -15.51 -22.28 33.74
N TYR C 48 -16.33 -21.26 33.56
CA TYR C 48 -16.29 -20.49 32.32
C TYR C 48 -15.93 -19.03 32.57
N LYS C 49 -15.09 -18.47 31.72
CA LYS C 49 -14.73 -17.06 31.82
C LYS C 49 -15.76 -16.17 31.11
N ASP C 50 -16.37 -16.67 30.03
CA ASP C 50 -17.21 -15.82 29.18
C ASP C 50 -18.58 -16.39 28.97
N ALA C 51 -19.19 -16.86 30.04
CA ALA C 51 -20.55 -17.35 29.92
C ALA C 51 -21.56 -16.36 30.48
N SER C 52 -22.82 -16.57 30.09
CA SER C 52 -23.95 -15.80 30.57
C SER C 52 -24.88 -16.74 31.34
N THR C 53 -25.89 -16.16 32.00
CA THR C 53 -26.94 -16.88 32.68
C THR C 53 -27.38 -18.08 31.84
N PRO C 54 -27.49 -19.26 32.46
CA PRO C 54 -28.00 -20.45 31.78
C PRO C 54 -29.52 -20.51 31.70
N LEU C 55 -30.00 -21.27 30.74
CA LEU C 55 -31.43 -21.43 30.55
C LEU C 55 -32.05 -22.36 31.59
N GLU C 56 -33.31 -22.08 31.92
CA GLU C 56 -34.06 -22.96 32.78
C GLU C 56 -34.55 -24.18 32.05
N ASN C 57 -34.84 -24.04 30.76
CA ASN C 57 -35.19 -25.20 29.93
C ASN C 57 -34.56 -25.21 28.55
N SER C 58 -33.53 -26.03 28.38
CA SER C 58 -32.77 -26.03 27.13
C SER C 58 -32.67 -27.38 26.46
N VAL C 59 -31.93 -27.41 25.37
CA VAL C 59 -31.48 -28.66 24.80
C VAL C 59 -29.96 -28.56 24.65
N ALA C 60 -29.26 -29.38 25.42
CA ALA C 60 -27.81 -29.33 25.47
C ALA C 60 -27.21 -29.91 24.18
N LEU C 61 -25.99 -29.49 23.87
CA LEU C 61 -25.29 -30.03 22.72
C LEU C 61 -25.27 -31.52 22.88
N PRO C 62 -25.38 -32.25 21.77
CA PRO C 62 -25.41 -33.70 21.86
C PRO C 62 -24.31 -34.20 22.78
N SER C 63 -23.08 -33.72 22.59
CA SER C 63 -21.96 -34.27 23.33
C SER C 63 -21.90 -33.86 24.81
N ALA C 64 -22.97 -33.21 25.28
CA ALA C 64 -22.99 -32.78 26.67
C ALA C 64 -23.22 -33.98 27.60
N LYS C 65 -23.72 -35.08 27.04
CA LYS C 65 -23.92 -36.29 27.83
C LYS C 65 -22.66 -36.72 28.63
N TYR C 66 -21.47 -36.46 28.09
CA TYR C 66 -20.25 -36.83 28.79
C TYR C 66 -19.92 -35.86 29.92
N PHE C 67 -20.64 -34.75 29.99
CA PHE C 67 -20.31 -33.71 30.96
C PHE C 67 -21.54 -33.28 31.77
N GLY C 68 -22.33 -34.23 32.23
CA GLY C 68 -23.42 -33.91 33.12
C GLY C 68 -24.46 -33.02 32.47
N ASP C 69 -24.66 -33.25 31.19
CA ASP C 69 -25.64 -32.55 30.35
C ASP C 69 -25.70 -31.05 30.41
N ILE C 70 -24.61 -30.42 30.81
CA ILE C 70 -24.57 -28.98 30.90
C ILE C 70 -24.87 -28.37 29.53
N ASP C 71 -25.46 -27.17 29.55
CA ASP C 71 -25.72 -26.40 28.33
C ASP C 71 -25.41 -24.93 28.61
N PRO C 72 -24.13 -24.57 28.68
CA PRO C 72 -23.69 -23.21 29.04
C PRO C 72 -23.96 -22.23 27.91
N GLN C 73 -24.31 -20.98 28.21
CA GLN C 73 -24.69 -20.02 27.17
C GLN C 73 -23.66 -18.90 27.01
N PRO C 74 -23.23 -18.63 25.76
CA PRO C 74 -22.24 -17.59 25.49
C PRO C 74 -22.74 -16.16 25.69
N LEU C 75 -21.82 -15.21 25.76
CA LEU C 75 -22.12 -13.82 26.01
C LEU C 75 -23.08 -13.17 25.04
N PRO C 76 -22.88 -13.41 23.74
CA PRO C 76 -23.66 -12.56 22.85
C PRO C 76 -25.04 -13.14 22.52
N VAL C 77 -25.96 -12.24 22.21
CA VAL C 77 -27.30 -12.61 21.79
C VAL C 77 -27.18 -13.30 20.46
N ILE C 78 -27.97 -14.35 20.28
CA ILE C 78 -27.79 -15.29 19.17
C ILE C 78 -29.03 -15.27 18.26
N THR C 79 -28.84 -14.88 17.01
CA THR C 79 -29.95 -14.71 16.11
C THR C 79 -30.26 -15.97 15.29
N THR C 80 -31.47 -16.03 14.78
CA THR C 80 -31.86 -17.04 13.82
C THR C 80 -33.04 -16.52 13.02
N GLU C 81 -33.04 -16.85 11.74
CA GLU C 81 -33.99 -16.32 10.80
C GLU C 81 -35.03 -17.37 10.52
N ILE C 82 -36.21 -17.22 11.11
CA ILE C 82 -37.37 -18.01 10.76
C ILE C 82 -38.39 -17.13 10.01
N ALA C 83 -38.78 -17.58 8.82
CA ALA C 83 -39.78 -16.91 8.00
C ALA C 83 -39.94 -17.78 6.76
N SER C 84 -41.04 -18.53 6.68
CA SER C 84 -41.20 -19.50 5.60
C SER C 84 -42.29 -19.14 4.62
N GLY C 85 -43.02 -18.09 4.92
CA GLY C 85 -44.19 -17.71 4.15
C GLY C 85 -45.42 -17.90 4.99
N ARG C 86 -45.43 -18.96 5.78
CA ARG C 86 -46.56 -19.23 6.64
C ARG C 86 -46.15 -18.93 8.06
N PHE C 87 -46.34 -17.68 8.48
CA PHE C 87 -45.92 -17.30 9.83
C PHE C 87 -46.36 -18.37 10.82
N GLU C 88 -47.47 -19.04 10.53
CA GLU C 88 -48.10 -19.92 11.52
C GLU C 88 -47.32 -21.19 11.82
N ASP C 89 -46.69 -21.78 10.81
CA ASP C 89 -45.84 -22.95 11.00
C ASP C 89 -44.59 -22.48 11.73
N ASP C 90 -44.20 -21.25 11.42
CA ASP C 90 -42.94 -20.70 11.88
C ASP C 90 -42.85 -20.64 13.39
N ILE C 91 -44.00 -20.47 14.03
CA ILE C 91 -44.03 -20.34 15.49
C ILE C 91 -43.55 -21.63 16.15
N ARG C 92 -43.62 -22.72 15.41
CA ARG C 92 -43.12 -23.97 15.95
C ARG C 92 -41.58 -24.03 15.88
N ARG C 93 -41.00 -23.80 14.70
CA ARG C 93 -39.55 -23.75 14.58
C ARG C 93 -39.00 -22.76 15.61
N MET C 94 -39.74 -21.68 15.81
CA MET C 94 -39.32 -20.68 16.75
C MET C 94 -39.10 -21.34 18.08
N ARG C 95 -40.05 -22.14 18.51
CA ARG C 95 -39.92 -22.77 19.80
C ARG C 95 -38.71 -23.68 19.85
N MET C 96 -38.53 -24.49 18.80
CA MET C 96 -37.35 -25.37 18.68
C MET C 96 -36.04 -24.60 18.82
N ALA C 97 -35.96 -23.42 18.22
CA ALA C 97 -34.74 -22.64 18.28
C ALA C 97 -34.47 -22.01 19.66
N ALA C 98 -35.52 -21.50 20.29
CA ALA C 98 -35.40 -20.87 21.60
C ALA C 98 -34.74 -21.86 22.54
N TRP C 99 -35.05 -23.14 22.34
CA TRP C 99 -34.55 -24.20 23.20
C TRP C 99 -33.08 -24.44 22.92
N HIS C 100 -32.70 -24.36 21.65
CA HIS C 100 -31.32 -24.54 21.24
C HIS C 100 -30.47 -23.32 21.48
N GLY C 101 -31.09 -22.30 22.05
CA GLY C 101 -30.37 -21.23 22.71
C GLY C 101 -30.51 -19.91 22.01
N ALA C 102 -31.40 -19.85 21.03
CA ALA C 102 -31.59 -18.65 20.25
C ALA C 102 -32.51 -17.66 20.99
N ASP C 103 -32.01 -16.44 21.20
CA ASP C 103 -32.83 -15.37 21.80
C ASP C 103 -32.96 -14.11 20.93
N HIS C 104 -32.98 -14.30 19.62
CA HIS C 104 -33.21 -13.24 18.67
C HIS C 104 -33.86 -13.87 17.45
N ILE C 105 -35.13 -13.58 17.20
CA ILE C 105 -35.84 -14.19 16.09
C ILE C 105 -36.12 -13.13 15.01
N MET C 106 -35.46 -13.26 13.87
CA MET C 106 -35.60 -12.29 12.80
C MET C 106 -36.59 -12.82 11.79
N VAL C 107 -37.60 -12.02 11.45
CA VAL C 107 -38.55 -12.43 10.43
C VAL C 107 -38.36 -11.57 9.20
N ILE C 108 -37.88 -12.17 8.12
CA ILE C 108 -37.68 -11.43 6.90
C ILE C 108 -39.03 -11.23 6.20
N ARG C 109 -39.24 -10.04 5.66
CA ARG C 109 -40.52 -9.71 5.05
C ARG C 109 -40.76 -10.41 3.71
N THR C 110 -41.98 -10.31 3.18
CA THR C 110 -42.32 -10.94 1.91
C THR C 110 -41.76 -10.13 0.74
N ALA C 111 -41.52 -10.77 -0.40
CA ALA C 111 -40.81 -10.17 -1.54
C ALA C 111 -41.27 -8.75 -1.86
N GLY C 112 -40.36 -7.80 -1.65
CA GLY C 112 -40.67 -6.39 -1.80
C GLY C 112 -41.92 -5.88 -1.07
N GLN C 113 -41.99 -6.08 0.25
CA GLN C 113 -42.99 -5.36 1.04
C GLN C 113 -42.49 -3.93 1.13
N SER C 114 -41.19 -3.77 0.84
CA SER C 114 -40.54 -2.46 0.73
C SER C 114 -41.37 -1.57 -0.16
N HIS C 115 -41.95 -2.16 -1.20
CA HIS C 115 -42.64 -1.41 -2.23
C HIS C 115 -44.09 -1.18 -1.86
N TYR C 116 -44.54 -1.80 -0.77
CA TYR C 116 -45.90 -1.59 -0.27
C TYR C 116 -46.01 -0.25 0.43
N ASP C 117 -46.76 0.67 -0.17
CA ASP C 117 -46.92 2.07 0.29
C ASP C 117 -48.02 2.19 1.34
N GLY C 118 -47.81 1.53 2.48
CA GLY C 118 -48.76 1.51 3.58
C GLY C 118 -48.70 0.15 4.26
N LEU C 119 -49.20 0.08 5.49
CA LEU C 119 -49.27 -1.17 6.25
C LEU C 119 -50.01 -2.25 5.47
N ILE C 120 -49.74 -3.51 5.75
CA ILE C 120 -50.68 -4.52 5.29
C ILE C 120 -51.39 -5.20 6.45
N GLU C 121 -52.44 -5.95 6.13
CA GLU C 121 -53.35 -6.38 7.16
C GLU C 121 -53.72 -7.84 6.96
N GLY C 122 -53.78 -8.59 8.06
CA GLY C 122 -54.24 -9.96 7.99
C GLY C 122 -53.13 -11.00 7.99
N THR C 123 -53.26 -11.97 7.10
CA THR C 123 -52.33 -13.09 7.08
C THR C 123 -52.31 -13.80 5.72
N PRO C 124 -52.09 -13.05 4.64
CA PRO C 124 -51.89 -13.70 3.33
C PRO C 124 -50.58 -14.47 3.30
N GLN C 125 -50.50 -15.47 2.43
CA GLN C 125 -49.30 -16.26 2.34
C GLN C 125 -48.13 -15.45 1.80
N GLY C 126 -46.93 -15.71 2.29
CA GLY C 126 -45.78 -14.94 1.85
C GLY C 126 -45.10 -15.52 0.65
N ILE C 127 -44.43 -14.67 -0.12
CA ILE C 127 -43.57 -15.13 -1.21
C ILE C 127 -42.14 -14.75 -0.83
N GLY C 128 -41.37 -15.75 -0.37
CA GLY C 128 -39.98 -15.55 0.02
C GLY C 128 -39.79 -14.96 1.42
N GLY C 129 -40.87 -14.90 2.18
CA GLY C 129 -40.84 -14.35 3.51
C GLY C 129 -42.25 -14.12 4.00
N VAL C 130 -42.37 -13.52 5.18
CA VAL C 130 -43.67 -13.37 5.80
C VAL C 130 -44.25 -11.97 5.55
N PRO C 131 -45.51 -11.91 5.08
CA PRO C 131 -46.19 -10.60 5.01
C PRO C 131 -46.33 -10.08 6.42
N ILE C 132 -45.60 -9.00 6.72
CA ILE C 132 -45.55 -8.48 8.06
C ILE C 132 -46.75 -7.60 8.28
N THR C 133 -47.58 -8.01 9.24
CA THR C 133 -48.85 -7.32 9.52
C THR C 133 -49.20 -7.36 11.00
N ARG C 134 -49.88 -6.33 11.48
CA ARG C 134 -50.21 -6.27 12.90
C ARG C 134 -50.78 -7.61 13.42
N LYS C 135 -51.53 -8.31 12.57
CA LYS C 135 -52.11 -9.58 12.97
C LYS C 135 -51.01 -10.59 13.24
N GLN C 136 -50.15 -10.80 12.23
CA GLN C 136 -49.07 -11.78 12.32
C GLN C 136 -48.09 -11.45 13.43
N VAL C 137 -47.72 -10.17 13.52
CA VAL C 137 -46.78 -9.73 14.53
C VAL C 137 -47.30 -10.14 15.91
N ARG C 138 -48.57 -9.83 16.19
CA ARG C 138 -49.18 -10.10 17.49
C ARG C 138 -49.14 -11.58 17.85
N ALA C 139 -49.56 -12.43 16.89
CA ALA C 139 -49.54 -13.88 17.07
C ALA C 139 -48.17 -14.33 17.52
N GLN C 140 -47.16 -13.98 16.74
CA GLN C 140 -45.83 -14.44 17.07
C GLN C 140 -45.32 -13.88 18.39
N ARG C 141 -45.57 -12.59 18.64
CA ARG C 141 -45.04 -11.98 19.84
C ARG C 141 -45.71 -12.59 21.09
N LYS C 142 -46.96 -12.99 20.92
CA LYS C 142 -47.75 -13.70 21.92
C LYS C 142 -47.14 -15.07 22.25
N ALA C 143 -46.83 -15.85 21.22
CA ALA C 143 -46.19 -17.15 21.39
C ALA C 143 -44.77 -16.98 21.97
N LEU C 144 -44.03 -16.02 21.45
CA LEU C 144 -42.72 -15.77 21.98
C LEU C 144 -42.79 -15.43 23.48
N ASP C 145 -43.87 -14.77 23.89
CA ASP C 145 -44.13 -14.48 25.30
C ASP C 145 -44.20 -15.78 26.13
N LEU C 146 -44.97 -16.74 25.63
CA LEU C 146 -45.00 -18.05 26.23
C LEU C 146 -43.60 -18.64 26.15
N ILE C 147 -43.17 -18.92 24.91
CA ILE C 147 -41.90 -19.59 24.66
C ILE C 147 -40.76 -19.04 25.48
N GLU C 148 -40.70 -17.71 25.63
CA GLU C 148 -39.59 -17.10 26.34
C GLU C 148 -39.67 -17.39 27.83
N GLU C 149 -40.89 -17.58 28.32
CA GLU C 149 -41.12 -17.87 29.73
C GLU C 149 -40.78 -19.33 30.02
N GLU C 150 -41.11 -20.20 29.06
CA GLU C 150 -40.82 -21.60 29.18
C GLU C 150 -39.33 -21.76 29.41
N VAL C 151 -38.53 -21.14 28.53
CA VAL C 151 -37.08 -21.34 28.53
C VAL C 151 -36.36 -20.49 29.56
N GLY C 152 -36.98 -19.41 30.03
CA GLY C 152 -36.44 -18.67 31.15
C GLY C 152 -35.47 -17.54 30.85
N ARG C 153 -35.63 -16.93 29.68
CA ARG C 153 -34.84 -15.75 29.35
C ARG C 153 -35.51 -15.06 28.19
N PRO C 154 -35.54 -13.72 28.20
CA PRO C 154 -36.29 -12.98 27.19
C PRO C 154 -35.78 -13.23 25.74
N ILE C 155 -36.71 -13.42 24.82
CA ILE C 155 -36.39 -13.55 23.40
C ILE C 155 -36.71 -12.30 22.57
N ASN C 156 -35.71 -11.72 21.91
CA ASN C 156 -35.90 -10.52 21.09
C ASN C 156 -36.58 -10.78 19.73
N TYR C 157 -37.68 -10.07 19.47
CA TYR C 157 -38.41 -10.22 18.22
C TYR C 157 -38.00 -9.13 17.25
N HIS C 158 -37.87 -9.49 15.97
CA HIS C 158 -37.17 -8.63 15.02
C HIS C 158 -37.73 -8.78 13.61
N SER C 159 -37.85 -7.65 12.93
CA SER C 159 -38.19 -7.62 11.51
C SER C 159 -37.66 -6.34 10.86
N TYR C 160 -38.14 -6.04 9.66
CA TYR C 160 -37.55 -4.94 8.92
C TYR C 160 -38.46 -3.71 8.84
N VAL C 161 -37.88 -2.54 9.09
CA VAL C 161 -38.60 -1.28 9.02
C VAL C 161 -38.39 -0.54 7.68
N SER C 162 -37.72 -1.18 6.74
CA SER C 162 -37.44 -0.54 5.46
C SER C 162 -38.66 -0.35 4.57
N GLY C 163 -38.42 0.20 3.39
CA GLY C 163 -39.48 0.38 2.39
C GLY C 163 -39.92 1.83 2.29
N VAL C 164 -40.97 2.06 1.50
CA VAL C 164 -41.51 3.41 1.34
C VAL C 164 -42.54 3.72 2.42
N ALA C 165 -42.75 2.78 3.33
CA ALA C 165 -43.72 2.94 4.41
C ALA C 165 -43.04 2.68 5.73
N GLY C 166 -41.97 3.42 6.00
CA GLY C 166 -41.17 3.19 7.19
C GLY C 166 -41.88 3.62 8.46
N PRO C 167 -42.29 4.89 8.52
CA PRO C 167 -43.08 5.34 9.68
C PRO C 167 -44.33 4.46 9.92
N ASP C 168 -45.15 4.23 8.91
CA ASP C 168 -46.24 3.27 9.02
C ASP C 168 -45.77 2.07 9.86
N ILE C 169 -44.87 1.26 9.26
CA ILE C 169 -44.39 0.00 9.84
C ILE C 169 -43.77 0.18 11.20
N ALA C 170 -43.06 1.28 11.38
CA ALA C 170 -42.36 1.56 12.63
C ALA C 170 -43.34 1.84 13.76
N VAL C 171 -44.39 2.61 13.45
CA VAL C 171 -45.46 2.85 14.41
C VAL C 171 -46.03 1.54 14.96
N MET C 172 -46.43 0.67 14.04
CA MET C 172 -47.06 -0.60 14.37
C MET C 172 -46.15 -1.57 15.12
N PHE C 173 -44.84 -1.34 15.02
CA PHE C 173 -43.83 -2.15 15.65
C PHE C 173 -43.67 -1.70 17.09
N ALA C 174 -43.69 -0.39 17.27
CA ALA C 174 -43.58 0.24 18.59
C ALA C 174 -44.87 0.00 19.40
N GLU C 175 -45.98 -0.09 18.68
CA GLU C 175 -47.26 -0.44 19.31
C GLU C 175 -47.17 -1.88 19.82
N GLU C 176 -46.86 -2.81 18.91
CA GLU C 176 -46.82 -4.25 19.19
C GLU C 176 -45.59 -4.81 19.91
N GLY C 177 -44.70 -3.95 20.38
CA GLY C 177 -43.54 -4.37 21.14
C GLY C 177 -42.55 -5.28 20.40
N VAL C 178 -42.13 -4.87 19.21
CA VAL C 178 -41.00 -5.53 18.54
C VAL C 178 -39.69 -4.98 19.12
N ASN C 179 -38.78 -5.85 19.55
CA ASN C 179 -37.60 -5.40 20.29
C ASN C 179 -36.42 -4.90 19.45
N GLY C 180 -36.42 -5.23 18.16
CA GLY C 180 -35.38 -4.73 17.30
C GLY C 180 -35.79 -4.73 15.87
N ALA C 181 -35.13 -3.92 15.08
CA ALA C 181 -35.40 -3.91 13.65
C ALA C 181 -34.25 -3.34 12.83
N HIS C 182 -34.28 -3.62 11.54
CA HIS C 182 -33.35 -3.05 10.57
C HIS C 182 -33.86 -1.69 10.15
N GLN C 183 -33.02 -0.68 10.18
CA GLN C 183 -33.41 0.57 9.53
C GLN C 183 -32.18 1.33 9.00
N ASP C 184 -32.12 1.50 7.68
CA ASP C 184 -30.98 2.18 7.07
C ASP C 184 -31.47 2.81 5.80
N PRO C 185 -31.69 4.12 5.81
CA PRO C 185 -32.21 4.77 4.60
C PRO C 185 -31.35 4.47 3.36
N GLN C 186 -30.09 4.09 3.56
CA GLN C 186 -29.19 3.78 2.45
C GLN C 186 -29.63 2.48 1.78
N TYR C 187 -30.25 1.60 2.55
CA TYR C 187 -30.82 0.41 1.97
C TYR C 187 -31.87 0.79 0.93
N ASN C 188 -32.81 1.64 1.32
CA ASN C 188 -33.92 2.03 0.46
C ASN C 188 -33.47 2.61 -0.87
N VAL C 189 -32.40 3.39 -0.82
CA VAL C 189 -31.91 4.09 -2.00
C VAL C 189 -31.09 3.16 -2.88
N LEU C 190 -29.98 2.66 -2.33
CA LEU C 190 -29.10 1.79 -3.09
C LEU C 190 -29.78 0.54 -3.69
N TYR C 191 -30.40 -0.26 -2.83
CA TYR C 191 -30.84 -1.61 -3.22
C TYR C 191 -32.32 -1.76 -3.62
N ARG C 192 -33.18 -0.83 -3.18
CA ARG C 192 -34.61 -0.89 -3.50
C ARG C 192 -35.08 0.22 -4.45
N ASN C 193 -34.16 1.11 -4.80
CA ASN C 193 -34.44 2.25 -5.67
C ASN C 193 -35.58 3.12 -5.18
N ILE C 194 -35.72 3.23 -3.87
CA ILE C 194 -36.66 4.17 -3.34
C ILE C 194 -36.00 5.52 -3.47
N ASN C 195 -36.82 6.57 -3.54
CA ASN C 195 -36.34 7.95 -3.73
C ASN C 195 -35.50 8.41 -2.57
N MET C 196 -34.35 8.99 -2.86
CA MET C 196 -33.38 9.34 -1.82
C MET C 196 -33.90 10.38 -0.82
N ILE C 197 -34.53 11.44 -1.31
CA ILE C 197 -35.06 12.49 -0.44
C ILE C 197 -36.19 11.94 0.43
N ARG C 198 -37.15 11.30 -0.22
CA ARG C 198 -38.24 10.61 0.47
C ARG C 198 -37.64 9.73 1.55
N SER C 199 -36.79 8.80 1.12
CA SER C 199 -36.20 7.81 2.01
C SER C 199 -35.58 8.40 3.27
N PHE C 200 -34.64 9.33 3.08
CA PHE C 200 -33.96 9.90 4.22
C PHE C 200 -34.88 10.70 5.14
N ILE C 201 -35.90 11.33 4.60
CA ILE C 201 -36.85 12.06 5.44
C ILE C 201 -37.69 11.13 6.32
N ASP C 202 -38.38 10.16 5.71
CA ASP C 202 -39.08 9.13 6.46
C ASP C 202 -38.21 8.52 7.58
N ALA C 203 -36.93 8.35 7.34
CA ALA C 203 -36.10 7.62 8.27
C ALA C 203 -36.00 8.38 9.58
N CYS C 204 -36.04 9.70 9.46
CA CYS C 204 -35.95 10.56 10.65
C CYS C 204 -37.13 10.25 11.55
N GLU C 205 -38.29 10.08 10.93
CA GLU C 205 -39.48 9.69 11.66
C GLU C 205 -39.34 8.27 12.21
N SER C 206 -39.19 7.29 11.31
CA SER C 206 -39.03 5.88 11.66
C SER C 206 -38.06 5.70 12.83
N LYS C 207 -36.86 6.25 12.69
CA LYS C 207 -35.81 6.13 13.70
C LYS C 207 -36.22 6.79 15.02
N THR C 208 -37.11 7.78 14.97
CA THR C 208 -37.65 8.40 16.17
C THR C 208 -38.65 7.48 16.90
N ILE C 209 -39.67 7.02 16.17
CA ILE C 209 -40.57 6.01 16.71
C ILE C 209 -39.75 4.88 17.38
N MET C 210 -38.74 4.35 16.69
CA MET C 210 -37.84 3.31 17.22
C MET C 210 -37.05 3.66 18.48
N ALA C 211 -36.58 4.90 18.60
CA ALA C 211 -35.83 5.26 19.81
C ALA C 211 -36.78 5.29 20.98
N TRP C 212 -38.03 5.62 20.69
CA TRP C 212 -39.06 5.62 21.72
C TRP C 212 -39.31 4.19 22.24
N ALA C 213 -39.48 3.25 21.32
CA ALA C 213 -39.85 1.89 21.71
C ALA C 213 -38.66 1.17 22.32
N ASP C 214 -37.60 1.95 22.56
CA ASP C 214 -36.30 1.46 23.05
C ASP C 214 -35.77 0.25 22.26
N MET C 215 -35.80 0.33 20.94
CA MET C 215 -35.41 -0.83 20.12
C MET C 215 -33.93 -0.81 19.73
N ALA C 216 -33.40 -1.97 19.37
CA ALA C 216 -32.08 -2.01 18.77
C ALA C 216 -32.21 -1.88 17.26
N GLN C 217 -31.28 -1.14 16.66
CA GLN C 217 -31.31 -0.96 15.23
C GLN C 217 -30.13 -1.68 14.60
N ILE C 218 -30.41 -2.40 13.52
CA ILE C 218 -29.39 -3.03 12.70
C ILE C 218 -29.40 -2.37 11.32
N ASP C 219 -28.21 -1.98 10.82
CA ASP C 219 -28.10 -1.34 9.51
C ASP C 219 -27.98 -2.39 8.39
N GLY C 220 -27.89 -1.93 7.14
CA GLY C 220 -27.91 -2.83 6.00
C GLY C 220 -26.59 -2.93 5.26
N ALA C 221 -25.54 -2.34 5.82
CA ALA C 221 -24.21 -2.39 5.21
C ALA C 221 -23.85 -3.74 4.57
N HIS C 222 -24.15 -4.82 5.26
CA HIS C 222 -23.85 -6.16 4.76
C HIS C 222 -24.57 -6.50 3.45
N ASN C 223 -25.40 -5.59 2.96
CA ASN C 223 -26.01 -5.79 1.64
C ASN C 223 -24.93 -5.49 0.62
N ALA C 224 -24.03 -4.60 1.01
CA ALA C 224 -22.87 -4.21 0.22
C ALA C 224 -21.93 -5.39 -0.06
N ASN C 225 -21.82 -6.29 0.90
CA ASN C 225 -21.15 -7.56 0.71
C ASN C 225 -21.73 -8.29 -0.50
N ALA C 226 -22.99 -8.68 -0.39
CA ALA C 226 -23.73 -9.32 -1.49
C ALA C 226 -23.44 -8.69 -2.86
N THR C 227 -23.78 -7.42 -3.02
CA THR C 227 -23.80 -6.79 -4.34
C THR C 227 -22.43 -6.43 -4.96
N ALA C 228 -21.35 -6.55 -4.19
CA ALA C 228 -19.99 -6.31 -4.70
C ALA C 228 -19.52 -7.48 -5.55
N ARG C 229 -18.78 -7.19 -6.61
CA ARG C 229 -18.18 -8.26 -7.42
C ARG C 229 -17.23 -9.06 -6.55
N GLU C 230 -16.27 -8.36 -5.94
CA GLU C 230 -15.34 -9.01 -5.04
C GLU C 230 -15.40 -8.36 -3.67
N ALA C 231 -15.82 -9.15 -2.68
CA ALA C 231 -16.16 -8.64 -1.37
C ALA C 231 -14.99 -8.07 -0.59
N TRP C 232 -13.77 -8.42 -0.96
CA TRP C 232 -12.61 -7.92 -0.22
C TRP C 232 -12.21 -6.50 -0.63
N LYS C 233 -12.78 -6.01 -1.72
CA LYS C 233 -12.52 -4.63 -2.20
C LYS C 233 -13.56 -3.62 -1.69
N VAL C 234 -14.55 -4.10 -0.95
CA VAL C 234 -15.71 -3.27 -0.60
C VAL C 234 -15.62 -2.67 0.80
N MET C 235 -14.56 -3.00 1.54
CA MET C 235 -14.43 -2.55 2.91
C MET C 235 -14.45 -1.01 3.10
N PRO C 236 -13.74 -0.25 2.24
CA PRO C 236 -13.88 1.19 2.38
C PRO C 236 -15.35 1.58 2.40
N GLU C 237 -16.14 1.11 1.44
CA GLU C 237 -17.54 1.50 1.36
C GLU C 237 -18.39 1.07 2.59
N LEU C 238 -18.11 -0.09 3.12
CA LEU C 238 -18.79 -0.53 4.32
C LEU C 238 -18.59 0.52 5.42
N MET C 239 -17.34 0.87 5.68
CA MET C 239 -17.05 1.80 6.75
C MET C 239 -17.82 3.10 6.59
N VAL C 240 -17.86 3.62 5.38
CA VAL C 240 -18.65 4.79 5.09
C VAL C 240 -20.12 4.53 5.44
N GLN C 241 -20.69 3.48 4.84
CA GLN C 241 -22.09 3.14 5.08
C GLN C 241 -22.44 3.02 6.56
N HIS C 242 -21.63 2.33 7.33
CA HIS C 242 -21.92 2.23 8.75
C HIS C 242 -21.91 3.62 9.35
N ALA C 243 -20.86 4.38 9.00
CA ALA C 243 -20.68 5.73 9.53
C ALA C 243 -21.89 6.61 9.25
N LEU C 244 -22.29 6.71 7.99
CA LEU C 244 -23.39 7.56 7.63
C LEU C 244 -24.63 7.19 8.45
N ASN C 245 -24.99 5.91 8.49
CA ASN C 245 -26.21 5.53 9.22
C ASN C 245 -26.11 5.64 10.74
N SER C 246 -24.95 5.31 11.27
CA SER C 246 -24.74 5.40 12.71
C SER C 246 -24.83 6.86 13.18
N ILE C 247 -23.96 7.71 12.66
CA ILE C 247 -23.92 9.13 13.01
C ILE C 247 -25.29 9.77 12.80
N PHE C 248 -25.98 9.34 11.76
CA PHE C 248 -27.34 9.79 11.46
C PHE C 248 -28.30 9.40 12.59
N SER C 249 -28.29 8.11 12.93
CA SER C 249 -29.14 7.58 13.99
C SER C 249 -28.86 8.30 15.31
N LEU C 250 -27.59 8.57 15.57
CA LEU C 250 -27.18 9.19 16.82
C LEU C 250 -27.83 10.56 17.01
N LYS C 251 -27.57 11.44 16.05
CA LYS C 251 -28.06 12.82 16.09
C LYS C 251 -29.59 12.86 16.17
N VAL C 252 -30.25 11.94 15.47
CA VAL C 252 -31.70 11.82 15.60
C VAL C 252 -32.10 11.51 17.05
N GLY C 253 -31.25 10.82 17.79
CA GLY C 253 -31.48 10.56 19.19
C GLY C 253 -31.46 9.11 19.66
N MET C 254 -31.21 8.16 18.77
CA MET C 254 -31.04 6.80 19.23
C MET C 254 -29.84 6.79 20.16
N LYS C 255 -29.82 5.83 21.08
CA LYS C 255 -28.69 5.67 21.99
C LYS C 255 -27.57 4.87 21.29
N LYS C 256 -26.32 5.19 21.58
CA LYS C 256 -25.24 4.47 20.93
C LYS C 256 -25.37 2.98 21.22
N SER C 257 -25.76 2.66 22.45
CA SER C 257 -25.95 1.27 22.84
C SER C 257 -27.02 0.55 22.01
N ASN C 258 -27.80 1.30 21.23
CA ASN C 258 -28.87 0.70 20.44
C ASN C 258 -28.59 0.64 18.94
N ILE C 259 -27.51 1.29 18.54
CA ILE C 259 -27.10 1.34 17.15
C ILE C 259 -26.13 0.18 16.88
N CYS C 260 -26.57 -0.70 15.98
CA CYS C 260 -25.87 -1.96 15.73
C CYS C 260 -25.43 -2.05 14.30
N LEU C 261 -24.13 -2.16 14.09
CA LEU C 261 -23.56 -2.32 12.75
C LEU C 261 -23.69 -3.78 12.28
N SER C 262 -24.33 -3.99 11.15
CA SER C 262 -24.43 -5.31 10.56
C SER C 262 -23.12 -5.65 9.81
N THR C 263 -22.27 -6.47 10.43
CA THR C 263 -20.94 -6.67 9.90
C THR C 263 -20.58 -8.15 9.62
N VAL C 264 -20.57 -8.48 8.33
CA VAL C 264 -20.14 -9.80 7.87
C VAL C 264 -18.67 -9.81 7.39
N PRO C 265 -17.84 -10.68 8.00
CA PRO C 265 -16.48 -10.94 7.52
C PRO C 265 -16.56 -11.30 6.04
N PRO C 266 -16.00 -10.46 5.18
CA PRO C 266 -16.31 -10.45 3.75
C PRO C 266 -15.75 -11.58 2.90
N THR C 267 -14.89 -12.45 3.39
CA THR C 267 -14.39 -13.55 2.53
C THR C 267 -14.53 -14.92 3.18
N ALA C 268 -14.31 -15.95 2.37
CA ALA C 268 -14.32 -17.33 2.83
C ALA C 268 -13.30 -18.12 2.04
N PRO C 269 -12.92 -19.30 2.52
CA PRO C 269 -11.93 -20.15 1.84
C PRO C 269 -12.39 -20.58 0.45
N PRO C 270 -11.46 -20.80 -0.50
CA PRO C 270 -9.99 -20.88 -0.38
C PRO C 270 -9.21 -19.57 -0.26
N ALA C 271 -9.89 -18.43 -0.23
CA ALA C 271 -9.22 -17.16 -0.01
C ALA C 271 -8.59 -17.14 1.38
N PRO C 272 -7.43 -16.51 1.53
CA PRO C 272 -6.89 -16.40 2.89
C PRO C 272 -7.81 -15.54 3.75
N SER C 273 -8.94 -16.10 4.19
CA SER C 273 -10.04 -15.28 4.70
C SER C 273 -9.78 -14.60 6.03
N MET C 274 -9.14 -15.28 6.96
CA MET C 274 -8.85 -14.67 8.26
C MET C 274 -7.93 -13.47 8.04
N TYR C 275 -6.89 -13.68 7.24
CA TYR C 275 -5.93 -12.63 6.93
C TYR C 275 -6.64 -11.44 6.25
N LEU C 276 -7.50 -11.70 5.29
CA LEU C 276 -8.25 -10.60 4.67
C LEU C 276 -9.20 -9.93 5.65
N ASP C 277 -9.92 -10.71 6.45
CA ASP C 277 -11.06 -10.16 7.20
C ASP C 277 -10.74 -9.62 8.61
N LEU C 278 -9.72 -10.19 9.27
CA LEU C 278 -9.45 -9.82 10.65
C LEU C 278 -9.00 -8.36 10.80
N PRO C 279 -8.25 -7.84 9.81
CA PRO C 279 -7.93 -6.42 9.83
C PRO C 279 -9.15 -5.53 9.69
N TYR C 280 -10.03 -5.79 8.73
CA TYR C 280 -11.25 -4.98 8.60
C TYR C 280 -12.10 -5.00 9.90
N ALA C 281 -12.22 -6.16 10.53
CA ALA C 281 -12.89 -6.28 11.82
C ALA C 281 -12.27 -5.38 12.91
N VAL C 282 -10.95 -5.29 12.94
CA VAL C 282 -10.29 -4.55 13.99
C VAL C 282 -10.53 -3.04 13.86
N ALA C 283 -10.32 -2.51 12.66
CA ALA C 283 -10.55 -1.10 12.38
C ALA C 283 -11.99 -0.68 12.72
N LEU C 284 -12.98 -1.46 12.28
CA LEU C 284 -14.38 -1.17 12.60
C LEU C 284 -14.65 -1.07 14.11
N ARG C 285 -14.20 -2.06 14.87
CA ARG C 285 -14.42 -2.02 16.31
C ARG C 285 -13.75 -0.77 16.87
N GLU C 286 -12.65 -0.35 16.23
CA GLU C 286 -11.83 0.75 16.72
C GLU C 286 -12.33 2.10 16.26
N MET C 287 -12.78 2.16 15.03
CA MET C 287 -13.26 3.42 14.47
C MET C 287 -14.68 3.69 14.94
N PHE C 288 -15.38 2.62 15.35
CA PHE C 288 -16.76 2.71 15.82
C PHE C 288 -16.87 2.39 17.29
N GLU C 289 -15.78 2.59 18.03
CA GLU C 289 -15.82 2.28 19.44
C GLU C 289 -17.00 2.99 20.05
N GLY C 290 -17.86 2.23 20.71
CA GLY C 290 -19.00 2.81 21.39
C GLY C 290 -20.31 2.24 20.89
N TYR C 291 -20.34 1.88 19.62
CA TYR C 291 -21.53 1.34 19.02
C TYR C 291 -21.60 -0.14 19.26
N ARG C 292 -22.70 -0.77 18.85
CA ARG C 292 -22.85 -2.22 19.00
C ARG C 292 -22.42 -2.98 17.75
N MET C 293 -21.70 -4.07 17.93
CA MET C 293 -21.31 -4.88 16.79
C MET C 293 -22.26 -6.05 16.64
N ARG C 294 -22.94 -6.10 15.51
CA ARG C 294 -23.80 -7.22 15.18
C ARG C 294 -23.14 -8.03 14.06
N ALA C 295 -22.27 -8.95 14.44
CA ALA C 295 -21.66 -9.87 13.49
C ALA C 295 -22.69 -10.75 12.82
N GLN C 296 -22.53 -10.98 11.52
CA GLN C 296 -23.42 -11.89 10.80
C GLN C 296 -22.54 -12.77 9.91
N MET C 297 -23.06 -13.90 9.44
CA MET C 297 -22.23 -14.90 8.79
C MET C 297 -22.25 -14.80 7.27
N ASN C 298 -21.24 -15.37 6.63
CA ASN C 298 -21.13 -15.37 5.18
C ASN C 298 -22.37 -15.93 4.47
N THR C 299 -22.83 -15.28 3.41
CA THR C 299 -23.81 -15.94 2.56
C THR C 299 -23.32 -15.91 1.14
N LYS C 300 -22.39 -15.00 0.86
CA LYS C 300 -21.99 -14.72 -0.52
C LYS C 300 -21.21 -15.86 -1.15
N TYR C 301 -20.20 -16.35 -0.43
CA TYR C 301 -19.33 -17.37 -0.96
C TYR C 301 -19.72 -18.75 -0.43
N MET C 302 -20.91 -19.19 -0.81
CA MET C 302 -21.54 -20.33 -0.19
C MET C 302 -22.09 -21.18 -1.31
N GLU C 303 -22.31 -22.47 -1.02
CA GLU C 303 -22.79 -23.39 -2.03
C GLU C 303 -23.72 -24.40 -1.37
N ALA C 304 -23.84 -25.58 -1.98
CA ALA C 304 -24.79 -26.59 -1.52
C ALA C 304 -24.30 -27.49 -0.39
N SER C 305 -23.00 -27.57 -0.16
CA SER C 305 -22.48 -28.37 0.94
C SER C 305 -22.75 -27.69 2.28
N THR C 306 -23.28 -28.43 3.25
CA THR C 306 -23.60 -27.82 4.53
C THR C 306 -22.42 -28.01 5.46
N ARG C 307 -21.55 -28.95 5.09
CA ARG C 307 -20.29 -29.12 5.81
C ARG C 307 -19.35 -27.93 5.55
N GLU C 308 -19.23 -27.54 4.29
CA GLU C 308 -18.44 -26.38 3.91
C GLU C 308 -18.92 -25.13 4.66
N ALA C 309 -20.23 -24.92 4.67
CA ALA C 309 -20.84 -23.72 5.20
C ALA C 309 -20.54 -23.59 6.69
N THR C 310 -20.72 -24.70 7.40
CA THR C 310 -20.55 -24.72 8.84
C THR C 310 -19.12 -24.36 9.19
N VAL C 311 -18.18 -24.92 8.44
CA VAL C 311 -16.76 -24.66 8.65
C VAL C 311 -16.40 -23.18 8.46
N THR C 312 -16.95 -22.56 7.42
CA THR C 312 -16.73 -21.14 7.22
C THR C 312 -17.38 -20.30 8.34
N HIS C 313 -18.52 -20.78 8.87
CA HIS C 313 -19.22 -20.06 9.93
C HIS C 313 -18.42 -20.14 11.21
N VAL C 314 -17.65 -21.20 11.35
CA VAL C 314 -16.87 -21.33 12.57
C VAL C 314 -15.73 -20.34 12.52
N LEU C 315 -15.18 -20.14 11.33
CA LEU C 315 -14.16 -19.12 11.14
C LEU C 315 -14.81 -17.76 11.29
N ASN C 316 -16.05 -17.61 10.83
CA ASN C 316 -16.80 -16.36 11.05
C ASN C 316 -16.86 -16.03 12.53
N LEU C 317 -17.08 -17.07 13.31
CA LEU C 317 -17.20 -16.97 14.75
C LEU C 317 -15.86 -16.63 15.39
N LEU C 318 -14.77 -17.13 14.83
CA LEU C 318 -13.44 -16.82 15.36
C LEU C 318 -13.11 -15.31 15.20
N ILE C 319 -13.52 -14.73 14.08
CA ILE C 319 -13.37 -13.30 13.89
C ILE C 319 -14.05 -12.54 15.03
N SER C 320 -15.29 -12.91 15.33
CA SER C 320 -16.08 -12.29 16.41
C SER C 320 -15.46 -12.55 17.79
N LYS C 321 -14.87 -13.73 18.01
CA LYS C 321 -14.15 -13.96 19.25
C LYS C 321 -12.92 -13.10 19.38
N LEU C 322 -12.19 -12.91 18.28
CA LEU C 322 -10.91 -12.21 18.34
C LEU C 322 -11.11 -10.71 18.42
N THR C 323 -12.35 -10.25 18.24
CA THR C 323 -12.67 -8.84 18.40
C THR C 323 -13.86 -8.64 19.34
N ARG C 324 -15.05 -8.51 18.76
CA ARG C 324 -16.22 -8.25 19.57
C ARG C 324 -17.52 -8.57 18.85
N ALA C 325 -18.47 -9.08 19.61
CA ALA C 325 -19.83 -9.28 19.11
C ALA C 325 -20.86 -9.00 20.20
N ASP C 326 -21.55 -7.86 20.11
CA ASP C 326 -22.64 -7.63 21.02
C ASP C 326 -23.77 -8.59 20.63
N ILE C 327 -24.15 -8.60 19.35
CA ILE C 327 -25.02 -9.65 18.83
C ILE C 327 -24.23 -10.52 17.88
N GLN C 328 -24.44 -11.85 17.96
CA GLN C 328 -23.98 -12.76 16.92
C GLN C 328 -25.16 -13.44 16.19
N SER C 329 -25.38 -13.05 14.93
CA SER C 329 -26.42 -13.64 14.09
C SER C 329 -25.92 -14.89 13.38
N THR C 330 -26.86 -15.67 12.85
CA THR C 330 -26.50 -16.96 12.25
C THR C 330 -27.14 -17.22 10.90
N ILE C 331 -26.39 -17.91 10.05
CA ILE C 331 -26.91 -18.39 8.79
C ILE C 331 -27.07 -19.90 8.87
N THR C 332 -28.09 -20.44 8.23
CA THR C 332 -28.29 -21.88 8.20
C THR C 332 -27.32 -22.57 7.22
N PRO C 333 -26.84 -23.76 7.57
CA PRO C 333 -25.87 -24.45 6.71
C PRO C 333 -26.44 -24.76 5.33
N ASP C 334 -27.77 -24.70 5.23
CA ASP C 334 -28.51 -25.19 4.06
C ASP C 334 -28.91 -24.04 3.14
N GLU C 335 -28.67 -22.82 3.60
CA GLU C 335 -29.03 -21.57 2.90
C GLU C 335 -28.80 -21.56 1.39
N GLY C 336 -27.66 -22.11 0.97
CA GLY C 336 -27.26 -22.06 -0.42
C GLY C 336 -27.87 -23.16 -1.27
N ARG C 337 -28.54 -24.09 -0.59
CA ARG C 337 -29.03 -25.37 -1.14
C ARG C 337 -30.55 -25.32 -1.34
N ASN C 338 -31.25 -24.69 -0.40
CA ASN C 338 -32.69 -24.70 -0.36
C ASN C 338 -33.19 -23.65 0.62
N VAL C 339 -34.51 -23.54 0.76
CA VAL C 339 -35.10 -22.67 1.74
C VAL C 339 -34.91 -23.28 3.14
N PRO C 340 -34.62 -22.46 4.14
CA PRO C 340 -34.23 -23.01 5.45
C PRO C 340 -35.23 -23.99 6.09
N TRP C 341 -34.79 -25.23 6.34
CA TRP C 341 -35.57 -26.23 7.08
C TRP C 341 -35.40 -26.05 8.59
N HIS C 342 -36.35 -26.56 9.38
CA HIS C 342 -36.26 -26.49 10.84
C HIS C 342 -34.88 -26.94 11.33
N ILE C 343 -34.49 -28.16 10.95
CA ILE C 343 -33.32 -28.79 11.53
C ILE C 343 -32.05 -27.97 11.35
N TYR C 344 -32.06 -27.13 10.33
CA TYR C 344 -30.89 -26.31 10.02
C TYR C 344 -30.81 -25.01 10.78
N ASN C 345 -31.95 -24.37 11.06
CA ASN C 345 -31.94 -23.28 12.01
C ASN C 345 -31.41 -23.83 13.32
N ILE C 346 -31.70 -25.11 13.57
CA ILE C 346 -31.15 -25.70 14.78
C ILE C 346 -29.64 -25.93 14.70
N GLU C 347 -29.15 -26.47 13.59
CA GLU C 347 -27.72 -26.59 13.34
C GLU C 347 -27.00 -25.25 13.57
N ALA C 348 -27.47 -24.20 12.92
CA ALA C 348 -26.93 -22.86 13.13
C ALA C 348 -26.80 -22.53 14.63
N CYS C 349 -27.89 -22.70 15.38
CA CYS C 349 -27.90 -22.36 16.79
C CYS C 349 -26.96 -23.23 17.59
N ASP C 350 -26.85 -24.50 17.21
CA ASP C 350 -25.96 -25.44 17.89
C ASP C 350 -24.51 -25.05 17.61
N THR C 351 -24.24 -24.80 16.34
CA THR C 351 -22.90 -24.47 15.85
C THR C 351 -22.37 -23.23 16.53
N ALA C 352 -23.19 -22.19 16.60
CA ALA C 352 -22.78 -20.93 17.18
C ALA C 352 -22.46 -21.03 18.68
N LYS C 353 -23.23 -21.78 19.45
CA LYS C 353 -22.89 -21.88 20.87
C LYS C 353 -21.78 -22.89 21.11
N GLN C 354 -21.63 -23.83 20.19
CA GLN C 354 -20.62 -24.87 20.31
C GLN C 354 -19.23 -24.25 20.15
N ALA C 355 -19.05 -23.53 19.05
CA ALA C 355 -17.80 -22.83 18.79
C ALA C 355 -17.54 -21.80 19.88
N LEU C 356 -18.46 -20.85 20.01
CA LEU C 356 -18.31 -19.82 21.00
C LEU C 356 -17.91 -20.40 22.34
N ILE C 357 -18.57 -21.48 22.77
CA ILE C 357 -18.31 -22.02 24.09
C ILE C 357 -16.92 -22.64 24.22
N GLY C 358 -16.48 -23.30 23.16
CA GLY C 358 -15.17 -23.92 23.14
C GLY C 358 -14.10 -22.86 23.20
N MET C 359 -14.41 -21.70 22.61
CA MET C 359 -13.55 -20.51 22.68
C MET C 359 -13.68 -19.66 23.96
N ASP C 360 -14.41 -20.19 24.95
CA ASP C 360 -14.55 -19.50 26.23
C ASP C 360 -13.17 -19.26 26.79
N GLY C 361 -12.89 -18.01 27.16
CA GLY C 361 -11.63 -17.66 27.79
C GLY C 361 -10.50 -17.33 26.83
N LEU C 362 -10.73 -17.57 25.54
CA LEU C 362 -9.64 -17.61 24.56
C LEU C 362 -8.73 -16.41 24.63
N MET C 363 -9.28 -15.22 24.83
CA MET C 363 -8.48 -14.02 24.79
C MET C 363 -7.68 -13.77 26.05
N ASP C 364 -7.68 -14.72 26.97
CA ASP C 364 -6.76 -14.63 28.09
C ASP C 364 -5.47 -15.32 27.67
N MET C 365 -5.57 -16.08 26.59
CA MET C 365 -4.47 -16.91 26.11
C MET C 365 -4.00 -16.53 24.71
N VAL C 366 -4.75 -15.65 24.06
CA VAL C 366 -4.45 -15.19 22.71
C VAL C 366 -4.70 -13.70 22.55
N GLN C 367 -3.77 -13.00 21.92
CA GLN C 367 -3.93 -11.57 21.69
C GLN C 367 -3.67 -11.26 20.23
N LEU C 368 -4.01 -10.04 19.81
CA LEU C 368 -3.69 -9.63 18.46
C LEU C 368 -2.25 -9.12 18.36
N LYS C 369 -1.54 -9.45 17.28
CA LYS C 369 -0.26 -8.81 16.98
C LYS C 369 -0.54 -7.46 16.36
N ARG C 370 -0.99 -6.53 17.20
CA ARG C 370 -1.57 -5.26 16.78
C ARG C 370 -0.55 -4.28 16.22
N GLU C 371 0.66 -4.29 16.77
CA GLU C 371 1.72 -3.39 16.32
C GLU C 371 2.52 -4.06 15.20
N GLY C 372 1.84 -4.45 14.13
CA GLY C 372 2.43 -5.25 13.06
C GLY C 372 1.73 -5.04 11.72
N VAL C 373 1.76 -6.04 10.84
CA VAL C 373 1.07 -5.90 9.57
C VAL C 373 -0.43 -5.69 9.78
N LEU C 374 -1.02 -6.40 10.74
CA LEU C 374 -2.43 -6.19 11.06
C LEU C 374 -2.68 -4.72 11.33
N GLY C 375 -1.79 -4.10 12.09
CA GLY C 375 -1.93 -2.69 12.38
C GLY C 375 -1.75 -1.83 11.14
N ASP C 376 -0.88 -2.29 10.25
CA ASP C 376 -0.57 -1.56 9.03
C ASP C 376 -1.79 -1.48 8.15
N THR C 377 -2.51 -2.60 8.06
CA THR C 377 -3.71 -2.69 7.24
C THR C 377 -4.89 -1.94 7.90
N VAL C 378 -4.95 -1.96 9.22
CA VAL C 378 -6.04 -1.26 9.88
C VAL C 378 -5.95 0.20 9.53
N ARG C 379 -4.76 0.76 9.67
CA ARG C 379 -4.57 2.16 9.33
C ARG C 379 -4.97 2.43 7.88
N GLU C 380 -4.58 1.54 6.98
CA GLU C 380 -4.88 1.71 5.57
C GLU C 380 -6.39 1.80 5.32
N LEU C 381 -7.12 0.73 5.66
CA LEU C 381 -8.59 0.72 5.54
C LEU C 381 -9.24 1.99 6.09
N LYS C 382 -8.90 2.36 7.33
CA LYS C 382 -9.35 3.63 7.93
C LYS C 382 -9.06 4.87 7.06
N GLU C 383 -7.88 4.92 6.42
CA GLU C 383 -7.53 6.04 5.56
C GLU C 383 -8.33 6.04 4.28
N ARG C 384 -8.50 4.88 3.66
CA ARG C 384 -9.31 4.81 2.45
C ARG C 384 -10.75 5.20 2.75
N ALA C 385 -11.21 4.88 3.95
CA ALA C 385 -12.55 5.22 4.42
C ALA C 385 -12.69 6.72 4.57
N VAL C 386 -11.74 7.32 5.26
CA VAL C 386 -11.77 8.75 5.46
C VAL C 386 -11.69 9.48 4.12
N LEU C 387 -10.87 8.95 3.21
CA LEU C 387 -10.73 9.54 1.88
C LEU C 387 -12.05 9.49 1.14
N PHE C 388 -12.67 8.31 1.15
CA PHE C 388 -14.00 8.13 0.57
C PHE C 388 -14.93 9.25 0.98
N MET C 389 -15.00 9.50 2.28
CA MET C 389 -15.91 10.53 2.75
C MET C 389 -15.49 11.94 2.37
N GLU C 390 -14.20 12.16 2.19
CA GLU C 390 -13.76 13.48 1.71
C GLU C 390 -14.30 13.75 0.32
N GLU C 391 -14.33 12.71 -0.51
CA GLU C 391 -14.83 12.89 -1.87
C GLU C 391 -16.37 13.06 -1.97
N ILE C 392 -17.13 12.53 -1.00
CA ILE C 392 -18.57 12.77 -0.96
C ILE C 392 -18.85 14.27 -0.75
N ILE C 393 -18.19 14.86 0.24
CA ILE C 393 -18.31 16.28 0.51
C ILE C 393 -17.86 17.08 -0.71
N GLU C 394 -16.79 16.63 -1.33
CA GLU C 394 -16.21 17.37 -2.46
C GLU C 394 -17.07 17.32 -3.72
N ALA C 395 -17.90 16.29 -3.85
CA ALA C 395 -18.88 16.25 -4.94
C ALA C 395 -20.18 17.00 -4.59
N GLY C 396 -20.30 17.43 -3.33
CA GLY C 396 -21.44 18.22 -2.88
C GLY C 396 -22.37 17.58 -1.86
N GLY C 397 -22.02 16.41 -1.35
CA GLY C 397 -22.90 15.72 -0.41
C GLY C 397 -23.40 14.35 -0.82
N TYR C 398 -24.11 13.71 0.10
CA TYR C 398 -24.56 12.32 -0.08
C TYR C 398 -25.36 12.14 -1.36
N PHE C 399 -26.35 12.98 -1.58
CA PHE C 399 -27.17 12.85 -2.77
C PHE C 399 -26.33 12.81 -4.04
N ASN C 400 -25.49 13.82 -4.23
CA ASN C 400 -24.65 13.89 -5.43
C ASN C 400 -23.73 12.68 -5.55
N ALA C 401 -23.14 12.26 -4.44
CA ALA C 401 -22.32 11.06 -4.44
C ALA C 401 -23.09 9.89 -5.05
N VAL C 402 -24.37 9.75 -4.68
CA VAL C 402 -25.18 8.63 -5.12
C VAL C 402 -25.60 8.81 -6.58
N GLU C 403 -25.78 10.05 -6.96
CA GLU C 403 -26.07 10.34 -8.34
C GLU C 403 -24.85 10.06 -9.24
N GLN C 404 -23.66 10.30 -8.70
CA GLN C 404 -22.44 10.05 -9.46
C GLN C 404 -21.98 8.61 -9.36
N GLY C 405 -22.71 7.80 -8.61
CA GLY C 405 -22.48 6.36 -8.57
C GLY C 405 -21.30 5.90 -7.71
N PHE C 406 -20.99 6.66 -6.67
CA PHE C 406 -19.91 6.29 -5.76
C PHE C 406 -20.16 4.93 -5.12
N PHE C 407 -21.43 4.58 -4.91
CA PHE C 407 -21.79 3.35 -4.19
C PHE C 407 -21.97 2.14 -5.08
N VAL C 408 -21.59 0.98 -4.55
CA VAL C 408 -21.70 -0.32 -5.23
C VAL C 408 -20.75 -0.40 -6.41
N ASP C 409 -19.54 0.13 -6.25
CA ASP C 409 -18.52 0.06 -7.29
C ASP C 409 -17.63 -1.18 -7.08
N SER C 410 -17.48 -2.00 -8.12
CA SER C 410 -16.66 -3.20 -8.02
C SER C 410 -15.23 -2.92 -7.56
N GLY C 411 -14.81 -1.66 -7.65
CA GLY C 411 -13.44 -1.29 -7.34
C GLY C 411 -13.15 -1.11 -5.87
N TYR C 412 -11.86 -1.15 -5.55
CA TYR C 412 -11.40 -1.01 -4.18
C TYR C 412 -11.02 0.45 -3.97
N TYR C 413 -12.02 1.25 -3.63
CA TYR C 413 -11.84 2.69 -3.45
C TYR C 413 -10.50 2.97 -2.82
N PRO C 414 -9.76 3.96 -3.33
CA PRO C 414 -10.10 4.96 -4.35
C PRO C 414 -10.19 4.49 -5.79
N GLU C 415 -9.82 3.25 -6.09
CA GLU C 415 -10.13 2.69 -7.40
C GLU C 415 -11.65 2.83 -7.63
N ARG C 416 -12.03 3.45 -8.75
CA ARG C 416 -13.43 3.53 -9.18
C ARG C 416 -13.59 2.95 -10.60
N ASN C 417 -14.34 1.86 -10.70
CA ASN C 417 -14.51 1.16 -11.99
C ASN C 417 -15.67 1.67 -12.85
N GLY C 418 -16.36 2.69 -12.37
CA GLY C 418 -17.45 3.29 -13.11
C GLY C 418 -18.68 2.40 -13.26
N ASP C 419 -18.75 1.34 -12.47
CA ASP C 419 -19.82 0.35 -12.61
C ASP C 419 -20.74 0.27 -11.39
N GLY C 420 -20.74 1.32 -10.58
CA GLY C 420 -21.59 1.36 -9.41
C GLY C 420 -23.04 1.71 -9.74
N ILE C 421 -23.89 1.69 -8.72
CA ILE C 421 -25.29 2.09 -8.89
C ILE C 421 -25.49 3.60 -8.76
N ALA C 422 -26.11 4.18 -9.78
CA ALA C 422 -26.40 5.59 -9.76
C ALA C 422 -27.90 5.81 -9.67
N ARG C 423 -28.33 6.45 -8.59
CA ARG C 423 -29.72 6.76 -8.40
C ARG C 423 -29.87 8.28 -8.58
N GLN C 424 -30.99 8.72 -9.14
CA GLN C 424 -31.18 10.16 -9.37
C GLN C 424 -32.01 10.84 -8.29
N ILE C 425 -31.56 12.02 -7.86
CA ILE C 425 -32.06 12.62 -6.64
C ILE C 425 -33.55 12.87 -6.68
N ASN C 426 -34.13 12.90 -7.88
CA ASN C 426 -35.57 13.06 -8.03
C ASN C 426 -36.13 12.02 -9.00
N GLY C 427 -35.68 10.79 -8.83
CA GLY C 427 -36.25 9.65 -9.54
C GLY C 427 -36.46 8.57 -8.49
N GLY C 428 -36.81 7.38 -8.93
CA GLY C 428 -36.98 6.27 -7.99
C GLY C 428 -38.39 6.19 -7.41
N ILE C 429 -38.72 5.04 -6.84
CA ILE C 429 -40.04 4.83 -6.24
C ILE C 429 -40.42 6.01 -5.37
N GLY C 430 -41.61 6.57 -5.60
CA GLY C 430 -42.15 7.65 -4.79
C GLY C 430 -41.41 8.97 -4.86
N ALA C 431 -41.03 9.39 -6.07
CA ALA C 431 -40.33 10.66 -6.26
C ALA C 431 -41.31 11.81 -6.23
N GLY C 432 -40.86 12.96 -5.75
CA GLY C 432 -41.71 14.13 -5.74
C GLY C 432 -42.93 13.93 -4.86
N THR C 433 -42.70 13.25 -3.75
CA THR C 433 -43.71 13.06 -2.74
C THR C 433 -43.23 13.70 -1.45
N VAL C 434 -42.17 14.49 -1.52
CA VAL C 434 -41.71 15.26 -0.38
C VAL C 434 -42.49 16.58 -0.31
N PHE C 435 -43.18 16.81 0.80
CA PHE C 435 -43.92 18.07 1.03
C PHE C 435 -43.28 18.98 2.09
N GLU C 436 -43.25 20.28 1.81
CA GLU C 436 -42.68 21.27 2.73
C GLU C 436 -43.56 21.48 3.94
N ARG C 437 -42.96 21.73 5.09
CA ARG C 437 -43.73 22.03 6.29
C ARG C 437 -44.10 23.50 6.32
N ASP C 438 -45.38 23.80 6.53
CA ASP C 438 -45.82 25.19 6.66
C ASP C 438 -45.65 25.71 8.10
N GLU C 439 -45.58 27.02 8.24
CA GLU C 439 -45.32 27.65 9.55
C GLU C 439 -46.29 27.15 10.63
N ASP C 440 -47.50 26.76 10.22
CA ASP C 440 -48.51 26.26 11.15
C ASP C 440 -48.64 24.72 11.10
N TYR C 441 -47.79 24.06 10.32
CA TYR C 441 -47.74 22.60 10.33
C TYR C 441 -47.89 22.06 11.76
N MET C 442 -48.63 20.96 11.92
CA MET C 442 -48.72 20.34 13.24
C MET C 442 -48.97 18.83 13.18
N ALA C 443 -48.45 18.12 14.17
CA ALA C 443 -48.71 16.69 14.35
C ALA C 443 -48.78 16.45 15.85
N PRO C 444 -49.96 16.00 16.32
CA PRO C 444 -50.32 15.84 17.73
C PRO C 444 -50.09 14.42 18.22
N VAL C 445 -48.88 13.94 17.99
CA VAL C 445 -48.53 12.61 18.41
C VAL C 445 -47.23 12.61 19.19
N THR C 446 -46.96 11.51 19.87
CA THR C 446 -45.68 11.37 20.53
C THR C 446 -44.62 10.93 19.52
N ALA C 447 -43.37 11.26 19.80
CA ALA C 447 -42.26 10.75 19.00
C ALA C 447 -42.38 11.16 17.53
N HIS C 448 -42.64 12.44 17.30
CA HIS C 448 -42.59 12.99 15.96
C HIS C 448 -41.24 13.71 15.83
N PHE C 449 -40.64 13.67 14.64
CA PHE C 449 -39.27 14.12 14.52
C PHE C 449 -39.10 15.59 14.19
N GLY C 450 -39.87 16.08 13.22
CA GLY C 450 -39.60 17.39 12.65
C GLY C 450 -40.39 18.58 13.18
N TYR C 451 -40.30 19.70 12.46
CA TYR C 451 -40.94 20.96 12.86
C TYR C 451 -42.39 20.75 13.29
N ASN C 452 -42.69 21.14 14.52
CA ASN C 452 -44.05 20.95 15.04
C ASN C 452 -44.59 22.14 15.78
N ASN C 453 -45.39 22.94 15.09
CA ASN C 453 -46.04 24.07 15.71
C ASN C 453 -47.22 23.68 16.60
N VAL C 454 -46.95 23.65 17.90
CA VAL C 454 -47.95 23.28 18.90
C VAL C 454 -48.30 24.52 19.72
N LYS C 455 -47.26 25.27 20.09
CA LYS C 455 -47.40 26.64 20.61
C LYS C 455 -48.69 27.30 20.11
N GLN C 456 -48.96 27.18 18.81
CA GLN C 456 -50.10 27.86 18.20
C GLN C 456 -51.38 27.48 18.89
N TYR C 457 -51.32 26.44 19.70
CA TYR C 457 -52.47 25.97 20.43
C TYR C 457 -52.26 26.03 21.93
N ASP C 458 -51.00 26.04 22.36
CA ASP C 458 -50.67 25.96 23.79
C ASP C 458 -49.18 25.72 23.94
N GLU C 459 -48.41 26.76 24.24
CA GLU C 459 -46.96 26.61 24.43
C GLU C 459 -46.61 25.73 25.64
N ALA C 460 -47.63 25.17 26.28
CA ALA C 460 -47.44 24.33 27.46
C ALA C 460 -47.50 22.84 27.11
N LEU C 461 -47.95 22.56 25.91
CA LEU C 461 -48.03 21.19 25.43
C LEU C 461 -46.96 20.95 24.36
N VAL C 462 -46.01 21.88 24.28
CA VAL C 462 -44.92 21.75 23.35
C VAL C 462 -44.18 20.46 23.73
N SER C 463 -44.09 20.21 25.03
CA SER C 463 -43.41 19.03 25.51
C SER C 463 -44.17 17.76 25.11
N GLU C 464 -45.49 17.84 24.99
CA GLU C 464 -46.30 16.61 24.85
C GLU C 464 -47.42 16.66 23.82
N PRO C 465 -47.06 16.82 22.54
CA PRO C 465 -48.04 16.92 21.46
C PRO C 465 -49.19 15.93 21.61
N SER C 466 -48.94 14.78 22.23
CA SER C 466 -50.00 13.77 22.46
C SER C 466 -51.18 14.32 23.26
N LYS C 467 -50.90 14.94 24.41
CA LYS C 467 -51.94 15.51 25.24
C LYS C 467 -53.08 16.22 24.45
N LEU C 468 -52.69 17.02 23.45
CA LEU C 468 -53.66 17.73 22.60
C LEU C 468 -54.88 16.89 22.13
N ILE C 469 -54.73 15.57 22.15
CA ILE C 469 -55.80 14.63 21.80
C ILE C 469 -55.96 13.55 22.85
N ASP C 470 -55.34 13.75 24.01
CA ASP C 470 -55.37 12.78 25.10
C ASP C 470 -54.67 11.44 24.79
N GLY C 471 -53.38 11.52 24.43
CA GLY C 471 -52.60 10.34 24.10
C GLY C 471 -52.84 9.78 22.70
N CYS C 472 -51.76 9.45 22.00
CA CYS C 472 -51.86 8.75 20.72
C CYS C 472 -51.74 7.32 21.14
N THR C 473 -51.85 6.40 20.18
CA THR C 473 -51.81 4.97 20.49
C THR C 473 -50.58 4.54 21.29
N LEU C 474 -49.52 5.35 21.28
CA LEU C 474 -48.32 5.03 22.07
C LEU C 474 -48.63 5.20 23.55
N GLU C 475 -49.60 6.06 23.87
CA GLU C 475 -50.10 6.15 25.24
C GLU C 475 -51.38 5.32 25.43
N VAL C 476 -52.22 5.26 24.40
CA VAL C 476 -53.54 4.67 24.50
C VAL C 476 -53.81 3.56 23.47
N PRO C 477 -53.34 2.34 23.78
CA PRO C 477 -53.48 1.12 23.00
C PRO C 477 -54.92 0.89 22.59
N GLU C 478 -55.83 1.37 23.41
CA GLU C 478 -57.26 1.18 23.16
C GLU C 478 -57.69 1.91 21.87
N LYS C 479 -56.89 2.91 21.46
CA LYS C 479 -57.13 3.69 20.24
C LYS C 479 -56.68 2.99 18.96
N ILE C 480 -56.02 1.85 19.08
CA ILE C 480 -55.60 1.11 17.90
C ILE C 480 -56.75 0.34 17.24
N VAL C 481 -56.72 0.30 15.93
CA VAL C 481 -57.74 -0.36 15.14
C VAL C 481 -57.24 -1.70 14.61
N TYR C 482 -57.58 -2.78 15.30
CA TYR C 482 -57.20 -4.09 14.82
C TYR C 482 -57.97 -4.44 13.54
N ILE C 483 -57.24 -4.63 12.44
CA ILE C 483 -57.89 -5.23 11.27
C ILE C 483 -57.52 -6.71 11.20
N ASP C 484 -58.53 -7.57 11.09
CA ASP C 484 -58.31 -9.02 11.15
C ASP C 484 -57.96 -9.68 9.81
N GLU C 485 -58.80 -9.47 8.80
CA GLU C 485 -58.53 -10.07 7.49
C GLU C 485 -59.12 -9.24 6.37
N LEU C 486 -58.62 -9.47 5.16
CA LEU C 486 -59.16 -8.83 3.99
C LEU C 486 -59.17 -9.75 2.75
N ASP C 487 -58.98 -11.05 2.95
CA ASP C 487 -59.06 -11.96 1.82
C ASP C 487 -59.72 -13.24 2.31
N GLU C 488 -60.85 -13.59 1.69
CA GLU C 488 -61.65 -14.71 2.15
C GLU C 488 -60.99 -16.03 1.82
N ASN C 489 -59.92 -15.99 1.03
CA ASN C 489 -59.27 -17.22 0.57
C ASN C 489 -57.77 -17.23 0.78
N ASP C 490 -57.22 -16.09 1.18
CA ASP C 490 -55.79 -16.00 1.43
C ASP C 490 -55.60 -15.56 2.85
N ASN C 491 -55.56 -16.52 3.77
CA ASN C 491 -55.29 -16.23 5.17
C ASN C 491 -54.93 -17.46 5.98
N VAL C 492 -54.75 -17.27 7.29
CA VAL C 492 -54.30 -18.35 8.15
C VAL C 492 -55.42 -19.34 8.45
N ASN C 493 -56.65 -18.85 8.57
CA ASN C 493 -57.80 -19.69 8.86
C ASN C 493 -58.02 -20.70 7.74
N VAL C 494 -57.98 -20.25 6.49
CA VAL C 494 -58.14 -21.15 5.36
C VAL C 494 -57.05 -22.20 5.35
N ARG C 495 -55.83 -21.70 5.38
CA ARG C 495 -54.61 -22.50 5.31
C ARG C 495 -54.57 -23.57 6.38
N MET C 496 -54.99 -23.18 7.59
CA MET C 496 -54.96 -24.04 8.78
C MET C 496 -55.88 -25.25 8.70
N GLU C 497 -57.16 -24.98 8.47
CA GLU C 497 -58.15 -26.03 8.31
C GLU C 497 -57.64 -27.06 7.31
N GLU C 498 -56.99 -26.60 6.26
CA GLU C 498 -56.52 -27.49 5.23
C GLU C 498 -55.62 -28.64 5.73
N THR C 499 -55.07 -28.50 6.93
CA THR C 499 -54.22 -29.55 7.51
C THR C 499 -54.59 -29.83 8.99
N LYS C 500 -55.85 -29.61 9.33
CA LYS C 500 -56.38 -30.00 10.62
C LYS C 500 -56.37 -31.53 10.74
N GLU C 501 -56.21 -32.21 9.61
CA GLU C 501 -56.15 -33.68 9.57
C GLU C 501 -54.96 -34.23 10.37
N PHE C 502 -53.92 -33.40 10.52
CA PHE C 502 -52.67 -33.85 11.14
C PHE C 502 -52.44 -33.27 12.52
N ARG C 503 -53.36 -32.42 12.95
CA ARG C 503 -53.19 -31.66 14.19
C ARG C 503 -54.16 -32.15 15.27
N SER C 506 -53.75 -37.86 15.29
CA SER C 506 -52.64 -38.76 15.64
C SER C 506 -51.91 -39.30 14.40
N MET C 507 -52.24 -38.76 13.24
CA MET C 507 -51.43 -39.00 12.05
C MET C 507 -50.18 -38.12 12.09
N ILE C 508 -49.21 -38.41 11.23
CA ILE C 508 -47.96 -37.67 11.26
C ILE C 508 -47.24 -37.92 9.95
N LYS C 509 -46.56 -36.90 9.43
CA LYS C 509 -45.62 -37.13 8.32
C LYS C 509 -44.41 -36.21 8.34
N PRO C 510 -43.41 -36.48 7.48
CA PRO C 510 -42.20 -35.66 7.43
C PRO C 510 -42.48 -34.20 7.04
N GLU C 511 -41.85 -33.26 7.74
CA GLU C 511 -41.84 -31.87 7.30
C GLU C 511 -40.45 -31.24 7.32
N VAL C 512 -40.31 -30.15 6.58
CA VAL C 512 -39.10 -29.35 6.60
C VAL C 512 -39.42 -27.89 6.97
N GLU C 513 -40.66 -27.45 6.76
CA GLU C 513 -41.02 -26.08 7.14
C GLU C 513 -42.50 -25.84 7.43
N TRP C 514 -43.34 -26.42 6.58
CA TRP C 514 -44.80 -26.37 6.72
C TRP C 514 -45.40 -27.72 7.16
N GLN C 515 -46.40 -27.66 8.03
CA GLN C 515 -47.07 -28.85 8.55
C GLN C 515 -47.33 -29.89 7.48
N ALA C 516 -46.76 -31.07 7.66
CA ALA C 516 -46.95 -32.17 6.73
C ALA C 516 -46.68 -31.78 5.28
N ASP C 517 -45.62 -30.99 5.06
CA ASP C 517 -45.21 -30.68 3.70
C ASP C 517 -44.59 -31.92 3.02
N GLY C 518 -44.25 -32.92 3.82
CA GLY C 518 -43.87 -34.24 3.32
C GLY C 518 -42.45 -34.42 2.80
N THR C 519 -41.59 -33.45 3.07
CA THR C 519 -40.27 -33.44 2.46
C THR C 519 -39.24 -34.19 3.31
N VAL C 520 -38.34 -34.90 2.63
CA VAL C 520 -37.21 -35.55 3.27
C VAL C 520 -35.93 -35.39 2.46
N LEU C 521 -34.79 -35.66 3.12
CA LEU C 521 -33.49 -35.51 2.47
C LEU C 521 -32.82 -36.85 2.24
N LEU C 522 -32.55 -37.15 0.98
CA LEU C 522 -31.90 -38.40 0.60
C LEU C 522 -30.47 -38.14 0.08
N THR C 523 -29.53 -38.94 0.56
CA THR C 523 -28.11 -38.65 0.42
C THR C 523 -27.38 -39.93 0.06
N MET C 524 -26.90 -40.03 -1.17
CA MET C 524 -26.26 -41.27 -1.61
C MET C 524 -24.91 -41.02 -2.29
N PHE C 525 -24.19 -42.10 -2.53
CA PHE C 525 -23.02 -42.04 -3.37
C PHE C 525 -23.21 -42.98 -4.57
N LEU C 526 -23.03 -42.46 -5.77
CA LEU C 526 -23.02 -43.29 -6.98
C LEU C 526 -21.67 -43.23 -7.71
N PRO C 527 -21.18 -44.39 -8.13
CA PRO C 527 -19.88 -44.61 -8.76
C PRO C 527 -19.86 -44.28 -10.24
N THR C 528 -20.43 -43.14 -10.64
CA THR C 528 -20.39 -42.76 -12.04
C THR C 528 -19.98 -41.30 -12.23
N SER C 529 -20.08 -40.79 -13.46
CA SER C 529 -19.77 -39.39 -13.74
C SER C 529 -20.73 -38.51 -12.95
N LYS C 530 -20.44 -37.22 -12.83
CA LYS C 530 -21.30 -36.32 -12.06
C LYS C 530 -22.75 -36.28 -12.57
N ARG C 531 -22.92 -36.15 -13.89
CA ARG C 531 -24.23 -35.99 -14.48
C ARG C 531 -24.99 -37.32 -14.53
N VAL C 532 -24.32 -38.34 -15.04
CA VAL C 532 -24.92 -39.67 -15.09
C VAL C 532 -25.35 -40.17 -13.70
N ALA C 533 -24.83 -39.53 -12.65
CA ALA C 533 -25.14 -39.91 -11.27
C ALA C 533 -26.36 -39.15 -10.81
N GLU C 534 -26.44 -37.90 -11.24
CA GLU C 534 -27.55 -37.02 -10.96
C GLU C 534 -28.88 -37.62 -11.43
N PHE C 535 -28.90 -38.17 -12.64
CA PHE C 535 -30.16 -38.66 -13.18
C PHE C 535 -30.50 -40.06 -12.70
N ALA C 536 -29.46 -40.84 -12.38
CA ALA C 536 -29.65 -42.14 -11.79
C ALA C 536 -30.18 -41.95 -10.38
N ALA C 537 -29.71 -40.89 -9.72
CA ALA C 537 -30.10 -40.60 -8.35
C ALA C 537 -31.59 -40.32 -8.30
N ILE C 538 -32.08 -39.64 -9.33
CA ILE C 538 -33.49 -39.38 -9.49
C ILE C 538 -34.30 -40.67 -9.59
N GLU C 539 -33.84 -41.59 -10.44
CA GLU C 539 -34.54 -42.88 -10.62
C GLU C 539 -34.61 -43.69 -9.34
N PHE C 540 -33.46 -43.86 -8.68
CA PHE C 540 -33.44 -44.48 -7.36
C PHE C 540 -34.41 -43.77 -6.39
N ALA C 541 -34.57 -42.45 -6.58
CA ALA C 541 -35.40 -41.65 -5.69
C ALA C 541 -36.86 -41.94 -5.94
N LYS C 542 -37.24 -41.96 -7.21
CA LYS C 542 -38.61 -42.24 -7.56
C LYS C 542 -38.94 -43.68 -7.17
N LYS C 543 -37.98 -44.58 -7.37
CA LYS C 543 -38.20 -45.99 -7.07
C LYS C 543 -38.47 -46.21 -5.59
N MET C 544 -38.16 -45.20 -4.77
CA MET C 544 -38.48 -45.23 -3.33
C MET C 544 -39.80 -44.51 -3.07
N ASN C 545 -40.59 -44.31 -4.12
CA ASN C 545 -41.87 -43.63 -4.03
C ASN C 545 -41.73 -42.19 -3.56
N LEU C 546 -40.78 -41.45 -4.13
CA LEU C 546 -40.69 -40.06 -3.75
C LEU C 546 -41.38 -39.18 -4.79
N GLU C 547 -41.90 -38.05 -4.35
CA GLU C 547 -42.54 -37.10 -5.25
C GLU C 547 -41.76 -35.80 -5.36
N GLU C 548 -41.79 -35.19 -6.53
CA GLU C 548 -41.20 -33.88 -6.72
C GLU C 548 -39.72 -33.89 -6.42
N VAL C 549 -39.03 -34.86 -6.99
CA VAL C 549 -37.62 -35.05 -6.73
C VAL C 549 -36.79 -33.88 -7.27
N GLU C 550 -36.04 -33.24 -6.38
CA GLU C 550 -35.02 -32.28 -6.81
C GLU C 550 -33.65 -32.67 -6.25
N VAL C 551 -32.68 -32.82 -7.15
CA VAL C 551 -31.26 -32.90 -6.81
C VAL C 551 -30.76 -31.53 -6.33
N ILE C 552 -30.29 -31.47 -5.09
CA ILE C 552 -29.98 -30.18 -4.51
C ILE C 552 -28.53 -30.06 -4.05
N ASN C 553 -27.70 -31.00 -4.47
CA ASN C 553 -26.27 -30.88 -4.23
C ASN C 553 -25.55 -32.01 -4.92
N ARG C 554 -24.48 -31.67 -5.63
CA ARG C 554 -23.67 -32.67 -6.31
C ARG C 554 -22.22 -32.36 -6.10
N GLU C 555 -21.56 -33.13 -5.26
CA GLU C 555 -20.14 -32.98 -5.08
C GLU C 555 -19.39 -34.09 -5.79
N VAL C 556 -18.36 -33.72 -6.55
CA VAL C 556 -17.55 -34.72 -7.22
C VAL C 556 -16.50 -35.34 -6.29
N MET C 557 -16.58 -36.65 -6.06
CA MET C 557 -15.56 -37.35 -5.28
C MET C 557 -14.29 -37.42 -6.10
N GLN C 558 -14.32 -38.22 -7.16
CA GLN C 558 -13.35 -38.15 -8.24
C GLN C 558 -14.10 -38.39 -9.55
N GLU C 559 -13.80 -37.59 -10.55
CA GLU C 559 -14.53 -37.62 -11.82
C GLU C 559 -15.04 -39.01 -12.23
N ALA C 560 -14.13 -39.97 -12.34
CA ALA C 560 -14.51 -41.34 -12.71
C ALA C 560 -15.11 -42.11 -11.53
N GLU C 561 -14.45 -42.06 -10.38
CA GLU C 561 -14.76 -42.94 -9.25
C GLU C 561 -16.14 -42.83 -8.61
N GLY C 562 -16.76 -41.66 -8.65
CA GLY C 562 -18.05 -41.52 -8.00
C GLY C 562 -18.39 -40.11 -7.54
N THR C 563 -19.68 -39.90 -7.27
CA THR C 563 -20.23 -38.57 -7.01
C THR C 563 -21.19 -38.60 -5.86
N ARG C 564 -21.06 -37.68 -4.90
CA ARG C 564 -22.05 -37.55 -3.83
C ARG C 564 -23.26 -36.76 -4.30
N ILE C 565 -24.46 -37.25 -4.02
CA ILE C 565 -25.67 -36.56 -4.47
C ILE C 565 -26.68 -36.49 -3.36
N GLU C 566 -27.28 -35.32 -3.19
CA GLU C 566 -28.32 -35.15 -2.20
C GLU C 566 -29.57 -34.61 -2.87
N LEU C 567 -30.68 -35.35 -2.72
CA LEU C 567 -31.96 -34.94 -3.31
C LEU C 567 -32.97 -34.68 -2.24
N LYS C 568 -33.86 -33.73 -2.50
CA LYS C 568 -35.04 -33.60 -1.66
C LYS C 568 -36.22 -34.24 -2.38
N GLY C 569 -37.12 -34.80 -1.58
CA GLY C 569 -38.30 -35.49 -2.08
C GLY C 569 -39.47 -35.46 -1.10
N ARG C 570 -40.66 -35.76 -1.62
CA ARG C 570 -41.87 -35.72 -0.82
C ARG C 570 -42.40 -37.11 -0.65
N VAL C 571 -42.65 -37.48 0.62
CA VAL C 571 -43.28 -38.75 0.97
C VAL C 571 -44.80 -38.64 0.75
N PRO C 572 -45.38 -39.61 0.01
CA PRO C 572 -46.76 -39.47 -0.45
C PRO C 572 -47.78 -40.14 0.45
N PHE C 573 -47.44 -40.44 1.69
CA PHE C 573 -48.36 -41.09 2.62
C PHE C 573 -48.09 -40.70 4.06
N SER C 574 -48.88 -41.28 4.98
CA SER C 574 -48.77 -40.95 6.40
C SER C 574 -48.54 -42.19 7.26
N ILE C 575 -48.63 -42.00 8.57
CA ILE C 575 -48.43 -43.07 9.53
C ILE C 575 -49.33 -42.78 10.71
N ASP C 576 -49.94 -43.81 11.27
CA ASP C 576 -50.71 -43.63 12.48
C ASP C 576 -49.84 -44.08 13.63
N ILE C 577 -49.63 -43.18 14.58
CA ILE C 577 -48.80 -43.47 15.74
C ILE C 577 -49.26 -44.78 16.34
N ASN C 578 -50.54 -44.81 16.76
CA ASN C 578 -51.16 -45.95 17.44
C ASN C 578 -50.80 -47.30 16.83
N SER C 579 -50.50 -47.27 15.53
CA SER C 579 -50.22 -48.46 14.75
C SER C 579 -48.75 -48.85 14.81
N LEU C 580 -48.04 -48.30 15.78
CA LEU C 580 -46.61 -48.53 15.92
C LEU C 580 -46.30 -49.41 17.11
N VAL C 581 -45.67 -50.54 16.84
CA VAL C 581 -45.22 -51.42 17.91
C VAL C 581 -43.97 -50.84 18.53
N ILE C 582 -44.07 -50.43 19.80
CA ILE C 582 -42.95 -49.76 20.45
C ILE C 582 -42.67 -50.31 21.84
N PRO C 583 -41.54 -51.02 21.99
CA PRO C 583 -41.21 -51.68 23.27
C PRO C 583 -40.72 -50.68 24.30
N PRO C 584 -40.80 -51.05 25.60
CA PRO C 584 -40.17 -50.29 26.69
C PRO C 584 -38.71 -50.70 26.96
N ILE C 588 -31.13 -52.44 31.29
CA ILE C 588 -29.79 -51.95 30.91
C ILE C 588 -28.94 -51.47 32.10
N LEU C 589 -27.91 -52.24 32.43
CA LEU C 589 -26.96 -51.86 33.49
C LEU C 589 -25.81 -50.98 32.97
N SER C 590 -25.49 -49.92 33.70
CA SER C 590 -24.52 -48.93 33.23
C SER C 590 -23.08 -49.33 33.46
N GLU C 591 -22.18 -48.77 32.66
CA GLU C 591 -20.75 -48.99 32.86
C GLU C 591 -20.33 -48.60 34.28
N ASP C 592 -21.03 -47.65 34.88
CA ASP C 592 -20.64 -47.18 36.21
C ASP C 592 -21.17 -48.08 37.34
N GLU C 593 -22.34 -48.68 37.15
CA GLU C 593 -22.94 -49.55 38.16
C GLU C 593 -22.24 -50.92 38.20
N ILE C 594 -21.71 -51.35 37.05
CA ILE C 594 -20.96 -52.58 36.91
C ILE C 594 -19.58 -52.44 37.52
N ARG C 595 -18.88 -51.39 37.09
CA ARG C 595 -17.61 -51.01 37.69
C ARG C 595 -17.74 -50.97 39.21
N GLU C 596 -18.95 -50.65 39.67
CA GLU C 596 -19.25 -50.43 41.10
C GLU C 596 -19.37 -51.72 41.90
N ASP C 597 -19.95 -52.74 41.26
CA ASP C 597 -20.20 -54.03 41.89
C ASP C 597 -18.90 -54.81 42.12
N ILE C 598 -18.05 -54.83 41.09
CA ILE C 598 -16.77 -55.54 41.11
C ILE C 598 -15.82 -55.06 42.20
N GLU C 599 -15.85 -53.77 42.49
CA GLU C 599 -15.04 -53.23 43.57
C GLU C 599 -15.52 -53.71 44.94
N LYS C 600 -16.83 -53.90 45.06
CA LYS C 600 -17.47 -54.34 46.29
C LYS C 600 -17.29 -55.85 46.42
N THR C 601 -17.61 -56.55 45.34
CA THR C 601 -17.47 -58.00 45.31
C THR C 601 -16.66 -58.38 44.09
N PRO C 602 -15.32 -58.42 44.22
CA PRO C 602 -14.45 -58.68 43.07
C PRO C 602 -14.79 -59.96 42.30
N LEU C 603 -14.67 -59.88 40.98
CA LEU C 603 -14.93 -61.00 40.09
C LEU C 603 -13.60 -61.56 39.56
N LYS C 604 -13.48 -62.88 39.54
CA LYS C 604 -12.24 -63.53 39.11
C LYS C 604 -12.59 -64.55 38.02
N ILE C 605 -11.84 -64.54 36.92
CA ILE C 605 -12.21 -65.36 35.76
C ILE C 605 -11.07 -66.23 35.26
N VAL C 606 -11.41 -67.41 34.76
CA VAL C 606 -10.51 -68.16 33.93
C VAL C 606 -11.06 -68.05 32.50
N ALA C 607 -10.19 -68.08 31.50
CA ALA C 607 -10.62 -67.95 30.11
C ALA C 607 -9.63 -68.62 29.17
N ALA C 608 -10.12 -69.11 28.04
CA ALA C 608 -9.23 -69.73 27.05
C ALA C 608 -9.93 -70.17 25.77
N THR C 609 -9.14 -70.30 24.71
CA THR C 609 -9.62 -70.89 23.47
C THR C 609 -9.47 -72.40 23.58
N VAL C 610 -10.61 -73.08 23.53
CA VAL C 610 -10.76 -74.49 23.97
C VAL C 610 -10.69 -75.53 22.83
N GLY C 611 -10.10 -76.70 23.12
CA GLY C 611 -10.00 -77.76 22.13
C GLY C 611 -8.69 -77.68 21.38
N GLU C 612 -8.71 -77.98 20.09
CA GLU C 612 -7.50 -77.86 19.26
C GLU C 612 -7.61 -76.65 18.33
N ASP C 613 -7.60 -75.47 18.95
CA ASP C 613 -7.96 -74.22 18.30
C ASP C 613 -6.90 -73.18 18.64
N GLU C 614 -6.20 -72.66 17.63
CA GLU C 614 -5.20 -71.62 17.89
C GLU C 614 -5.75 -70.18 17.73
N HIS C 615 -7.07 -70.06 17.57
CA HIS C 615 -7.72 -68.76 17.36
C HIS C 615 -7.84 -67.94 18.65
N SER C 616 -6.90 -67.01 18.85
CA SER C 616 -6.82 -66.29 20.11
C SER C 616 -7.62 -64.99 20.17
N VAL C 617 -7.75 -64.32 19.03
CA VAL C 617 -8.25 -62.94 19.02
C VAL C 617 -9.63 -62.76 19.67
N GLY C 618 -10.61 -63.51 19.18
CA GLY C 618 -11.99 -63.33 19.62
C GLY C 618 -12.11 -63.14 21.11
N LEU C 619 -11.41 -63.99 21.85
CA LEU C 619 -11.53 -64.00 23.29
C LEU C 619 -10.77 -62.81 23.86
N ARG C 620 -9.56 -62.60 23.38
CA ARG C 620 -8.77 -61.45 23.81
C ARG C 620 -9.53 -60.14 23.52
N GLU C 621 -10.43 -60.18 22.54
CA GLU C 621 -11.19 -58.99 22.18
C GLU C 621 -12.13 -58.54 23.27
N VAL C 622 -12.72 -59.48 24.00
CA VAL C 622 -13.66 -59.13 25.06
C VAL C 622 -13.02 -59.05 26.47
N ILE C 623 -11.70 -59.19 26.53
CA ILE C 623 -10.94 -59.03 27.77
C ILE C 623 -10.13 -57.74 27.75
N ASP C 624 -9.37 -57.55 26.66
CA ASP C 624 -8.46 -56.42 26.42
C ASP C 624 -9.12 -55.05 26.49
N ILE C 625 -8.51 -54.14 27.25
CA ILE C 625 -9.13 -52.83 27.45
C ILE C 625 -9.20 -52.10 26.14
N LYS C 626 -8.19 -52.34 25.31
CA LYS C 626 -8.11 -51.74 23.99
C LYS C 626 -9.48 -51.62 23.33
N HIS C 627 -10.32 -52.64 23.53
CA HIS C 627 -11.64 -52.61 22.92
C HIS C 627 -12.79 -52.79 23.89
N GLY C 628 -12.65 -52.19 25.07
CA GLY C 628 -13.68 -52.24 26.09
C GLY C 628 -13.98 -53.65 26.52
N GLY C 629 -12.91 -54.39 26.85
CA GLY C 629 -12.97 -55.76 27.33
C GLY C 629 -13.27 -55.78 28.82
N ILE C 630 -13.32 -56.96 29.44
CA ILE C 630 -13.80 -57.00 30.80
C ILE C 630 -12.82 -56.46 31.85
N GLU C 631 -11.53 -56.34 31.50
CA GLU C 631 -10.55 -55.86 32.47
C GLU C 631 -10.74 -54.39 32.77
N LYS C 632 -11.25 -53.67 31.78
CA LYS C 632 -11.68 -52.30 31.94
C LYS C 632 -12.59 -52.19 33.15
N TYR C 633 -13.44 -53.19 33.33
CA TYR C 633 -14.48 -53.14 34.35
C TYR C 633 -13.99 -53.62 35.71
N GLY C 634 -12.75 -54.09 35.74
CA GLY C 634 -12.10 -54.49 36.99
C GLY C 634 -12.17 -55.98 37.26
N VAL C 635 -12.51 -56.76 36.24
CA VAL C 635 -12.52 -58.20 36.35
C VAL C 635 -11.09 -58.74 36.36
N GLU C 636 -10.78 -59.54 37.38
CA GLU C 636 -9.55 -60.30 37.38
C GLU C 636 -9.72 -61.40 36.36
N VAL C 637 -8.86 -61.39 35.33
CA VAL C 637 -8.89 -62.44 34.32
C VAL C 637 -7.64 -63.32 34.44
N HIS C 638 -7.83 -64.62 34.25
CA HIS C 638 -6.71 -65.59 34.16
C HIS C 638 -6.77 -66.27 32.80
N TYR C 639 -5.82 -65.90 31.94
CA TYR C 639 -5.78 -66.38 30.57
C TYR C 639 -4.90 -67.62 30.48
N LEU C 640 -5.40 -68.63 29.77
CA LEU C 640 -4.72 -69.92 29.68
C LEU C 640 -4.19 -70.19 28.26
N GLY C 641 -4.51 -69.31 27.33
CA GLY C 641 -4.04 -69.41 25.95
C GLY C 641 -4.99 -70.11 25.00
N THR C 642 -4.47 -70.47 23.83
CA THR C 642 -5.16 -71.29 22.85
C THR C 642 -4.91 -72.78 23.11
N SER C 643 -5.61 -73.64 22.38
CA SER C 643 -5.39 -75.10 22.43
C SER C 643 -5.53 -75.79 23.82
N VAL C 644 -6.39 -75.25 24.68
CA VAL C 644 -6.58 -75.81 26.03
C VAL C 644 -7.67 -76.89 26.10
N PRO C 645 -7.29 -78.11 26.53
CA PRO C 645 -8.25 -79.14 26.89
C PRO C 645 -9.33 -78.62 27.84
N VAL C 646 -10.54 -79.14 27.63
CA VAL C 646 -11.72 -78.65 28.33
C VAL C 646 -11.67 -78.77 29.85
N GLU C 647 -11.07 -79.85 30.35
CA GLU C 647 -10.98 -80.01 31.79
C GLU C 647 -9.82 -79.18 32.35
N LYS C 648 -8.74 -79.11 31.59
CA LYS C 648 -7.62 -78.25 31.95
C LYS C 648 -8.21 -76.98 32.52
N LEU C 649 -9.22 -76.46 31.81
CA LEU C 649 -9.88 -75.21 32.18
C LEU C 649 -10.77 -75.33 33.43
N VAL C 650 -11.51 -76.42 33.56
CA VAL C 650 -12.35 -76.59 34.74
C VAL C 650 -11.48 -76.85 35.95
N ASP C 651 -10.42 -77.64 35.76
CA ASP C 651 -9.43 -77.88 36.80
C ASP C 651 -8.94 -76.52 37.29
N ALA C 652 -8.59 -75.66 36.34
CA ALA C 652 -8.07 -74.33 36.64
C ALA C 652 -9.10 -73.45 37.34
N ALA C 653 -10.37 -73.56 36.93
CA ALA C 653 -11.42 -72.83 37.61
C ALA C 653 -11.43 -73.19 39.08
N ILE C 654 -11.26 -74.47 39.38
CA ILE C 654 -11.38 -74.92 40.76
C ILE C 654 -10.17 -74.45 41.56
N GLU C 655 -9.00 -74.61 40.96
CA GLU C 655 -7.74 -74.32 41.65
C GLU C 655 -7.63 -72.87 42.10
N LEU C 656 -8.07 -71.97 41.22
CA LEU C 656 -7.96 -70.55 41.44
C LEU C 656 -9.16 -70.01 42.22
N LYS C 657 -10.10 -70.90 42.52
CA LYS C 657 -11.39 -70.55 43.09
C LYS C 657 -12.12 -69.48 42.23
N ALA C 658 -12.17 -69.75 40.93
CA ALA C 658 -12.78 -68.81 40.00
C ALA C 658 -14.24 -68.56 40.37
N ASP C 659 -14.76 -67.40 39.97
CA ASP C 659 -16.19 -67.14 40.04
C ASP C 659 -16.88 -67.46 38.71
N ALA C 660 -16.08 -67.70 37.67
CA ALA C 660 -16.62 -67.92 36.34
C ALA C 660 -15.64 -68.51 35.32
N ILE C 661 -16.19 -69.10 34.26
CA ILE C 661 -15.41 -69.57 33.13
C ILE C 661 -15.89 -68.88 31.85
N LEU C 662 -14.97 -68.57 30.96
CA LEU C 662 -15.33 -68.04 29.64
C LEU C 662 -14.56 -68.80 28.59
N ALA C 663 -15.28 -69.45 27.68
CA ALA C 663 -14.62 -70.28 26.67
C ALA C 663 -14.87 -69.71 25.30
N SER C 664 -13.79 -69.60 24.52
CA SER C 664 -13.91 -69.26 23.11
C SER C 664 -13.82 -70.55 22.32
N THR C 665 -14.51 -70.56 21.20
CA THR C 665 -14.74 -71.77 20.44
C THR C 665 -14.99 -71.37 18.97
N ILE C 666 -13.87 -71.22 18.26
CA ILE C 666 -13.84 -70.55 16.94
C ILE C 666 -14.04 -71.52 15.80
N ILE C 667 -13.26 -72.60 15.77
CA ILE C 667 -13.44 -73.63 14.76
C ILE C 667 -14.82 -74.26 14.96
N SER C 668 -15.52 -74.49 13.85
CA SER C 668 -16.94 -74.86 13.91
C SER C 668 -17.27 -76.19 13.23
N HIS C 669 -16.37 -76.67 12.36
CA HIS C 669 -16.62 -77.87 11.56
C HIS C 669 -16.68 -79.14 12.41
N ASP C 670 -17.79 -79.87 12.25
CA ASP C 670 -18.10 -81.08 13.03
C ASP C 670 -18.94 -80.74 14.26
N ASP C 671 -19.26 -79.45 14.40
CA ASP C 671 -19.89 -78.94 15.62
C ASP C 671 -19.02 -79.08 16.86
N ILE C 672 -17.70 -79.14 16.65
CA ILE C 672 -16.75 -79.23 17.76
C ILE C 672 -16.98 -78.09 18.75
N HIS C 673 -17.59 -77.00 18.26
CA HIS C 673 -17.81 -75.80 19.06
C HIS C 673 -18.96 -75.87 20.05
N TYR C 674 -20.05 -76.52 19.66
CA TYR C 674 -21.15 -76.73 20.59
C TYR C 674 -20.85 -77.94 21.48
N LYS C 675 -20.07 -78.87 20.94
CA LYS C 675 -19.70 -80.07 21.68
C LYS C 675 -18.90 -79.71 22.93
N ASN C 676 -17.86 -78.90 22.73
CA ASN C 676 -16.98 -78.53 23.83
C ASN C 676 -17.66 -77.77 24.96
N MET C 677 -18.76 -77.09 24.66
CA MET C 677 -19.51 -76.39 25.70
C MET C 677 -20.23 -77.41 26.57
N LYS C 678 -20.61 -78.53 25.95
CA LYS C 678 -21.24 -79.65 26.62
C LYS C 678 -20.30 -80.23 27.70
N ARG C 679 -19.10 -80.64 27.29
CA ARG C 679 -18.06 -81.18 28.19
C ARG C 679 -17.73 -80.26 29.38
N ILE C 680 -17.67 -78.95 29.12
CA ILE C 680 -17.35 -77.97 30.16
C ILE C 680 -18.44 -77.94 31.23
N HIS C 681 -19.68 -77.74 30.80
CA HIS C 681 -20.80 -77.71 31.72
C HIS C 681 -20.83 -78.97 32.59
N GLU C 682 -20.67 -80.12 31.94
CA GLU C 682 -20.79 -81.44 32.57
C GLU C 682 -19.65 -81.74 33.55
N LEU C 683 -18.41 -81.45 33.12
CA LEU C 683 -17.26 -81.59 33.99
C LEU C 683 -17.46 -80.79 35.27
N ALA C 684 -18.12 -79.65 35.14
CA ALA C 684 -18.34 -78.75 36.27
C ALA C 684 -19.43 -79.26 37.20
N VAL C 685 -20.32 -80.08 36.65
CA VAL C 685 -21.39 -80.69 37.43
C VAL C 685 -20.85 -81.92 38.17
N GLU C 686 -19.96 -82.64 37.49
CA GLU C 686 -19.29 -83.84 38.00
C GLU C 686 -18.14 -83.50 38.97
N LYS C 687 -18.12 -82.25 39.46
CA LYS C 687 -17.13 -81.79 40.43
C LYS C 687 -17.84 -81.08 41.59
N GLY C 688 -19.14 -80.86 41.43
CA GLY C 688 -19.96 -80.23 42.46
C GLY C 688 -20.12 -78.73 42.30
N ILE C 689 -19.23 -78.14 41.50
CA ILE C 689 -19.13 -76.68 41.38
C ILE C 689 -20.16 -76.07 40.45
N ARG C 690 -20.76 -76.89 39.61
CA ARG C 690 -21.62 -76.40 38.52
C ARG C 690 -22.79 -75.51 38.93
N ASP C 691 -22.89 -75.15 40.21
CA ASP C 691 -23.92 -74.20 40.63
C ASP C 691 -23.39 -73.16 41.62
N LYS C 692 -22.07 -73.10 41.75
CA LYS C 692 -21.43 -71.99 42.43
C LYS C 692 -20.39 -71.33 41.52
N ILE C 693 -20.55 -71.56 40.22
CA ILE C 693 -19.70 -70.98 39.19
C ILE C 693 -20.52 -70.64 37.95
N MET C 694 -20.20 -69.54 37.27
CA MET C 694 -20.90 -69.20 36.02
C MET C 694 -20.13 -69.66 34.79
N ILE C 695 -20.83 -70.11 33.76
CA ILE C 695 -20.13 -70.42 32.51
C ILE C 695 -20.64 -69.56 31.34
N GLY C 696 -19.71 -68.96 30.61
CA GLY C 696 -20.04 -68.23 29.39
C GLY C 696 -19.16 -68.67 28.22
N CYS C 697 -19.73 -68.74 27.02
CA CYS C 697 -18.97 -69.12 25.83
C CYS C 697 -19.32 -68.22 24.66
N GLY C 698 -18.48 -68.22 23.63
CA GLY C 698 -18.73 -67.43 22.44
C GLY C 698 -17.83 -67.86 21.30
N GLY C 699 -18.23 -67.50 20.07
CA GLY C 699 -17.45 -67.79 18.88
C GLY C 699 -18.10 -67.16 17.66
N THR C 700 -17.39 -67.10 16.54
CA THR C 700 -17.96 -66.58 15.30
C THR C 700 -19.28 -67.31 15.00
N GLN C 701 -19.24 -68.65 15.06
CA GLN C 701 -20.41 -69.46 14.72
C GLN C 701 -21.22 -69.93 15.94
N VAL C 702 -21.19 -69.19 17.03
CA VAL C 702 -22.01 -69.51 18.20
C VAL C 702 -23.32 -68.72 18.21
N THR C 703 -24.45 -69.43 18.15
CA THR C 703 -25.77 -68.82 18.39
C THR C 703 -26.10 -68.91 19.87
N PRO C 704 -26.34 -67.76 20.51
CA PRO C 704 -26.56 -67.68 21.97
C PRO C 704 -27.74 -68.50 22.46
N GLU C 705 -28.66 -68.82 21.55
CA GLU C 705 -29.82 -69.63 21.91
C GLU C 705 -29.54 -71.12 21.77
N VAL C 706 -28.57 -71.49 20.92
CA VAL C 706 -28.13 -72.88 20.76
C VAL C 706 -27.18 -73.32 21.88
N ALA C 707 -26.41 -72.37 22.40
CA ALA C 707 -25.34 -72.69 23.34
C ALA C 707 -25.79 -72.71 24.80
N VAL C 708 -27.01 -72.26 25.06
CA VAL C 708 -27.60 -72.45 26.38
C VAL C 708 -28.20 -73.85 26.43
N LYS C 709 -28.59 -74.36 25.27
CA LYS C 709 -29.02 -75.74 25.11
C LYS C 709 -27.81 -76.67 25.13
N GLN C 710 -26.86 -76.41 26.03
CA GLN C 710 -25.65 -77.20 26.08
C GLN C 710 -25.25 -77.41 27.54
N GLY C 711 -25.76 -76.55 28.40
CA GLY C 711 -25.53 -76.64 29.82
C GLY C 711 -25.13 -75.32 30.41
N VAL C 712 -24.51 -74.49 29.58
CA VAL C 712 -23.86 -73.25 30.02
C VAL C 712 -24.81 -72.05 29.99
N ASP C 713 -24.44 -71.00 30.71
CA ASP C 713 -25.37 -69.94 31.08
C ASP C 713 -25.56 -68.85 30.04
N ALA C 714 -24.63 -68.74 29.11
CA ALA C 714 -24.67 -67.67 28.13
C ALA C 714 -23.75 -67.94 26.96
N GLY C 715 -24.26 -67.70 25.76
CA GLY C 715 -23.44 -67.82 24.57
C GLY C 715 -23.18 -66.43 24.02
N PHE C 716 -22.14 -66.32 23.20
CA PHE C 716 -21.79 -65.04 22.61
C PHE C 716 -21.38 -65.18 21.13
N GLY C 717 -21.93 -64.31 20.29
CA GLY C 717 -21.71 -64.45 18.87
C GLY C 717 -21.03 -63.24 18.28
N ARG C 718 -21.14 -63.09 16.96
CA ARG C 718 -20.60 -61.93 16.28
C ARG C 718 -20.96 -60.67 17.05
N GLY C 719 -20.05 -59.70 17.01
CA GLY C 719 -20.26 -58.39 17.59
C GLY C 719 -20.67 -58.39 19.05
N SER C 720 -19.79 -58.86 19.92
CA SER C 720 -20.08 -58.76 21.33
C SER C 720 -18.90 -58.08 21.99
N LYS C 721 -19.19 -57.22 22.94
CA LYS C 721 -18.15 -56.41 23.54
C LYS C 721 -18.06 -56.74 25.02
N GLY C 722 -16.98 -56.29 25.66
CA GLY C 722 -16.77 -56.54 27.07
C GLY C 722 -17.96 -56.18 27.92
N ILE C 723 -18.64 -55.07 27.60
CA ILE C 723 -19.79 -54.62 28.38
C ILE C 723 -20.87 -55.71 28.50
N HIS C 724 -21.16 -56.40 27.39
CA HIS C 724 -22.10 -57.52 27.38
C HIS C 724 -21.75 -58.59 28.40
N VAL C 725 -20.48 -58.98 28.38
CA VAL C 725 -19.99 -60.06 29.20
C VAL C 725 -19.98 -59.66 30.66
N ALA C 726 -19.49 -58.45 30.94
CA ALA C 726 -19.40 -57.93 32.30
C ALA C 726 -20.79 -57.73 32.91
N THR C 727 -21.77 -57.41 32.06
CA THR C 727 -23.16 -57.28 32.46
C THR C 727 -23.68 -58.63 32.97
N PHE C 728 -23.70 -59.61 32.07
CA PHE C 728 -24.03 -60.98 32.44
C PHE C 728 -23.35 -61.41 33.74
N LEU C 729 -22.05 -61.21 33.81
CA LEU C 729 -21.25 -61.63 34.95
C LEU C 729 -21.74 -61.12 36.31
N VAL C 730 -22.24 -59.89 36.38
CA VAL C 730 -22.73 -59.38 37.66
C VAL C 730 -24.23 -59.56 37.77
N LYS C 731 -24.93 -59.43 36.64
CA LYS C 731 -26.37 -59.70 36.59
C LYS C 731 -26.62 -61.13 37.05
N LYS C 732 -26.14 -62.10 36.28
CA LYS C 732 -26.29 -63.52 36.58
C LYS C 732 -25.57 -63.93 37.88
N ARG C 733 -24.82 -63.02 38.48
CA ARG C 733 -24.20 -63.31 39.76
C ARG C 733 -25.19 -63.01 40.88
N ARG C 734 -25.86 -61.87 40.74
CA ARG C 734 -26.93 -61.46 41.65
C ARG C 734 -28.06 -62.50 41.66
N GLU C 735 -28.25 -63.18 40.53
CA GLU C 735 -29.35 -64.09 40.38
C GLU C 735 -29.31 -65.24 41.38
N MET C 736 -28.19 -65.41 42.06
CA MET C 736 -28.06 -66.48 43.05
C MET C 736 -27.75 -65.95 44.44
N ARG C 737 -28.00 -64.66 44.64
CA ARG C 737 -27.87 -64.06 45.98
C ARG C 737 -29.22 -63.45 46.40
N ASP D 5 -4.93 3.76 -6.70
CA ASP D 5 -3.67 4.02 -5.99
C ASP D 5 -2.62 4.77 -6.82
N ASP D 6 -2.83 6.06 -7.12
CA ASP D 6 -3.88 6.92 -6.55
C ASP D 6 -3.88 7.03 -5.03
N PHE D 7 -4.13 5.92 -4.34
CA PHE D 7 -4.22 5.95 -2.89
C PHE D 7 -2.92 6.43 -2.23
N GLN D 8 -1.77 6.11 -2.82
CA GLN D 8 -0.50 6.61 -2.29
C GLN D 8 -0.42 8.13 -2.20
N GLN D 9 -0.92 8.85 -3.21
CA GLN D 9 -0.84 10.32 -3.20
C GLN D 9 -2.03 11.06 -2.55
N ARG D 10 -3.23 10.47 -2.59
CA ARG D 10 -4.38 11.09 -1.93
C ARG D 10 -4.18 11.14 -0.43
N ARG D 11 -3.53 10.11 0.11
CA ARG D 11 -3.37 9.99 1.55
C ARG D 11 -2.38 11.00 2.13
N ALA D 12 -1.63 11.65 1.25
CA ALA D 12 -0.60 12.61 1.64
C ALA D 12 -0.94 13.45 2.86
N HIS D 13 -2.19 13.91 2.95
CA HIS D 13 -2.61 14.76 4.05
C HIS D 13 -3.16 13.99 5.26
N LEU D 14 -3.16 12.66 5.16
CA LEU D 14 -3.54 11.83 6.30
C LEU D 14 -2.29 11.20 6.90
N ALA D 15 -1.30 10.99 6.04
CA ALA D 15 -0.07 10.31 6.39
C ALA D 15 0.42 10.55 7.80
N ASN D 16 0.32 11.80 8.28
CA ASN D 16 0.92 12.12 9.56
C ASN D 16 -0.07 12.28 10.72
N LEU D 17 -1.35 12.12 10.43
CA LEU D 17 -2.35 12.26 11.47
C LEU D 17 -2.19 11.18 12.50
N SER D 18 -2.40 11.51 13.78
CA SER D 18 -2.39 10.50 14.82
C SER D 18 -3.64 9.63 14.64
N ASP D 19 -3.81 8.64 15.49
CA ASP D 19 -5.00 7.79 15.39
C ASP D 19 -6.26 8.48 15.86
N GLU D 20 -6.18 9.19 17.00
CA GLU D 20 -7.27 10.04 17.49
C GLU D 20 -7.66 11.06 16.43
N GLU D 21 -6.64 11.64 15.81
CA GLU D 21 -6.84 12.66 14.76
C GLU D 21 -7.58 12.10 13.54
N LEU D 22 -7.23 10.89 13.10
CA LEU D 22 -7.92 10.29 11.97
C LEU D 22 -9.36 9.94 12.34
N GLN D 23 -9.54 9.49 13.58
CA GLN D 23 -10.85 9.14 14.10
C GLN D 23 -11.72 10.36 14.16
N THR D 24 -11.15 11.45 14.64
CA THR D 24 -11.89 12.69 14.76
C THR D 24 -12.39 13.12 13.36
N ARG D 25 -11.47 13.16 12.40
CA ARG D 25 -11.77 13.62 11.03
C ARG D 25 -12.77 12.71 10.30
N PHE D 26 -12.68 11.42 10.54
CA PHE D 26 -13.64 10.49 10.00
C PHE D 26 -15.05 10.91 10.43
N TRP D 27 -15.27 11.02 11.74
CA TRP D 27 -16.60 11.36 12.24
C TRP D 27 -17.04 12.78 11.91
N GLU D 28 -16.10 13.72 11.94
CA GLU D 28 -16.43 15.08 11.60
C GLU D 28 -17.06 15.16 10.21
N MET D 29 -16.55 14.35 9.29
CA MET D 29 -17.03 14.43 7.93
C MET D 29 -18.27 13.60 7.72
N ALA D 30 -18.33 12.46 8.41
CA ALA D 30 -19.60 11.72 8.53
C ALA D 30 -20.69 12.71 8.89
N GLU D 31 -20.44 13.46 9.97
CA GLU D 31 -21.38 14.47 10.45
C GLU D 31 -21.73 15.55 9.41
N LYS D 32 -20.73 16.09 8.72
CA LYS D 32 -20.97 17.11 7.70
C LYS D 32 -21.92 16.59 6.62
N ILE D 33 -21.69 15.36 6.19
CA ILE D 33 -22.54 14.71 5.21
C ILE D 33 -23.98 14.49 5.67
N VAL D 34 -24.21 14.16 6.93
CA VAL D 34 -25.59 13.92 7.28
C VAL D 34 -26.35 15.15 7.83
N ASP D 35 -25.62 16.21 8.18
CA ASP D 35 -26.29 17.41 8.66
C ASP D 35 -27.34 17.96 7.68
N PRO D 36 -27.03 18.01 6.38
CA PRO D 36 -28.02 18.53 5.44
C PRO D 36 -29.26 17.61 5.36
N LEU D 37 -29.04 16.33 5.65
CA LEU D 37 -30.10 15.33 5.53
C LEU D 37 -31.01 15.36 6.74
N LEU D 38 -30.43 15.61 7.91
CA LEU D 38 -31.22 15.81 9.11
C LEU D 38 -32.11 17.06 8.96
N ASP D 39 -31.60 18.08 8.30
CA ASP D 39 -32.36 19.32 8.10
C ASP D 39 -33.58 19.08 7.18
N LEU D 40 -33.42 18.22 6.17
CA LEU D 40 -34.54 17.93 5.27
C LEU D 40 -35.70 17.29 6.05
N GLY D 41 -35.36 16.45 7.01
CA GLY D 41 -36.38 15.78 7.81
C GLY D 41 -37.00 16.71 8.84
N LYS D 42 -36.30 17.77 9.22
CA LYS D 42 -36.85 18.78 10.13
C LYS D 42 -37.84 19.71 9.43
N LYS D 43 -37.59 20.00 8.16
CA LYS D 43 -38.34 21.00 7.39
C LYS D 43 -39.44 20.45 6.50
N ASN D 44 -39.55 19.13 6.40
CA ASN D 44 -40.44 18.48 5.42
C ASN D 44 -41.22 17.27 5.95
N THR D 45 -42.34 16.97 5.31
CA THR D 45 -43.07 15.73 5.58
C THR D 45 -43.40 14.99 4.29
N THR D 46 -43.91 13.78 4.46
CA THR D 46 -44.20 12.86 3.35
C THR D 46 -45.49 12.11 3.65
N PRO D 47 -46.09 11.52 2.62
CA PRO D 47 -47.29 10.71 2.79
C PRO D 47 -47.17 9.76 3.94
N SER D 48 -46.06 9.04 3.98
CA SER D 48 -45.87 7.98 4.93
C SER D 48 -45.76 8.52 6.36
N ILE D 49 -45.08 9.64 6.55
CA ILE D 49 -45.01 10.26 7.89
C ILE D 49 -46.39 10.70 8.35
N GLU D 50 -47.17 11.26 7.43
CA GLU D 50 -48.51 11.72 7.74
C GLU D 50 -49.48 10.55 8.01
N ARG D 51 -49.39 9.48 7.22
CA ARG D 51 -50.19 8.28 7.49
C ARG D 51 -49.87 7.82 8.91
N SER D 52 -48.59 7.88 9.24
CA SER D 52 -48.12 7.39 10.53
C SER D 52 -48.67 8.27 11.65
N VAL D 53 -48.75 9.58 11.38
CA VAL D 53 -49.39 10.47 12.35
C VAL D 53 -50.80 9.97 12.62
N LEU D 54 -51.56 9.73 11.55
CA LEU D 54 -52.91 9.19 11.64
C LEU D 54 -52.97 7.82 12.36
N LEU D 55 -51.99 6.97 12.13
CA LEU D 55 -52.03 5.64 12.73
C LEU D 55 -51.91 5.73 14.22
N ARG D 56 -51.24 6.79 14.68
CA ARG D 56 -51.00 7.06 16.08
C ARG D 56 -52.21 7.78 16.69
N MET D 57 -53.01 8.39 15.82
CA MET D 57 -54.19 9.14 16.24
C MET D 57 -55.40 8.21 16.29
N GLY D 58 -55.16 6.93 16.05
CA GLY D 58 -56.22 5.96 16.15
C GLY D 58 -57.05 5.76 14.89
N PHE D 59 -56.45 6.07 13.75
CA PHE D 59 -57.05 5.67 12.46
C PHE D 59 -56.40 4.38 11.95
N SER D 60 -57.00 3.77 10.94
CA SER D 60 -56.48 2.52 10.41
C SER D 60 -55.63 2.77 9.18
N SER D 61 -54.84 1.76 8.81
CA SER D 61 -54.07 1.80 7.57
C SER D 61 -54.96 2.28 6.43
N LEU D 62 -56.17 1.72 6.36
CA LEU D 62 -57.09 2.04 5.28
C LEU D 62 -57.52 3.51 5.28
N GLU D 63 -57.77 4.03 6.48
CA GLU D 63 -58.38 5.33 6.66
C GLU D 63 -57.35 6.44 6.55
N ALA D 64 -56.12 6.12 6.93
CA ALA D 64 -55.02 7.07 6.79
C ALA D 64 -54.72 7.27 5.30
N LYS D 65 -54.60 6.15 4.58
CA LYS D 65 -54.38 6.21 3.13
C LYS D 65 -55.42 7.12 2.50
N ALA D 66 -56.68 6.94 2.89
CA ALA D 66 -57.75 7.76 2.34
C ALA D 66 -57.67 9.19 2.84
N ILE D 67 -57.38 9.39 4.12
CA ILE D 67 -57.25 10.76 4.64
C ILE D 67 -56.09 11.54 4.00
N VAL D 68 -54.94 10.88 3.85
CA VAL D 68 -53.79 11.55 3.25
C VAL D 68 -53.98 11.78 1.75
N ASP D 69 -54.47 10.78 1.04
CA ASP D 69 -54.72 10.95 -0.39
C ASP D 69 -55.51 12.22 -0.61
N LYS D 70 -56.66 12.32 0.05
CA LYS D 70 -57.52 13.49 -0.06
C LYS D 70 -56.85 14.79 0.43
N THR D 71 -55.81 14.68 1.27
CA THR D 71 -55.02 15.86 1.63
C THR D 71 -54.09 16.32 0.50
N MET D 72 -53.39 15.37 -0.10
CA MET D 72 -52.48 15.65 -1.21
C MET D 72 -53.23 16.22 -2.40
N ASP D 73 -54.41 15.67 -2.68
CA ASP D 73 -55.25 16.16 -3.76
C ASP D 73 -55.51 17.63 -3.54
N ARG D 74 -55.63 18.00 -2.26
CA ARG D 74 -56.02 19.35 -1.89
C ARG D 74 -54.85 20.14 -1.31
N GLY D 75 -53.63 19.69 -1.64
CA GLY D 75 -52.41 20.39 -1.29
C GLY D 75 -52.38 20.98 0.10
N LEU D 76 -52.80 20.18 1.07
CA LEU D 76 -52.82 20.60 2.47
C LEU D 76 -51.74 19.91 3.30
N MET D 77 -50.87 19.13 2.64
CA MET D 77 -49.80 18.44 3.34
C MET D 77 -49.05 19.45 4.16
N GLY D 78 -48.85 20.63 3.61
CA GLY D 78 -48.24 21.73 4.35
C GLY D 78 -48.64 21.83 5.80
N LYS D 79 -49.92 21.58 6.09
CA LYS D 79 -50.48 21.77 7.42
C LYS D 79 -50.28 20.57 8.33
N GLY D 80 -50.16 19.39 7.71
CA GLY D 80 -50.07 18.12 8.41
C GLY D 80 -51.43 17.44 8.49
N ALA D 81 -51.59 16.33 7.77
CA ALA D 81 -52.86 15.63 7.70
C ALA D 81 -53.45 15.40 9.10
N GLY D 82 -52.59 15.40 10.11
CA GLY D 82 -53.04 15.29 11.48
C GLY D 82 -53.70 16.57 11.97
N HIS D 83 -52.98 17.67 11.86
CA HIS D 83 -53.48 18.99 12.13
C HIS D 83 -54.89 19.18 11.47
N ILE D 84 -54.97 18.94 10.16
CA ILE D 84 -56.26 18.96 9.44
C ILE D 84 -57.38 18.28 10.24
N VAL D 85 -57.23 16.98 10.49
CA VAL D 85 -58.18 16.22 11.30
C VAL D 85 -58.56 16.91 12.61
N TYR D 86 -57.55 17.39 13.32
CA TYR D 86 -57.70 17.98 14.63
C TYR D 86 -58.53 19.25 14.58
N LYS D 87 -58.20 20.15 13.67
CA LYS D 87 -58.93 21.39 13.56
C LYS D 87 -60.38 21.15 13.13
N ILE D 88 -60.58 20.31 12.12
CA ILE D 88 -61.93 19.95 11.69
C ILE D 88 -62.69 19.42 12.88
N ALA D 89 -62.01 18.64 13.71
CA ALA D 89 -62.63 18.11 14.91
C ALA D 89 -63.11 19.23 15.85
N LYS D 90 -62.26 20.20 16.15
CA LYS D 90 -62.64 21.27 17.08
C LYS D 90 -63.54 22.39 16.49
N GLU D 91 -63.80 22.34 15.19
CA GLU D 91 -64.58 23.36 14.49
C GLU D 91 -66.04 22.96 14.33
N LYS D 92 -66.25 21.65 14.34
CA LYS D 92 -67.57 21.08 14.14
C LYS D 92 -68.05 20.46 15.44
N ASN D 93 -67.21 20.55 16.48
CA ASN D 93 -67.51 19.94 17.78
C ASN D 93 -67.89 18.44 17.73
N ILE D 94 -67.09 17.71 16.96
CA ILE D 94 -67.17 16.25 16.89
C ILE D 94 -65.86 15.67 17.50
N SER D 95 -65.83 14.35 17.73
CA SER D 95 -64.60 13.71 18.23
C SER D 95 -63.52 13.58 17.13
N VAL D 96 -62.27 13.37 17.54
CA VAL D 96 -61.18 13.23 16.58
C VAL D 96 -61.50 12.26 15.45
N ARG D 97 -62.04 11.11 15.85
CA ARG D 97 -62.30 9.99 14.98
C ARG D 97 -63.50 10.19 14.03
N GLU D 98 -64.49 10.99 14.45
CA GLU D 98 -65.57 11.36 13.54
C GLU D 98 -64.99 12.21 12.43
N ALA D 99 -64.07 13.08 12.81
CA ALA D 99 -63.54 14.12 11.93
C ALA D 99 -62.66 13.53 10.81
N GLY D 100 -61.80 12.59 11.18
CA GLY D 100 -60.99 11.93 10.19
C GLY D 100 -61.85 11.01 9.35
N LEU D 101 -62.80 10.34 9.99
CA LEU D 101 -63.64 9.36 9.30
C LEU D 101 -64.54 10.08 8.31
N ALA D 102 -65.05 11.24 8.73
CA ALA D 102 -65.74 12.11 7.82
C ALA D 102 -64.81 12.47 6.66
N LEU D 103 -63.71 13.15 7.00
CA LEU D 103 -62.71 13.59 6.02
C LEU D 103 -62.29 12.48 5.05
N SER D 104 -62.17 11.26 5.56
CA SER D 104 -61.78 10.13 4.73
C SER D 104 -62.84 9.82 3.68
N GLU D 105 -64.04 10.37 3.86
CA GLU D 105 -65.15 10.12 2.94
C GLU D 105 -65.55 11.33 2.09
N GLY D 106 -64.62 12.26 1.88
CA GLY D 106 -64.87 13.39 1.01
C GLY D 106 -65.58 14.55 1.68
N LYS D 107 -65.95 14.38 2.95
CA LYS D 107 -66.70 15.42 3.67
C LYS D 107 -65.80 16.40 4.40
N TYR D 108 -66.29 17.64 4.51
CA TYR D 108 -65.60 18.70 5.26
C TYR D 108 -64.30 19.24 4.63
N TRP D 109 -64.03 18.95 3.36
CA TRP D 109 -62.76 19.41 2.79
C TRP D 109 -62.76 20.88 2.42
N ASP D 110 -63.94 21.46 2.32
CA ASP D 110 -64.06 22.83 1.92
C ASP D 110 -63.99 23.76 3.13
N ASP D 111 -64.57 23.31 4.25
CA ASP D 111 -64.31 23.96 5.55
C ASP D 111 -62.83 23.83 5.87
N ALA D 112 -62.23 22.75 5.38
CA ALA D 112 -60.82 22.47 5.60
C ALA D 112 -59.97 23.49 4.86
N ILE D 113 -60.26 23.67 3.59
CA ILE D 113 -59.50 24.62 2.76
C ILE D 113 -59.58 26.04 3.30
N GLN D 114 -60.09 26.18 4.52
CA GLN D 114 -60.30 27.50 5.11
C GLN D 114 -60.25 27.51 6.64
N LEU E 5 37.16 34.87 -44.30
CA LEU E 5 38.39 34.13 -44.00
C LEU E 5 38.66 34.14 -42.51
N GLN E 6 38.81 32.93 -41.95
CA GLN E 6 39.35 32.72 -40.60
C GLN E 6 38.30 32.29 -39.58
N LEU E 7 38.34 32.97 -38.43
CA LEU E 7 37.83 32.53 -37.14
C LEU E 7 38.55 31.31 -36.63
N ARG E 8 39.17 31.47 -35.46
CA ARG E 8 40.02 30.44 -34.90
C ARG E 8 39.77 30.46 -33.41
N VAL E 9 39.49 29.30 -32.85
CA VAL E 9 38.90 29.17 -31.53
C VAL E 9 39.74 29.82 -30.44
N ASN E 10 41.03 29.97 -30.70
CA ASN E 10 41.97 30.52 -29.73
C ASN E 10 42.33 31.98 -29.98
N GLU E 11 41.84 32.52 -31.10
CA GLU E 11 42.05 33.90 -31.45
C GLU E 11 40.76 34.68 -31.35
N LYS E 12 40.80 35.84 -30.72
CA LYS E 12 39.63 36.70 -30.58
C LYS E 12 39.06 37.13 -31.92
N LEU E 13 37.76 37.43 -31.91
CA LEU E 13 37.06 37.95 -33.09
C LEU E 13 37.71 39.27 -33.43
N ASP E 14 38.11 39.48 -34.69
CA ASP E 14 38.71 40.77 -35.02
C ASP E 14 37.63 41.81 -35.32
N VAL E 15 37.22 42.53 -34.30
CA VAL E 15 36.10 43.45 -34.48
C VAL E 15 36.49 44.58 -35.44
N GLU E 16 37.66 45.17 -35.23
CA GLU E 16 38.20 46.17 -36.16
C GLU E 16 38.16 45.64 -37.61
N ASN E 17 38.60 44.42 -37.81
CA ASN E 17 38.53 43.81 -39.13
C ASN E 17 37.10 43.64 -39.66
N ILE E 18 36.12 43.57 -38.76
CA ILE E 18 34.73 43.41 -39.18
C ILE E 18 34.13 44.73 -39.65
N LEU E 19 34.47 45.82 -38.95
CA LEU E 19 34.01 47.14 -39.35
C LEU E 19 34.50 47.54 -40.77
N LYS E 20 35.50 46.81 -41.27
CA LYS E 20 36.08 47.07 -42.59
C LYS E 20 35.18 46.65 -43.73
N ASP E 21 35.20 47.43 -44.80
CA ASP E 21 34.58 47.01 -46.06
C ASP E 21 33.09 46.75 -45.95
N LEU E 22 32.46 47.40 -44.97
CA LEU E 22 31.04 47.19 -44.72
C LEU E 22 30.17 47.54 -45.93
N ASP E 23 30.57 48.57 -46.66
CA ASP E 23 29.87 49.01 -47.88
C ASP E 23 29.85 47.92 -48.96
N LYS E 24 30.45 46.79 -48.65
CA LYS E 24 30.65 45.75 -49.63
C LYS E 24 30.06 44.43 -49.18
N TYR E 25 29.37 44.44 -48.04
CA TYR E 25 28.89 43.19 -47.45
C TYR E 25 27.51 42.73 -47.93
N THR E 26 27.37 41.44 -48.24
CA THR E 26 26.03 40.83 -48.33
C THR E 26 25.91 39.70 -47.32
N PRO E 27 24.68 39.34 -46.94
CA PRO E 27 24.48 38.16 -46.10
C PRO E 27 24.63 36.86 -46.91
N LYS E 28 24.92 35.73 -46.28
CA LYS E 28 24.96 34.44 -46.98
C LYS E 28 23.59 33.80 -47.07
N ARG E 29 22.86 33.85 -45.96
CA ARG E 29 21.55 33.21 -45.84
C ARG E 29 20.41 34.23 -45.82
N ARG E 30 19.27 33.78 -46.33
CA ARG E 30 18.01 34.48 -46.20
C ARG E 30 17.08 33.57 -45.39
N GLY E 31 16.31 34.17 -44.48
CA GLY E 31 15.26 33.46 -43.77
C GLY E 31 15.60 32.90 -42.41
N TRP E 32 14.57 32.45 -41.72
CA TRP E 32 14.66 31.78 -40.45
C TRP E 32 15.12 30.34 -40.64
N THR E 33 15.83 29.77 -39.65
CA THR E 33 16.24 28.35 -39.68
C THR E 33 15.82 27.67 -38.38
N TRP E 34 15.17 26.51 -38.46
CA TRP E 34 14.90 25.71 -37.26
C TRP E 34 16.04 24.73 -36.99
N ARG E 35 16.02 24.07 -35.84
CA ARG E 35 17.03 23.07 -35.51
C ARG E 35 16.65 21.71 -36.10
N GLN E 36 17.66 20.88 -36.36
CA GLN E 36 17.45 19.58 -36.99
C GLN E 36 17.23 18.57 -35.91
N PRO E 37 16.02 18.00 -35.84
CA PRO E 37 15.88 16.90 -34.88
C PRO E 37 16.93 15.82 -35.19
N ALA E 38 17.54 15.28 -34.15
CA ALA E 38 18.44 14.13 -34.29
C ALA E 38 17.84 13.01 -33.46
N GLU E 39 17.10 12.13 -34.15
CA GLU E 39 16.26 11.13 -33.49
C GLU E 39 17.13 10.03 -32.91
N ASN E 40 16.72 9.50 -31.76
CA ASN E 40 17.48 8.49 -31.03
C ASN E 40 19.00 8.66 -31.05
N LEU E 41 19.49 9.87 -30.79
CA LEU E 41 20.91 10.16 -30.91
C LEU E 41 21.77 9.66 -29.76
N GLN E 42 22.93 9.13 -30.09
CA GLN E 42 23.90 8.69 -29.09
C GLN E 42 24.99 9.75 -28.81
N MET E 43 25.22 10.03 -27.53
CA MET E 43 26.28 10.96 -27.09
C MET E 43 26.88 10.43 -25.78
N GLY E 44 28.20 10.22 -25.74
CA GLY E 44 28.80 9.56 -24.61
C GLY E 44 28.02 8.28 -24.28
N PRO E 45 27.74 8.04 -22.99
CA PRO E 45 27.06 6.82 -22.58
C PRO E 45 25.60 6.76 -22.98
N PHE E 46 25.00 7.91 -23.27
CA PHE E 46 23.54 7.98 -23.33
C PHE E 46 22.89 8.04 -24.72
N ILE E 47 21.59 7.78 -24.71
CA ILE E 47 20.76 7.90 -25.90
C ILE E 47 19.65 8.92 -25.63
N TYR E 48 19.43 9.80 -26.61
CA TYR E 48 18.55 10.97 -26.46
C TYR E 48 17.26 10.97 -27.32
N LYS E 49 16.12 10.90 -26.65
CA LYS E 49 14.82 10.94 -27.31
C LYS E 49 14.49 12.27 -28.00
N ASP E 50 14.85 13.40 -27.38
CA ASP E 50 14.45 14.72 -27.90
C ASP E 50 15.58 15.70 -28.26
N ALA E 51 16.71 15.19 -28.80
CA ALA E 51 17.82 16.06 -29.17
C ALA E 51 17.88 16.38 -30.66
N SER E 52 18.50 17.52 -30.97
CA SER E 52 18.81 17.92 -32.33
C SER E 52 20.32 17.71 -32.59
N THR E 53 20.78 18.05 -33.80
CA THR E 53 22.20 17.98 -34.17
C THR E 53 23.12 18.73 -33.22
N PRO E 54 24.25 18.11 -32.86
CA PRO E 54 25.21 18.70 -31.92
C PRO E 54 26.05 19.74 -32.64
N LEU E 55 26.67 20.65 -31.89
CA LEU E 55 27.58 21.64 -32.47
C LEU E 55 28.96 21.04 -32.73
N GLU E 56 29.70 21.62 -33.65
CA GLU E 56 31.06 21.18 -33.87
C GLU E 56 31.99 21.81 -32.85
N ASN E 57 31.77 23.07 -32.52
CA ASN E 57 32.50 23.68 -31.42
C ASN E 57 31.60 24.30 -30.37
N SER E 58 31.78 23.91 -29.12
CA SER E 58 30.97 24.47 -28.06
C SER E 58 31.62 24.32 -26.69
N VAL E 59 31.13 25.12 -25.76
CA VAL E 59 31.45 24.95 -24.34
C VAL E 59 30.35 24.13 -23.66
N ALA E 60 30.70 22.96 -23.11
CA ALA E 60 29.70 22.11 -22.47
C ALA E 60 29.42 22.57 -21.05
N LEU E 61 28.31 22.11 -20.48
CA LEU E 61 27.99 22.38 -19.09
C LEU E 61 29.15 21.92 -18.23
N PRO E 62 29.45 22.67 -17.17
CA PRO E 62 30.54 22.21 -16.29
C PRO E 62 30.45 20.71 -16.08
N SER E 63 29.35 20.22 -15.52
CA SER E 63 29.27 18.83 -15.12
C SER E 63 29.39 17.81 -16.24
N ALA E 64 29.38 18.31 -17.47
CA ALA E 64 29.62 17.46 -18.63
C ALA E 64 30.95 16.73 -18.45
N LYS E 65 31.87 17.34 -17.70
CA LYS E 65 33.19 16.76 -17.50
C LYS E 65 33.08 15.32 -16.99
N TYR E 66 32.03 15.02 -16.24
CA TYR E 66 31.83 13.66 -15.74
C TYR E 66 31.25 12.68 -16.78
N PHE E 67 30.82 13.17 -17.94
CA PHE E 67 30.31 12.29 -19.00
C PHE E 67 30.94 12.52 -20.37
N GLY E 68 32.26 12.61 -20.42
CA GLY E 68 32.96 12.69 -21.69
C GLY E 68 32.83 14.03 -22.38
N ASP E 69 32.42 15.03 -21.62
CA ASP E 69 32.24 16.40 -22.12
C ASP E 69 31.31 16.55 -23.34
N ILE E 70 30.30 15.70 -23.39
CA ILE E 70 29.24 15.81 -24.40
C ILE E 70 28.41 17.09 -24.19
N ASP E 71 27.90 17.65 -25.26
CA ASP E 71 27.07 18.85 -25.18
C ASP E 71 25.83 18.72 -26.09
N PRO E 72 24.86 17.88 -25.68
CA PRO E 72 23.54 17.70 -26.32
C PRO E 72 22.77 19.01 -26.52
N GLN E 73 22.10 19.14 -27.67
CA GLN E 73 21.31 20.33 -27.97
C GLN E 73 19.81 20.01 -28.14
N PRO E 74 18.96 20.66 -27.32
CA PRO E 74 17.50 20.54 -27.30
C PRO E 74 16.83 20.93 -28.64
N LEU E 75 15.57 20.51 -28.80
CA LEU E 75 14.81 20.74 -30.03
C LEU E 75 14.44 22.19 -30.30
N PRO E 76 14.10 22.93 -29.24
CA PRO E 76 13.69 24.31 -29.44
C PRO E 76 14.87 25.23 -29.76
N VAL E 77 14.66 26.14 -30.70
CA VAL E 77 15.61 27.19 -30.99
C VAL E 77 15.70 28.07 -29.76
N ILE E 78 16.93 28.43 -29.36
CA ILE E 78 17.16 29.15 -28.10
C ILE E 78 17.53 30.63 -28.28
N THR E 79 16.85 31.52 -27.57
CA THR E 79 17.12 32.96 -27.71
C THR E 79 17.85 33.58 -26.51
N THR E 80 18.80 34.44 -26.81
CA THR E 80 19.35 35.34 -25.80
C THR E 80 19.22 36.79 -26.26
N GLU E 81 19.16 37.70 -25.30
CA GLU E 81 18.97 39.11 -25.59
C GLU E 81 20.25 39.89 -25.33
N ILE E 82 20.88 40.32 -26.42
CA ILE E 82 22.14 41.06 -26.37
C ILE E 82 22.04 42.44 -27.05
N ALA E 83 22.10 43.49 -26.24
CA ALA E 83 21.99 44.85 -26.73
C ALA E 83 22.42 45.77 -25.61
N SER E 84 23.69 46.16 -25.64
CA SER E 84 24.30 46.87 -24.52
C SER E 84 24.30 48.37 -24.69
N GLY E 85 24.05 48.83 -25.90
CA GLY E 85 24.26 50.21 -26.30
C GLY E 85 25.35 50.34 -27.38
N ARG E 86 26.28 49.40 -27.39
CA ARG E 86 27.39 49.43 -28.34
C ARG E 86 27.53 48.08 -29.04
N PHE E 87 27.07 48.00 -30.27
CA PHE E 87 27.07 46.73 -30.98
C PHE E 87 28.48 46.15 -31.02
N GLU E 88 29.48 47.01 -31.15
CA GLU E 88 30.87 46.56 -31.35
C GLU E 88 31.37 45.69 -30.19
N ASP E 89 30.98 46.06 -28.97
CA ASP E 89 31.24 45.24 -27.80
C ASP E 89 30.38 43.98 -27.88
N ASP E 90 29.08 44.17 -28.12
CA ASP E 90 28.10 43.09 -28.13
C ASP E 90 28.41 41.91 -29.02
N ILE E 91 29.12 42.13 -30.11
CA ILE E 91 29.47 41.05 -31.04
C ILE E 91 30.27 39.95 -30.36
N ARG E 92 31.09 40.35 -29.40
CA ARG E 92 31.92 39.41 -28.67
C ARG E 92 31.06 38.57 -27.73
N ARG E 93 30.17 39.23 -27.00
CA ARG E 93 29.20 38.53 -26.15
C ARG E 93 28.41 37.55 -26.98
N MET E 94 28.21 37.86 -28.26
CA MET E 94 27.52 36.94 -29.15
C MET E 94 28.29 35.64 -29.33
N ARG E 95 29.52 35.75 -29.83
CA ARG E 95 30.36 34.57 -30.01
C ARG E 95 30.32 33.70 -28.77
N MET E 96 30.49 34.35 -27.61
CA MET E 96 30.41 33.72 -26.30
C MET E 96 29.10 32.94 -26.15
N ALA E 97 27.99 33.63 -26.36
CA ALA E 97 26.69 33.03 -26.19
C ALA E 97 26.40 31.93 -27.21
N ALA E 98 26.98 32.05 -28.40
CA ALA E 98 26.73 31.07 -29.46
C ALA E 98 27.39 29.72 -29.13
N TRP E 99 28.49 29.76 -28.38
CA TRP E 99 29.24 28.57 -28.00
C TRP E 99 28.51 27.88 -26.86
N HIS E 100 27.60 28.59 -26.22
CA HIS E 100 26.85 28.00 -25.12
C HIS E 100 25.51 27.50 -25.56
N GLY E 101 25.28 27.51 -26.89
CA GLY E 101 24.11 26.89 -27.47
C GLY E 101 23.08 27.81 -28.09
N ALA E 102 23.21 29.11 -27.87
CA ALA E 102 22.29 30.07 -28.45
C ALA E 102 22.36 30.10 -30.00
N ASP E 103 21.18 30.04 -30.64
CA ASP E 103 21.08 30.16 -32.08
C ASP E 103 19.97 31.12 -32.46
N HIS E 104 19.81 32.14 -31.62
CA HIS E 104 18.84 33.16 -31.85
C HIS E 104 19.25 34.36 -31.02
N ILE E 105 19.77 35.37 -31.71
CA ILE E 105 20.31 36.56 -31.08
C ILE E 105 19.39 37.74 -31.33
N MET E 106 18.82 38.23 -30.25
CA MET E 106 17.82 39.28 -30.32
C MET E 106 18.41 40.59 -29.84
N VAL E 107 18.26 41.65 -30.65
CA VAL E 107 18.80 42.98 -30.32
C VAL E 107 17.70 44.00 -30.10
N ILE E 108 17.34 44.26 -28.84
CA ILE E 108 16.37 45.31 -28.52
C ILE E 108 16.94 46.64 -29.01
N ARG E 109 16.08 47.58 -29.39
CA ARG E 109 16.55 48.83 -30.00
C ARG E 109 16.87 49.95 -29.00
N THR E 110 17.33 51.10 -29.51
CA THR E 110 17.62 52.24 -28.64
C THR E 110 16.30 52.84 -28.15
N ALA E 111 16.30 53.34 -26.93
CA ALA E 111 15.08 53.80 -26.26
C ALA E 111 14.24 54.61 -27.22
N GLY E 112 13.00 54.14 -27.42
CA GLY E 112 12.03 54.80 -28.28
C GLY E 112 12.45 55.03 -29.73
N GLN E 113 13.08 54.03 -30.35
CA GLN E 113 13.37 54.11 -31.78
C GLN E 113 12.06 53.96 -32.55
N SER E 114 11.05 53.45 -31.85
CA SER E 114 9.71 53.33 -32.41
C SER E 114 9.20 54.69 -32.83
N HIS E 115 9.72 55.74 -32.18
CA HIS E 115 9.24 57.10 -32.45
C HIS E 115 9.97 57.80 -33.59
N TYR E 116 11.10 57.25 -34.03
CA TYR E 116 11.87 57.80 -35.15
C TYR E 116 11.12 57.60 -36.45
N ASP E 117 10.81 58.69 -37.15
CA ASP E 117 10.01 58.63 -38.37
C ASP E 117 10.85 58.31 -39.61
N GLY E 118 11.53 57.17 -39.60
CA GLY E 118 12.35 56.76 -40.72
C GLY E 118 13.58 55.99 -40.25
N LEU E 119 14.38 55.50 -41.18
CA LEU E 119 15.62 54.83 -40.85
C LEU E 119 16.60 55.76 -40.14
N ILE E 120 17.46 55.19 -39.30
CA ILE E 120 18.66 55.92 -38.87
C ILE E 120 19.90 55.32 -39.51
N GLU E 121 20.98 56.10 -39.50
CA GLU E 121 22.21 55.73 -40.19
C GLU E 121 23.41 55.76 -39.26
N GLY E 122 24.34 54.83 -39.49
CA GLY E 122 25.60 54.83 -38.76
C GLY E 122 25.56 54.18 -37.38
N THR E 123 26.38 54.71 -36.47
CA THR E 123 26.62 54.02 -35.22
C THR E 123 26.68 54.98 -34.03
N PRO E 124 25.59 55.71 -33.79
CA PRO E 124 25.43 56.47 -32.55
C PRO E 124 25.34 55.54 -31.36
N GLN E 125 25.66 56.03 -30.18
CA GLN E 125 25.64 55.23 -28.97
C GLN E 125 24.22 54.91 -28.55
N GLY E 126 23.93 53.64 -28.33
CA GLY E 126 22.60 53.24 -27.89
C GLY E 126 22.29 53.66 -26.47
N ILE E 127 21.00 53.81 -26.16
CA ILE E 127 20.54 54.04 -24.79
C ILE E 127 19.49 53.02 -24.43
N GLY E 128 19.78 52.16 -23.45
CA GLY E 128 18.94 51.02 -23.12
C GLY E 128 18.72 50.02 -24.26
N GLY E 129 19.59 50.08 -25.28
CA GLY E 129 19.55 49.20 -26.44
C GLY E 129 20.30 49.79 -27.62
N VAL E 130 20.69 48.93 -28.56
CA VAL E 130 21.40 49.32 -29.78
C VAL E 130 20.53 50.08 -30.75
N PRO E 131 21.04 51.18 -31.35
CA PRO E 131 20.31 51.88 -32.40
C PRO E 131 20.41 51.10 -33.71
N ILE E 132 19.29 50.53 -34.12
CA ILE E 132 19.26 49.70 -35.32
C ILE E 132 19.33 50.53 -36.60
N THR E 133 20.44 50.38 -37.30
CA THR E 133 20.65 51.03 -38.59
C THR E 133 21.30 50.07 -39.54
N ARG E 134 21.31 50.40 -40.83
CA ARG E 134 21.80 49.46 -41.81
C ARG E 134 23.25 49.07 -41.54
N LYS E 135 24.07 50.06 -41.20
CA LYS E 135 25.47 49.80 -40.94
C LYS E 135 25.58 48.75 -39.84
N GLN E 136 25.12 49.13 -38.65
CA GLN E 136 25.22 48.27 -37.47
C GLN E 136 24.68 46.84 -37.70
N VAL E 137 23.54 46.73 -38.37
CA VAL E 137 23.04 45.43 -38.76
C VAL E 137 24.02 44.69 -39.66
N ARG E 138 24.59 45.37 -40.66
CA ARG E 138 25.55 44.70 -41.55
C ARG E 138 26.75 44.15 -40.77
N ALA E 139 27.21 44.92 -39.77
CA ALA E 139 28.35 44.51 -38.95
C ALA E 139 28.03 43.23 -38.20
N GLN E 140 27.03 43.32 -37.33
CA GLN E 140 26.58 42.21 -36.53
C GLN E 140 26.30 40.93 -37.34
N ARG E 141 25.59 41.04 -38.45
CA ARG E 141 25.23 39.86 -39.23
C ARG E 141 26.48 39.25 -39.86
N LYS E 142 27.40 40.11 -40.30
CA LYS E 142 28.68 39.68 -40.88
C LYS E 142 29.45 38.89 -39.84
N ALA E 143 29.52 39.45 -38.65
CA ALA E 143 30.13 38.77 -37.53
C ALA E 143 29.47 37.42 -37.30
N LEU E 144 28.15 37.41 -37.13
CA LEU E 144 27.42 36.17 -36.82
C LEU E 144 27.63 35.09 -37.89
N ASP E 145 27.71 35.52 -39.15
CA ASP E 145 28.09 34.63 -40.25
C ASP E 145 29.37 33.89 -39.85
N LEU E 146 30.37 34.63 -39.38
CA LEU E 146 31.62 34.04 -38.92
C LEU E 146 31.42 33.06 -37.75
N ILE E 147 30.90 33.60 -36.65
CA ILE E 147 30.52 32.83 -35.46
C ILE E 147 29.71 31.54 -35.77
N GLU E 148 28.75 31.62 -36.67
CA GLU E 148 27.92 30.45 -37.00
C GLU E 148 28.67 29.39 -37.80
N GLU E 149 29.65 29.83 -38.56
CA GLU E 149 30.55 28.93 -39.27
C GLU E 149 31.39 28.16 -38.23
N GLU E 150 31.90 28.91 -37.25
CA GLU E 150 32.67 28.35 -36.14
C GLU E 150 31.93 27.32 -35.30
N VAL E 151 30.73 27.63 -34.81
CA VAL E 151 30.01 26.63 -34.01
C VAL E 151 29.42 25.51 -34.89
N GLY E 152 29.03 25.84 -36.12
CA GLY E 152 28.56 24.83 -37.05
C GLY E 152 27.05 24.67 -37.05
N ARG E 153 26.35 25.70 -36.63
CA ARG E 153 24.89 25.71 -36.63
C ARG E 153 24.47 27.11 -37.00
N PRO E 154 23.61 27.24 -38.03
CA PRO E 154 23.16 28.56 -38.51
C PRO E 154 22.57 29.37 -37.36
N ILE E 155 22.85 30.67 -37.33
CA ILE E 155 22.30 31.50 -36.26
C ILE E 155 21.24 32.50 -36.76
N ASN E 156 20.16 32.69 -36.00
CA ASN E 156 19.09 33.62 -36.39
C ASN E 156 19.25 35.03 -35.85
N TYR E 157 19.43 35.99 -36.75
CA TYR E 157 19.59 37.36 -36.33
C TYR E 157 18.21 37.98 -36.19
N HIS E 158 17.97 38.65 -35.06
CA HIS E 158 16.65 39.15 -34.71
C HIS E 158 16.63 40.57 -34.10
N SER E 159 15.60 41.35 -34.46
CA SER E 159 15.37 42.69 -33.92
C SER E 159 13.91 43.09 -34.13
N TYR E 160 13.64 44.40 -34.14
CA TYR E 160 12.27 44.91 -34.08
C TYR E 160 11.81 45.84 -35.23
N VAL E 161 10.72 45.44 -35.88
CA VAL E 161 10.09 46.22 -36.94
C VAL E 161 8.95 47.09 -36.41
N SER E 162 9.10 47.68 -35.24
CA SER E 162 8.00 48.46 -34.67
C SER E 162 8.07 49.93 -35.01
N GLY E 163 7.08 50.68 -34.52
CA GLY E 163 7.13 52.13 -34.58
C GLY E 163 6.54 52.73 -35.85
N VAL E 164 6.82 54.01 -36.06
CA VAL E 164 6.26 54.69 -37.23
C VAL E 164 7.09 54.46 -38.49
N ALA E 165 8.24 53.83 -38.35
CA ALA E 165 9.07 53.52 -39.50
C ALA E 165 8.99 52.05 -39.88
N GLY E 166 7.89 51.39 -39.52
CA GLY E 166 7.68 49.97 -39.79
C GLY E 166 8.11 49.46 -41.17
N PRO E 167 7.44 49.92 -42.22
CA PRO E 167 7.83 49.60 -43.60
C PRO E 167 9.32 49.86 -43.86
N ASP E 168 9.83 51.02 -43.45
CA ASP E 168 11.23 51.39 -43.64
C ASP E 168 12.15 50.28 -43.16
N ILE E 169 12.04 49.98 -41.87
CA ILE E 169 12.90 49.00 -41.22
C ILE E 169 12.62 47.59 -41.75
N ALA E 170 11.38 47.33 -42.15
CA ALA E 170 11.07 46.05 -42.76
C ALA E 170 11.94 45.87 -44.02
N VAL E 171 11.99 46.89 -44.86
CA VAL E 171 12.76 46.78 -46.10
C VAL E 171 14.25 46.55 -45.80
N MET E 172 14.81 47.41 -44.95
CA MET E 172 16.20 47.28 -44.56
C MET E 172 16.47 45.87 -44.02
N PHE E 173 15.68 45.43 -43.06
CA PHE E 173 15.83 44.08 -42.51
C PHE E 173 15.81 43.03 -43.63
N ALA E 174 14.84 43.14 -44.53
CA ALA E 174 14.72 42.17 -45.62
C ALA E 174 16.03 42.09 -46.41
N GLU E 175 16.50 43.23 -46.90
CA GLU E 175 17.69 43.28 -47.73
C GLU E 175 18.89 42.67 -47.04
N GLU E 176 19.09 43.05 -45.78
CA GLU E 176 20.31 42.76 -45.04
C GLU E 176 20.32 41.44 -44.26
N GLY E 177 19.41 40.53 -44.62
CA GLY E 177 19.41 39.17 -44.10
C GLY E 177 18.94 38.91 -42.67
N VAL E 178 18.21 39.85 -42.09
CA VAL E 178 17.65 39.66 -40.74
C VAL E 178 16.69 38.49 -40.77
N ASN E 179 16.85 37.55 -39.84
CA ASN E 179 16.18 36.26 -39.92
C ASN E 179 14.87 36.21 -39.18
N GLY E 180 14.76 37.06 -38.17
CA GLY E 180 13.54 37.15 -37.41
C GLY E 180 13.30 38.57 -37.00
N ALA E 181 12.05 38.91 -36.72
CA ALA E 181 11.71 40.20 -36.14
C ALA E 181 10.35 40.18 -35.47
N HIS E 182 10.19 41.09 -34.50
CA HIS E 182 8.91 41.36 -33.86
C HIS E 182 8.08 42.24 -34.79
N GLN E 183 6.86 41.83 -35.08
CA GLN E 183 5.90 42.75 -35.68
C GLN E 183 4.49 42.54 -35.17
N ASP E 184 3.98 43.55 -34.47
CA ASP E 184 2.62 43.51 -33.99
C ASP E 184 2.10 44.93 -33.95
N PRO E 185 1.25 45.30 -34.92
CA PRO E 185 0.71 46.66 -34.96
C PRO E 185 0.03 47.04 -33.65
N GLN E 186 -0.40 46.04 -32.89
CA GLN E 186 -1.11 46.25 -31.63
C GLN E 186 -0.18 46.88 -30.59
N TYR E 187 1.07 46.42 -30.58
CA TYR E 187 2.09 47.02 -29.77
C TYR E 187 2.11 48.53 -30.01
N ASN E 188 2.27 48.91 -31.27
CA ASN E 188 2.27 50.32 -31.63
C ASN E 188 1.20 51.16 -30.93
N VAL E 189 -0.05 50.73 -31.00
CA VAL E 189 -1.16 51.50 -30.45
C VAL E 189 -1.24 51.47 -28.92
N LEU E 190 -1.30 50.27 -28.34
CA LEU E 190 -1.51 50.18 -26.90
C LEU E 190 -0.41 50.87 -26.10
N TYR E 191 0.84 50.48 -26.34
CA TYR E 191 1.95 50.85 -25.46
C TYR E 191 2.82 52.05 -25.91
N ARG E 192 2.81 52.39 -27.19
CA ARG E 192 3.65 53.49 -27.68
C ARG E 192 2.83 54.69 -28.12
N ASN E 193 1.51 54.58 -27.95
CA ASN E 193 0.57 55.62 -28.35
C ASN E 193 0.75 56.12 -29.78
N ILE E 194 0.85 55.20 -30.73
CA ILE E 194 0.93 55.55 -32.14
C ILE E 194 -0.44 55.37 -32.79
N ASN E 195 -0.82 56.30 -33.67
CA ASN E 195 -2.16 56.32 -34.25
C ASN E 195 -2.55 54.96 -34.79
N MET E 196 -3.73 54.48 -34.42
CA MET E 196 -4.13 53.14 -34.80
C MET E 196 -4.32 52.95 -36.31
N ILE E 197 -4.91 53.93 -36.98
CA ILE E 197 -5.09 53.83 -38.43
C ILE E 197 -3.74 53.75 -39.16
N ARG E 198 -2.86 54.69 -38.83
CA ARG E 198 -1.54 54.73 -39.43
C ARG E 198 -0.78 53.43 -39.18
N SER E 199 -0.93 52.89 -37.99
CA SER E 199 -0.15 51.73 -37.59
C SER E 199 -0.55 50.44 -38.31
N PHE E 200 -1.86 50.18 -38.40
CA PHE E 200 -2.35 48.96 -39.06
C PHE E 200 -2.22 49.00 -40.58
N ILE E 201 -2.25 50.18 -41.16
CA ILE E 201 -2.02 50.32 -42.60
C ILE E 201 -0.56 50.03 -42.92
N ASP E 202 0.33 50.56 -42.07
CA ASP E 202 1.75 50.25 -42.12
C ASP E 202 1.99 48.74 -42.00
N ALA E 203 1.50 48.14 -40.92
CA ALA E 203 1.74 46.73 -40.65
C ALA E 203 1.60 45.88 -41.90
N CYS E 204 0.53 46.07 -42.66
CA CYS E 204 0.32 45.31 -43.89
C CYS E 204 1.57 45.32 -44.78
N GLU E 205 2.06 46.51 -45.06
CA GLU E 205 3.28 46.69 -45.81
C GLU E 205 4.45 45.94 -45.15
N SER E 206 4.78 46.29 -43.92
CA SER E 206 5.85 45.59 -43.20
C SER E 206 5.74 44.07 -43.31
N LYS E 207 4.61 43.52 -42.87
CA LYS E 207 4.41 42.06 -42.82
C LYS E 207 4.55 41.41 -44.19
N THR E 208 4.07 42.08 -45.22
CA THR E 208 4.32 41.62 -46.58
C THR E 208 5.80 41.51 -46.93
N ILE E 209 6.57 42.56 -46.69
CA ILE E 209 8.02 42.51 -46.87
C ILE E 209 8.65 41.34 -46.11
N MET E 210 8.33 41.24 -44.80
CA MET E 210 8.81 40.14 -43.96
C MET E 210 8.42 38.77 -44.51
N ALA E 211 7.16 38.63 -44.94
CA ALA E 211 6.71 37.42 -45.63
C ALA E 211 7.58 37.09 -46.85
N TRP E 212 7.90 38.12 -47.63
CA TRP E 212 8.77 37.95 -48.78
C TRP E 212 10.04 37.28 -48.33
N ALA E 213 10.60 37.81 -47.23
CA ALA E 213 11.93 37.45 -46.74
C ALA E 213 11.96 36.12 -45.97
N ASP E 214 10.84 35.41 -45.97
CA ASP E 214 10.74 34.19 -45.17
C ASP E 214 11.24 34.48 -43.76
N MET E 215 10.80 35.60 -43.20
CA MET E 215 11.17 35.99 -41.84
C MET E 215 10.19 35.44 -40.81
N ALA E 216 10.74 34.94 -39.70
CA ALA E 216 9.90 34.52 -38.60
C ALA E 216 9.48 35.77 -37.84
N GLN E 217 8.19 35.85 -37.52
CA GLN E 217 7.66 37.03 -36.86
C GLN E 217 7.22 36.66 -35.45
N ILE E 218 7.59 37.48 -34.48
CA ILE E 218 7.15 37.31 -33.11
C ILE E 218 6.17 38.43 -32.83
N ASP E 219 5.19 38.19 -31.95
CA ASP E 219 4.21 39.23 -31.64
C ASP E 219 4.44 39.94 -30.31
N GLY E 220 3.45 40.68 -29.86
CA GLY E 220 3.63 41.55 -28.73
C GLY E 220 2.87 41.14 -27.48
N ALA E 221 2.16 40.02 -27.55
CA ALA E 221 1.29 39.65 -26.45
C ALA E 221 1.96 39.84 -25.09
N HIS E 222 3.19 39.35 -24.95
CA HIS E 222 3.89 39.38 -23.65
C HIS E 222 3.87 40.72 -22.96
N ASN E 223 3.84 41.80 -23.72
CA ASN E 223 3.76 43.13 -23.14
C ASN E 223 2.49 43.35 -22.30
N ALA E 224 1.46 42.52 -22.49
CA ALA E 224 0.26 42.63 -21.67
C ALA E 224 0.53 42.06 -20.27
N ASN E 225 1.24 40.93 -20.23
CA ASN E 225 1.82 40.40 -19.01
C ASN E 225 2.38 41.53 -18.17
N ALA E 226 3.34 42.25 -18.75
CA ALA E 226 4.08 43.32 -18.07
C ALA E 226 3.21 44.45 -17.52
N THR E 227 2.38 45.05 -18.37
CA THR E 227 1.51 46.16 -17.97
C THR E 227 0.40 45.75 -17.01
N ALA E 228 0.03 44.47 -17.02
CA ALA E 228 -1.07 43.97 -16.20
C ALA E 228 -0.83 44.18 -14.70
N ARG E 229 -1.87 44.60 -13.98
CA ARG E 229 -1.79 44.72 -12.52
C ARG E 229 -1.42 43.38 -11.90
N GLU E 230 -2.29 42.41 -12.15
CA GLU E 230 -2.09 41.04 -11.70
C GLU E 230 -2.16 40.12 -12.91
N ALA E 231 -0.99 39.73 -13.41
CA ALA E 231 -0.86 39.02 -14.66
C ALA E 231 -1.63 37.71 -14.74
N TRP E 232 -2.19 37.23 -13.63
CA TRP E 232 -2.96 36.00 -13.75
C TRP E 232 -4.37 36.25 -14.27
N LYS E 233 -4.86 37.48 -14.07
CA LYS E 233 -6.17 37.89 -14.56
C LYS E 233 -6.21 38.27 -16.07
N VAL E 234 -5.03 38.44 -16.68
CA VAL E 234 -4.96 38.99 -18.04
C VAL E 234 -5.00 37.97 -19.19
N MET E 235 -5.18 36.68 -18.88
CA MET E 235 -5.11 35.67 -19.93
C MET E 235 -6.15 35.80 -21.07
N PRO E 236 -7.41 36.07 -20.74
CA PRO E 236 -8.31 36.13 -21.89
C PRO E 236 -7.88 37.21 -22.88
N GLU E 237 -7.44 38.37 -22.40
CA GLU E 237 -6.90 39.39 -23.30
C GLU E 237 -5.71 38.84 -24.09
N LEU E 238 -4.83 38.11 -23.42
CA LEU E 238 -3.67 37.55 -24.11
C LEU E 238 -4.08 36.74 -25.36
N MET E 239 -5.15 35.97 -25.25
CA MET E 239 -5.58 35.12 -26.37
C MET E 239 -6.13 35.95 -27.53
N VAL E 240 -6.78 37.06 -27.20
CA VAL E 240 -7.32 37.95 -28.22
C VAL E 240 -6.19 38.62 -28.99
N GLN E 241 -5.30 39.33 -28.30
CA GLN E 241 -4.17 39.97 -28.96
C GLN E 241 -3.44 38.97 -29.86
N HIS E 242 -3.04 37.83 -29.31
CA HIS E 242 -2.40 36.76 -30.06
C HIS E 242 -3.22 36.48 -31.31
N ALA E 243 -4.50 36.15 -31.12
CA ALA E 243 -5.35 35.83 -32.24
C ALA E 243 -5.37 36.95 -33.28
N LEU E 244 -5.59 38.18 -32.85
CA LEU E 244 -5.67 39.30 -33.80
C LEU E 244 -4.44 39.49 -34.73
N ASN E 245 -3.23 39.44 -34.17
CA ASN E 245 -2.03 39.61 -34.98
C ASN E 245 -1.76 38.41 -35.89
N SER E 246 -2.19 37.23 -35.46
CA SER E 246 -2.00 36.00 -36.23
C SER E 246 -2.87 35.96 -37.48
N ILE E 247 -4.15 36.22 -37.32
CA ILE E 247 -5.07 36.15 -38.46
C ILE E 247 -4.69 37.24 -39.44
N PHE E 248 -4.56 38.47 -38.93
CA PHE E 248 -4.06 39.59 -39.71
C PHE E 248 -2.82 39.18 -40.51
N SER E 249 -1.77 38.72 -39.83
CA SER E 249 -0.53 38.31 -40.50
C SER E 249 -0.83 37.21 -41.53
N LEU E 250 -1.59 36.21 -41.10
CA LEU E 250 -1.91 35.06 -41.93
C LEU E 250 -2.45 35.53 -43.27
N LYS E 251 -3.37 36.49 -43.22
CA LYS E 251 -4.09 36.96 -44.40
C LYS E 251 -3.26 37.89 -45.28
N VAL E 252 -2.40 38.70 -44.68
CA VAL E 252 -1.51 39.54 -45.47
C VAL E 252 -0.67 38.67 -46.41
N GLY E 253 -0.49 37.41 -46.03
CA GLY E 253 0.20 36.43 -46.86
C GLY E 253 1.38 35.70 -46.24
N MET E 254 1.52 35.79 -44.91
CA MET E 254 2.61 35.13 -44.20
C MET E 254 2.28 33.65 -44.03
N LYS E 255 3.32 32.81 -43.98
CA LYS E 255 3.11 31.39 -43.73
C LYS E 255 2.77 31.16 -42.25
N LYS E 256 1.75 30.35 -42.00
CA LYS E 256 1.30 30.01 -40.65
C LYS E 256 2.44 29.45 -39.78
N SER E 257 3.46 28.85 -40.41
CA SER E 257 4.59 28.29 -39.68
C SER E 257 5.65 29.34 -39.35
N ASN E 258 5.40 30.59 -39.74
CA ASN E 258 6.32 31.68 -39.48
C ASN E 258 5.72 32.70 -38.52
N ILE E 259 4.44 32.52 -38.20
CA ILE E 259 3.78 33.35 -37.22
C ILE E 259 4.00 32.76 -35.82
N CYS E 260 4.60 33.54 -34.93
CA CYS E 260 4.95 33.05 -33.60
C CYS E 260 4.26 33.80 -32.48
N LEU E 261 3.57 33.05 -31.64
CA LEU E 261 3.01 33.60 -30.41
C LEU E 261 4.09 33.78 -29.35
N SER E 262 4.18 34.98 -28.84
CA SER E 262 5.15 35.26 -27.79
C SER E 262 4.48 34.98 -26.46
N THR E 263 4.78 33.84 -25.85
CA THR E 263 4.01 33.42 -24.69
C THR E 263 4.81 33.14 -23.40
N VAL E 264 4.67 34.07 -22.46
CA VAL E 264 5.25 33.94 -21.14
C VAL E 264 4.22 33.43 -20.16
N PRO E 265 4.55 32.36 -19.40
CA PRO E 265 3.69 31.94 -18.28
C PRO E 265 3.58 33.10 -17.30
N PRO E 266 2.34 33.50 -16.98
CA PRO E 266 2.03 34.74 -16.27
C PRO E 266 2.45 34.83 -14.81
N THR E 267 2.48 33.72 -14.09
CA THR E 267 2.82 33.79 -12.67
C THR E 267 4.16 33.17 -12.24
N ALA E 268 4.56 33.44 -11.00
CA ALA E 268 5.78 32.93 -10.42
C ALA E 268 5.53 32.67 -8.92
N PRO E 269 6.37 31.85 -8.30
CA PRO E 269 6.18 31.63 -6.85
C PRO E 269 6.35 32.93 -6.08
N PRO E 270 5.73 33.08 -4.89
CA PRO E 270 4.92 32.12 -4.13
C PRO E 270 3.55 31.78 -4.71
N ALA E 271 3.08 32.42 -5.79
CA ALA E 271 1.79 32.00 -6.37
C ALA E 271 1.89 30.54 -6.78
N PRO E 272 0.76 29.80 -6.80
CA PRO E 272 0.78 28.40 -7.22
C PRO E 272 0.96 28.35 -8.73
N SER E 273 2.18 28.49 -9.22
CA SER E 273 2.36 28.94 -10.60
C SER E 273 2.10 27.91 -11.71
N MET E 274 2.66 26.71 -11.62
CA MET E 274 2.34 25.68 -12.61
C MET E 274 0.83 25.49 -12.68
N TYR E 275 0.17 25.53 -11.52
CA TYR E 275 -1.28 25.33 -11.42
C TYR E 275 -2.07 26.40 -12.19
N LEU E 276 -1.55 27.61 -12.20
CA LEU E 276 -2.21 28.76 -12.81
C LEU E 276 -1.87 28.87 -14.29
N ASP E 277 -0.58 28.87 -14.58
CA ASP E 277 -0.08 29.04 -15.93
C ASP E 277 -0.32 27.83 -16.85
N LEU E 278 -0.30 26.63 -16.29
CA LEU E 278 -0.37 25.42 -17.14
C LEU E 278 -1.65 25.31 -17.99
N PRO E 279 -2.82 25.55 -17.38
CA PRO E 279 -4.05 25.42 -18.17
C PRO E 279 -4.16 26.44 -19.30
N TYR E 280 -3.68 27.66 -19.08
CA TYR E 280 -3.65 28.67 -20.13
C TYR E 280 -2.69 28.23 -21.24
N ALA E 281 -1.55 27.66 -20.85
CA ALA E 281 -0.58 27.18 -21.82
C ALA E 281 -1.24 26.15 -22.72
N VAL E 282 -1.97 25.21 -22.10
CA VAL E 282 -2.66 24.18 -22.85
C VAL E 282 -3.79 24.75 -23.74
N ALA E 283 -4.58 25.67 -23.21
CA ALA E 283 -5.64 26.32 -23.99
C ALA E 283 -5.05 27.03 -25.19
N LEU E 284 -4.06 27.88 -24.97
CA LEU E 284 -3.39 28.59 -26.04
C LEU E 284 -2.98 27.65 -27.18
N ARG E 285 -2.22 26.61 -26.87
CA ARG E 285 -1.75 25.69 -27.91
C ARG E 285 -2.86 24.87 -28.55
N GLU E 286 -3.91 24.54 -27.80
CA GLU E 286 -5.08 23.90 -28.43
C GLU E 286 -5.75 24.80 -29.47
N MET E 287 -5.75 26.11 -29.23
CA MET E 287 -6.45 27.06 -30.08
C MET E 287 -5.68 27.43 -31.34
N PHE E 288 -4.36 27.40 -31.25
CA PHE E 288 -3.53 27.81 -32.36
C PHE E 288 -2.74 26.64 -32.89
N GLU E 289 -3.34 25.45 -32.92
CA GLU E 289 -2.77 24.36 -33.68
C GLU E 289 -2.31 24.98 -34.98
N GLY E 290 -1.11 24.63 -35.42
CA GLY E 290 -0.63 25.13 -36.70
C GLY E 290 0.34 26.29 -36.57
N TYR E 291 0.15 27.12 -35.55
CA TYR E 291 1.08 28.22 -35.31
C TYR E 291 2.28 27.85 -34.44
N ARG E 292 3.33 28.66 -34.58
CA ARG E 292 4.54 28.54 -33.78
C ARG E 292 4.40 29.11 -32.39
N MET E 293 4.85 28.36 -31.40
CA MET E 293 4.89 28.83 -30.02
C MET E 293 6.27 29.36 -29.71
N ARG E 294 6.38 30.64 -29.42
CA ARG E 294 7.65 31.18 -28.96
C ARG E 294 7.53 31.40 -27.48
N ALA E 295 8.20 30.56 -26.71
CA ALA E 295 8.10 30.60 -25.26
C ALA E 295 9.13 31.57 -24.68
N GLN E 296 8.69 32.62 -24.01
CA GLN E 296 9.65 33.50 -23.38
C GLN E 296 9.52 33.35 -21.89
N MET E 297 10.53 33.80 -21.17
CA MET E 297 10.64 33.62 -19.72
C MET E 297 10.12 34.81 -18.92
N ASN E 298 9.72 34.51 -17.69
CA ASN E 298 9.21 35.48 -16.74
C ASN E 298 10.10 36.69 -16.51
N THR E 299 9.59 37.91 -16.63
CA THR E 299 10.36 39.06 -16.13
C THR E 299 9.59 39.92 -15.15
N LYS E 300 8.26 39.76 -15.10
CA LYS E 300 7.42 40.61 -14.27
C LYS E 300 7.62 40.34 -12.79
N TYR E 301 7.39 39.10 -12.38
CA TYR E 301 7.47 38.73 -10.99
C TYR E 301 8.87 38.29 -10.63
N MET E 302 9.84 39.11 -11.02
CA MET E 302 11.26 38.82 -10.80
C MET E 302 11.90 39.87 -9.91
N GLU E 303 12.97 39.51 -9.23
CA GLU E 303 13.63 40.47 -8.38
C GLU E 303 15.14 40.51 -8.64
N ALA E 304 15.91 40.73 -7.57
CA ALA E 304 17.34 40.97 -7.69
C ALA E 304 18.21 39.76 -7.31
N SER E 305 17.64 38.75 -6.68
CA SER E 305 18.35 37.49 -6.44
C SER E 305 18.44 36.75 -7.75
N THR E 306 19.65 36.51 -8.25
CA THR E 306 19.76 35.78 -9.50
C THR E 306 19.33 34.33 -9.32
N ARG E 307 19.50 33.80 -8.10
CA ARG E 307 19.04 32.44 -7.78
C ARG E 307 17.53 32.32 -7.99
N GLU E 308 16.78 33.16 -7.29
CA GLU E 308 15.34 33.17 -7.46
C GLU E 308 14.98 33.13 -8.94
N ALA E 309 15.65 33.93 -9.75
CA ALA E 309 15.30 34.01 -11.16
C ALA E 309 15.57 32.71 -11.90
N THR E 310 16.56 31.97 -11.45
CA THR E 310 16.98 30.81 -12.21
C THR E 310 15.99 29.71 -11.95
N VAL E 311 15.52 29.64 -10.70
CA VAL E 311 14.56 28.62 -10.32
C VAL E 311 13.26 28.82 -11.08
N THR E 312 12.71 30.02 -11.02
CA THR E 312 11.47 30.31 -11.75
C THR E 312 11.63 30.06 -13.25
N HIS E 313 12.81 30.33 -13.80
CA HIS E 313 13.05 30.07 -15.22
C HIS E 313 13.01 28.57 -15.54
N VAL E 314 13.32 27.75 -14.53
CA VAL E 314 13.24 26.32 -14.73
C VAL E 314 11.78 25.89 -14.77
N LEU E 315 10.95 26.47 -13.91
CA LEU E 315 9.51 26.22 -13.96
C LEU E 315 8.92 26.75 -15.25
N ASN E 316 9.58 27.72 -15.87
CA ASN E 316 9.13 28.20 -17.19
C ASN E 316 9.43 27.15 -18.26
N LEU E 317 10.63 26.60 -18.18
CA LEU E 317 11.03 25.55 -19.12
C LEU E 317 10.15 24.33 -18.92
N LEU E 318 9.72 24.08 -17.69
CA LEU E 318 8.85 22.94 -17.44
C LEU E 318 7.51 23.13 -18.13
N ILE E 319 6.94 24.33 -17.98
CA ILE E 319 5.73 24.67 -18.70
C ILE E 319 5.88 24.36 -20.20
N SER E 320 6.94 24.85 -20.83
CA SER E 320 7.08 24.64 -22.27
C SER E 320 7.14 23.15 -22.61
N LYS E 321 7.60 22.34 -21.66
CA LYS E 321 7.88 20.93 -21.89
C LYS E 321 6.63 20.06 -21.72
N LEU E 322 5.77 20.44 -20.79
CA LEU E 322 4.50 19.78 -20.67
C LEU E 322 3.64 20.10 -21.90
N THR E 323 3.98 21.19 -22.59
CA THR E 323 3.20 21.60 -23.75
C THR E 323 4.02 21.65 -25.06
N ARG E 324 4.28 22.85 -25.57
CA ARG E 324 5.14 22.97 -26.75
C ARG E 324 5.85 24.32 -26.81
N ALA E 325 7.08 24.30 -27.33
CA ALA E 325 7.84 25.51 -27.61
C ALA E 325 8.70 25.25 -28.82
N ASP E 326 8.38 25.92 -29.91
CA ASP E 326 9.15 25.81 -31.15
C ASP E 326 10.38 26.68 -30.96
N ILE E 327 10.17 27.81 -30.31
CA ILE E 327 11.23 28.72 -29.91
C ILE E 327 11.17 28.95 -28.40
N GLN E 328 12.31 28.78 -27.73
CA GLN E 328 12.44 29.07 -26.31
C GLN E 328 13.40 30.22 -26.04
N SER E 329 12.85 31.41 -25.88
CA SER E 329 13.60 32.58 -25.44
C SER E 329 13.96 32.48 -23.94
N THR E 330 15.03 33.19 -23.56
CA THR E 330 15.56 33.18 -22.20
C THR E 330 15.74 34.61 -21.68
N ILE E 331 15.70 34.76 -20.36
CA ILE E 331 15.91 36.03 -19.68
C ILE E 331 17.15 35.85 -18.82
N THR E 332 18.06 36.82 -18.83
CA THR E 332 19.25 36.73 -17.96
C THR E 332 18.82 36.85 -16.49
N PRO E 333 19.34 35.96 -15.63
CA PRO E 333 18.85 35.89 -14.25
C PRO E 333 19.12 37.18 -13.45
N ASP E 334 19.94 38.07 -14.01
CA ASP E 334 20.27 39.33 -13.38
C ASP E 334 19.45 40.48 -13.96
N GLU E 335 18.49 40.13 -14.82
CA GLU E 335 17.71 41.13 -15.53
C GLU E 335 16.99 42.09 -14.57
N GLY E 336 16.77 41.67 -13.34
CA GLY E 336 16.06 42.51 -12.40
C GLY E 336 17.02 43.21 -11.44
N ARG E 337 18.28 43.27 -11.83
CA ARG E 337 19.36 43.70 -10.95
C ARG E 337 20.25 44.71 -11.65
N ASN E 338 20.23 44.67 -12.99
CA ASN E 338 21.06 45.55 -13.81
C ASN E 338 20.92 45.16 -15.27
N VAL E 339 21.63 45.87 -16.15
CA VAL E 339 21.67 45.53 -17.57
C VAL E 339 22.46 44.23 -17.66
N PRO E 340 22.06 43.33 -18.55
CA PRO E 340 22.67 42.00 -18.58
C PRO E 340 24.16 42.05 -18.78
N TRP E 341 24.89 41.24 -18.01
CA TRP E 341 26.33 41.10 -18.18
C TRP E 341 26.62 39.89 -19.06
N HIS E 342 27.80 39.91 -19.68
CA HIS E 342 28.27 38.78 -20.44
C HIS E 342 27.89 37.51 -19.73
N ILE E 343 28.31 37.39 -18.47
CA ILE E 343 28.22 36.11 -17.75
C ILE E 343 26.80 35.64 -17.44
N TYR E 344 25.84 36.55 -17.42
CA TYR E 344 24.44 36.16 -17.21
C TYR E 344 23.63 35.83 -18.48
N ASN E 345 24.04 36.34 -19.65
CA ASN E 345 23.53 35.80 -20.89
C ASN E 345 23.92 34.33 -20.97
N ILE E 346 25.14 34.05 -20.54
CA ILE E 346 25.64 32.68 -20.57
C ILE E 346 25.05 31.80 -19.47
N GLU E 347 24.73 32.40 -18.32
CA GLU E 347 23.99 31.68 -17.30
C GLU E 347 22.65 31.25 -17.92
N ALA E 348 21.91 32.21 -18.47
CA ALA E 348 20.65 31.92 -19.12
C ALA E 348 20.79 30.79 -20.12
N CYS E 349 21.62 30.98 -21.13
CA CYS E 349 21.86 29.93 -22.11
C CYS E 349 22.17 28.56 -21.51
N ASP E 350 23.00 28.53 -20.47
CA ASP E 350 23.29 27.27 -19.79
C ASP E 350 22.03 26.66 -19.16
N THR E 351 21.36 27.42 -18.29
CA THR E 351 20.14 27.00 -17.62
C THR E 351 19.12 26.35 -18.57
N ALA E 352 18.90 26.97 -19.73
CA ALA E 352 17.87 26.49 -20.65
C ALA E 352 18.30 25.21 -21.35
N LYS E 353 19.52 25.18 -21.83
CA LYS E 353 20.05 23.96 -22.38
C LYS E 353 20.08 22.89 -21.28
N GLN E 354 20.39 23.28 -20.04
CA GLN E 354 20.55 22.31 -18.93
C GLN E 354 19.28 21.61 -18.46
N ALA E 355 18.20 22.37 -18.30
CA ALA E 355 16.94 21.84 -17.81
C ALA E 355 16.20 21.01 -18.88
N LEU E 356 16.15 21.55 -20.10
CA LEU E 356 15.54 20.87 -21.23
C LEU E 356 16.22 19.52 -21.49
N ILE E 357 17.55 19.52 -21.46
CA ILE E 357 18.26 18.28 -21.72
C ILE E 357 17.89 17.34 -20.61
N GLY E 358 17.83 17.87 -19.40
CA GLY E 358 17.43 17.08 -18.26
C GLY E 358 15.99 16.58 -18.37
N MET E 359 15.21 17.20 -19.22
CA MET E 359 13.83 16.78 -19.36
C MET E 359 13.63 15.92 -20.61
N ASP E 360 14.75 15.51 -21.21
CA ASP E 360 14.76 14.72 -22.42
C ASP E 360 13.76 13.55 -22.40
N GLY E 361 12.85 13.56 -23.37
CA GLY E 361 11.88 12.49 -23.54
C GLY E 361 11.03 12.29 -22.32
N LEU E 362 10.72 13.39 -21.64
CA LEU E 362 10.02 13.33 -20.36
C LEU E 362 8.55 13.06 -20.63
N MET E 363 8.07 13.43 -21.82
CA MET E 363 6.68 13.18 -22.16
C MET E 363 6.41 11.74 -22.58
N ASP E 364 7.46 10.94 -22.74
CA ASP E 364 7.23 9.52 -22.95
C ASP E 364 6.79 8.91 -21.63
N MET E 365 7.04 9.60 -20.52
CA MET E 365 6.81 9.04 -19.18
C MET E 365 5.80 9.82 -18.33
N VAL E 366 5.35 10.96 -18.83
CA VAL E 366 4.38 11.78 -18.12
C VAL E 366 3.41 12.34 -19.13
N GLN E 367 2.15 12.49 -18.73
CA GLN E 367 1.18 13.10 -19.62
C GLN E 367 0.24 14.00 -18.86
N LEU E 368 -0.41 14.88 -19.60
CA LEU E 368 -1.34 15.80 -19.01
C LEU E 368 -2.64 15.08 -18.70
N LYS E 369 -3.18 15.32 -17.50
CA LYS E 369 -4.50 14.85 -17.12
C LYS E 369 -5.50 15.80 -17.75
N ARG E 370 -5.71 15.68 -19.05
CA ARG E 370 -6.51 16.66 -19.75
C ARG E 370 -7.98 16.60 -19.34
N GLU E 371 -8.38 15.49 -18.72
CA GLU E 371 -9.75 15.34 -18.27
C GLU E 371 -9.80 15.46 -16.76
N GLY E 372 -10.23 16.63 -16.29
CA GLY E 372 -10.19 16.93 -14.87
C GLY E 372 -10.17 18.44 -14.71
N VAL E 373 -9.66 18.92 -13.59
CA VAL E 373 -9.61 20.36 -13.39
C VAL E 373 -8.94 21.05 -14.58
N LEU E 374 -7.85 20.46 -15.08
CA LEU E 374 -7.12 21.05 -16.20
C LEU E 374 -8.01 21.29 -17.42
N GLY E 375 -8.62 20.25 -17.93
CA GLY E 375 -9.48 20.42 -19.09
C GLY E 375 -10.60 21.41 -18.86
N ASP E 376 -11.08 21.51 -17.62
CA ASP E 376 -12.22 22.36 -17.30
C ASP E 376 -11.84 23.80 -17.48
N THR E 377 -10.66 24.15 -16.98
CA THR E 377 -10.15 25.52 -17.07
C THR E 377 -9.79 25.89 -18.52
N VAL E 378 -9.15 24.97 -19.23
CA VAL E 378 -8.88 25.15 -20.65
C VAL E 378 -10.11 25.60 -21.43
N ARG E 379 -11.26 24.97 -21.16
CA ARG E 379 -12.49 25.35 -21.81
C ARG E 379 -12.91 26.73 -21.35
N GLU E 380 -12.92 26.92 -20.04
CA GLU E 380 -13.33 28.20 -19.47
C GLU E 380 -12.63 29.37 -20.15
N LEU E 381 -11.30 29.26 -20.28
CA LEU E 381 -10.45 30.33 -20.85
C LEU E 381 -10.74 30.58 -22.31
N LYS E 382 -10.95 29.50 -23.06
CA LYS E 382 -11.36 29.62 -24.45
C LYS E 382 -12.64 30.42 -24.51
N GLU E 383 -13.63 30.03 -23.72
CA GLU E 383 -14.92 30.72 -23.68
C GLU E 383 -14.79 32.20 -23.28
N ARG E 384 -13.98 32.50 -22.26
CA ARG E 384 -13.73 33.88 -21.92
C ARG E 384 -13.11 34.67 -23.08
N ALA E 385 -12.22 34.02 -23.82
CA ALA E 385 -11.62 34.60 -25.02
C ALA E 385 -12.65 34.85 -26.13
N VAL E 386 -13.49 33.85 -26.41
CA VAL E 386 -14.61 33.99 -27.36
C VAL E 386 -15.59 35.11 -27.01
N LEU E 387 -15.93 35.25 -25.74
CA LEU E 387 -16.79 36.35 -25.34
C LEU E 387 -16.13 37.68 -25.69
N PHE E 388 -14.88 37.82 -25.27
CA PHE E 388 -14.09 39.03 -25.49
C PHE E 388 -14.17 39.50 -26.94
N MET E 389 -14.11 38.53 -27.86
CA MET E 389 -14.23 38.80 -29.29
C MET E 389 -15.62 39.28 -29.68
N GLU E 390 -16.64 38.63 -29.15
CA GLU E 390 -18.01 39.03 -29.43
C GLU E 390 -18.22 40.47 -29.03
N GLU E 391 -17.79 40.81 -27.82
CA GLU E 391 -17.95 42.18 -27.36
C GLU E 391 -17.21 43.18 -28.25
N ILE E 392 -16.12 42.76 -28.89
CA ILE E 392 -15.40 43.63 -29.83
C ILE E 392 -16.21 43.83 -31.11
N ILE E 393 -16.55 42.73 -31.78
CA ILE E 393 -17.54 42.73 -32.85
C ILE E 393 -18.68 43.68 -32.50
N GLU E 394 -19.21 43.54 -31.31
CA GLU E 394 -20.43 44.26 -30.93
C GLU E 394 -20.26 45.76 -30.85
N ALA E 395 -19.15 46.22 -30.30
CA ALA E 395 -18.92 47.66 -30.21
C ALA E 395 -18.41 48.24 -31.54
N GLY E 396 -18.49 47.45 -32.60
CA GLY E 396 -18.14 47.95 -33.92
C GLY E 396 -16.70 47.84 -34.37
N GLY E 397 -16.02 46.76 -34.00
CA GLY E 397 -14.70 46.47 -34.53
C GLY E 397 -13.51 46.81 -33.65
N TYR E 398 -12.32 46.57 -34.17
CA TYR E 398 -11.11 46.85 -33.41
C TYR E 398 -11.10 48.26 -32.84
N PHE E 399 -11.05 49.23 -33.74
CA PHE E 399 -10.85 50.62 -33.34
C PHE E 399 -11.71 51.07 -32.15
N ASN E 400 -12.99 50.74 -32.21
CA ASN E 400 -13.93 51.19 -31.18
C ASN E 400 -13.68 50.46 -29.88
N ALA E 401 -13.35 49.18 -29.98
CA ALA E 401 -12.93 48.47 -28.78
C ALA E 401 -11.78 49.22 -28.11
N VAL E 402 -10.73 49.57 -28.86
CA VAL E 402 -9.60 50.26 -28.24
C VAL E 402 -10.02 51.57 -27.57
N GLU E 403 -10.74 52.42 -28.30
CA GLU E 403 -11.21 53.68 -27.75
C GLU E 403 -11.97 53.47 -26.44
N GLN E 404 -12.87 52.48 -26.44
CA GLN E 404 -13.68 52.22 -25.26
C GLN E 404 -12.86 51.59 -24.15
N GLY E 405 -11.55 51.49 -24.37
CA GLY E 405 -10.64 50.98 -23.35
C GLY E 405 -10.72 49.51 -22.97
N PHE E 406 -11.06 48.67 -23.94
CA PHE E 406 -11.15 47.23 -23.72
C PHE E 406 -9.79 46.64 -23.33
N PHE E 407 -8.72 47.30 -23.75
CA PHE E 407 -7.38 46.71 -23.55
C PHE E 407 -6.61 47.31 -22.38
N VAL E 408 -5.72 46.50 -21.80
CA VAL E 408 -4.93 46.88 -20.64
C VAL E 408 -5.81 47.11 -19.40
N ASP E 409 -6.91 46.37 -19.31
CA ASP E 409 -7.83 46.56 -18.19
C ASP E 409 -7.52 45.50 -17.13
N SER E 410 -7.34 45.96 -15.89
CA SER E 410 -6.89 45.08 -14.81
C SER E 410 -7.92 44.06 -14.32
N GLY E 411 -9.09 44.03 -14.93
CA GLY E 411 -10.09 43.04 -14.59
C GLY E 411 -9.87 41.72 -15.30
N TYR E 412 -10.43 40.66 -14.74
CA TYR E 412 -10.41 39.33 -15.34
C TYR E 412 -11.64 39.20 -16.22
N TYR E 413 -11.49 39.63 -17.48
CA TYR E 413 -12.62 39.69 -18.41
C TYR E 413 -13.42 38.40 -18.34
N PRO E 414 -14.76 38.48 -18.47
CA PRO E 414 -15.71 39.56 -18.70
C PRO E 414 -15.65 40.73 -17.72
N GLU E 415 -15.07 40.51 -16.54
CA GLU E 415 -14.86 41.58 -15.56
C GLU E 415 -14.12 42.77 -16.20
N ARG E 416 -14.58 43.99 -15.93
CA ARG E 416 -14.00 45.22 -16.50
C ARG E 416 -13.86 46.33 -15.47
N ASN E 417 -12.64 46.58 -15.02
CA ASN E 417 -12.41 47.61 -14.01
C ASN E 417 -12.36 49.03 -14.57
N GLY E 418 -12.41 49.17 -15.90
CA GLY E 418 -12.48 50.48 -16.53
C GLY E 418 -11.23 51.32 -16.35
N ASP E 419 -10.09 50.65 -16.24
CA ASP E 419 -8.82 51.31 -16.01
C ASP E 419 -7.82 51.03 -17.12
N GLY E 420 -8.29 50.42 -18.20
CA GLY E 420 -7.40 50.08 -19.30
C GLY E 420 -6.97 51.29 -20.08
N ILE E 421 -6.01 51.12 -20.97
CA ILE E 421 -5.59 52.18 -21.89
C ILE E 421 -6.68 52.41 -22.93
N ALA E 422 -6.99 53.67 -23.20
CA ALA E 422 -7.93 53.97 -24.26
C ALA E 422 -7.22 54.89 -25.23
N ARG E 423 -7.38 54.62 -26.52
CA ARG E 423 -6.69 55.39 -27.55
C ARG E 423 -7.68 56.12 -28.44
N GLN E 424 -7.34 57.34 -28.84
CA GLN E 424 -8.14 58.06 -29.82
C GLN E 424 -7.90 57.48 -31.21
N ILE E 425 -8.99 57.16 -31.91
CA ILE E 425 -8.90 56.64 -33.26
C ILE E 425 -8.31 57.69 -34.19
N ASN E 426 -8.00 58.84 -33.60
CA ASN E 426 -7.61 60.05 -34.32
C ASN E 426 -6.49 60.75 -33.56
N GLY E 427 -6.05 60.16 -32.46
CA GLY E 427 -4.99 60.75 -31.67
C GLY E 427 -3.72 60.00 -32.01
N GLY E 428 -2.67 60.28 -31.25
CA GLY E 428 -1.43 59.51 -31.32
C GLY E 428 -0.38 60.03 -32.28
N ILE E 429 0.85 59.55 -32.08
CA ILE E 429 1.92 59.80 -33.02
C ILE E 429 1.44 59.39 -34.39
N GLY E 430 1.43 60.33 -35.33
CA GLY E 430 1.06 60.03 -36.71
C GLY E 430 -0.42 60.07 -37.01
N ALA E 431 -1.17 60.83 -36.22
CA ALA E 431 -2.57 61.01 -36.53
C ALA E 431 -2.66 61.86 -37.78
N GLY E 432 -3.58 61.50 -38.67
CA GLY E 432 -3.76 62.26 -39.89
C GLY E 432 -2.56 62.21 -40.82
N THR E 433 -1.93 61.03 -40.87
CA THR E 433 -0.87 60.75 -41.84
C THR E 433 -1.28 59.55 -42.69
N VAL E 434 -2.59 59.39 -42.90
CA VAL E 434 -3.13 58.35 -43.76
C VAL E 434 -3.78 58.98 -44.99
N PHE E 435 -3.31 58.59 -46.17
CA PHE E 435 -3.78 59.18 -47.43
C PHE E 435 -4.50 58.15 -48.30
N GLU E 436 -5.58 58.60 -48.95
CA GLU E 436 -6.38 57.75 -49.83
C GLU E 436 -5.65 57.49 -51.15
N ARG E 437 -5.57 56.24 -51.60
CA ARG E 437 -4.99 55.94 -52.90
C ARG E 437 -6.00 56.21 -54.01
N ASP E 438 -5.56 56.84 -55.09
CA ASP E 438 -6.43 57.13 -56.24
C ASP E 438 -6.39 56.04 -57.30
N GLU E 439 -7.39 56.06 -58.18
CA GLU E 439 -7.47 55.11 -59.29
C GLU E 439 -6.08 54.77 -59.85
N ASP E 440 -5.21 55.77 -59.93
CA ASP E 440 -3.94 55.60 -60.62
C ASP E 440 -2.71 55.47 -59.69
N TYR E 441 -2.94 55.22 -58.41
CA TYR E 441 -1.83 55.03 -57.48
C TYR E 441 -0.92 53.87 -57.93
N MET E 442 0.37 54.10 -57.98
CA MET E 442 1.27 53.01 -58.34
C MET E 442 2.57 52.96 -57.53
N ALA E 443 3.15 51.76 -57.42
CA ALA E 443 4.44 51.56 -56.78
C ALA E 443 5.21 50.44 -57.50
N PRO E 444 6.30 50.81 -58.19
CA PRO E 444 6.98 49.89 -59.11
C PRO E 444 7.98 48.98 -58.40
N VAL E 445 7.57 48.39 -57.27
CA VAL E 445 8.49 47.59 -56.46
C VAL E 445 7.90 46.24 -56.04
N THR E 446 8.78 45.32 -55.66
CA THR E 446 8.31 44.00 -55.29
C THR E 446 7.85 43.98 -53.83
N ALA E 447 6.85 43.13 -53.52
CA ALA E 447 6.37 42.97 -52.16
C ALA E 447 5.63 44.21 -51.64
N HIS E 448 4.82 44.81 -52.50
CA HIS E 448 3.97 45.89 -52.06
C HIS E 448 2.57 45.34 -51.81
N PHE E 449 1.90 45.81 -50.75
CA PHE E 449 0.64 45.19 -50.33
C PHE E 449 -0.63 45.71 -51.00
N GLY E 450 -0.92 46.99 -50.83
CA GLY E 450 -2.19 47.56 -51.24
C GLY E 450 -2.44 47.75 -52.74
N TYR E 451 -3.55 48.40 -53.06
CA TYR E 451 -3.95 48.62 -54.45
C TYR E 451 -2.82 49.20 -55.29
N ASN E 452 -2.37 48.45 -56.27
CA ASN E 452 -1.26 48.91 -57.11
C ASN E 452 -1.61 48.83 -58.59
N ASN E 453 -2.17 49.91 -59.11
CA ASN E 453 -2.54 49.97 -60.51
C ASN E 453 -1.31 49.99 -61.43
N VAL E 454 -0.89 48.82 -61.90
CA VAL E 454 0.26 48.75 -62.81
C VAL E 454 -0.21 48.59 -64.25
N LYS E 455 -1.41 48.03 -64.40
CA LYS E 455 -2.04 47.79 -65.71
C LYS E 455 -2.04 49.04 -66.60
N GLN E 456 -1.98 50.21 -65.98
CA GLN E 456 -1.93 51.46 -66.73
C GLN E 456 -0.60 51.63 -67.44
N TYR E 457 0.38 50.81 -67.08
CA TYR E 457 1.69 50.91 -67.71
C TYR E 457 2.04 49.65 -68.48
N ASP E 458 1.29 48.58 -68.24
CA ASP E 458 1.51 47.31 -68.93
C ASP E 458 0.88 46.14 -68.17
N GLU E 459 -0.18 45.56 -68.73
CA GLU E 459 -0.89 44.48 -68.04
C GLU E 459 0.00 43.31 -67.70
N ALA E 460 1.11 43.14 -68.42
CA ALA E 460 1.94 41.95 -68.25
C ALA E 460 2.79 41.98 -66.97
N LEU E 461 2.89 43.16 -66.36
CA LEU E 461 3.77 43.34 -65.22
C LEU E 461 3.01 43.34 -63.90
N VAL E 462 1.73 43.00 -63.96
CA VAL E 462 0.90 43.02 -62.76
C VAL E 462 1.48 42.14 -61.65
N SER E 463 2.05 41.00 -62.04
CA SER E 463 2.71 40.11 -61.09
C SER E 463 4.19 40.45 -60.82
N GLU E 464 4.69 41.53 -61.43
CA GLU E 464 6.11 41.82 -61.39
C GLU E 464 6.38 43.31 -61.40
N PRO E 465 5.71 44.05 -60.50
CA PRO E 465 5.81 45.51 -60.55
C PRO E 465 7.25 46.02 -60.49
N SER E 466 8.21 45.17 -60.17
CA SER E 466 9.60 45.60 -60.17
C SER E 466 10.09 45.75 -61.61
N LYS E 467 9.48 44.99 -62.52
CA LYS E 467 9.82 45.03 -63.94
C LYS E 467 9.80 46.45 -64.51
N LEU E 468 8.83 47.25 -64.07
CA LEU E 468 8.76 48.66 -64.47
C LEU E 468 10.12 49.36 -64.40
N ILE E 469 10.94 48.94 -63.44
CA ILE E 469 12.22 49.60 -63.19
C ILE E 469 13.38 48.61 -63.21
N ASP E 470 13.21 47.54 -63.98
CA ASP E 470 14.24 46.51 -64.07
C ASP E 470 14.72 46.06 -62.69
N GLY E 471 13.80 45.50 -61.90
CA GLY E 471 14.09 45.03 -60.56
C GLY E 471 14.21 46.13 -59.50
N CYS E 472 13.69 45.88 -58.29
CA CYS E 472 13.87 46.79 -57.15
C CYS E 472 15.06 46.30 -56.33
N THR E 473 15.38 46.99 -55.24
CA THR E 473 16.54 46.62 -54.44
C THR E 473 16.41 45.18 -53.93
N LEU E 474 15.18 44.68 -53.86
CA LEU E 474 14.95 43.29 -53.46
C LEU E 474 15.37 42.31 -54.56
N GLU E 475 15.60 42.83 -55.75
CA GLU E 475 16.06 42.01 -56.87
C GLU E 475 17.42 42.48 -57.41
N VAL E 476 17.83 43.68 -57.03
CA VAL E 476 19.07 44.26 -57.50
C VAL E 476 19.78 44.97 -56.36
N PRO E 477 20.37 44.18 -55.46
CA PRO E 477 21.07 44.61 -54.25
C PRO E 477 21.98 45.80 -54.49
N GLU E 478 22.54 45.91 -55.69
CA GLU E 478 23.53 46.95 -55.96
C GLU E 478 22.91 48.33 -55.79
N LYS E 479 21.62 48.45 -56.12
CA LYS E 479 20.92 49.75 -56.09
C LYS E 479 20.81 50.37 -54.69
N ILE E 480 21.12 49.59 -53.67
CA ILE E 480 20.93 50.01 -52.29
C ILE E 480 21.94 51.06 -51.84
N VAL E 481 21.45 52.23 -51.46
CA VAL E 481 22.33 53.30 -51.04
C VAL E 481 22.91 53.01 -49.65
N TYR E 482 24.22 52.80 -49.59
CA TYR E 482 24.88 52.64 -48.30
C TYR E 482 25.28 53.99 -47.68
N ILE E 483 25.03 54.13 -46.38
CA ILE E 483 25.43 55.30 -45.62
C ILE E 483 26.21 54.87 -44.36
N ASP E 484 27.43 55.41 -44.23
CA ASP E 484 28.37 54.97 -43.20
C ASP E 484 28.20 55.70 -41.85
N GLU E 485 28.46 57.00 -41.84
CA GLU E 485 28.26 57.77 -40.62
C GLU E 485 27.67 59.15 -40.93
N LEU E 486 26.86 59.64 -40.01
CA LEU E 486 26.28 60.97 -40.13
C LEU E 486 26.77 61.90 -39.02
N ASP E 487 27.34 61.33 -37.96
CA ASP E 487 27.78 62.12 -36.80
C ASP E 487 29.27 61.89 -36.49
N GLU E 488 30.08 62.90 -36.73
CA GLU E 488 31.53 62.79 -36.56
C GLU E 488 31.99 62.39 -35.15
N ASN E 489 31.26 62.81 -34.11
CA ASN E 489 31.66 62.54 -32.72
C ASN E 489 31.08 61.24 -32.11
N ASP E 490 29.76 61.16 -32.11
CA ASP E 490 29.02 60.04 -31.54
C ASP E 490 28.98 58.89 -32.56
N ASN E 491 30.03 58.08 -32.58
CA ASN E 491 30.07 56.95 -33.51
C ASN E 491 31.09 55.88 -33.10
N VAL E 492 31.12 54.78 -33.85
CA VAL E 492 31.86 53.58 -33.42
C VAL E 492 33.37 53.75 -33.42
N ASN E 493 33.88 54.48 -34.40
CA ASN E 493 35.32 54.62 -34.55
C ASN E 493 35.91 55.63 -33.57
N VAL E 494 35.08 56.57 -33.13
CA VAL E 494 35.42 57.45 -32.02
C VAL E 494 35.44 56.62 -30.74
N ARG E 495 34.52 55.65 -30.69
CA ARG E 495 34.32 54.84 -29.49
C ARG E 495 35.40 53.79 -29.42
N MET E 496 35.67 53.16 -30.56
CA MET E 496 36.69 52.14 -30.70
C MET E 496 38.07 52.59 -30.23
N GLU E 497 38.42 53.83 -30.56
CA GLU E 497 39.74 54.36 -30.23
C GLU E 497 39.85 54.97 -28.82
N GLU E 498 38.72 55.18 -28.16
CA GLU E 498 38.77 55.58 -26.76
C GLU E 498 39.34 54.44 -25.91
N THR E 499 39.44 53.25 -26.49
CA THR E 499 40.07 52.07 -25.85
C THR E 499 40.81 51.15 -26.83
N LYS E 500 41.51 51.72 -27.82
CA LYS E 500 42.37 50.92 -28.68
C LYS E 500 43.61 50.47 -27.91
N GLU E 501 43.85 51.12 -26.77
CA GLU E 501 44.95 50.79 -25.86
C GLU E 501 44.68 49.50 -25.10
N PHE E 502 44.06 48.53 -25.78
CA PHE E 502 43.66 47.27 -25.18
C PHE E 502 43.52 46.22 -26.28
N ARG E 503 44.32 46.31 -27.33
CA ARG E 503 44.25 45.34 -28.43
C ARG E 503 45.63 44.97 -28.94
N SER E 506 48.41 45.53 -24.77
CA SER E 506 48.32 44.16 -24.23
C SER E 506 48.08 44.13 -22.71
N MET E 507 47.34 45.11 -22.21
CA MET E 507 46.89 45.11 -20.82
C MET E 507 45.52 44.43 -20.70
N ILE E 508 44.89 44.51 -19.53
CA ILE E 508 43.55 43.95 -19.35
C ILE E 508 42.91 44.30 -18.03
N LYS E 509 41.61 44.52 -18.07
CA LYS E 509 40.82 44.63 -16.84
C LYS E 509 39.42 43.97 -16.98
N PRO E 510 38.73 43.77 -15.86
CA PRO E 510 37.41 43.14 -15.86
C PRO E 510 36.35 43.99 -16.56
N GLU E 511 35.42 43.33 -17.24
CA GLU E 511 34.30 44.03 -17.87
C GLU E 511 32.99 43.28 -17.67
N VAL E 512 31.87 44.01 -17.73
CA VAL E 512 30.54 43.40 -17.64
C VAL E 512 29.73 43.53 -18.92
N GLU E 513 29.71 44.71 -19.53
CA GLU E 513 29.03 44.89 -20.81
C GLU E 513 29.99 45.45 -21.84
N TRP E 514 30.72 46.48 -21.43
CA TRP E 514 31.57 47.26 -22.35
C TRP E 514 33.07 47.11 -22.10
N GLN E 515 33.81 46.78 -23.15
CA GLN E 515 35.25 46.60 -23.03
C GLN E 515 35.91 47.54 -22.00
N ALA E 516 36.67 46.93 -21.08
CA ALA E 516 37.48 47.64 -20.08
C ALA E 516 36.71 48.55 -19.12
N ASP E 517 35.42 48.28 -18.91
CA ASP E 517 34.65 49.14 -18.01
C ASP E 517 34.87 48.82 -16.51
N GLY E 518 35.70 47.82 -16.24
CA GLY E 518 36.23 47.60 -14.90
C GLY E 518 35.24 47.29 -13.80
N THR E 519 34.02 46.92 -14.19
CA THR E 519 33.00 46.57 -13.21
C THR E 519 33.15 45.12 -12.72
N VAL E 520 32.95 44.93 -11.42
CA VAL E 520 32.89 43.59 -10.85
C VAL E 520 31.79 43.46 -9.78
N LEU E 521 31.57 42.23 -9.32
CA LEU E 521 30.48 41.96 -8.40
C LEU E 521 31.02 41.45 -7.07
N LEU E 522 30.43 41.95 -5.99
CA LEU E 522 30.89 41.65 -4.65
C LEU E 522 29.79 41.04 -3.78
N THR E 523 29.95 39.79 -3.38
CA THR E 523 28.94 39.14 -2.55
C THR E 523 29.45 38.90 -1.14
N MET E 524 28.75 39.45 -0.15
CA MET E 524 29.20 39.31 1.24
C MET E 524 28.01 39.14 2.16
N PHE E 525 28.28 38.78 3.42
CA PHE E 525 27.25 38.66 4.45
C PHE E 525 27.72 39.39 5.69
N LEU E 526 26.83 40.16 6.30
CA LEU E 526 27.17 41.00 7.45
C LEU E 526 26.25 40.73 8.63
N PRO E 527 26.84 40.54 9.82
CA PRO E 527 26.12 40.17 11.06
C PRO E 527 25.15 41.22 11.65
N THR E 528 24.60 42.11 10.83
CA THR E 528 23.72 43.16 11.35
C THR E 528 22.48 43.34 10.44
N SER E 529 21.50 44.15 10.86
CA SER E 529 20.24 44.29 10.12
C SER E 529 20.43 44.81 8.69
N LYS E 530 19.34 45.03 7.96
CA LYS E 530 19.45 45.37 6.54
C LYS E 530 20.04 46.74 6.20
N ARG E 531 19.50 47.81 6.78
CA ARG E 531 19.99 49.15 6.45
C ARG E 531 21.41 49.38 6.98
N VAL E 532 21.66 49.02 8.23
CA VAL E 532 23.03 49.16 8.73
C VAL E 532 23.99 48.45 7.79
N ALA E 533 23.64 47.22 7.41
CA ALA E 533 24.51 46.37 6.60
C ALA E 533 24.65 46.85 5.16
N GLU E 534 23.59 47.47 4.64
CA GLU E 534 23.64 47.97 3.29
C GLU E 534 24.78 48.95 3.13
N PHE E 535 24.98 49.75 4.17
CA PHE E 535 25.97 50.82 4.15
C PHE E 535 27.33 50.34 4.54
N ALA E 536 27.39 49.43 5.51
CA ALA E 536 28.65 48.87 5.91
C ALA E 536 29.22 48.28 4.64
N ALA E 537 28.35 47.63 3.87
CA ALA E 537 28.71 47.02 2.61
C ALA E 537 29.45 48.00 1.73
N ILE E 538 28.90 49.21 1.62
CA ILE E 538 29.48 50.24 0.77
C ILE E 538 30.81 50.74 1.29
N GLU E 539 30.97 50.76 2.61
CA GLU E 539 32.26 51.18 3.18
C GLU E 539 33.35 50.15 2.93
N PHE E 540 33.04 48.87 3.08
CA PHE E 540 34.00 47.81 2.72
C PHE E 540 34.38 47.88 1.25
N ALA E 541 33.38 48.03 0.39
CA ALA E 541 33.61 48.10 -1.05
C ALA E 541 34.49 49.30 -1.39
N LYS E 542 34.22 50.43 -0.75
CA LYS E 542 35.06 51.60 -0.90
C LYS E 542 36.51 51.27 -0.47
N LYS E 543 36.67 50.81 0.76
CA LYS E 543 37.98 50.43 1.30
C LYS E 543 38.71 49.41 0.41
N MET E 544 38.01 48.89 -0.59
CA MET E 544 38.62 47.90 -1.49
C MET E 544 39.12 48.51 -2.78
N ASN E 545 39.16 49.83 -2.85
CA ASN E 545 39.54 50.51 -4.09
C ASN E 545 38.46 50.47 -5.16
N LEU E 546 37.19 50.49 -4.76
CA LEU E 546 36.10 50.38 -5.73
C LEU E 546 35.45 51.74 -6.03
N GLU E 547 35.32 52.04 -7.32
CA GLU E 547 34.64 53.25 -7.75
C GLU E 547 33.18 52.97 -8.06
N GLU E 548 32.32 53.96 -7.82
CA GLU E 548 30.92 53.87 -8.23
C GLU E 548 30.19 52.67 -7.61
N VAL E 549 30.50 52.41 -6.34
CA VAL E 549 29.89 51.33 -5.59
C VAL E 549 28.37 51.42 -5.55
N GLU E 550 27.72 50.32 -5.91
CA GLU E 550 26.27 50.23 -5.86
C GLU E 550 25.87 48.92 -5.20
N VAL E 551 25.12 49.02 -4.11
CA VAL E 551 24.40 47.89 -3.51
C VAL E 551 23.28 47.48 -4.46
N ILE E 552 23.39 46.30 -5.08
CA ILE E 552 22.42 45.88 -6.09
C ILE E 552 21.40 44.81 -5.62
N ASN E 553 21.63 44.20 -4.47
CA ASN E 553 20.75 43.15 -3.95
C ASN E 553 20.80 43.05 -2.42
N ARG E 554 19.65 42.86 -1.80
CA ARG E 554 19.59 42.73 -0.35
C ARG E 554 18.59 41.65 0.05
N GLU E 555 19.09 40.62 0.73
CA GLU E 555 18.22 39.56 1.20
C GLU E 555 18.40 39.42 2.70
N VAL E 556 17.28 39.42 3.40
CA VAL E 556 17.30 39.27 4.84
C VAL E 556 17.55 37.82 5.26
N MET E 557 18.74 37.49 5.76
CA MET E 557 18.92 36.14 6.29
C MET E 557 17.99 36.01 7.48
N GLN E 558 18.20 36.84 8.50
CA GLN E 558 17.22 37.00 9.58
C GLN E 558 17.30 38.44 10.01
N GLU E 559 16.19 39.01 10.46
CA GLU E 559 16.17 40.45 10.71
C GLU E 559 17.33 40.97 11.57
N ALA E 560 17.81 40.13 12.48
CA ALA E 560 18.85 40.52 13.43
C ALA E 560 20.16 39.74 13.27
N GLU E 561 20.11 38.51 12.75
CA GLU E 561 21.34 37.68 12.67
C GLU E 561 22.24 38.06 11.50
N GLY E 562 21.68 38.71 10.48
CA GLY E 562 22.51 39.13 9.38
C GLY E 562 21.77 39.29 8.06
N THR E 563 22.39 40.04 7.15
CA THR E 563 21.82 40.34 5.84
C THR E 563 22.86 40.03 4.79
N ARG E 564 22.41 39.59 3.61
CA ARG E 564 23.32 39.36 2.52
C ARG E 564 23.25 40.57 1.61
N ILE E 565 24.40 41.05 1.18
CA ILE E 565 24.46 42.16 0.23
C ILE E 565 25.25 41.78 -1.01
N GLU E 566 24.76 42.22 -2.15
CA GLU E 566 25.47 42.06 -3.42
C GLU E 566 25.65 43.44 -3.99
N LEU E 567 26.85 43.72 -4.54
CA LEU E 567 27.16 45.05 -5.06
C LEU E 567 28.18 45.10 -6.22
N LYS E 568 28.01 46.08 -7.11
CA LYS E 568 28.98 46.33 -8.18
C LYS E 568 29.83 47.57 -7.93
N GLY E 569 31.02 47.58 -8.50
CA GLY E 569 31.92 48.72 -8.41
C GLY E 569 32.93 48.63 -9.54
N ARG E 570 33.78 49.66 -9.64
CA ARG E 570 34.80 49.73 -10.70
C ARG E 570 36.22 49.49 -10.18
N VAL E 571 36.97 48.72 -10.95
CA VAL E 571 38.39 48.50 -10.73
C VAL E 571 39.14 49.61 -11.44
N PRO E 572 39.79 50.50 -10.65
CA PRO E 572 40.37 51.73 -11.19
C PRO E 572 41.72 51.49 -11.86
N PHE E 573 42.25 50.26 -11.79
CA PHE E 573 43.54 49.98 -12.38
C PHE E 573 43.46 48.90 -13.43
N SER E 574 44.61 48.59 -14.04
CA SER E 574 44.73 47.47 -14.96
C SER E 574 45.76 46.51 -14.40
N ILE E 575 46.19 45.59 -15.25
CA ILE E 575 47.22 44.62 -14.90
C ILE E 575 47.85 44.19 -16.22
N ASP E 576 49.14 43.90 -16.23
CA ASP E 576 49.73 43.46 -17.49
C ASP E 576 49.83 41.94 -17.57
N ILE E 577 49.26 41.37 -18.63
CA ILE E 577 49.31 39.92 -18.83
C ILE E 577 50.73 39.41 -18.56
N ASN E 578 51.70 40.23 -18.92
CA ASN E 578 53.10 39.82 -18.83
C ASN E 578 53.68 39.82 -17.40
N SER E 579 53.28 40.79 -16.57
CA SER E 579 53.79 40.90 -15.19
C SER E 579 53.30 39.78 -14.25
N LEU E 580 52.79 38.69 -14.81
CA LEU E 580 52.15 37.63 -14.02
C LEU E 580 53.04 36.42 -13.85
N VAL E 581 53.06 35.89 -12.64
CA VAL E 581 53.84 34.69 -12.34
C VAL E 581 53.03 33.42 -12.64
N ILE E 582 53.12 32.92 -13.87
CA ILE E 582 52.27 31.82 -14.29
C ILE E 582 53.05 30.55 -14.65
N PRO E 583 53.07 29.58 -13.72
CA PRO E 583 53.68 28.24 -13.77
C PRO E 583 53.05 27.32 -14.81
N PRO E 584 53.35 26.01 -14.76
CA PRO E 584 52.67 24.99 -15.59
C PRO E 584 51.98 23.88 -14.78
N ILE E 588 49.26 16.66 -13.84
CA ILE E 588 48.60 15.97 -12.73
C ILE E 588 48.14 14.54 -13.05
N LEU E 589 48.14 13.69 -12.02
CA LEU E 589 47.70 12.29 -12.16
C LEU E 589 46.22 12.13 -11.79
N SER E 590 45.47 11.43 -12.64
CA SER E 590 44.04 11.27 -12.41
C SER E 590 43.72 10.04 -11.55
N GLU E 591 42.47 9.97 -11.09
CA GLU E 591 41.99 8.80 -10.37
C GLU E 591 41.94 7.59 -11.30
N ASP E 592 41.73 7.82 -12.60
CA ASP E 592 41.70 6.71 -13.56
C ASP E 592 43.13 6.27 -13.89
N GLU E 593 44.06 7.20 -13.71
CA GLU E 593 45.46 6.90 -13.93
C GLU E 593 45.99 6.13 -12.73
N ILE E 594 45.66 6.61 -11.52
CA ILE E 594 45.99 5.94 -10.25
C ILE E 594 45.33 4.56 -10.19
N ARG E 595 44.07 4.51 -10.60
CA ARG E 595 43.37 3.23 -10.53
C ARG E 595 44.03 2.24 -11.47
N GLU E 596 44.27 2.67 -12.72
CA GLU E 596 44.82 1.78 -13.75
C GLU E 596 46.18 1.23 -13.33
N ASP E 597 47.06 2.11 -12.83
CA ASP E 597 48.40 1.73 -12.42
C ASP E 597 48.43 0.64 -11.34
N ILE E 598 47.51 0.73 -10.37
CA ILE E 598 47.43 -0.24 -9.27
C ILE E 598 46.68 -1.51 -9.67
N GLU E 599 45.74 -1.36 -10.59
CA GLU E 599 45.02 -2.47 -11.17
C GLU E 599 46.06 -3.35 -11.83
N LYS E 600 46.92 -2.73 -12.64
CA LYS E 600 47.92 -3.46 -13.42
C LYS E 600 49.03 -4.01 -12.55
N THR E 601 49.75 -3.14 -11.86
CA THR E 601 50.70 -3.58 -10.82
C THR E 601 50.02 -3.48 -9.42
N PRO E 602 49.62 -4.63 -8.84
CA PRO E 602 49.09 -4.72 -7.48
C PRO E 602 49.99 -4.01 -6.46
N LEU E 603 49.38 -3.46 -5.41
CA LEU E 603 50.14 -2.63 -4.48
C LEU E 603 49.66 -2.80 -3.04
N LYS E 604 50.59 -3.18 -2.16
CA LYS E 604 50.28 -3.64 -0.81
C LYS E 604 50.92 -2.73 0.24
N ILE E 605 50.17 -2.41 1.30
CA ILE E 605 50.65 -1.49 2.34
C ILE E 605 50.47 -2.06 3.75
N VAL E 606 51.29 -1.61 4.69
CA VAL E 606 50.95 -1.77 6.11
C VAL E 606 50.83 -0.36 6.67
N ALA E 607 49.79 -0.12 7.46
CA ALA E 607 49.57 1.20 8.07
C ALA E 607 49.39 1.03 9.56
N ALA E 608 49.78 2.03 10.33
CA ALA E 608 49.63 1.99 11.78
C ALA E 608 49.60 3.38 12.35
N THR E 609 48.85 3.56 13.43
CA THR E 609 49.07 4.72 14.29
C THR E 609 50.16 4.26 15.26
N VAL E 610 51.27 4.99 15.27
CA VAL E 610 52.51 4.42 15.75
C VAL E 610 52.96 5.02 17.07
N GLY E 611 53.57 4.20 17.92
CA GLY E 611 54.07 4.64 19.22
C GLY E 611 53.08 4.37 20.33
N GLU E 612 52.96 5.31 21.25
CA GLU E 612 51.95 5.23 22.30
C GLU E 612 50.78 6.16 21.97
N ASP E 613 50.40 6.19 20.70
CA ASP E 613 49.36 7.10 20.22
C ASP E 613 48.05 6.36 20.01
N GLU E 614 46.99 6.84 20.63
CA GLU E 614 45.71 6.19 20.45
C GLU E 614 44.88 6.85 19.36
N HIS E 615 45.35 7.97 18.85
CA HIS E 615 44.61 8.69 17.82
C HIS E 615 44.61 7.93 16.49
N SER E 616 43.43 7.44 16.13
CA SER E 616 43.29 6.55 14.98
C SER E 616 42.66 7.21 13.75
N VAL E 617 41.75 8.14 13.97
CA VAL E 617 40.97 8.76 12.91
C VAL E 617 41.80 9.22 11.71
N GLY E 618 42.97 9.79 11.97
CA GLY E 618 43.75 10.39 10.89
C GLY E 618 44.20 9.42 9.80
N LEU E 619 44.84 8.33 10.21
CA LEU E 619 45.24 7.33 9.25
C LEU E 619 44.02 6.78 8.49
N ARG E 620 42.99 6.37 9.23
CA ARG E 620 41.75 5.84 8.66
C ARG E 620 41.02 6.82 7.76
N GLU E 621 41.39 8.09 7.82
CA GLU E 621 40.73 9.08 6.97
C GLU E 621 41.31 9.06 5.56
N VAL E 622 42.51 8.50 5.41
CA VAL E 622 43.12 8.37 4.10
C VAL E 622 43.19 6.91 3.66
N ILE E 623 42.39 6.06 4.30
CA ILE E 623 42.24 4.67 3.90
C ILE E 623 40.78 4.41 3.56
N ASP E 624 39.89 4.60 4.52
CA ASP E 624 38.49 4.30 4.30
C ASP E 624 38.01 4.85 2.96
N ILE E 625 37.23 4.08 2.21
CA ILE E 625 36.70 4.52 0.91
C ILE E 625 35.82 5.77 1.03
N LYS E 626 35.27 5.97 2.22
CA LYS E 626 34.34 7.06 2.54
C LYS E 626 34.74 8.44 2.01
N HIS E 627 35.91 8.94 2.42
CA HIS E 627 36.34 10.30 2.08
C HIS E 627 37.55 10.34 1.15
N GLY E 628 37.60 9.40 0.21
CA GLY E 628 38.64 9.39 -0.80
C GLY E 628 39.95 8.77 -0.35
N GLY E 629 39.86 7.75 0.50
CA GLY E 629 41.01 7.01 0.98
C GLY E 629 41.50 5.97 -0.02
N ILE E 630 42.75 5.55 0.16
CA ILE E 630 43.48 4.79 -0.84
C ILE E 630 42.84 3.43 -1.16
N GLU E 631 42.06 2.93 -0.21
CA GLU E 631 41.22 1.77 -0.44
C GLU E 631 40.45 1.89 -1.76
N LYS E 632 40.09 3.12 -2.11
CA LYS E 632 39.26 3.42 -3.27
C LYS E 632 39.92 3.01 -4.57
N TYR E 633 41.26 3.00 -4.60
CA TYR E 633 42.00 2.80 -5.84
C TYR E 633 42.56 1.39 -5.92
N GLY E 634 42.23 0.57 -4.93
CA GLY E 634 42.59 -0.84 -4.97
C GLY E 634 43.85 -1.18 -4.22
N VAL E 635 44.38 -0.24 -3.44
CA VAL E 635 45.54 -0.51 -2.61
C VAL E 635 45.20 -1.58 -1.57
N GLU E 636 46.05 -2.60 -1.45
CA GLU E 636 45.86 -3.61 -0.42
C GLU E 636 46.37 -3.15 0.95
N VAL E 637 45.47 -2.55 1.74
CA VAL E 637 45.84 -2.01 3.05
C VAL E 637 45.79 -3.03 4.20
N HIS E 638 46.95 -3.34 4.77
CA HIS E 638 47.05 -4.12 6.02
C HIS E 638 47.25 -3.19 7.23
N TYR E 639 46.19 -3.05 8.02
CA TYR E 639 46.15 -2.08 9.10
C TYR E 639 46.42 -2.76 10.46
N LEU E 640 47.39 -2.21 11.20
CA LEU E 640 47.79 -2.78 12.48
C LEU E 640 47.04 -2.18 13.68
N GLY E 641 46.44 -1.01 13.51
CA GLY E 641 45.73 -0.37 14.62
C GLY E 641 46.53 0.77 15.23
N THR E 642 46.26 1.09 16.49
CA THR E 642 46.97 2.17 17.18
C THR E 642 47.92 1.64 18.26
N SER E 643 48.63 2.53 18.94
CA SER E 643 49.68 2.15 19.90
C SER E 643 50.56 1.01 19.41
N VAL E 644 50.81 1.03 18.10
CA VAL E 644 51.68 0.05 17.45
C VAL E 644 53.15 0.47 17.55
N PRO E 645 53.99 -0.45 18.04
CA PRO E 645 55.43 -0.20 18.12
C PRO E 645 56.07 -0.08 16.74
N VAL E 646 56.90 0.95 16.57
CA VAL E 646 57.62 1.17 15.33
C VAL E 646 58.34 -0.10 14.86
N GLU E 647 58.96 -0.80 15.79
CA GLU E 647 59.64 -2.05 15.49
C GLU E 647 58.71 -3.05 14.81
N LYS E 648 57.44 -3.04 15.20
CA LYS E 648 56.46 -4.00 14.67
C LYS E 648 56.02 -3.58 13.29
N LEU E 649 55.64 -2.32 13.16
CA LEU E 649 55.26 -1.81 11.86
C LEU E 649 56.22 -2.41 10.81
N VAL E 650 57.52 -2.14 10.96
CA VAL E 650 58.51 -2.69 10.05
C VAL E 650 58.39 -4.22 9.91
N ASP E 651 58.50 -4.95 11.02
CA ASP E 651 58.50 -6.42 10.98
C ASP E 651 57.34 -6.98 10.17
N ALA E 652 56.21 -6.29 10.24
CA ALA E 652 55.01 -6.64 9.47
C ALA E 652 55.25 -6.38 7.99
N ALA E 653 55.69 -5.17 7.67
CA ALA E 653 56.02 -4.82 6.29
C ALA E 653 56.91 -5.89 5.67
N ILE E 654 57.82 -6.44 6.48
CA ILE E 654 58.78 -7.43 6.00
C ILE E 654 58.10 -8.75 5.78
N GLU E 655 57.42 -9.22 6.83
CA GLU E 655 56.68 -10.46 6.78
C GLU E 655 55.61 -10.43 5.67
N LEU E 656 54.99 -9.27 5.46
CA LEU E 656 53.90 -9.18 4.49
C LEU E 656 54.34 -8.71 3.11
N LYS E 657 55.65 -8.65 2.88
CA LYS E 657 56.14 -8.24 1.57
C LYS E 657 55.46 -6.96 1.13
N ALA E 658 55.10 -6.13 2.10
CA ALA E 658 54.49 -4.83 1.82
C ALA E 658 55.38 -3.99 0.89
N ASP E 659 54.77 -3.07 0.16
CA ASP E 659 55.49 -2.21 -0.76
C ASP E 659 55.76 -0.88 -0.09
N ALA E 660 54.81 -0.44 0.73
CA ALA E 660 54.98 0.77 1.55
C ALA E 660 54.56 0.59 3.01
N ILE E 661 55.13 1.45 3.86
CA ILE E 661 54.70 1.61 5.23
C ILE E 661 54.03 2.98 5.33
N LEU E 662 52.78 3.01 5.79
CA LEU E 662 52.14 4.28 6.16
C LEU E 662 52.03 4.37 7.69
N ALA E 663 52.54 5.45 8.26
CA ALA E 663 52.50 5.60 9.72
C ALA E 663 51.83 6.91 10.13
N SER E 664 50.92 6.82 11.10
CA SER E 664 50.26 8.02 11.64
C SER E 664 50.95 8.52 12.91
N THR E 665 51.24 9.81 12.93
CA THR E 665 51.99 10.41 14.01
C THR E 665 51.25 11.69 14.52
N ILE E 666 50.37 11.51 15.49
CA ILE E 666 49.46 12.58 15.90
C ILE E 666 50.02 13.37 17.07
N ILE E 667 50.20 12.72 18.22
CA ILE E 667 50.79 13.37 19.37
C ILE E 667 52.15 13.89 18.93
N SER E 668 52.43 15.16 19.18
CA SER E 668 53.68 15.78 18.76
C SER E 668 54.58 16.30 19.92
N HIS E 669 54.27 15.88 21.15
CA HIS E 669 54.99 16.34 22.34
C HIS E 669 56.45 15.95 22.27
N ASP E 670 57.35 16.94 22.27
CA ASP E 670 58.78 16.65 22.38
C ASP E 670 59.32 16.22 21.01
N ASP E 671 58.65 16.66 19.96
CA ASP E 671 58.95 16.20 18.61
C ASP E 671 58.93 14.66 18.53
N ILE E 672 58.10 14.04 19.37
CA ILE E 672 58.01 12.58 19.41
C ILE E 672 57.56 12.01 18.07
N HIS E 673 56.86 12.85 17.30
CA HIS E 673 56.33 12.43 16.01
C HIS E 673 57.43 12.29 14.96
N TYR E 674 58.31 13.28 14.87
CA TYR E 674 59.48 13.17 14.00
C TYR E 674 60.43 12.08 14.53
N LYS E 675 60.52 11.96 15.85
CA LYS E 675 61.42 10.97 16.46
C LYS E 675 61.08 9.53 16.07
N ASN E 676 59.82 9.25 15.81
CA ASN E 676 59.45 7.90 15.39
C ASN E 676 59.54 7.80 13.87
N MET E 677 59.23 8.88 13.17
CA MET E 677 59.47 8.93 11.75
C MET E 677 60.91 8.50 11.48
N LYS E 678 61.84 9.06 12.26
CA LYS E 678 63.25 8.77 12.10
C LYS E 678 63.61 7.34 12.49
N ARG E 679 62.98 6.83 13.55
CA ARG E 679 63.26 5.46 14.01
C ARG E 679 62.77 4.38 13.00
N ILE E 680 61.72 4.72 12.22
CA ILE E 680 61.19 3.81 11.21
C ILE E 680 62.20 3.70 10.08
N HIS E 681 62.65 4.84 9.57
CA HIS E 681 63.67 4.83 8.54
C HIS E 681 64.87 4.00 9.01
N GLU E 682 65.42 4.36 10.17
CA GLU E 682 66.57 3.66 10.73
C GLU E 682 66.30 2.16 10.86
N LEU E 683 65.14 1.81 11.43
CA LEU E 683 64.81 0.41 11.66
C LEU E 683 64.74 -0.35 10.35
N ALA E 684 64.48 0.37 9.27
CA ALA E 684 64.36 -0.25 7.95
C ALA E 684 65.70 -0.37 7.29
N VAL E 685 66.61 0.54 7.62
CA VAL E 685 67.96 0.48 7.11
C VAL E 685 68.67 -0.66 7.80
N GLU E 686 68.65 -0.62 9.14
CA GLU E 686 69.17 -1.70 9.97
C GLU E 686 68.74 -3.07 9.44
N LYS E 687 67.57 -3.13 8.79
CA LYS E 687 67.03 -4.41 8.34
C LYS E 687 67.17 -4.64 6.84
N GLY E 688 67.81 -3.69 6.16
CA GLY E 688 68.10 -3.82 4.73
C GLY E 688 66.89 -4.01 3.82
N ILE E 689 65.93 -3.09 3.95
CA ILE E 689 64.74 -3.06 3.11
C ILE E 689 64.51 -1.61 2.70
N ARG E 690 65.25 -0.71 3.35
CA ARG E 690 65.05 0.72 3.16
C ARG E 690 65.01 1.17 1.70
N ASP E 691 65.96 0.69 0.91
CA ASP E 691 66.03 1.08 -0.50
C ASP E 691 64.99 0.34 -1.35
N LYS E 692 64.27 -0.61 -0.72
CA LYS E 692 63.34 -1.48 -1.42
C LYS E 692 61.88 -1.26 -0.99
N ILE E 693 61.66 -0.24 -0.17
CA ILE E 693 60.36 0.05 0.44
C ILE E 693 59.95 1.51 0.24
N MET E 694 58.70 1.83 0.51
CA MET E 694 58.25 3.22 0.53
C MET E 694 57.74 3.55 1.93
N ILE E 695 58.11 4.71 2.44
CA ILE E 695 57.77 5.08 3.80
C ILE E 695 57.11 6.43 3.83
N GLY E 696 55.80 6.44 4.05
CA GLY E 696 55.04 7.68 4.17
C GLY E 696 54.52 7.86 5.58
N CYS E 697 54.71 9.06 6.13
CA CYS E 697 54.23 9.39 7.46
C CYS E 697 53.41 10.67 7.47
N GLY E 698 52.38 10.72 8.32
CA GLY E 698 51.50 11.86 8.38
C GLY E 698 50.97 12.20 9.77
N GLY E 699 50.42 13.40 9.92
CA GLY E 699 49.91 13.84 11.20
C GLY E 699 49.67 15.35 11.28
N THR E 700 48.88 15.74 12.27
CA THR E 700 48.48 17.12 12.41
C THR E 700 49.65 18.09 12.43
N GLN E 701 50.71 17.75 13.17
CA GLN E 701 51.81 18.67 13.35
C GLN E 701 52.96 18.40 12.37
N VAL E 702 52.65 17.62 11.34
CA VAL E 702 53.68 17.22 10.38
C VAL E 702 53.91 18.24 9.27
N THR E 703 55.15 18.62 9.05
CA THR E 703 55.46 19.42 7.87
C THR E 703 56.25 18.54 6.96
N PRO E 704 55.77 18.39 5.72
CA PRO E 704 56.32 17.42 4.76
C PRO E 704 57.84 17.52 4.60
N GLU E 705 58.37 18.74 4.49
CA GLU E 705 59.82 18.95 4.33
C GLU E 705 60.60 18.45 5.53
N VAL E 706 60.21 18.95 6.71
CA VAL E 706 60.79 18.57 8.01
C VAL E 706 60.74 17.05 8.26
N ALA E 707 59.73 16.39 7.70
CA ALA E 707 59.57 14.94 7.81
C ALA E 707 60.40 14.14 6.81
N VAL E 708 60.78 14.76 5.69
CA VAL E 708 61.72 14.15 4.74
C VAL E 708 63.15 14.20 5.28
N LYS E 709 63.50 15.30 5.92
CA LYS E 709 64.79 15.37 6.60
C LYS E 709 64.96 14.10 7.45
N GLN E 710 63.95 13.73 8.22
CA GLN E 710 64.03 12.55 9.09
C GLN E 710 64.33 11.23 8.36
N GLY E 711 64.36 11.25 7.03
CA GLY E 711 64.82 10.10 6.27
C GLY E 711 63.76 9.24 5.58
N VAL E 712 62.49 9.48 5.89
CA VAL E 712 61.34 8.85 5.25
C VAL E 712 61.04 9.46 3.87
N ASP E 713 60.31 8.75 3.01
CA ASP E 713 60.12 9.22 1.65
C ASP E 713 59.14 10.40 1.49
N ALA E 714 58.10 10.45 2.31
CA ALA E 714 57.15 11.55 2.19
C ALA E 714 56.44 11.88 3.48
N GLY E 715 55.93 13.10 3.56
CA GLY E 715 55.25 13.53 4.76
C GLY E 715 53.95 14.21 4.41
N PHE E 716 52.95 14.01 5.27
CA PHE E 716 51.59 14.52 5.01
C PHE E 716 50.98 15.09 6.29
N GLY E 717 50.40 16.29 6.19
CA GLY E 717 49.79 16.89 7.35
C GLY E 717 48.35 17.32 7.17
N ARG E 718 47.97 18.38 7.87
CA ARG E 718 46.63 18.91 7.81
C ARG E 718 46.15 18.98 6.36
N GLY E 719 45.00 18.38 6.10
CA GLY E 719 44.37 18.48 4.80
C GLY E 719 44.69 17.35 3.84
N SER E 720 45.55 16.44 4.26
CA SER E 720 45.82 15.26 3.46
C SER E 720 44.53 14.53 3.09
N LYS E 721 44.45 14.18 1.81
CA LYS E 721 43.37 13.37 1.27
C LYS E 721 44.01 12.12 0.69
N GLY E 722 43.21 11.10 0.41
CA GLY E 722 43.73 9.85 -0.12
C GLY E 722 44.35 9.93 -1.50
N ILE E 723 43.82 10.79 -2.36
CA ILE E 723 44.38 10.95 -3.71
C ILE E 723 45.82 11.41 -3.60
N HIS E 724 46.09 12.29 -2.64
CA HIS E 724 47.44 12.79 -2.40
C HIS E 724 48.39 11.64 -2.10
N VAL E 725 48.00 10.79 -1.17
CA VAL E 725 48.83 9.70 -0.69
C VAL E 725 49.02 8.63 -1.76
N ALA E 726 48.00 8.45 -2.59
CA ALA E 726 48.03 7.45 -3.65
C ALA E 726 48.87 7.95 -4.81
N THR E 727 48.69 9.22 -5.17
CA THR E 727 49.54 9.87 -6.18
C THR E 727 51.02 9.71 -5.81
N PHE E 728 51.33 9.83 -4.52
CA PHE E 728 52.69 9.63 -4.04
C PHE E 728 53.10 8.15 -4.12
N LEU E 729 52.14 7.25 -3.94
CA LEU E 729 52.48 5.83 -3.99
C LEU E 729 52.85 5.38 -5.42
N VAL E 730 52.01 5.67 -6.42
CA VAL E 730 52.31 5.21 -7.78
C VAL E 730 53.54 5.91 -8.35
N LYS E 731 53.61 7.23 -8.16
CA LYS E 731 54.77 7.99 -8.61
C LYS E 731 56.08 7.41 -8.06
N LYS E 732 56.27 7.47 -6.74
CA LYS E 732 57.54 7.06 -6.11
C LYS E 732 57.96 5.64 -6.51
N ARG E 733 56.99 4.81 -6.84
CA ARG E 733 57.23 3.41 -7.12
C ARG E 733 57.81 3.29 -8.52
N ARG E 734 57.23 4.04 -9.45
CA ARG E 734 57.74 4.10 -10.80
C ARG E 734 59.20 4.57 -10.75
N GLU E 735 59.40 5.72 -10.11
CA GLU E 735 60.71 6.33 -9.90
C GLU E 735 61.78 5.36 -9.37
N MET E 736 61.35 4.31 -8.68
CA MET E 736 62.28 3.33 -8.14
C MET E 736 62.61 2.19 -9.11
N ARG E 737 61.74 1.92 -10.08
CA ARG E 737 61.93 0.81 -11.03
C ARG E 737 62.99 1.12 -12.08
N ASP F 5 -18.97 36.33 -12.81
CA ASP F 5 -20.15 35.56 -13.21
C ASP F 5 -21.45 36.11 -12.60
N ASP F 6 -22.05 37.16 -13.19
CA ASP F 6 -21.81 37.69 -14.55
C ASP F 6 -21.30 36.75 -15.65
N PHE F 7 -20.00 36.50 -15.70
CA PHE F 7 -19.46 35.55 -16.65
C PHE F 7 -20.34 34.34 -16.90
N GLN F 8 -21.01 33.83 -15.87
CA GLN F 8 -21.81 32.61 -16.02
C GLN F 8 -23.01 32.77 -16.93
N GLN F 9 -23.68 33.90 -16.81
CA GLN F 9 -24.87 34.19 -17.62
C GLN F 9 -24.50 34.68 -19.02
N ARG F 10 -23.22 35.00 -19.22
CA ARG F 10 -22.74 35.55 -20.50
C ARG F 10 -22.21 34.45 -21.39
N ARG F 11 -21.90 33.30 -20.80
CA ARG F 11 -21.32 32.18 -21.51
C ARG F 11 -22.41 31.24 -21.91
N ALA F 12 -23.64 31.61 -21.55
CA ALA F 12 -24.80 30.77 -21.76
C ALA F 12 -24.85 30.26 -23.19
N HIS F 13 -24.81 31.18 -24.15
CA HIS F 13 -24.94 30.84 -25.55
C HIS F 13 -23.72 30.09 -26.06
N LEU F 14 -22.72 29.97 -25.21
CA LEU F 14 -21.49 29.26 -25.58
C LEU F 14 -21.53 27.86 -25.00
N ALA F 15 -22.33 27.70 -23.95
CA ALA F 15 -22.41 26.46 -23.18
C ALA F 15 -22.49 25.18 -24.01
N ASN F 16 -23.18 25.24 -25.16
CA ASN F 16 -23.48 24.03 -25.93
C ASN F 16 -22.61 23.73 -27.15
N LEU F 17 -21.64 24.59 -27.43
CA LEU F 17 -20.78 24.37 -28.59
C LEU F 17 -19.85 23.21 -28.26
N SER F 18 -19.40 22.48 -29.27
CA SER F 18 -18.37 21.46 -29.07
C SER F 18 -17.05 22.19 -29.02
N ASP F 19 -16.01 21.54 -28.52
CA ASP F 19 -14.72 22.22 -28.48
C ASP F 19 -14.33 22.78 -29.89
N GLU F 20 -14.66 22.05 -30.95
CA GLU F 20 -14.29 22.44 -32.32
C GLU F 20 -15.15 23.60 -32.82
N GLU F 21 -16.39 23.64 -32.36
CA GLU F 21 -17.29 24.70 -32.75
C GLU F 21 -16.86 26.01 -32.07
N LEU F 22 -16.51 25.92 -30.79
CA LEU F 22 -16.12 27.10 -30.00
C LEU F 22 -14.85 27.69 -30.57
N GLN F 23 -13.93 26.82 -30.96
CA GLN F 23 -12.73 27.24 -31.65
C GLN F 23 -13.05 27.84 -33.02
N THR F 24 -13.87 27.15 -33.80
CA THR F 24 -14.20 27.63 -35.14
C THR F 24 -14.77 29.03 -35.07
N ARG F 25 -15.53 29.29 -34.01
CA ARG F 25 -16.17 30.58 -33.83
C ARG F 25 -15.15 31.67 -33.53
N PHE F 26 -14.34 31.39 -32.52
CA PHE F 26 -13.20 32.23 -32.15
C PHE F 26 -12.50 32.77 -33.38
N TRP F 27 -12.14 31.88 -34.29
CA TRP F 27 -11.37 32.29 -35.45
C TRP F 27 -12.18 33.05 -36.51
N GLU F 28 -13.42 32.65 -36.74
CA GLU F 28 -14.23 33.30 -37.77
C GLU F 28 -14.62 34.70 -37.31
N MET F 29 -14.65 34.88 -36.00
CA MET F 29 -14.90 36.18 -35.38
C MET F 29 -13.62 37.01 -35.33
N ALA F 30 -12.48 36.35 -35.14
CA ALA F 30 -11.20 37.01 -35.26
C ALA F 30 -11.08 37.60 -36.66
N GLU F 31 -11.48 36.83 -37.66
CA GLU F 31 -11.38 37.29 -39.04
C GLU F 31 -12.38 38.44 -39.31
N LYS F 32 -13.60 38.33 -38.78
CA LYS F 32 -14.57 39.43 -38.89
C LYS F 32 -13.99 40.74 -38.38
N ILE F 33 -13.18 40.67 -37.31
CA ILE F 33 -12.56 41.85 -36.69
C ILE F 33 -11.41 42.52 -37.47
N VAL F 34 -10.52 41.73 -38.05
CA VAL F 34 -9.35 42.28 -38.74
C VAL F 34 -9.59 42.64 -40.20
N ASP F 35 -10.59 42.00 -40.81
CA ASP F 35 -10.93 42.29 -42.21
C ASP F 35 -11.00 43.80 -42.55
N PRO F 36 -11.83 44.56 -41.82
CA PRO F 36 -11.86 46.01 -42.05
C PRO F 36 -10.47 46.66 -42.08
N LEU F 37 -9.52 46.14 -41.30
CA LEU F 37 -8.22 46.78 -41.14
C LEU F 37 -7.38 46.46 -42.36
N LEU F 38 -7.35 45.18 -42.69
CA LEU F 38 -6.77 44.72 -43.93
C LEU F 38 -7.19 45.60 -45.10
N ASP F 39 -8.46 45.99 -45.12
CA ASP F 39 -8.99 46.83 -46.17
C ASP F 39 -8.30 48.18 -46.13
N LEU F 40 -8.22 48.75 -44.94
CA LEU F 40 -7.61 50.05 -44.79
C LEU F 40 -6.25 50.02 -45.41
N GLY F 41 -5.58 48.88 -45.26
CA GLY F 41 -4.26 48.69 -45.84
C GLY F 41 -4.26 48.74 -47.35
N LYS F 42 -5.29 48.15 -47.96
CA LYS F 42 -5.43 48.09 -49.41
C LYS F 42 -5.67 49.45 -50.06
N LYS F 43 -6.41 50.31 -49.36
CA LYS F 43 -6.93 51.53 -49.97
C LYS F 43 -6.21 52.81 -49.58
N ASN F 44 -5.18 52.70 -48.74
CA ASN F 44 -4.50 53.87 -48.22
C ASN F 44 -3.00 53.70 -48.22
N THR F 45 -2.27 54.79 -48.05
CA THR F 45 -0.81 54.77 -47.99
C THR F 45 -0.35 55.70 -46.88
N THR F 46 0.93 55.64 -46.55
CA THR F 46 1.47 56.52 -45.51
C THR F 46 2.86 56.98 -45.88
N PRO F 47 3.38 57.98 -45.15
CA PRO F 47 4.75 58.46 -45.38
C PRO F 47 5.76 57.33 -45.24
N SER F 48 5.52 56.40 -44.32
CA SER F 48 6.46 55.31 -44.16
C SER F 48 6.31 54.31 -45.30
N ILE F 49 5.08 54.08 -45.76
CA ILE F 49 4.87 53.15 -46.86
C ILE F 49 5.45 53.71 -48.14
N GLU F 50 5.41 55.02 -48.26
CA GLU F 50 5.98 55.67 -49.43
C GLU F 50 7.51 55.64 -49.38
N ARG F 51 8.09 56.20 -48.33
CA ARG F 51 9.54 56.14 -48.15
C ARG F 51 10.08 54.74 -48.40
N SER F 52 9.31 53.73 -47.99
CA SER F 52 9.76 52.34 -48.13
C SER F 52 9.79 51.97 -49.61
N VAL F 53 8.79 52.44 -50.33
CA VAL F 53 8.80 52.26 -51.77
C VAL F 53 10.11 52.84 -52.34
N LEU F 54 10.40 54.09 -52.00
CA LEU F 54 11.57 54.78 -52.55
C LEU F 54 12.87 54.03 -52.22
N LEU F 55 12.94 53.48 -51.01
CA LEU F 55 14.10 52.72 -50.59
C LEU F 55 14.39 51.60 -51.60
N ARG F 56 13.37 50.79 -51.90
CA ARG F 56 13.52 49.66 -52.81
C ARG F 56 13.74 50.07 -54.26
N MET F 57 13.72 51.37 -54.53
CA MET F 57 13.82 51.86 -55.90
C MET F 57 15.25 52.30 -56.21
N GLY F 58 16.01 52.60 -55.17
CA GLY F 58 17.41 52.90 -55.36
C GLY F 58 17.80 54.15 -54.62
N PHE F 59 16.84 54.73 -53.91
CA PHE F 59 17.06 55.96 -53.17
C PHE F 59 17.51 55.68 -51.72
N SER F 60 18.08 56.71 -51.08
CA SER F 60 18.59 56.60 -49.71
C SER F 60 17.53 57.05 -48.71
N SER F 61 17.79 56.85 -47.42
CA SER F 61 16.81 57.17 -46.39
C SER F 61 16.62 58.66 -46.31
N LEU F 62 17.73 59.39 -46.42
CA LEU F 62 17.69 60.85 -46.32
C LEU F 62 16.91 61.43 -47.49
N GLU F 63 17.07 60.81 -48.66
CA GLU F 63 16.46 61.27 -49.89
C GLU F 63 14.97 60.94 -49.90
N ALA F 64 14.62 59.76 -49.43
CA ALA F 64 13.24 59.35 -49.44
C ALA F 64 12.44 60.34 -48.64
N LYS F 65 12.95 60.71 -47.46
CA LYS F 65 12.27 61.69 -46.63
C LYS F 65 11.97 62.96 -47.42
N ALA F 66 12.98 63.47 -48.12
CA ALA F 66 12.81 64.71 -48.88
C ALA F 66 11.71 64.55 -49.94
N ILE F 67 11.81 63.51 -50.77
CA ILE F 67 10.85 63.26 -51.84
C ILE F 67 9.42 63.15 -51.34
N VAL F 68 9.23 62.47 -50.21
CA VAL F 68 7.91 62.26 -49.63
C VAL F 68 7.40 63.52 -48.96
N ASP F 69 8.29 64.23 -48.27
CA ASP F 69 7.96 65.51 -47.66
C ASP F 69 7.42 66.52 -48.68
N LYS F 70 7.94 66.48 -49.90
CA LYS F 70 7.45 67.38 -50.95
C LYS F 70 6.20 66.84 -51.66
N THR F 71 6.03 65.53 -51.67
CA THR F 71 4.82 64.90 -52.19
C THR F 71 3.62 65.24 -51.30
N MET F 72 3.85 65.22 -49.99
CA MET F 72 2.81 65.58 -49.04
C MET F 72 2.48 67.07 -49.13
N ASP F 73 3.50 67.86 -49.45
CA ASP F 73 3.32 69.30 -49.65
C ASP F 73 2.43 69.57 -50.88
N ARG F 74 2.42 68.66 -51.85
CA ARG F 74 1.60 68.85 -53.05
C ARG F 74 0.28 68.11 -53.01
N GLY F 75 0.02 67.37 -51.92
CA GLY F 75 -1.21 66.60 -51.79
C GLY F 75 -1.22 65.43 -52.76
N LEU F 76 -0.05 65.08 -53.25
CA LEU F 76 0.05 64.10 -54.32
C LEU F 76 0.15 62.67 -53.81
N MET F 77 0.33 62.50 -52.49
CA MET F 77 0.49 61.17 -51.92
C MET F 77 -0.42 60.20 -52.65
N GLY F 78 -1.67 60.62 -52.85
CA GLY F 78 -2.68 59.81 -53.51
C GLY F 78 -2.26 59.17 -54.83
N LYS F 79 -1.19 59.68 -55.43
CA LYS F 79 -0.68 59.12 -56.69
C LYS F 79 0.39 58.06 -56.47
N GLY F 80 1.25 58.28 -55.47
CA GLY F 80 2.34 57.37 -55.15
C GLY F 80 3.73 57.99 -55.33
N ALA F 81 4.43 58.23 -54.23
CA ALA F 81 5.71 58.92 -54.30
C ALA F 81 6.72 58.24 -55.24
N GLY F 82 6.69 56.91 -55.25
CA GLY F 82 7.51 56.18 -56.20
C GLY F 82 7.02 56.42 -57.61
N HIS F 83 5.71 56.33 -57.79
CA HIS F 83 5.04 56.62 -59.06
C HIS F 83 5.50 57.97 -59.66
N ILE F 84 5.38 59.03 -58.87
CA ILE F 84 5.79 60.37 -59.29
C ILE F 84 7.20 60.36 -59.89
N VAL F 85 8.14 59.67 -59.23
CA VAL F 85 9.50 59.56 -59.76
C VAL F 85 9.53 58.86 -61.13
N TYR F 86 8.75 57.80 -61.26
CA TYR F 86 8.62 57.04 -62.50
C TYR F 86 8.15 57.93 -63.63
N LYS F 87 6.86 58.21 -63.69
CA LYS F 87 6.33 59.15 -64.66
C LYS F 87 7.35 60.24 -64.91
N ILE F 88 7.94 60.80 -63.87
CA ILE F 88 8.87 61.91 -64.05
C ILE F 88 10.07 61.55 -64.90
N ALA F 89 10.53 60.31 -64.77
CA ALA F 89 11.73 59.87 -65.50
C ALA F 89 11.42 59.34 -66.91
N LYS F 90 10.47 58.43 -67.01
CA LYS F 90 10.06 57.92 -68.32
C LYS F 90 9.44 59.01 -69.21
N GLU F 91 9.27 60.21 -68.65
CA GLU F 91 8.61 61.31 -69.35
C GLU F 91 9.57 62.42 -69.74
N LYS F 92 10.78 62.36 -69.21
CA LYS F 92 11.80 63.36 -69.52
C LYS F 92 13.05 62.67 -70.08
N ASN F 93 13.01 61.35 -70.16
CA ASN F 93 14.17 60.57 -70.55
C ASN F 93 15.30 60.78 -69.56
N ILE F 94 15.11 60.31 -68.34
CA ILE F 94 16.18 60.32 -67.34
C ILE F 94 16.20 59.04 -66.51
N SER F 95 17.33 58.81 -65.83
CA SER F 95 17.48 57.65 -64.97
C SER F 95 16.55 57.77 -63.77
N VAL F 96 15.96 56.66 -63.35
CA VAL F 96 15.12 56.69 -62.18
C VAL F 96 15.79 57.57 -61.12
N ARG F 97 17.07 57.36 -60.89
CA ARG F 97 17.78 58.12 -59.85
C ARG F 97 17.88 59.61 -60.16
N GLU F 98 18.04 59.96 -61.43
CA GLU F 98 18.15 61.35 -61.83
C GLU F 98 16.86 62.11 -61.50
N ALA F 99 15.73 61.53 -61.89
CA ALA F 99 14.42 62.11 -61.62
C ALA F 99 14.17 62.26 -60.11
N GLY F 100 14.10 61.12 -59.43
CA GLY F 100 13.88 61.10 -58.01
C GLY F 100 14.80 62.10 -57.36
N LEU F 101 16.09 61.96 -57.61
CA LEU F 101 17.08 62.88 -57.07
C LEU F 101 16.65 64.35 -57.30
N ALA F 102 16.39 64.68 -58.56
CA ALA F 102 15.97 66.05 -58.90
C ALA F 102 14.79 66.47 -58.04
N LEU F 103 13.80 65.59 -57.94
CA LEU F 103 12.59 65.88 -57.16
C LEU F 103 12.88 66.18 -55.68
N SER F 104 13.91 65.55 -55.11
CA SER F 104 14.22 65.76 -53.69
C SER F 104 14.74 67.16 -53.46
N GLU F 105 15.31 67.74 -54.51
CA GLU F 105 15.85 69.09 -54.41
C GLU F 105 14.82 70.15 -54.81
N GLY F 106 13.70 69.68 -55.35
CA GLY F 106 12.57 70.56 -55.58
C GLY F 106 12.27 70.90 -57.04
N LYS F 107 12.92 70.20 -57.96
CA LYS F 107 12.63 70.37 -59.39
C LYS F 107 11.47 69.50 -59.87
N TYR F 108 10.93 69.83 -61.04
CA TYR F 108 9.96 68.97 -61.73
C TYR F 108 8.64 68.76 -61.00
N TRP F 109 8.37 69.51 -59.93
CA TRP F 109 7.05 69.41 -59.30
C TRP F 109 6.00 70.17 -60.12
N ASP F 110 6.45 71.24 -60.78
CA ASP F 110 5.62 71.93 -61.76
C ASP F 110 5.08 70.89 -62.74
N ASP F 111 5.99 70.05 -63.24
CA ASP F 111 5.63 69.04 -64.22
C ASP F 111 4.68 68.01 -63.63
N ALA F 112 4.97 67.61 -62.38
CA ALA F 112 4.23 66.54 -61.71
C ALA F 112 2.75 66.86 -61.51
N ILE F 113 2.42 68.14 -61.40
CA ILE F 113 1.02 68.55 -61.26
C ILE F 113 0.14 68.30 -62.52
N GLN F 114 0.77 67.82 -63.59
CA GLN F 114 0.03 67.32 -64.74
C GLN F 114 0.56 65.96 -65.18
N LEU G 5 2.28 -46.47 -17.91
CA LEU G 5 1.38 -47.61 -18.03
C LEU G 5 -0.09 -47.22 -18.10
N GLN G 6 -0.50 -46.16 -17.38
CA GLN G 6 -1.89 -45.71 -17.44
C GLN G 6 -2.24 -44.47 -16.62
N LEU G 7 -3.38 -44.59 -15.93
CA LEU G 7 -4.16 -43.55 -15.24
C LEU G 7 -4.67 -42.36 -16.07
N ARG G 8 -5.86 -42.57 -16.64
CA ARG G 8 -6.58 -41.55 -17.36
C ARG G 8 -7.61 -41.00 -16.38
N VAL G 9 -7.83 -39.67 -16.37
CA VAL G 9 -8.65 -39.02 -15.30
C VAL G 9 -10.15 -39.34 -15.38
N ASN G 10 -10.58 -39.93 -16.50
CA ASN G 10 -12.00 -40.25 -16.66
C ASN G 10 -12.29 -41.75 -16.83
N GLU G 11 -11.27 -42.57 -16.64
CA GLU G 11 -11.44 -44.01 -16.54
C GLU G 11 -11.23 -44.41 -15.07
N LYS G 12 -12.18 -45.15 -14.50
CA LYS G 12 -12.00 -45.79 -13.19
C LYS G 12 -10.70 -46.64 -13.09
N LEU G 13 -10.19 -46.83 -11.87
CA LEU G 13 -9.10 -47.78 -11.70
C LEU G 13 -9.58 -49.18 -12.02
N ASP G 14 -8.86 -49.84 -12.92
CA ASP G 14 -9.10 -51.24 -13.14
C ASP G 14 -8.45 -51.93 -11.94
N VAL G 15 -9.20 -52.08 -10.87
CA VAL G 15 -8.64 -52.72 -9.68
C VAL G 15 -8.29 -54.17 -10.02
N GLU G 16 -8.88 -54.66 -11.11
CA GLU G 16 -8.61 -56.00 -11.59
C GLU G 16 -7.20 -56.06 -12.17
N ASN G 17 -6.85 -55.08 -12.99
CA ASN G 17 -5.53 -55.02 -13.61
C ASN G 17 -4.44 -54.72 -12.59
N ILE G 18 -4.80 -53.99 -11.54
CA ILE G 18 -3.88 -53.73 -10.46
C ILE G 18 -3.49 -55.06 -9.83
N LEU G 19 -4.48 -55.91 -9.59
CA LEU G 19 -4.20 -57.20 -8.99
C LEU G 19 -3.52 -58.20 -9.94
N LYS G 20 -3.12 -57.72 -11.12
CA LYS G 20 -2.38 -58.56 -12.07
C LYS G 20 -0.86 -58.39 -11.92
N ASP G 21 -0.17 -59.50 -11.68
CA ASP G 21 1.29 -59.53 -11.65
C ASP G 21 1.92 -58.97 -10.38
N LEU G 22 1.17 -58.95 -9.29
CA LEU G 22 1.70 -58.45 -8.02
C LEU G 22 2.96 -59.19 -7.55
N ASP G 23 3.32 -60.27 -8.24
CA ASP G 23 4.51 -61.02 -7.84
C ASP G 23 5.75 -60.35 -8.38
N LYS G 24 5.55 -59.43 -9.31
CA LYS G 24 6.65 -58.80 -10.04
C LYS G 24 6.80 -57.34 -9.63
N TYR G 25 5.93 -56.89 -8.72
CA TYR G 25 5.89 -55.50 -8.29
C TYR G 25 6.96 -55.07 -7.25
N THR G 26 7.62 -53.95 -7.53
CA THR G 26 8.52 -53.32 -6.57
C THR G 26 7.95 -51.92 -6.35
N PRO G 27 8.22 -51.31 -5.19
CA PRO G 27 7.73 -49.95 -5.00
C PRO G 27 8.55 -48.87 -5.73
N LYS G 28 7.86 -47.98 -6.42
CA LYS G 28 8.45 -46.80 -7.07
C LYS G 28 9.50 -46.06 -6.21
N ARG G 29 9.12 -45.72 -4.99
CA ARG G 29 9.97 -44.93 -4.11
C ARG G 29 9.95 -45.53 -2.72
N ARG G 30 10.68 -44.90 -1.80
CA ARG G 30 10.69 -45.33 -0.40
C ARG G 30 10.77 -44.10 0.51
N GLY G 31 10.43 -44.30 1.78
CA GLY G 31 10.60 -43.27 2.78
C GLY G 31 9.41 -42.33 2.92
N TRP G 32 9.43 -41.53 3.97
CA TRP G 32 8.38 -40.56 4.21
C TRP G 32 8.67 -39.29 3.43
N THR G 33 7.62 -38.64 2.96
CA THR G 33 7.73 -37.36 2.27
C THR G 33 6.97 -36.28 3.03
N TRP G 34 7.57 -35.11 3.23
CA TRP G 34 6.87 -33.96 3.79
C TRP G 34 6.30 -33.15 2.64
N ARG G 35 5.52 -32.12 2.93
CA ARG G 35 5.05 -31.25 1.88
C ARG G 35 6.04 -30.12 1.67
N GLN G 36 6.18 -29.67 0.43
CA GLN G 36 7.13 -28.60 0.13
C GLN G 36 6.44 -27.24 0.21
N PRO G 37 6.97 -26.36 1.08
CA PRO G 37 6.56 -24.97 1.19
C PRO G 37 6.71 -24.20 -0.14
N ALA G 38 5.64 -23.53 -0.55
CA ALA G 38 5.62 -22.64 -1.71
C ALA G 38 5.39 -21.23 -1.18
N GLU G 39 6.44 -20.60 -0.67
CA GLU G 39 6.31 -19.30 -0.04
C GLU G 39 5.79 -18.22 -0.98
N ASN G 40 4.87 -17.41 -0.46
CA ASN G 40 4.28 -16.34 -1.23
C ASN G 40 3.85 -16.78 -2.62
N LEU G 41 3.24 -17.95 -2.70
CA LEU G 41 2.69 -18.41 -3.95
C LEU G 41 1.47 -17.55 -4.27
N GLN G 42 1.26 -17.24 -5.53
CA GLN G 42 0.02 -16.59 -5.89
C GLN G 42 -0.91 -17.58 -6.55
N MET G 43 -2.13 -17.66 -6.05
CA MET G 43 -3.14 -18.54 -6.59
C MET G 43 -4.45 -17.76 -6.68
N GLY G 44 -5.02 -17.69 -7.86
CA GLY G 44 -6.18 -16.85 -8.08
C GLY G 44 -5.84 -15.39 -7.89
N PRO G 45 -6.73 -14.66 -7.23
CA PRO G 45 -6.48 -13.24 -6.95
C PRO G 45 -5.61 -13.10 -5.73
N PHE G 46 -5.31 -14.20 -5.05
CA PHE G 46 -4.75 -14.09 -3.71
C PHE G 46 -3.29 -14.51 -3.54
N ILE G 47 -2.67 -14.04 -2.46
CA ILE G 47 -1.34 -14.50 -2.06
C ILE G 47 -1.34 -15.29 -0.75
N TYR G 48 -0.52 -16.35 -0.69
CA TYR G 48 -0.54 -17.25 0.45
C TYR G 48 0.77 -17.36 1.21
N LYS G 49 0.72 -17.01 2.49
CA LYS G 49 1.88 -17.10 3.36
C LYS G 49 2.30 -18.53 3.72
N ASP G 50 1.32 -19.40 4.01
CA ASP G 50 1.60 -20.80 4.40
C ASP G 50 1.01 -21.87 3.48
N ALA G 51 1.21 -21.74 2.17
CA ALA G 51 0.79 -22.78 1.23
C ALA G 51 1.92 -23.71 0.84
N SER G 52 1.58 -24.97 0.58
CA SER G 52 2.51 -25.90 -0.02
C SER G 52 2.24 -25.96 -1.53
N THR G 53 2.99 -26.78 -2.24
CA THR G 53 2.91 -26.88 -3.71
C THR G 53 1.51 -27.28 -4.09
N PRO G 54 0.96 -26.68 -5.16
CA PRO G 54 -0.37 -27.04 -5.65
C PRO G 54 -0.35 -28.39 -6.35
N LEU G 55 -1.53 -29.01 -6.44
CA LEU G 55 -1.64 -30.28 -7.12
C LEU G 55 -1.84 -30.07 -8.61
N GLU G 56 -1.51 -31.09 -9.40
CA GLU G 56 -1.78 -31.07 -10.82
C GLU G 56 -3.21 -31.51 -11.13
N ASN G 57 -3.73 -32.42 -10.33
CA ASN G 57 -5.15 -32.77 -10.42
C ASN G 57 -5.83 -32.80 -9.04
N SER G 58 -6.93 -32.10 -8.91
CA SER G 58 -7.64 -32.17 -7.65
C SER G 58 -9.09 -31.76 -7.81
N VAL G 59 -9.77 -31.75 -6.68
CA VAL G 59 -11.11 -31.21 -6.58
C VAL G 59 -11.06 -30.06 -5.59
N ALA G 60 -11.12 -28.81 -6.08
CA ALA G 60 -11.19 -27.66 -5.20
C ALA G 60 -12.49 -27.72 -4.40
N LEU G 61 -12.54 -26.97 -3.30
CA LEU G 61 -13.74 -26.84 -2.51
C LEU G 61 -14.89 -26.27 -3.34
N PRO G 62 -16.13 -26.56 -2.95
CA PRO G 62 -17.23 -26.04 -3.74
C PRO G 62 -17.11 -24.54 -3.97
N SER G 63 -16.83 -23.78 -2.93
CA SER G 63 -16.91 -22.31 -3.05
C SER G 63 -15.77 -21.67 -3.85
N ALA G 64 -14.77 -22.45 -4.19
CA ALA G 64 -13.71 -22.00 -5.09
C ALA G 64 -14.18 -21.61 -6.50
N LYS G 65 -15.41 -21.96 -6.87
CA LYS G 65 -15.92 -21.54 -8.19
C LYS G 65 -15.94 -20.02 -8.27
N TYR G 66 -16.03 -19.37 -7.11
CA TYR G 66 -15.99 -17.92 -7.03
C TYR G 66 -14.57 -17.35 -7.16
N PHE G 67 -13.55 -18.21 -7.11
CA PHE G 67 -12.17 -17.74 -7.11
C PHE G 67 -11.27 -18.33 -8.22
N GLY G 68 -11.88 -18.89 -9.27
CA GLY G 68 -11.10 -19.36 -10.40
C GLY G 68 -10.84 -20.85 -10.28
N ASP G 69 -11.53 -21.47 -9.33
CA ASP G 69 -11.40 -22.89 -9.03
C ASP G 69 -10.02 -23.30 -8.51
N ILE G 70 -9.42 -22.40 -7.74
CA ILE G 70 -8.15 -22.66 -7.10
C ILE G 70 -8.31 -23.64 -5.94
N ASP G 71 -7.32 -24.52 -5.77
CA ASP G 71 -7.28 -25.49 -4.68
C ASP G 71 -5.90 -25.43 -4.00
N PRO G 72 -5.70 -24.43 -3.12
CA PRO G 72 -4.44 -24.21 -2.41
C PRO G 72 -4.16 -25.32 -1.41
N GLN G 73 -2.89 -25.69 -1.21
CA GLN G 73 -2.61 -26.75 -0.23
C GLN G 73 -1.84 -26.24 1.00
N PRO G 74 -2.32 -26.58 2.21
CA PRO G 74 -1.66 -26.12 3.43
C PRO G 74 -0.32 -26.82 3.65
N LEU G 75 0.42 -26.44 4.69
CA LEU G 75 1.71 -27.06 4.99
C LEU G 75 1.67 -28.48 5.55
N PRO G 76 0.79 -28.74 6.52
CA PRO G 76 0.93 -30.05 7.17
C PRO G 76 0.58 -31.17 6.21
N VAL G 77 1.19 -32.34 6.43
CA VAL G 77 0.77 -33.54 5.73
C VAL G 77 -0.60 -33.91 6.30
N ILE G 78 -1.56 -34.15 5.40
CA ILE G 78 -2.96 -34.42 5.75
C ILE G 78 -3.32 -35.92 5.67
N THR G 79 -3.99 -36.41 6.71
CA THR G 79 -4.25 -37.84 6.80
C THR G 79 -5.73 -38.22 6.67
N THR G 80 -5.97 -39.32 5.97
CA THR G 80 -7.25 -39.96 6.06
C THR G 80 -7.04 -41.43 6.34
N GLU G 81 -7.93 -42.01 7.15
CA GLU G 81 -7.87 -43.40 7.56
C GLU G 81 -8.87 -44.21 6.75
N ILE G 82 -8.35 -45.24 6.06
CA ILE G 82 -9.12 -46.04 5.12
C ILE G 82 -8.86 -47.55 5.27
N ALA G 83 -9.82 -48.21 5.91
CA ALA G 83 -9.82 -49.64 6.08
C ALA G 83 -11.27 -49.97 6.36
N SER G 84 -11.86 -50.76 5.49
CA SER G 84 -13.29 -51.02 5.54
C SER G 84 -13.46 -52.50 5.70
N GLY G 85 -12.39 -53.24 5.43
CA GLY G 85 -12.37 -54.67 5.54
C GLY G 85 -12.18 -55.33 4.18
N ARG G 86 -12.32 -54.55 3.13
CA ARG G 86 -12.05 -55.02 1.78
C ARG G 86 -11.14 -54.04 1.08
N PHE G 87 -9.84 -54.29 1.16
CA PHE G 87 -8.85 -53.42 0.54
C PHE G 87 -9.19 -53.02 -0.90
N GLU G 88 -9.84 -53.93 -1.63
CA GLU G 88 -10.12 -53.74 -3.06
C GLU G 88 -11.22 -52.72 -3.38
N ASP G 89 -11.98 -52.32 -2.36
CA ASP G 89 -12.89 -51.18 -2.51
C ASP G 89 -12.15 -49.92 -2.02
N ASP G 90 -11.50 -50.05 -0.86
CA ASP G 90 -10.70 -48.98 -0.30
C ASP G 90 -9.74 -48.35 -1.31
N ILE G 91 -9.32 -49.12 -2.30
CA ILE G 91 -8.41 -48.54 -3.29
C ILE G 91 -9.15 -47.42 -4.00
N ARG G 92 -10.44 -47.62 -4.21
CA ARG G 92 -11.22 -46.64 -4.94
C ARG G 92 -11.45 -45.36 -4.12
N ARG G 93 -11.50 -45.49 -2.81
CA ARG G 93 -11.74 -44.35 -1.94
C ARG G 93 -10.46 -43.55 -1.85
N MET G 94 -9.34 -44.28 -1.85
CA MET G 94 -8.04 -43.65 -1.85
C MET G 94 -7.87 -42.76 -3.08
N ARG G 95 -8.33 -43.20 -4.24
CA ARG G 95 -8.28 -42.29 -5.38
C ARG G 95 -9.10 -41.02 -5.09
N MET G 96 -10.31 -41.19 -4.56
CA MET G 96 -11.15 -40.05 -4.17
C MET G 96 -10.44 -39.10 -3.19
N ALA G 97 -10.01 -39.62 -2.04
CA ALA G 97 -9.44 -38.78 -1.01
C ALA G 97 -8.17 -38.07 -1.46
N ALA G 98 -7.41 -38.69 -2.36
CA ALA G 98 -6.13 -38.13 -2.79
C ALA G 98 -6.32 -36.87 -3.64
N TRP G 99 -7.36 -36.93 -4.47
CA TRP G 99 -7.84 -35.77 -5.19
C TRP G 99 -8.35 -34.66 -4.25
N HIS G 100 -8.98 -35.02 -3.13
CA HIS G 100 -9.45 -34.03 -2.17
C HIS G 100 -8.37 -33.55 -1.18
N GLY G 101 -7.12 -33.91 -1.46
CA GLY G 101 -6.03 -33.30 -0.73
C GLY G 101 -5.24 -34.21 0.18
N ALA G 102 -5.74 -35.42 0.42
CA ALA G 102 -5.03 -36.36 1.27
C ALA G 102 -3.71 -36.87 0.64
N ASP G 103 -2.66 -36.90 1.44
CA ASP G 103 -1.36 -37.40 1.01
C ASP G 103 -0.77 -38.29 2.09
N HIS G 104 -1.64 -38.82 2.94
CA HIS G 104 -1.25 -39.74 4.00
C HIS G 104 -2.48 -40.61 4.22
N ILE G 105 -2.37 -41.88 3.84
CA ILE G 105 -3.47 -42.83 3.89
C ILE G 105 -3.17 -43.89 4.94
N MET G 106 -4.06 -44.04 5.91
CA MET G 106 -3.77 -44.88 7.07
C MET G 106 -4.65 -46.14 7.04
N VAL G 107 -4.05 -47.32 7.10
CA VAL G 107 -4.87 -48.52 7.14
C VAL G 107 -4.81 -49.17 8.50
N ILE G 108 -5.89 -49.00 9.27
CA ILE G 108 -6.05 -49.69 10.55
C ILE G 108 -6.11 -51.18 10.26
N ARG G 109 -5.63 -51.99 11.18
CA ARG G 109 -5.56 -53.42 10.96
C ARG G 109 -6.86 -54.19 11.28
N THR G 110 -6.95 -55.41 10.76
CA THR G 110 -8.06 -56.29 11.09
C THR G 110 -8.06 -56.63 12.58
N ALA G 111 -9.24 -56.66 13.17
CA ALA G 111 -9.39 -56.89 14.61
C ALA G 111 -8.36 -57.84 15.24
N GLY G 112 -7.65 -57.31 16.23
CA GLY G 112 -6.71 -58.09 17.02
C GLY G 112 -5.40 -58.53 16.37
N GLN G 113 -5.09 -58.04 15.16
CA GLN G 113 -3.90 -58.49 14.44
C GLN G 113 -2.60 -58.39 15.27
N SER G 114 -2.61 -57.54 16.29
CA SER G 114 -1.50 -57.49 17.24
C SER G 114 -1.18 -58.88 17.80
N HIS G 115 -2.18 -59.74 17.88
CA HIS G 115 -2.01 -61.07 18.45
C HIS G 115 -1.54 -62.15 17.46
N TYR G 116 -1.61 -61.87 16.16
CA TYR G 116 -1.01 -62.75 15.14
C TYR G 116 0.51 -62.85 15.33
N ASP G 117 1.00 -63.97 15.87
CA ASP G 117 2.44 -64.14 16.09
C ASP G 117 3.15 -64.52 14.78
N GLY G 118 3.18 -63.56 13.86
CA GLY G 118 3.81 -63.75 12.57
C GLY G 118 2.98 -63.11 11.46
N LEU G 119 3.62 -62.87 10.33
CA LEU G 119 2.92 -62.34 9.19
C LEU G 119 1.73 -63.21 8.83
N ILE G 120 0.76 -62.64 8.11
CA ILE G 120 -0.23 -63.44 7.39
C ILE G 120 -0.16 -63.10 5.90
N GLU G 121 -0.84 -63.90 5.09
CA GLU G 121 -0.64 -63.83 3.65
C GLU G 121 -1.96 -63.78 2.90
N GLY G 122 -1.95 -63.17 1.73
CA GLY G 122 -3.14 -63.11 0.90
C GLY G 122 -4.15 -62.06 1.32
N THR G 123 -5.40 -62.25 0.91
CA THR G 123 -6.37 -61.19 1.08
C THR G 123 -7.67 -61.71 1.67
N PRO G 124 -7.65 -62.14 2.93
CA PRO G 124 -8.87 -62.54 3.62
C PRO G 124 -9.66 -61.31 3.96
N GLN G 125 -10.98 -61.41 3.98
CA GLN G 125 -11.84 -60.34 4.42
C GLN G 125 -11.47 -59.90 5.82
N GLY G 126 -11.51 -58.60 6.05
CA GLY G 126 -11.21 -58.10 7.37
C GLY G 126 -12.46 -57.88 8.17
N ILE G 127 -12.27 -57.58 9.45
CA ILE G 127 -13.38 -57.13 10.26
C ILE G 127 -12.91 -55.96 11.13
N GLY G 128 -13.54 -54.81 10.95
CA GLY G 128 -13.15 -53.57 11.59
C GLY G 128 -11.79 -53.02 11.15
N GLY G 129 -11.32 -53.48 10.00
CA GLY G 129 -10.01 -53.13 9.50
C GLY G 129 -9.60 -54.04 8.36
N VAL G 130 -8.38 -53.84 7.87
CA VAL G 130 -7.84 -54.66 6.81
C VAL G 130 -6.79 -55.62 7.34
N PRO G 131 -6.86 -56.89 6.92
CA PRO G 131 -5.82 -57.84 7.31
C PRO G 131 -4.58 -57.50 6.48
N ILE G 132 -3.56 -56.98 7.17
CA ILE G 132 -2.33 -56.53 6.54
C ILE G 132 -1.48 -57.69 6.04
N THR G 133 -1.31 -57.78 4.72
CA THR G 133 -0.47 -58.83 4.13
C THR G 133 0.41 -58.27 3.00
N ARG G 134 1.54 -58.94 2.75
CA ARG G 134 2.39 -58.53 1.64
C ARG G 134 1.62 -58.28 0.34
N LYS G 135 0.50 -58.98 0.16
CA LYS G 135 -0.26 -58.91 -1.09
C LYS G 135 -1.11 -57.64 -1.14
N GLN G 136 -1.83 -57.41 -0.05
CA GLN G 136 -2.67 -56.23 0.09
C GLN G 136 -1.84 -54.93 0.17
N VAL G 137 -0.68 -54.98 0.80
CA VAL G 137 0.22 -53.83 0.81
C VAL G 137 0.70 -53.57 -0.62
N ARG G 138 1.13 -54.61 -1.31
CA ARG G 138 1.58 -54.46 -2.70
C ARG G 138 0.44 -54.00 -3.60
N ALA G 139 -0.76 -54.51 -3.34
CA ALA G 139 -1.91 -54.06 -4.09
C ALA G 139 -2.04 -52.54 -3.92
N GLN G 140 -2.27 -52.13 -2.68
CA GLN G 140 -2.49 -50.73 -2.40
C GLN G 140 -1.33 -49.78 -2.82
N ARG G 141 -0.08 -50.16 -2.54
CA ARG G 141 1.05 -49.26 -2.78
C ARG G 141 1.27 -49.05 -4.28
N LYS G 142 0.98 -50.10 -5.07
CA LYS G 142 0.97 -50.04 -6.53
C LYS G 142 -0.13 -49.12 -7.05
N ALA G 143 -1.33 -49.27 -6.49
CA ALA G 143 -2.43 -48.39 -6.80
C ALA G 143 -2.11 -46.94 -6.38
N LEU G 144 -1.55 -46.77 -5.19
CA LEU G 144 -1.15 -45.45 -4.76
C LEU G 144 -0.02 -44.87 -5.66
N ASP G 145 0.81 -45.73 -6.24
CA ASP G 145 1.81 -45.25 -7.20
C ASP G 145 1.13 -44.57 -8.40
N LEU G 146 -0.04 -45.07 -8.77
CA LEU G 146 -0.70 -44.55 -9.94
C LEU G 146 -1.39 -43.27 -9.53
N ILE G 147 -2.16 -43.35 -8.46
CA ILE G 147 -2.82 -42.18 -7.90
C ILE G 147 -1.85 -41.00 -7.64
N GLU G 148 -0.72 -41.24 -6.98
CA GLU G 148 0.24 -40.15 -6.72
C GLU G 148 0.78 -39.49 -8.00
N GLU G 149 0.98 -40.23 -9.07
CA GLU G 149 1.31 -39.58 -10.34
C GLU G 149 0.14 -38.72 -10.77
N GLU G 150 -1.05 -39.29 -10.74
CA GLU G 150 -2.22 -38.52 -11.15
C GLU G 150 -2.31 -37.18 -10.44
N VAL G 151 -2.46 -37.19 -9.11
CA VAL G 151 -2.63 -35.92 -8.41
C VAL G 151 -1.36 -35.05 -8.46
N GLY G 152 -0.20 -35.69 -8.69
CA GLY G 152 1.04 -34.98 -8.89
C GLY G 152 1.85 -34.66 -7.64
N ARG G 153 1.62 -35.43 -6.59
CA ARG G 153 2.27 -35.17 -5.32
C ARG G 153 2.41 -36.55 -4.70
N PRO G 154 3.58 -36.86 -4.07
CA PRO G 154 3.74 -38.20 -3.47
C PRO G 154 2.88 -38.38 -2.21
N ILE G 155 2.29 -39.58 -2.12
CA ILE G 155 1.36 -39.91 -1.05
C ILE G 155 2.01 -40.89 -0.08
N ASN G 156 1.89 -40.59 1.21
CA ASN G 156 2.42 -41.48 2.24
C ASN G 156 1.44 -42.58 2.58
N TYR G 157 1.85 -43.82 2.36
CA TYR G 157 1.09 -45.00 2.74
C TYR G 157 1.55 -45.49 4.12
N HIS G 158 0.58 -45.78 4.99
CA HIS G 158 0.81 -45.91 6.43
C HIS G 158 -0.05 -47.02 7.11
N SER G 159 0.57 -47.84 7.96
CA SER G 159 -0.16 -48.80 8.79
C SER G 159 0.51 -49.00 10.16
N TYR G 160 0.26 -50.15 10.78
CA TYR G 160 0.67 -50.36 12.17
C TYR G 160 1.67 -51.50 12.34
N VAL G 161 2.63 -51.33 13.25
CA VAL G 161 3.71 -52.29 13.47
C VAL G 161 3.61 -52.81 14.90
N SER G 162 2.54 -52.43 15.60
CA SER G 162 2.34 -52.91 16.98
C SER G 162 1.98 -54.38 16.98
N GLY G 163 2.12 -55.02 18.14
CA GLY G 163 1.73 -56.43 18.26
C GLY G 163 2.86 -57.32 18.72
N VAL G 164 2.68 -58.63 18.67
CA VAL G 164 3.77 -59.53 19.07
C VAL G 164 4.70 -59.92 17.89
N ALA G 165 4.37 -59.42 16.70
CA ALA G 165 5.19 -59.69 15.55
C ALA G 165 5.58 -58.36 14.91
N GLY G 166 6.01 -57.43 15.77
CA GLY G 166 6.49 -56.14 15.28
C GLY G 166 7.59 -56.31 14.24
N PRO G 167 8.65 -57.04 14.59
CA PRO G 167 9.77 -57.26 13.67
C PRO G 167 9.35 -57.89 12.36
N ASP G 168 8.51 -58.92 12.43
CA ASP G 168 8.00 -59.56 11.21
C ASP G 168 7.41 -58.49 10.32
N ILE G 169 6.38 -57.79 10.83
CA ILE G 169 5.62 -56.82 10.04
C ILE G 169 6.50 -55.66 9.58
N ALA G 170 7.37 -55.19 10.47
CA ALA G 170 8.31 -54.09 10.15
C ALA G 170 9.20 -54.38 8.94
N VAL G 171 9.75 -55.59 8.90
CA VAL G 171 10.50 -56.05 7.74
C VAL G 171 9.72 -55.93 6.42
N MET G 172 8.60 -56.63 6.32
CA MET G 172 7.75 -56.55 5.15
C MET G 172 7.44 -55.11 4.79
N PHE G 173 6.92 -54.37 5.76
CA PHE G 173 6.70 -52.94 5.59
C PHE G 173 7.92 -52.25 4.92
N ALA G 174 9.09 -52.40 5.52
CA ALA G 174 10.29 -51.81 4.96
C ALA G 174 10.49 -52.23 3.51
N GLU G 175 10.40 -53.53 3.25
CA GLU G 175 10.62 -54.10 1.92
C GLU G 175 9.73 -53.45 0.87
N GLU G 176 8.42 -53.45 1.13
CA GLU G 176 7.40 -53.03 0.16
C GLU G 176 7.16 -51.51 0.10
N GLY G 177 8.02 -50.75 0.78
CA GLY G 177 8.04 -49.31 0.66
C GLY G 177 6.87 -48.62 1.31
N VAL G 178 6.55 -49.02 2.54
CA VAL G 178 5.50 -48.38 3.33
C VAL G 178 6.07 -47.22 4.10
N ASN G 179 5.58 -46.02 3.81
CA ASN G 179 6.31 -44.81 4.17
C ASN G 179 6.18 -44.32 5.61
N GLY G 180 5.12 -44.74 6.32
CA GLY G 180 4.93 -44.39 7.72
C GLY G 180 4.30 -45.50 8.55
N ALA G 181 4.59 -45.54 9.85
CA ALA G 181 3.91 -46.51 10.70
C ALA G 181 3.82 -46.15 12.17
N HIS G 182 2.69 -46.47 12.78
CA HIS G 182 2.62 -46.54 14.22
C HIS G 182 3.60 -47.59 14.72
N GLN G 183 4.25 -47.32 15.84
CA GLN G 183 5.01 -48.33 16.57
C GLN G 183 5.32 -47.72 17.93
N ASP G 184 4.70 -48.27 18.98
CA ASP G 184 4.95 -47.83 20.37
C ASP G 184 4.90 -49.09 21.24
N PRO G 185 5.99 -49.38 21.97
CA PRO G 185 5.98 -50.62 22.74
C PRO G 185 4.96 -50.55 23.87
N GLN G 186 4.86 -49.36 24.46
CA GLN G 186 3.92 -49.08 25.51
C GLN G 186 2.52 -49.45 25.08
N TYR G 187 2.18 -49.11 23.84
CA TYR G 187 0.90 -49.51 23.32
C TYR G 187 0.75 -51.02 23.51
N ASN G 188 1.75 -51.77 23.08
CA ASN G 188 1.69 -53.21 23.23
C ASN G 188 1.41 -53.66 24.64
N VAL G 189 2.10 -53.07 25.61
CA VAL G 189 1.95 -53.54 26.98
C VAL G 189 0.69 -53.07 27.72
N LEU G 190 0.35 -51.78 27.64
CA LEU G 190 -0.84 -51.27 28.35
C LEU G 190 -2.20 -51.78 27.81
N TYR G 191 -2.43 -51.67 26.51
CA TYR G 191 -3.74 -51.95 25.94
C TYR G 191 -3.94 -53.34 25.32
N ARG G 192 -2.85 -54.05 25.02
CA ARG G 192 -3.00 -55.39 24.46
C ARG G 192 -2.43 -56.48 25.38
N ASN G 193 -2.00 -56.09 26.57
CA ASN G 193 -1.40 -57.03 27.51
C ASN G 193 -0.41 -57.99 26.87
N ILE G 194 0.38 -57.51 25.93
CA ILE G 194 1.51 -58.29 25.44
C ILE G 194 2.59 -58.16 26.50
N ASN G 195 3.37 -59.22 26.73
CA ASN G 195 4.44 -59.19 27.74
C ASN G 195 5.46 -58.05 27.56
N MET G 196 5.64 -57.28 28.62
CA MET G 196 6.43 -56.07 28.56
C MET G 196 7.89 -56.34 28.20
N ILE G 197 8.45 -57.43 28.71
CA ILE G 197 9.82 -57.74 28.36
C ILE G 197 9.90 -58.00 26.87
N ARG G 198 9.01 -58.85 26.37
CA ARG G 198 8.99 -59.20 24.96
C ARG G 198 8.71 -57.99 24.09
N SER G 199 7.82 -57.12 24.57
CA SER G 199 7.42 -55.93 23.81
C SER G 199 8.59 -54.97 23.50
N PHE G 200 9.36 -54.64 24.51
CA PHE G 200 10.45 -53.69 24.34
C PHE G 200 11.66 -54.26 23.60
N ILE G 201 11.92 -55.54 23.75
CA ILE G 201 13.07 -56.09 23.04
C ILE G 201 12.74 -56.18 21.56
N ASP G 202 11.51 -56.59 21.28
CA ASP G 202 10.97 -56.63 19.92
C ASP G 202 11.05 -55.27 19.22
N ALA G 203 10.93 -54.21 20.02
CA ALA G 203 10.78 -52.85 19.51
C ALA G 203 12.08 -52.31 18.94
N CYS G 204 13.19 -52.62 19.61
CA CYS G 204 14.52 -52.27 19.14
C CYS G 204 14.69 -52.74 17.69
N GLU G 205 14.37 -54.00 17.42
CA GLU G 205 14.46 -54.49 16.07
C GLU G 205 13.53 -53.71 15.14
N SER G 206 12.23 -53.76 15.42
CA SER G 206 11.23 -53.02 14.66
C SER G 206 11.65 -51.59 14.36
N LYS G 207 11.92 -50.81 15.41
CA LYS G 207 12.38 -49.44 15.25
C LYS G 207 13.61 -49.34 14.33
N THR G 208 14.59 -50.21 14.57
CA THR G 208 15.80 -50.21 13.76
C THR G 208 15.52 -50.46 12.27
N ILE G 209 14.56 -51.33 11.96
CA ILE G 209 14.17 -51.59 10.59
C ILE G 209 13.45 -50.40 9.95
N MET G 210 12.47 -49.86 10.69
CA MET G 210 11.75 -48.64 10.29
C MET G 210 12.70 -47.47 10.05
N ALA G 211 13.78 -47.38 10.83
CA ALA G 211 14.69 -46.25 10.71
C ALA G 211 15.50 -46.41 9.44
N TRP G 212 15.73 -47.67 9.07
CA TRP G 212 16.46 -48.00 7.86
C TRP G 212 15.65 -47.57 6.66
N ALA G 213 14.35 -47.83 6.72
CA ALA G 213 13.45 -47.60 5.61
C ALA G 213 13.04 -46.15 5.52
N ASP G 214 13.65 -45.31 6.36
CA ASP G 214 13.33 -43.88 6.43
C ASP G 214 11.83 -43.70 6.60
N MET G 215 11.22 -44.50 7.47
CA MET G 215 9.79 -44.36 7.73
C MET G 215 9.56 -43.35 8.82
N ALA G 216 8.47 -42.61 8.72
CA ALA G 216 8.02 -41.80 9.84
C ALA G 216 7.31 -42.70 10.88
N GLN G 217 7.47 -42.40 12.15
CA GLN G 217 6.80 -43.21 13.15
C GLN G 217 5.84 -42.39 13.98
N ILE G 218 4.63 -42.92 14.19
CA ILE G 218 3.66 -42.29 15.09
C ILE G 218 3.59 -43.09 16.38
N ASP G 219 3.53 -42.42 17.54
CA ASP G 219 3.33 -43.14 18.80
C ASP G 219 1.86 -43.45 19.13
N GLY G 220 1.66 -44.04 20.31
CA GLY G 220 0.36 -44.55 20.69
C GLY G 220 -0.26 -43.78 21.83
N ALA G 221 0.34 -42.66 22.19
CA ALA G 221 -0.11 -41.96 23.38
C ALA G 221 -1.60 -41.61 23.34
N HIS G 222 -2.19 -41.55 22.14
CA HIS G 222 -3.60 -41.15 22.01
C HIS G 222 -4.58 -42.18 22.51
N ASN G 223 -4.09 -43.38 22.83
CA ASN G 223 -4.97 -44.40 23.38
C ASN G 223 -5.30 -44.01 24.81
N ALA G 224 -4.39 -43.24 25.42
CA ALA G 224 -4.56 -42.78 26.79
C ALA G 224 -5.76 -41.86 26.95
N ASN G 225 -5.99 -41.01 25.95
CA ASN G 225 -7.20 -40.21 25.84
C ASN G 225 -8.44 -41.11 25.86
N ALA G 226 -8.48 -42.04 24.92
CA ALA G 226 -9.61 -42.96 24.79
C ALA G 226 -9.95 -43.68 26.11
N THR G 227 -8.92 -44.14 26.83
CA THR G 227 -9.11 -44.98 28.02
C THR G 227 -9.17 -44.22 29.33
N ALA G 228 -9.12 -42.89 29.26
CA ALA G 228 -9.25 -42.05 30.47
C ALA G 228 -10.70 -41.97 30.88
N ARG G 229 -10.98 -41.82 32.16
CA ARG G 229 -12.33 -41.45 32.54
C ARG G 229 -12.58 -39.99 32.14
N GLU G 230 -11.77 -39.08 32.66
CA GLU G 230 -11.80 -37.68 32.21
C GLU G 230 -10.53 -37.42 31.45
N ALA G 231 -10.63 -37.15 30.15
CA ALA G 231 -9.44 -36.93 29.33
C ALA G 231 -8.67 -35.70 29.73
N TRP G 232 -9.28 -34.82 30.52
CA TRP G 232 -8.62 -33.57 30.88
C TRP G 232 -7.68 -33.76 32.06
N LYS G 233 -7.71 -34.95 32.65
CA LYS G 233 -6.82 -35.31 33.76
C LYS G 233 -5.67 -36.21 33.31
N VAL G 234 -5.66 -36.55 32.02
CA VAL G 234 -4.77 -37.60 31.52
C VAL G 234 -3.42 -37.06 31.11
N MET G 235 -3.32 -35.74 30.99
CA MET G 235 -2.20 -35.11 30.32
C MET G 235 -0.83 -35.46 30.88
N PRO G 236 -0.67 -35.37 32.21
CA PRO G 236 0.65 -35.68 32.75
C PRO G 236 1.15 -36.99 32.18
N GLU G 237 0.34 -38.02 32.18
CA GLU G 237 0.69 -39.32 31.61
C GLU G 237 0.96 -39.23 30.10
N LEU G 238 0.12 -38.47 29.39
CA LEU G 238 0.37 -38.18 27.98
C LEU G 238 1.83 -37.80 27.71
N MET G 239 2.35 -36.83 28.47
CA MET G 239 3.73 -36.38 28.31
C MET G 239 4.71 -37.51 28.60
N VAL G 240 4.43 -38.31 29.62
CA VAL G 240 5.32 -39.40 29.96
C VAL G 240 5.41 -40.43 28.84
N GLN G 241 4.28 -40.85 28.30
CA GLN G 241 4.29 -41.88 27.27
C GLN G 241 4.93 -41.31 26.02
N HIS G 242 4.71 -40.02 25.78
CA HIS G 242 5.35 -39.35 24.67
C HIS G 242 6.87 -39.36 24.80
N ALA G 243 7.37 -38.90 25.92
CA ALA G 243 8.80 -38.84 26.14
C ALA G 243 9.41 -40.22 25.97
N LEU G 244 8.93 -41.17 26.78
CA LEU G 244 9.47 -42.53 26.84
C LEU G 244 9.62 -43.20 25.48
N ASN G 245 8.57 -43.13 24.67
CA ASN G 245 8.67 -43.70 23.33
C ASN G 245 9.67 -42.94 22.50
N SER G 246 9.74 -41.63 22.75
CA SER G 246 10.56 -40.72 21.95
C SER G 246 12.04 -40.98 22.17
N ILE G 247 12.50 -40.82 23.41
CA ILE G 247 13.89 -41.03 23.77
C ILE G 247 14.32 -42.45 23.43
N PHE G 248 13.46 -43.41 23.71
CA PHE G 248 13.74 -44.78 23.34
C PHE G 248 14.12 -44.90 21.87
N SER G 249 13.27 -44.34 21.01
CA SER G 249 13.45 -44.40 19.55
C SER G 249 14.71 -43.70 19.08
N LEU G 250 15.05 -42.61 19.75
CA LEU G 250 16.18 -41.79 19.33
C LEU G 250 17.45 -42.56 19.58
N LYS G 251 17.58 -43.05 20.81
CA LYS G 251 18.72 -43.81 21.23
C LYS G 251 18.84 -45.11 20.43
N VAL G 252 17.76 -45.56 19.80
CA VAL G 252 17.83 -46.77 18.99
C VAL G 252 18.35 -46.46 17.60
N GLY G 253 18.26 -45.18 17.23
CA GLY G 253 18.79 -44.70 15.96
C GLY G 253 17.84 -43.96 15.05
N MET G 254 16.56 -43.92 15.42
CA MET G 254 15.59 -43.18 14.61
C MET G 254 15.92 -41.66 14.61
N LYS G 255 15.65 -40.97 13.51
CA LYS G 255 15.88 -39.52 13.48
C LYS G 255 14.76 -38.73 14.19
N LYS G 256 15.13 -37.68 14.93
CA LYS G 256 14.13 -36.85 15.58
C LYS G 256 13.06 -36.46 14.58
N SER G 257 13.47 -35.97 13.43
CA SER G 257 12.50 -35.49 12.45
C SER G 257 11.60 -36.60 11.87
N ASN G 258 11.81 -37.84 12.31
CA ASN G 258 10.94 -38.93 11.88
C ASN G 258 10.04 -39.43 13.01
N ILE G 259 10.36 -39.01 14.23
CA ILE G 259 9.62 -39.40 15.44
C ILE G 259 8.43 -38.45 15.71
N CYS G 260 7.23 -38.99 15.58
CA CYS G 260 6.02 -38.15 15.59
C CYS G 260 5.14 -38.38 16.83
N LEU G 261 4.91 -37.33 17.58
CA LEU G 261 4.03 -37.44 18.73
C LEU G 261 2.59 -37.42 18.25
N SER G 262 1.84 -38.46 18.61
CA SER G 262 0.41 -38.51 18.29
C SER G 262 -0.38 -37.73 19.33
N THR G 263 -0.71 -36.47 19.00
CA THR G 263 -1.29 -35.57 19.98
C THR G 263 -2.68 -35.10 19.59
N VAL G 264 -3.66 -35.53 20.39
CA VAL G 264 -5.06 -35.11 20.27
C VAL G 264 -5.42 -34.12 21.36
N PRO G 265 -5.97 -32.96 20.97
CA PRO G 265 -6.48 -32.05 22.02
C PRO G 265 -7.53 -32.78 22.84
N PRO G 266 -7.42 -32.73 24.18
CA PRO G 266 -8.14 -33.70 25.03
C PRO G 266 -9.65 -33.53 25.27
N THR G 267 -10.23 -32.32 25.15
CA THR G 267 -11.68 -32.15 25.34
C THR G 267 -12.43 -31.49 24.18
N ALA G 268 -13.74 -31.36 24.34
CA ALA G 268 -14.62 -30.79 23.32
C ALA G 268 -15.72 -30.00 24.00
N PRO G 269 -16.41 -29.14 23.28
CA PRO G 269 -17.60 -28.45 23.82
C PRO G 269 -18.62 -29.48 24.25
N PRO G 270 -19.41 -29.24 25.32
CA PRO G 270 -19.56 -28.01 26.09
C PRO G 270 -18.44 -27.69 27.05
N ALA G 271 -17.43 -28.53 27.17
CA ALA G 271 -16.26 -28.16 27.96
C ALA G 271 -15.66 -26.90 27.35
N PRO G 272 -15.01 -26.06 28.17
CA PRO G 272 -14.33 -24.90 27.60
C PRO G 272 -13.06 -25.34 26.87
N SER G 273 -13.19 -26.08 25.77
CA SER G 273 -12.08 -26.84 25.18
C SER G 273 -10.77 -26.12 24.85
N MET G 274 -10.83 -24.87 24.41
CA MET G 274 -9.61 -24.15 24.05
C MET G 274 -8.77 -23.76 25.28
N TYR G 275 -9.44 -23.37 26.37
CA TYR G 275 -8.75 -22.97 27.58
C TYR G 275 -8.07 -24.20 28.23
N LEU G 276 -8.74 -25.34 28.12
CA LEU G 276 -8.24 -26.57 28.72
C LEU G 276 -7.11 -27.23 27.92
N ASP G 277 -7.11 -27.05 26.61
CA ASP G 277 -6.18 -27.81 25.75
C ASP G 277 -5.06 -27.01 25.14
N LEU G 278 -5.26 -25.71 24.99
CA LEU G 278 -4.18 -24.87 24.47
C LEU G 278 -2.87 -24.97 25.30
N PRO G 279 -2.94 -24.78 26.64
CA PRO G 279 -1.72 -24.86 27.46
C PRO G 279 -1.03 -26.22 27.36
N TYR G 280 -1.78 -27.29 27.19
CA TYR G 280 -1.17 -28.61 27.00
C TYR G 280 -0.56 -28.67 25.59
N ALA G 281 -1.30 -28.21 24.59
CA ALA G 281 -0.73 -28.07 23.25
C ALA G 281 0.63 -27.35 23.29
N VAL G 282 0.72 -26.28 24.07
CA VAL G 282 1.92 -25.44 24.15
C VAL G 282 3.03 -26.13 24.94
N ALA G 283 2.67 -26.65 26.10
CA ALA G 283 3.62 -27.28 26.99
C ALA G 283 4.34 -28.45 26.32
N LEU G 284 3.57 -29.35 25.73
CA LEU G 284 4.12 -30.51 25.06
C LEU G 284 5.09 -30.06 23.97
N ARG G 285 4.73 -29.00 23.26
CA ARG G 285 5.55 -28.57 22.13
C ARG G 285 6.84 -27.89 22.56
N GLU G 286 6.83 -27.26 23.73
CA GLU G 286 8.05 -26.69 24.27
C GLU G 286 8.91 -27.84 24.76
N MET G 287 8.25 -28.80 25.40
CA MET G 287 8.94 -29.91 26.04
C MET G 287 9.55 -30.82 24.98
N PHE G 288 8.87 -30.95 23.85
CA PHE G 288 9.31 -31.87 22.81
C PHE G 288 9.85 -31.21 21.56
N GLU G 289 10.40 -30.03 21.74
CA GLU G 289 11.03 -29.31 20.66
C GLU G 289 12.03 -30.19 19.92
N GLY G 290 11.97 -30.16 18.60
CA GLY G 290 12.85 -30.96 17.78
C GLY G 290 12.10 -32.13 17.18
N TYR G 291 11.08 -32.58 17.89
CA TYR G 291 10.30 -33.73 17.43
C TYR G 291 9.15 -33.28 16.56
N ARG G 292 8.56 -34.23 15.85
CA ARG G 292 7.39 -33.94 15.05
C ARG G 292 6.10 -33.95 15.87
N MET G 293 5.16 -33.10 15.48
CA MET G 293 3.84 -33.10 16.11
C MET G 293 2.85 -33.66 15.11
N ARG G 294 2.28 -34.82 15.45
CA ARG G 294 1.23 -35.39 14.62
C ARG G 294 -0.11 -35.12 15.28
N ALA G 295 -0.79 -34.10 14.78
CA ALA G 295 -2.07 -33.67 15.33
C ALA G 295 -3.18 -34.62 14.88
N GLN G 296 -3.91 -35.15 15.84
CA GLN G 296 -5.06 -35.96 15.49
C GLN G 296 -6.30 -35.26 16.07
N MET G 297 -7.47 -35.64 15.59
CA MET G 297 -8.70 -34.98 16.00
C MET G 297 -9.45 -35.82 17.02
N ASN G 298 -10.52 -35.27 17.54
CA ASN G 298 -11.23 -35.84 18.67
C ASN G 298 -12.14 -37.01 18.24
N THR G 299 -12.18 -38.07 19.04
CA THR G 299 -13.17 -39.12 18.84
C THR G 299 -13.97 -39.37 20.12
N LYS G 300 -13.37 -39.01 21.25
CA LYS G 300 -13.91 -39.36 22.56
C LYS G 300 -15.22 -38.65 22.85
N TYR G 301 -15.16 -37.34 22.86
CA TYR G 301 -16.35 -36.55 23.09
C TYR G 301 -16.98 -36.20 21.74
N MET G 302 -17.43 -37.25 21.05
CA MET G 302 -18.06 -37.11 19.75
C MET G 302 -19.42 -37.80 19.85
N GLU G 303 -20.37 -37.40 19.04
CA GLU G 303 -21.65 -38.11 19.01
C GLU G 303 -22.07 -38.39 17.58
N ALA G 304 -23.37 -38.65 17.38
CA ALA G 304 -23.84 -39.07 16.06
C ALA G 304 -24.23 -37.91 15.13
N SER G 305 -24.07 -36.67 15.60
CA SER G 305 -24.32 -35.53 14.74
C SER G 305 -23.04 -35.21 14.00
N THR G 306 -23.09 -35.15 12.67
CA THR G 306 -21.88 -34.84 11.91
C THR G 306 -21.56 -33.34 11.92
N ARG G 307 -22.58 -32.49 12.10
CA ARG G 307 -22.33 -31.07 12.28
C ARG G 307 -21.52 -30.87 13.53
N GLU G 308 -21.96 -31.44 14.64
CA GLU G 308 -21.21 -31.31 15.88
C GLU G 308 -19.73 -31.67 15.69
N ALA G 309 -19.45 -32.81 15.09
CA ALA G 309 -18.08 -33.32 15.00
C ALA G 309 -17.19 -32.43 14.14
N THR G 310 -17.75 -31.99 13.03
CA THR G 310 -17.11 -31.02 12.19
C THR G 310 -16.70 -29.76 12.98
N VAL G 311 -17.63 -29.19 13.74
CA VAL G 311 -17.34 -27.96 14.46
C VAL G 311 -16.21 -28.15 15.47
N THR G 312 -16.18 -29.30 16.13
CA THR G 312 -15.09 -29.58 17.08
C THR G 312 -13.76 -29.81 16.35
N HIS G 313 -13.82 -30.42 15.17
CA HIS G 313 -12.58 -30.71 14.48
C HIS G 313 -11.96 -29.39 14.03
N VAL G 314 -12.81 -28.39 13.79
CA VAL G 314 -12.29 -27.09 13.43
C VAL G 314 -11.55 -26.44 14.61
N LEU G 315 -12.07 -26.59 15.81
CA LEU G 315 -11.36 -26.07 16.96
C LEU G 315 -10.01 -26.80 17.10
N ASN G 316 -10.05 -28.11 16.87
CA ASN G 316 -8.85 -28.97 16.88
C ASN G 316 -7.81 -28.47 15.91
N LEU G 317 -8.28 -28.09 14.73
CA LEU G 317 -7.41 -27.52 13.72
C LEU G 317 -6.86 -26.21 14.23
N LEU G 318 -7.68 -25.44 14.95
CA LEU G 318 -7.24 -24.16 15.50
C LEU G 318 -6.14 -24.39 16.53
N ILE G 319 -6.31 -25.38 17.38
CA ILE G 319 -5.26 -25.70 18.33
C ILE G 319 -3.95 -25.92 17.56
N SER G 320 -4.02 -26.70 16.49
CA SER G 320 -2.85 -27.01 15.69
C SER G 320 -2.28 -25.75 15.06
N LYS G 321 -3.14 -24.81 14.68
CA LYS G 321 -2.65 -23.56 14.09
C LYS G 321 -1.99 -22.66 15.12
N LEU G 322 -2.57 -22.51 16.31
CA LEU G 322 -1.92 -21.66 17.31
C LEU G 322 -0.55 -22.20 17.73
N THR G 323 -0.21 -23.40 17.29
CA THR G 323 1.03 -24.03 17.72
C THR G 323 1.83 -24.64 16.58
N ARG G 324 1.91 -25.96 16.51
CA ARG G 324 2.55 -26.58 15.38
C ARG G 324 1.86 -27.90 15.06
N ALA G 325 1.80 -28.26 13.78
CA ALA G 325 1.38 -29.60 13.36
C ALA G 325 2.11 -30.04 12.11
N ASP G 326 3.13 -30.87 12.27
CA ASP G 326 3.89 -31.38 11.12
C ASP G 326 3.05 -32.33 10.29
N ILE G 327 2.29 -33.20 10.98
CA ILE G 327 1.23 -33.96 10.33
C ILE G 327 -0.07 -33.57 10.96
N GLN G 328 -1.08 -33.26 10.16
CA GLN G 328 -2.46 -33.15 10.65
C GLN G 328 -3.33 -34.29 10.13
N SER G 329 -3.69 -35.18 11.04
CA SER G 329 -4.64 -36.25 10.73
C SER G 329 -6.08 -35.78 10.86
N THR G 330 -6.99 -36.57 10.27
CA THR G 330 -8.40 -36.25 10.31
C THR G 330 -9.26 -37.45 10.63
N ILE G 331 -10.40 -37.19 11.25
CA ILE G 331 -11.35 -38.19 11.71
C ILE G 331 -12.61 -37.88 10.98
N THR G 332 -13.26 -38.87 10.37
CA THR G 332 -14.46 -38.60 9.58
C THR G 332 -15.63 -38.22 10.49
N PRO G 333 -16.40 -37.20 10.12
CA PRO G 333 -17.36 -36.64 11.09
C PRO G 333 -18.52 -37.60 11.38
N ASP G 334 -18.49 -38.78 10.74
CA ASP G 334 -19.49 -39.81 10.92
C ASP G 334 -19.00 -40.92 11.84
N GLU G 335 -17.73 -40.83 12.25
CA GLU G 335 -17.11 -41.83 13.12
C GLU G 335 -18.06 -42.40 14.15
N GLY G 336 -18.98 -41.56 14.66
CA GLY G 336 -19.86 -41.93 15.75
C GLY G 336 -21.26 -42.34 15.33
N ARG G 337 -21.48 -42.46 14.02
CA ARG G 337 -22.72 -43.01 13.46
C ARG G 337 -22.45 -44.38 12.85
N ASN G 338 -21.30 -44.49 12.17
CA ASN G 338 -21.04 -45.66 11.35
C ASN G 338 -19.59 -45.84 10.93
N VAL G 339 -19.31 -46.98 10.34
CA VAL G 339 -18.01 -47.24 9.76
C VAL G 339 -17.88 -46.24 8.64
N PRO G 340 -16.83 -45.42 8.68
CA PRO G 340 -16.66 -44.36 7.69
C PRO G 340 -17.13 -44.78 6.31
N TRP G 341 -17.99 -43.96 5.69
CA TRP G 341 -18.41 -44.12 4.30
C TRP G 341 -17.42 -43.37 3.42
N HIS G 342 -17.50 -43.50 2.10
CA HIS G 342 -16.59 -42.76 1.21
C HIS G 342 -16.67 -41.26 1.49
N ILE G 343 -17.90 -40.77 1.51
CA ILE G 343 -18.17 -39.36 1.42
C ILE G 343 -17.75 -38.61 2.66
N TYR G 344 -17.53 -39.33 3.75
CA TYR G 344 -17.08 -38.66 4.99
C TYR G 344 -15.56 -38.60 5.15
N ASN G 345 -14.82 -39.53 4.55
CA ASN G 345 -13.41 -39.28 4.31
C ASN G 345 -13.23 -38.01 3.48
N ILE G 346 -14.05 -37.88 2.45
CA ILE G 346 -13.99 -36.70 1.62
C ILE G 346 -14.42 -35.42 2.35
N GLU G 347 -15.36 -35.53 3.30
CA GLU G 347 -15.71 -34.40 4.20
C GLU G 347 -14.53 -33.99 5.07
N ALA G 348 -13.84 -34.98 5.64
CA ALA G 348 -12.68 -34.76 6.51
C ALA G 348 -11.57 -33.97 5.81
N CYS G 349 -11.02 -34.55 4.76
CA CYS G 349 -10.03 -33.87 3.96
C CYS G 349 -10.52 -32.47 3.62
N ASP G 350 -11.75 -32.35 3.11
CA ASP G 350 -12.28 -31.03 2.78
C ASP G 350 -12.19 -30.07 3.97
N THR G 351 -12.62 -30.53 5.16
CA THR G 351 -12.68 -29.65 6.31
C THR G 351 -11.30 -29.16 6.70
N ALA G 352 -10.32 -30.05 6.64
CA ALA G 352 -8.99 -29.71 7.12
C ALA G 352 -8.38 -28.73 6.17
N LYS G 353 -8.55 -28.98 4.88
CA LYS G 353 -8.02 -28.09 3.85
C LYS G 353 -8.62 -26.69 3.95
N GLN G 354 -9.88 -26.64 4.32
CA GLN G 354 -10.64 -25.42 4.31
C GLN G 354 -10.35 -24.54 5.52
N ALA G 355 -10.37 -25.14 6.71
CA ALA G 355 -10.07 -24.39 7.92
C ALA G 355 -8.64 -23.82 7.90
N LEU G 356 -7.69 -24.68 7.54
CA LEU G 356 -6.27 -24.33 7.54
C LEU G 356 -5.97 -23.28 6.51
N ILE G 357 -6.43 -23.47 5.28
CA ILE G 357 -6.21 -22.46 4.27
C ILE G 357 -6.88 -21.17 4.71
N GLY G 358 -8.01 -21.29 5.40
CA GLY G 358 -8.70 -20.12 5.90
C GLY G 358 -7.87 -19.38 6.93
N MET G 359 -7.08 -20.14 7.68
CA MET G 359 -6.18 -19.57 8.70
C MET G 359 -4.80 -19.20 8.14
N ASP G 360 -4.75 -18.93 6.83
CA ASP G 360 -3.49 -18.63 6.18
C ASP G 360 -2.83 -17.41 6.81
N GLY G 361 -1.57 -17.58 7.22
CA GLY G 361 -0.83 -16.55 7.90
C GLY G 361 -1.54 -15.94 9.11
N LEU G 362 -2.36 -16.73 9.78
CA LEU G 362 -3.04 -16.23 10.95
C LEU G 362 -2.05 -15.86 12.07
N MET G 363 -0.96 -16.61 12.19
CA MET G 363 0.02 -16.33 13.26
C MET G 363 0.93 -15.13 12.98
N ASP G 364 0.71 -14.48 11.85
CA ASP G 364 1.35 -13.21 11.55
C ASP G 364 0.52 -12.09 12.17
N MET G 365 -0.71 -12.42 12.58
CA MET G 365 -1.68 -11.44 13.09
C MET G 365 -2.19 -11.70 14.51
N VAL G 366 -1.94 -12.91 15.00
CA VAL G 366 -2.39 -13.35 16.31
C VAL G 366 -1.26 -14.08 17.03
N GLN G 367 -1.23 -14.03 18.35
CA GLN G 367 -0.17 -14.74 19.05
C GLN G 367 -0.56 -15.10 20.46
N LEU G 368 0.19 -16.03 21.05
CA LEU G 368 -0.14 -16.56 22.37
C LEU G 368 0.20 -15.54 23.45
N LYS G 369 -0.77 -15.23 24.30
CA LYS G 369 -0.52 -14.35 25.46
C LYS G 369 0.35 -15.13 26.43
N ARG G 370 1.62 -15.32 26.08
CA ARG G 370 2.45 -16.32 26.77
C ARG G 370 2.68 -16.11 28.27
N GLU G 371 2.80 -14.86 28.70
CA GLU G 371 2.92 -14.61 30.12
C GLU G 371 1.53 -14.36 30.65
N GLY G 372 1.12 -15.14 31.63
CA GLY G 372 -0.22 -15.02 32.14
C GLY G 372 -0.77 -16.39 32.48
N VAL G 373 -2.09 -16.54 32.42
CA VAL G 373 -2.74 -17.77 32.83
C VAL G 373 -2.23 -18.91 31.98
N LEU G 374 -2.00 -18.66 30.69
CA LEU G 374 -1.40 -19.66 29.84
C LEU G 374 -0.04 -20.13 30.37
N GLY G 375 0.87 -19.18 30.56
CA GLY G 375 2.21 -19.54 31.00
C GLY G 375 2.19 -20.33 32.29
N ASP G 376 1.40 -19.88 33.25
CA ASP G 376 1.27 -20.58 34.52
C ASP G 376 0.90 -22.05 34.34
N THR G 377 -0.23 -22.30 33.67
CA THR G 377 -0.68 -23.66 33.40
C THR G 377 0.38 -24.50 32.68
N VAL G 378 0.87 -24.01 31.53
CA VAL G 378 1.95 -24.70 30.79
C VAL G 378 3.09 -25.13 31.69
N ARG G 379 3.43 -24.30 32.65
CA ARG G 379 4.52 -24.63 33.55
C ARG G 379 4.06 -25.75 34.48
N GLU G 380 2.95 -25.54 35.17
CA GLU G 380 2.37 -26.56 36.07
C GLU G 380 2.27 -27.97 35.47
N LEU G 381 1.84 -28.07 34.20
CA LEU G 381 1.83 -29.35 33.48
C LEU G 381 3.21 -30.02 33.40
N LYS G 382 4.22 -29.28 32.91
CA LYS G 382 5.59 -29.80 32.86
C LYS G 382 6.03 -30.34 34.23
N GLU G 383 5.71 -29.61 35.29
CA GLU G 383 6.10 -30.02 36.63
C GLU G 383 5.40 -31.29 37.11
N ARG G 384 4.13 -31.46 36.76
CA ARG G 384 3.44 -32.70 37.04
C ARG G 384 4.08 -33.85 36.26
N ALA G 385 4.43 -33.57 35.01
CA ALA G 385 5.07 -34.56 34.15
C ALA G 385 6.41 -34.99 34.75
N VAL G 386 7.11 -34.04 35.34
CA VAL G 386 8.40 -34.33 35.91
C VAL G 386 8.28 -35.15 37.21
N LEU G 387 7.41 -34.73 38.10
CA LEU G 387 7.05 -35.55 39.25
C LEU G 387 6.75 -36.98 38.78
N PHE G 388 5.96 -37.12 37.73
CA PHE G 388 5.58 -38.43 37.23
C PHE G 388 6.82 -39.29 36.95
N MET G 389 7.71 -38.80 36.09
CA MET G 389 8.98 -39.45 35.85
C MET G 389 9.70 -39.76 37.17
N GLU G 390 9.69 -38.80 38.10
CA GLU G 390 10.38 -38.93 39.39
C GLU G 390 9.96 -40.17 40.19
N GLU G 391 8.64 -40.40 40.24
CA GLU G 391 8.05 -41.53 40.94
C GLU G 391 8.33 -42.84 40.23
N ILE G 392 8.32 -42.82 38.90
CA ILE G 392 8.68 -44.01 38.13
C ILE G 392 10.06 -44.51 38.52
N ILE G 393 11.01 -43.57 38.63
CA ILE G 393 12.40 -43.90 38.91
C ILE G 393 12.60 -44.40 40.33
N GLU G 394 11.93 -43.74 41.28
CA GLU G 394 11.98 -44.18 42.66
C GLU G 394 11.26 -45.50 42.89
N ALA G 395 10.29 -45.82 42.05
CA ALA G 395 9.64 -47.13 42.14
C ALA G 395 10.43 -48.23 41.43
N GLY G 396 11.64 -47.90 41.00
CA GLY G 396 12.57 -48.85 40.39
C GLY G 396 12.49 -49.01 38.88
N GLY G 397 12.24 -47.93 38.17
CA GLY G 397 12.13 -48.00 36.73
C GLY G 397 10.78 -48.37 36.16
N TYR G 398 10.72 -48.39 34.84
CA TYR G 398 9.47 -48.58 34.07
C TYR G 398 8.68 -49.83 34.41
N PHE G 399 9.30 -51.00 34.30
CA PHE G 399 8.52 -52.22 34.51
C PHE G 399 7.79 -52.11 35.83
N ASN G 400 8.52 -51.77 36.88
CA ASN G 400 7.95 -51.69 38.23
C ASN G 400 6.78 -50.74 38.23
N ALA G 401 6.97 -49.61 37.57
CA ALA G 401 5.91 -48.62 37.44
C ALA G 401 4.66 -49.26 36.82
N VAL G 402 4.82 -50.11 35.80
CA VAL G 402 3.65 -50.72 35.19
C VAL G 402 3.03 -51.77 36.12
N GLU G 403 3.88 -52.52 36.81
CA GLU G 403 3.40 -53.51 37.77
C GLU G 403 2.66 -52.86 38.94
N GLN G 404 3.04 -51.63 39.29
CA GLN G 404 2.31 -50.93 40.34
C GLN G 404 1.09 -50.12 39.82
N GLY G 405 0.72 -50.35 38.55
CA GLY G 405 -0.43 -49.73 37.94
C GLY G 405 -0.39 -48.21 37.82
N PHE G 406 0.80 -47.66 37.60
CA PHE G 406 0.97 -46.22 37.46
C PHE G 406 0.24 -45.65 36.24
N PHE G 407 -0.09 -46.52 35.29
CA PHE G 407 -0.63 -46.09 33.98
C PHE G 407 -2.11 -46.42 33.81
N VAL G 408 -2.80 -45.64 32.99
CA VAL G 408 -4.24 -45.80 32.76
C VAL G 408 -5.06 -45.56 34.03
N ASP G 409 -4.49 -44.81 34.98
CA ASP G 409 -5.19 -44.41 36.20
C ASP G 409 -6.08 -43.19 35.98
N SER G 410 -7.28 -43.21 36.54
CA SER G 410 -8.26 -42.17 36.25
C SER G 410 -8.06 -40.88 37.04
N GLY G 411 -6.93 -40.74 37.72
CA GLY G 411 -6.63 -39.55 38.48
C GLY G 411 -5.87 -38.51 37.66
N TYR G 412 -5.74 -37.30 38.19
CA TYR G 412 -4.92 -36.27 37.56
C TYR G 412 -3.58 -36.23 38.26
N TYR G 413 -2.58 -36.91 37.72
CA TYR G 413 -1.33 -37.12 38.43
C TYR G 413 -0.82 -35.83 39.10
N PRO G 414 -0.27 -35.90 40.33
CA PRO G 414 0.20 -37.03 41.13
C PRO G 414 -0.90 -37.71 41.91
N GLU G 415 -2.14 -37.48 41.51
CA GLU G 415 -3.26 -38.09 42.20
C GLU G 415 -3.46 -39.49 41.64
N ARG G 416 -3.47 -40.48 42.52
CA ARG G 416 -3.64 -41.89 42.12
C ARG G 416 -4.92 -42.50 42.66
N ASN G 417 -5.88 -42.76 41.78
CA ASN G 417 -7.17 -43.31 42.17
C ASN G 417 -7.16 -44.80 42.42
N GLY G 418 -6.11 -45.49 42.00
CA GLY G 418 -5.98 -46.91 42.25
C GLY G 418 -6.66 -47.80 41.24
N ASP G 419 -7.04 -47.25 40.10
CA ASP G 419 -7.76 -48.02 39.09
C ASP G 419 -7.01 -48.17 37.78
N GLY G 420 -5.69 -47.99 37.82
CA GLY G 420 -4.89 -48.13 36.62
C GLY G 420 -4.72 -49.58 36.22
N ILE G 421 -4.26 -49.79 34.99
CA ILE G 421 -3.99 -51.13 34.48
C ILE G 421 -2.65 -51.64 34.98
N ALA G 422 -2.70 -52.76 35.69
CA ALA G 422 -1.49 -53.42 36.20
C ALA G 422 -1.07 -54.60 35.31
N ARG G 423 0.08 -54.50 34.66
CA ARG G 423 0.64 -55.65 33.95
C ARG G 423 1.67 -56.39 34.81
N GLN G 424 1.69 -57.72 34.72
CA GLN G 424 2.69 -58.51 35.44
C GLN G 424 3.95 -58.57 34.57
N ILE G 425 5.13 -58.28 35.13
CA ILE G 425 6.35 -58.28 34.30
C ILE G 425 6.67 -59.66 33.68
N ASN G 426 6.21 -60.71 34.33
CA ASN G 426 6.41 -62.08 33.85
C ASN G 426 5.14 -62.66 33.19
N GLY G 427 4.12 -61.82 33.03
CA GLY G 427 2.86 -62.27 32.46
C GLY G 427 2.63 -61.71 31.07
N GLY G 428 1.50 -62.05 30.45
CA GLY G 428 1.11 -61.43 29.19
C GLY G 428 1.39 -62.26 27.94
N ILE G 429 0.74 -61.94 26.83
CA ILE G 429 0.99 -62.64 25.57
C ILE G 429 2.48 -62.63 25.25
N GLY G 430 3.09 -63.81 25.20
CA GLY G 430 4.51 -63.92 24.90
C GLY G 430 5.44 -63.94 26.11
N ALA G 431 4.86 -64.03 27.30
CA ALA G 431 5.66 -64.16 28.50
C ALA G 431 6.58 -65.34 28.32
N GLY G 432 7.82 -65.18 28.79
CA GLY G 432 8.80 -66.24 28.76
C GLY G 432 9.14 -66.77 27.38
N THR G 433 9.41 -65.85 26.44
CA THR G 433 9.88 -66.23 25.12
C THR G 433 11.05 -65.35 24.71
N VAL G 434 11.75 -64.82 25.72
CA VAL G 434 12.99 -64.08 25.49
C VAL G 434 14.21 -64.98 25.74
N PHE G 435 15.12 -65.09 24.77
CA PHE G 435 16.29 -65.96 24.95
C PHE G 435 17.56 -65.15 25.06
N GLU G 436 18.47 -65.55 25.96
CA GLU G 436 19.73 -64.85 26.12
C GLU G 436 20.58 -64.94 24.85
N ARG G 437 21.24 -63.85 24.48
CA ARG G 437 22.14 -63.94 23.33
C ARG G 437 23.43 -64.62 23.74
N ASP G 438 23.87 -65.56 22.92
CA ASP G 438 25.08 -66.33 23.21
C ASP G 438 26.32 -65.68 22.58
N GLU G 439 27.49 -65.98 23.11
CA GLU G 439 28.73 -65.39 22.58
C GLU G 439 28.79 -65.44 21.05
N ASP G 440 28.43 -66.58 20.48
CA ASP G 440 28.51 -66.80 19.03
C ASP G 440 27.22 -66.45 18.28
N TYR G 441 26.42 -65.54 18.84
CA TYR G 441 25.15 -65.18 18.22
C TYR G 441 25.38 -64.35 16.99
N MET G 442 24.69 -64.67 15.90
CA MET G 442 24.85 -63.89 14.68
C MET G 442 23.60 -63.92 13.87
N ALA G 443 23.28 -62.78 13.28
CA ALA G 443 22.22 -62.69 12.28
C ALA G 443 22.90 -62.03 11.10
N PRO G 444 22.78 -62.61 9.90
CA PRO G 444 23.54 -62.09 8.75
C PRO G 444 22.74 -61.12 7.84
N VAL G 445 22.18 -60.06 8.40
CA VAL G 445 21.26 -59.18 7.65
C VAL G 445 21.41 -57.69 7.97
N THR G 446 20.73 -56.84 7.20
CA THR G 446 20.77 -55.41 7.49
C THR G 446 19.77 -54.99 8.55
N ALA G 447 20.18 -54.03 9.36
CA ALA G 447 19.31 -53.40 10.35
C ALA G 447 18.86 -54.38 11.43
N HIS G 448 19.79 -55.18 11.90
CA HIS G 448 19.60 -55.93 13.13
C HIS G 448 20.17 -55.04 14.24
N PHE G 449 19.65 -55.15 15.47
CA PHE G 449 19.91 -54.11 16.47
C PHE G 449 20.85 -54.47 17.61
N GLY G 450 20.74 -55.71 18.09
CA GLY G 450 21.45 -56.15 19.28
C GLY G 450 22.79 -56.82 19.00
N TYR G 451 23.47 -57.25 20.07
CA TYR G 451 24.79 -57.85 19.95
C TYR G 451 24.81 -58.85 18.81
N ASN G 452 25.69 -58.61 17.84
CA ASN G 452 25.80 -59.45 16.67
C ASN G 452 27.24 -59.77 16.35
N ASN G 453 27.66 -60.97 16.69
CA ASN G 453 29.04 -61.44 16.46
C ASN G 453 29.34 -61.87 15.02
N VAL G 454 29.82 -60.92 14.22
CA VAL G 454 30.23 -61.23 12.85
C VAL G 454 31.75 -61.43 12.81
N LYS G 455 32.46 -60.76 13.72
CA LYS G 455 33.89 -60.98 13.92
C LYS G 455 34.25 -62.41 13.59
N GLN G 456 33.46 -63.33 14.14
CA GLN G 456 33.70 -64.76 14.08
C GLN G 456 33.66 -65.32 12.68
N TYR G 457 33.38 -64.48 11.70
CA TYR G 457 33.47 -64.93 10.31
C TYR G 457 34.33 -63.98 9.48
N ASP G 458 34.38 -62.72 9.88
CA ASP G 458 35.06 -61.69 9.10
C ASP G 458 35.08 -60.35 9.80
N GLU G 459 36.20 -60.02 10.45
CA GLU G 459 36.38 -58.72 11.11
C GLU G 459 36.03 -57.62 10.13
N ALA G 460 36.11 -57.96 8.85
CA ALA G 460 36.02 -56.97 7.76
C ALA G 460 34.59 -56.66 7.37
N LEU G 461 33.65 -57.45 7.89
CA LEU G 461 32.24 -57.33 7.49
C LEU G 461 31.35 -56.84 8.64
N VAL G 462 31.95 -56.53 9.79
CA VAL G 462 31.17 -56.10 10.93
C VAL G 462 30.14 -55.05 10.55
N SER G 463 30.56 -54.05 9.79
CA SER G 463 29.69 -52.95 9.41
C SER G 463 28.91 -53.22 8.13
N GLU G 464 28.56 -54.48 7.86
CA GLU G 464 27.74 -54.82 6.69
C GLU G 464 27.31 -56.28 6.66
N PRO G 465 26.79 -56.79 7.78
CA PRO G 465 26.52 -58.22 8.00
C PRO G 465 25.87 -58.89 6.80
N SER G 466 25.13 -58.11 6.01
CA SER G 466 24.39 -58.65 4.86
C SER G 466 25.30 -59.24 3.79
N LYS G 467 26.48 -58.66 3.63
CA LYS G 467 27.43 -59.13 2.63
C LYS G 467 27.82 -60.58 2.93
N LEU G 468 27.63 -60.99 4.18
CA LEU G 468 27.85 -62.37 4.60
C LEU G 468 27.05 -63.38 3.79
N ILE G 469 25.91 -62.98 3.24
CA ILE G 469 25.15 -63.89 2.39
C ILE G 469 24.74 -63.20 1.10
N ASP G 470 25.54 -62.20 0.72
CA ASP G 470 25.35 -61.45 -0.53
C ASP G 470 24.11 -60.54 -0.51
N GLY G 471 23.81 -60.00 0.67
CA GLY G 471 22.70 -59.08 0.83
C GLY G 471 21.38 -59.79 1.18
N CYS G 472 20.69 -59.27 2.18
CA CYS G 472 19.34 -59.74 2.50
C CYS G 472 18.34 -59.08 1.58
N THR G 473 17.06 -59.34 1.81
CA THR G 473 16.00 -58.77 0.96
C THR G 473 16.01 -57.24 0.89
N LEU G 474 16.56 -56.58 1.90
CA LEU G 474 16.63 -55.12 1.87
C LEU G 474 17.59 -54.63 0.77
N GLU G 475 18.47 -55.53 0.30
CA GLU G 475 19.36 -55.27 -0.82
C GLU G 475 18.91 -55.99 -2.10
N VAL G 476 18.49 -57.24 -1.94
CA VAL G 476 18.14 -58.06 -3.08
C VAL G 476 16.70 -58.49 -2.94
N PRO G 477 15.80 -57.67 -3.44
CA PRO G 477 14.35 -57.88 -3.38
C PRO G 477 13.88 -59.13 -4.09
N GLU G 478 14.71 -59.73 -4.96
CA GLU G 478 14.35 -61.00 -5.60
C GLU G 478 14.37 -62.14 -4.59
N LYS G 479 15.10 -61.97 -3.49
CA LYS G 479 15.15 -62.98 -2.43
C LYS G 479 13.82 -63.12 -1.66
N ILE G 480 12.98 -62.08 -1.69
CA ILE G 480 11.68 -62.13 -1.04
C ILE G 480 10.79 -63.23 -1.56
N VAL G 481 10.20 -63.98 -0.64
CA VAL G 481 9.23 -65.00 -1.01
C VAL G 481 7.81 -64.45 -0.95
N TYR G 482 7.13 -64.48 -2.09
CA TYR G 482 5.79 -63.94 -2.23
C TYR G 482 4.73 -65.02 -2.17
N ILE G 483 3.99 -65.09 -1.06
CA ILE G 483 2.82 -65.96 -0.99
C ILE G 483 1.56 -65.22 -1.47
N ASP G 484 0.84 -65.84 -2.42
CA ASP G 484 -0.33 -65.18 -3.00
C ASP G 484 -1.61 -65.33 -2.18
N GLU G 485 -2.11 -66.54 -2.05
CA GLU G 485 -3.25 -66.80 -1.19
C GLU G 485 -3.05 -68.14 -0.47
N LEU G 486 -3.54 -68.25 0.75
CA LEU G 486 -3.56 -69.55 1.40
C LEU G 486 -4.97 -70.13 1.35
N ASP G 487 -5.93 -69.46 1.99
CA ASP G 487 -7.33 -69.86 1.86
C ASP G 487 -7.79 -69.69 0.41
N GLU G 488 -8.64 -70.61 -0.06
CA GLU G 488 -9.10 -70.60 -1.46
C GLU G 488 -10.55 -70.15 -1.58
N ASN G 489 -11.19 -69.95 -0.44
CA ASN G 489 -12.51 -69.31 -0.37
C ASN G 489 -12.37 -67.84 0.01
N ASP G 490 -11.73 -67.61 1.15
CA ASP G 490 -11.57 -66.29 1.73
C ASP G 490 -10.47 -65.48 1.03
N ASN G 491 -10.83 -64.76 -0.01
CA ASN G 491 -9.86 -63.99 -0.76
C ASN G 491 -10.49 -63.05 -1.79
N VAL G 492 -9.74 -62.04 -2.20
CA VAL G 492 -10.21 -60.98 -3.08
C VAL G 492 -10.79 -61.50 -4.41
N ASN G 493 -10.15 -62.52 -4.99
CA ASN G 493 -10.58 -63.08 -6.27
C ASN G 493 -12.03 -63.52 -6.21
N VAL G 494 -12.34 -64.28 -5.15
CA VAL G 494 -13.67 -64.83 -4.93
C VAL G 494 -14.61 -63.72 -4.61
N ARG G 495 -14.16 -62.89 -3.68
CA ARG G 495 -14.92 -61.76 -3.23
C ARG G 495 -15.27 -60.90 -4.43
N MET G 496 -14.29 -60.68 -5.30
CA MET G 496 -14.51 -59.87 -6.49
C MET G 496 -15.50 -60.45 -7.50
N GLU G 497 -15.34 -61.74 -7.79
CA GLU G 497 -16.11 -62.39 -8.85
C GLU G 497 -17.60 -62.43 -8.50
N GLU G 498 -17.93 -61.93 -7.32
CA GLU G 498 -19.32 -61.83 -6.90
C GLU G 498 -19.97 -60.57 -7.47
N THR G 499 -19.14 -59.63 -7.90
CA THR G 499 -19.66 -58.38 -8.46
C THR G 499 -19.23 -58.18 -9.91
N LYS G 500 -19.00 -59.30 -10.61
CA LYS G 500 -18.76 -59.32 -12.05
C LYS G 500 -19.74 -58.41 -12.81
N GLU G 501 -21.04 -58.62 -12.57
CA GLU G 501 -22.11 -57.80 -13.11
C GLU G 501 -21.86 -56.29 -13.08
N PHE G 502 -21.42 -55.78 -11.93
CA PHE G 502 -21.36 -54.34 -11.73
C PHE G 502 -20.06 -53.71 -12.23
N ARG G 503 -19.35 -54.41 -13.12
CA ARG G 503 -18.15 -53.85 -13.74
C ARG G 503 -17.95 -54.36 -15.17
N SER G 506 -22.72 -52.50 -16.72
CA SER G 506 -23.25 -51.13 -16.87
C SER G 506 -24.48 -50.84 -15.98
N MET G 507 -24.86 -51.81 -15.16
CA MET G 507 -25.80 -51.52 -14.09
C MET G 507 -25.09 -50.60 -13.09
N ILE G 508 -25.85 -50.05 -12.16
CA ILE G 508 -25.23 -49.28 -11.11
C ILE G 508 -26.12 -49.27 -9.88
N LYS G 509 -25.52 -49.13 -8.70
CA LYS G 509 -26.33 -48.85 -7.53
C LYS G 509 -25.53 -48.14 -6.44
N PRO G 510 -26.22 -47.52 -5.51
CA PRO G 510 -25.51 -46.73 -4.50
C PRO G 510 -24.60 -47.64 -3.69
N GLU G 511 -23.56 -47.04 -3.11
CA GLU G 511 -22.67 -47.74 -2.19
C GLU G 511 -22.16 -46.75 -1.14
N VAL G 512 -21.78 -47.26 0.03
CA VAL G 512 -21.15 -46.44 1.06
C VAL G 512 -19.68 -46.82 1.27
N GLU G 513 -19.36 -48.10 1.17
CA GLU G 513 -17.99 -48.55 1.41
C GLU G 513 -17.58 -49.69 0.50
N TRP G 514 -18.52 -50.57 0.19
CA TRP G 514 -18.25 -51.73 -0.65
C TRP G 514 -19.01 -51.68 -1.99
N GLN G 515 -18.37 -52.16 -3.06
CA GLN G 515 -19.03 -52.17 -4.36
C GLN G 515 -20.47 -52.66 -4.26
N ALA G 516 -21.39 -51.78 -4.63
CA ALA G 516 -22.82 -52.11 -4.65
C ALA G 516 -23.44 -52.43 -3.28
N ASP G 517 -22.85 -51.96 -2.19
CA ASP G 517 -23.43 -52.31 -0.91
C ASP G 517 -24.86 -51.75 -0.72
N GLY G 518 -25.25 -50.82 -1.59
CA GLY G 518 -26.63 -50.36 -1.66
C GLY G 518 -27.04 -49.27 -0.69
N THR G 519 -26.27 -49.07 0.37
CA THR G 519 -26.71 -48.20 1.45
C THR G 519 -26.86 -46.75 1.05
N VAL G 520 -27.88 -46.11 1.59
CA VAL G 520 -28.14 -44.69 1.38
C VAL G 520 -28.55 -44.10 2.71
N LEU G 521 -28.62 -42.76 2.78
CA LEU G 521 -28.91 -42.06 4.03
C LEU G 521 -30.26 -41.32 3.99
N LEU G 522 -31.03 -41.41 5.06
CA LEU G 522 -32.31 -40.71 5.12
C LEU G 522 -32.36 -39.69 6.26
N THR G 523 -32.62 -38.42 5.94
CA THR G 523 -32.68 -37.36 6.93
C THR G 523 -34.06 -36.69 6.90
N MET G 524 -34.81 -36.83 7.98
CA MET G 524 -36.19 -36.29 8.06
C MET G 524 -36.52 -35.69 9.40
N PHE G 525 -37.65 -35.00 9.45
CA PHE G 525 -38.14 -34.40 10.69
C PHE G 525 -39.60 -34.78 10.92
N LEU G 526 -39.86 -35.36 12.09
CA LEU G 526 -41.24 -35.72 12.44
C LEU G 526 -41.60 -34.88 13.61
N PRO G 527 -42.81 -34.32 13.60
CA PRO G 527 -43.28 -33.45 14.70
C PRO G 527 -43.75 -34.27 15.90
N THR G 528 -42.83 -34.87 16.67
CA THR G 528 -43.24 -35.71 17.80
C THR G 528 -42.12 -36.03 18.79
N SER G 529 -42.43 -36.77 19.83
CA SER G 529 -41.42 -37.21 20.79
C SER G 529 -40.34 -38.01 20.04
N LYS G 530 -39.13 -38.07 20.59
CA LYS G 530 -38.04 -38.78 19.90
C LYS G 530 -38.25 -40.27 19.70
N ARG G 531 -38.60 -40.96 20.79
CA ARG G 531 -38.87 -42.39 20.74
C ARG G 531 -39.88 -42.78 19.67
N VAL G 532 -41.01 -42.07 19.65
CA VAL G 532 -42.03 -42.30 18.64
C VAL G 532 -41.49 -41.98 17.25
N ALA G 533 -40.91 -40.80 17.11
CA ALA G 533 -40.33 -40.36 15.85
C ALA G 533 -39.47 -41.46 15.24
N GLU G 534 -38.68 -42.11 16.09
CA GLU G 534 -37.76 -43.15 15.63
C GLU G 534 -38.48 -44.32 14.95
N PHE G 535 -39.50 -44.88 15.61
CA PHE G 535 -40.21 -46.03 15.05
C PHE G 535 -41.08 -45.67 13.84
N ALA G 536 -41.51 -44.42 13.78
CA ALA G 536 -42.27 -43.91 12.65
C ALA G 536 -41.35 -43.79 11.46
N ALA G 537 -40.17 -43.24 11.74
CA ALA G 537 -39.16 -43.03 10.72
C ALA G 537 -38.80 -44.35 10.07
N ILE G 538 -38.66 -45.38 10.89
CA ILE G 538 -38.44 -46.72 10.37
C ILE G 538 -39.50 -47.10 9.35
N GLU G 539 -40.77 -46.85 9.71
CA GLU G 539 -41.90 -47.24 8.87
C GLU G 539 -41.93 -46.50 7.55
N PHE G 540 -41.68 -45.20 7.58
CA PHE G 540 -41.55 -44.45 6.35
C PHE G 540 -40.46 -45.04 5.48
N ALA G 541 -39.29 -45.27 6.06
CA ALA G 541 -38.15 -45.88 5.36
C ALA G 541 -38.52 -47.19 4.67
N LYS G 542 -39.26 -48.04 5.38
CA LYS G 542 -39.72 -49.32 4.86
C LYS G 542 -40.73 -49.10 3.75
N LYS G 543 -41.62 -48.13 3.96
CA LYS G 543 -42.64 -47.72 2.99
C LYS G 543 -41.98 -47.16 1.73
N MET G 544 -40.74 -46.71 1.87
CA MET G 544 -39.95 -46.24 0.73
C MET G 544 -39.11 -47.37 0.12
N ASN G 545 -39.48 -48.62 0.39
CA ASN G 545 -38.81 -49.82 -0.14
C ASN G 545 -37.34 -50.04 0.27
N LEU G 546 -36.95 -49.59 1.47
CA LEU G 546 -35.57 -49.77 1.93
C LEU G 546 -35.42 -50.98 2.85
N GLU G 547 -34.36 -51.76 2.62
CA GLU G 547 -34.07 -52.96 3.42
C GLU G 547 -32.96 -52.70 4.47
N GLU G 548 -33.01 -53.44 5.58
CA GLU G 548 -32.00 -53.41 6.66
C GLU G 548 -31.79 -52.03 7.33
N VAL G 549 -32.90 -51.30 7.45
CA VAL G 549 -33.00 -49.96 8.04
C VAL G 549 -32.55 -49.89 9.49
N GLU G 550 -31.81 -48.83 9.83
CA GLU G 550 -31.42 -48.55 11.22
C GLU G 550 -31.38 -47.05 11.51
N VAL G 551 -32.06 -46.63 12.56
CA VAL G 551 -31.92 -45.27 13.04
C VAL G 551 -30.50 -45.09 13.55
N ILE G 552 -29.79 -44.09 13.02
CA ILE G 552 -28.41 -43.90 13.42
C ILE G 552 -28.12 -42.52 14.05
N ASN G 553 -29.13 -41.66 14.12
CA ASN G 553 -29.00 -40.41 14.85
C ASN G 553 -30.35 -39.78 15.17
N ARG G 554 -30.63 -39.60 16.44
CA ARG G 554 -31.78 -38.83 16.88
C ARG G 554 -31.28 -37.56 17.51
N GLU G 555 -31.90 -36.44 17.18
CA GLU G 555 -31.66 -35.19 17.90
C GLU G 555 -32.97 -34.49 18.18
N VAL G 556 -33.11 -33.99 19.40
CA VAL G 556 -34.35 -33.36 19.81
C VAL G 556 -34.39 -31.88 19.43
N MET G 557 -35.30 -31.51 18.54
CA MET G 557 -35.54 -30.10 18.25
C MET G 557 -36.22 -29.51 19.45
N GLN G 558 -37.36 -30.08 19.83
CA GLN G 558 -37.94 -29.77 21.14
C GLN G 558 -38.80 -30.93 21.59
N GLU G 559 -38.68 -31.28 22.87
CA GLU G 559 -39.30 -32.50 23.39
C GLU G 559 -40.63 -32.81 22.70
N ALA G 560 -41.53 -31.84 22.73
CA ALA G 560 -42.85 -31.97 22.12
C ALA G 560 -42.88 -31.63 20.62
N GLU G 561 -42.16 -30.56 20.24
CA GLU G 561 -42.35 -29.95 18.92
C GLU G 561 -41.82 -30.77 17.76
N GLY G 562 -40.84 -31.63 18.03
CA GLY G 562 -40.30 -32.47 16.98
C GLY G 562 -38.87 -32.94 17.16
N THR G 563 -38.47 -33.80 16.24
CA THR G 563 -37.24 -34.58 16.35
C THR G 563 -36.59 -34.81 14.98
N ARG G 564 -35.29 -34.54 14.90
CA ARG G 564 -34.51 -34.84 13.71
C ARG G 564 -34.15 -36.32 13.71
N ILE G 565 -34.28 -36.97 12.57
CA ILE G 565 -33.95 -38.40 12.51
C ILE G 565 -33.12 -38.70 11.28
N GLU G 566 -32.10 -39.54 11.46
CA GLU G 566 -31.29 -39.99 10.34
C GLU G 566 -31.19 -41.51 10.28
N LEU G 567 -31.35 -42.06 9.07
CA LEU G 567 -31.42 -43.52 8.86
C LEU G 567 -30.52 -44.02 7.73
N LYS G 568 -29.87 -45.16 7.98
CA LYS G 568 -29.22 -45.86 6.88
C LYS G 568 -30.17 -46.94 6.34
N GLY G 569 -30.20 -47.10 5.02
CA GLY G 569 -31.03 -48.13 4.43
C GLY G 569 -30.43 -48.66 3.14
N ARG G 570 -30.75 -49.91 2.81
CA ARG G 570 -30.27 -50.52 1.58
C ARG G 570 -31.34 -50.51 0.48
N VAL G 571 -30.96 -50.03 -0.68
CA VAL G 571 -31.80 -50.10 -1.87
C VAL G 571 -31.73 -51.52 -2.45
N PRO G 572 -32.90 -52.14 -2.66
CA PRO G 572 -33.03 -53.54 -3.11
C PRO G 572 -32.65 -53.77 -4.58
N PHE G 573 -32.57 -52.70 -5.37
CA PHE G 573 -32.53 -52.84 -6.81
C PHE G 573 -31.43 -52.04 -7.54
N SER G 574 -31.54 -51.91 -8.87
CA SER G 574 -30.52 -51.24 -9.67
C SER G 574 -31.09 -50.48 -10.86
N ILE G 575 -30.36 -49.45 -11.28
CA ILE G 575 -30.67 -48.66 -12.46
C ILE G 575 -29.67 -48.99 -13.57
N ASP G 576 -30.17 -49.40 -14.72
CA ASP G 576 -29.32 -49.60 -15.87
C ASP G 576 -28.94 -48.20 -16.36
N ILE G 577 -27.65 -47.97 -16.61
CA ILE G 577 -27.21 -46.66 -17.09
C ILE G 577 -27.91 -46.28 -18.39
N ASN G 578 -28.24 -47.28 -19.20
CA ASN G 578 -28.79 -47.06 -20.53
C ASN G 578 -30.28 -46.71 -20.54
N SER G 579 -30.96 -47.01 -19.44
CA SER G 579 -32.38 -46.68 -19.29
C SER G 579 -32.55 -45.17 -19.28
N LEU G 580 -31.53 -44.47 -18.80
CA LEU G 580 -31.67 -43.09 -18.38
C LEU G 580 -31.89 -42.10 -19.52
N VAL G 581 -32.87 -41.23 -19.34
CA VAL G 581 -33.16 -40.18 -20.31
C VAL G 581 -32.57 -38.84 -19.87
N ILE G 582 -31.56 -38.35 -20.59
CA ILE G 582 -30.72 -37.25 -20.13
C ILE G 582 -30.64 -36.02 -21.06
N PRO G 583 -31.18 -34.88 -20.62
CA PRO G 583 -30.99 -33.62 -21.34
C PRO G 583 -29.51 -33.27 -21.40
N PRO G 584 -29.07 -32.46 -22.38
CA PRO G 584 -27.67 -32.00 -22.37
C PRO G 584 -27.47 -30.68 -21.60
N ILE G 588 -25.93 -21.38 -21.50
CA ILE G 588 -25.69 -21.13 -20.09
C ILE G 588 -24.67 -19.98 -19.85
N LEU G 589 -25.18 -18.74 -19.76
CA LEU G 589 -24.34 -17.54 -19.57
C LEU G 589 -24.22 -17.13 -18.11
N SER G 590 -23.04 -16.64 -17.74
CA SER G 590 -22.71 -16.37 -16.34
C SER G 590 -22.94 -14.91 -15.91
N GLU G 591 -22.73 -14.63 -14.62
CA GLU G 591 -22.86 -13.27 -14.12
C GLU G 591 -21.71 -12.41 -14.62
N ASP G 592 -20.74 -13.04 -15.29
CA ASP G 592 -19.61 -12.32 -15.85
C ASP G 592 -19.70 -12.13 -17.36
N GLU G 593 -20.27 -13.10 -18.05
CA GLU G 593 -20.38 -13.04 -19.52
C GLU G 593 -21.56 -12.15 -19.94
N ILE G 594 -22.62 -12.15 -19.13
CA ILE G 594 -23.79 -11.30 -19.37
C ILE G 594 -23.44 -9.86 -19.08
N ARG G 595 -22.65 -9.64 -18.04
CA ARG G 595 -22.21 -8.30 -17.70
C ARG G 595 -21.35 -7.69 -18.82
N GLU G 596 -20.48 -8.50 -19.40
CA GLU G 596 -19.56 -8.06 -20.46
C GLU G 596 -20.29 -7.57 -21.70
N ASP G 597 -21.19 -8.39 -22.23
CA ASP G 597 -21.98 -8.02 -23.39
C ASP G 597 -22.74 -6.70 -23.21
N ILE G 598 -23.06 -6.35 -21.97
CA ILE G 598 -23.82 -5.13 -21.70
C ILE G 598 -22.91 -3.94 -21.40
N GLU G 599 -21.65 -4.23 -21.09
CA GLU G 599 -20.67 -3.17 -20.88
C GLU G 599 -20.13 -2.68 -22.21
N LYS G 600 -20.03 -3.59 -23.18
CA LYS G 600 -19.47 -3.29 -24.50
C LYS G 600 -20.53 -2.75 -25.47
N THR G 601 -21.79 -3.01 -25.15
CA THR G 601 -22.92 -2.57 -25.98
C THR G 601 -24.09 -2.21 -25.06
N PRO G 602 -24.23 -0.91 -24.73
CA PRO G 602 -25.30 -0.44 -23.83
C PRO G 602 -26.66 -1.05 -24.13
N LEU G 603 -27.45 -1.31 -23.08
CA LEU G 603 -28.73 -2.01 -23.21
C LEU G 603 -29.86 -1.28 -22.46
N LYS G 604 -30.71 -0.59 -23.22
CA LYS G 604 -31.78 0.25 -22.67
C LYS G 604 -33.15 -0.41 -22.76
N ILE G 605 -33.96 -0.25 -21.71
CA ILE G 605 -35.22 -0.95 -21.56
C ILE G 605 -36.30 -0.06 -20.95
N VAL G 606 -37.48 0.05 -21.57
CA VAL G 606 -38.62 0.63 -20.87
C VAL G 606 -39.41 -0.48 -20.20
N ALA G 607 -39.81 -0.24 -18.96
CA ALA G 607 -40.58 -1.21 -18.23
C ALA G 607 -41.66 -0.49 -17.44
N ALA G 608 -42.82 -1.15 -17.31
CA ALA G 608 -43.94 -0.61 -16.55
C ALA G 608 -44.98 -1.70 -16.29
N THR G 609 -46.01 -1.39 -15.50
CA THR G 609 -47.04 -2.39 -15.17
C THR G 609 -48.38 -2.18 -15.92
N VAL G 610 -48.43 -2.73 -17.12
CA VAL G 610 -49.53 -2.57 -18.07
C VAL G 610 -50.93 -2.85 -17.51
N GLY G 611 -51.90 -2.11 -18.03
CA GLY G 611 -53.31 -2.31 -17.69
C GLY G 611 -53.78 -1.37 -16.59
N GLU G 612 -54.95 -1.66 -16.03
CA GLU G 612 -55.38 -0.99 -14.82
C GLU G 612 -55.02 -1.87 -13.63
N ASP G 613 -53.71 -1.97 -13.41
CA ASP G 613 -53.09 -2.88 -12.45
C ASP G 613 -52.26 -2.04 -11.48
N GLU G 614 -52.12 -2.50 -10.25
CA GLU G 614 -51.35 -1.75 -9.27
C GLU G 614 -50.29 -2.59 -8.57
N HIS G 615 -50.04 -3.79 -9.08
CA HIS G 615 -49.04 -4.69 -8.50
C HIS G 615 -47.64 -4.44 -9.06
N SER G 616 -46.80 -3.85 -8.22
CA SER G 616 -45.49 -3.34 -8.63
C SER G 616 -44.36 -4.30 -8.36
N VAL G 617 -44.46 -5.07 -7.28
CA VAL G 617 -43.32 -5.86 -6.80
C VAL G 617 -42.77 -6.81 -7.85
N GLY G 618 -43.66 -7.53 -8.53
CA GLY G 618 -43.24 -8.49 -9.53
C GLY G 618 -42.20 -7.95 -10.50
N LEU G 619 -42.49 -6.81 -11.10
CA LEU G 619 -41.57 -6.17 -12.03
C LEU G 619 -40.31 -5.70 -11.29
N ARG G 620 -40.51 -4.96 -10.21
CA ARG G 620 -39.39 -4.46 -9.43
C ARG G 620 -38.47 -5.60 -8.95
N GLU G 621 -38.98 -6.82 -8.94
CA GLU G 621 -38.18 -7.98 -8.54
C GLU G 621 -37.13 -8.40 -9.57
N VAL G 622 -37.44 -8.22 -10.85
CA VAL G 622 -36.51 -8.58 -11.92
C VAL G 622 -35.66 -7.37 -12.35
N ILE G 623 -35.98 -6.20 -11.81
CA ILE G 623 -35.28 -4.98 -12.19
C ILE G 623 -34.35 -4.49 -11.08
N ASP G 624 -34.86 -4.37 -9.86
CA ASP G 624 -34.03 -3.90 -8.77
C ASP G 624 -32.80 -4.79 -8.66
N ILE G 625 -31.80 -4.31 -7.91
CA ILE G 625 -30.56 -5.05 -7.75
C ILE G 625 -30.54 -5.90 -6.48
N LYS G 626 -31.48 -5.62 -5.57
CA LYS G 626 -31.58 -6.34 -4.30
C LYS G 626 -31.67 -7.87 -4.47
N HIS G 627 -32.46 -8.34 -5.44
CA HIS G 627 -32.57 -9.78 -5.72
C HIS G 627 -32.04 -10.23 -7.11
N GLY G 628 -30.91 -9.66 -7.52
CA GLY G 628 -30.28 -10.01 -8.79
C GLY G 628 -31.02 -9.64 -10.07
N GLY G 629 -31.70 -8.49 -10.05
CA GLY G 629 -32.44 -8.01 -11.20
C GLY G 629 -31.53 -7.38 -12.25
N ILE G 630 -32.12 -6.99 -13.38
CA ILE G 630 -31.35 -6.60 -14.56
C ILE G 630 -30.40 -5.41 -14.34
N GLU G 631 -30.83 -4.46 -13.50
CA GLU G 631 -30.04 -3.30 -13.09
C GLU G 631 -28.65 -3.72 -12.65
N LYS G 632 -28.61 -4.85 -11.96
CA LYS G 632 -27.39 -5.40 -11.40
C LYS G 632 -26.36 -5.60 -12.51
N TYR G 633 -26.86 -5.82 -13.73
CA TYR G 633 -26.03 -6.30 -14.83
C TYR G 633 -25.58 -5.19 -15.78
N GLY G 634 -25.89 -3.96 -15.43
CA GLY G 634 -25.53 -2.81 -16.23
C GLY G 634 -26.66 -2.31 -17.12
N VAL G 635 -27.75 -3.09 -17.23
CA VAL G 635 -28.92 -2.67 -18.01
C VAL G 635 -29.41 -1.28 -17.56
N GLU G 636 -29.64 -0.40 -18.52
CA GLU G 636 -30.22 0.89 -18.23
C GLU G 636 -31.72 0.72 -18.27
N VAL G 637 -32.38 0.88 -17.11
CA VAL G 637 -33.82 0.68 -17.04
C VAL G 637 -34.58 2.01 -16.97
N HIS G 638 -35.58 2.17 -17.84
CA HIS G 638 -36.46 3.33 -17.85
C HIS G 638 -37.85 2.94 -17.33
N TYR G 639 -38.01 2.96 -16.01
CA TYR G 639 -39.24 2.54 -15.36
C TYR G 639 -40.33 3.58 -15.53
N LEU G 640 -41.53 3.14 -15.87
CA LEU G 640 -42.63 4.07 -16.12
C LEU G 640 -43.61 4.17 -14.95
N GLY G 641 -43.82 3.07 -14.24
CA GLY G 641 -44.76 3.05 -13.12
C GLY G 641 -45.91 2.06 -13.26
N THR G 642 -46.87 2.15 -12.34
CA THR G 642 -48.02 1.24 -12.37
C THR G 642 -49.26 1.86 -13.01
N SER G 643 -50.02 1.04 -13.74
CA SER G 643 -51.21 1.48 -14.47
C SER G 643 -50.87 2.29 -15.73
N VAL G 644 -49.74 1.94 -16.35
CA VAL G 644 -49.33 2.49 -17.63
C VAL G 644 -50.14 1.86 -18.76
N PRO G 645 -50.90 2.68 -19.52
CA PRO G 645 -51.72 2.16 -20.62
C PRO G 645 -50.89 1.38 -21.65
N VAL G 646 -51.50 0.33 -22.20
CA VAL G 646 -50.86 -0.48 -23.23
C VAL G 646 -50.29 0.39 -24.36
N GLU G 647 -50.91 1.55 -24.57
CA GLU G 647 -50.49 2.53 -25.58
C GLU G 647 -49.19 3.23 -25.21
N LYS G 648 -49.18 3.89 -24.05
CA LYS G 648 -48.09 4.77 -23.63
C LYS G 648 -46.74 4.05 -23.47
N LEU G 649 -46.78 2.78 -23.11
CA LEU G 649 -45.53 2.01 -22.91
C LEU G 649 -44.70 1.89 -24.19
N VAL G 650 -45.36 1.87 -25.35
CA VAL G 650 -44.65 1.82 -26.63
C VAL G 650 -44.37 3.22 -27.16
N ASP G 651 -44.80 4.22 -26.39
CA ASP G 651 -44.55 5.63 -26.72
C ASP G 651 -43.21 6.10 -26.16
N ALA G 652 -42.69 5.34 -25.19
CA ALA G 652 -41.35 5.60 -24.67
C ALA G 652 -40.41 4.56 -25.24
N ALA G 653 -40.98 3.50 -25.82
CA ALA G 653 -40.18 2.47 -26.49
C ALA G 653 -39.54 3.06 -27.74
N ILE G 654 -40.32 3.85 -28.47
CA ILE G 654 -39.80 4.62 -29.61
C ILE G 654 -39.01 5.84 -29.14
N GLU G 655 -39.68 6.78 -28.48
CA GLU G 655 -39.06 8.02 -27.99
C GLU G 655 -37.65 7.86 -27.39
N LEU G 656 -37.48 6.94 -26.44
CA LEU G 656 -36.17 6.76 -25.79
C LEU G 656 -35.26 5.76 -26.53
N LYS G 657 -35.53 5.56 -27.81
CA LYS G 657 -34.75 4.64 -28.67
C LYS G 657 -34.43 3.30 -28.00
N ALA G 658 -35.39 2.78 -27.25
CA ALA G 658 -35.15 1.63 -26.36
C ALA G 658 -34.96 0.27 -27.06
N ASP G 659 -33.95 -0.46 -26.59
CA ASP G 659 -33.63 -1.80 -27.09
C ASP G 659 -34.70 -2.85 -26.78
N ALA G 660 -35.51 -2.64 -25.75
CA ALA G 660 -36.52 -3.63 -25.35
C ALA G 660 -37.70 -3.06 -24.55
N ILE G 661 -38.77 -3.86 -24.45
CA ILE G 661 -39.93 -3.53 -23.63
C ILE G 661 -40.22 -4.63 -22.59
N LEU G 662 -40.42 -4.22 -21.34
CA LEU G 662 -40.81 -5.14 -20.28
C LEU G 662 -42.17 -4.77 -19.68
N ALA G 663 -43.06 -5.75 -19.58
CA ALA G 663 -44.44 -5.52 -19.16
C ALA G 663 -44.93 -6.52 -18.10
N SER G 664 -45.31 -6.00 -16.92
CA SER G 664 -45.86 -6.81 -15.82
C SER G 664 -47.36 -7.03 -16.01
N THR G 665 -47.90 -8.08 -15.40
CA THR G 665 -49.29 -8.46 -15.67
C THR G 665 -49.85 -9.40 -14.58
N ILE G 666 -50.23 -8.80 -13.46
CA ILE G 666 -50.52 -9.53 -12.23
C ILE G 666 -51.99 -9.87 -12.13
N ILE G 667 -52.81 -8.82 -11.99
CA ILE G 667 -54.24 -8.94 -12.19
C ILE G 667 -54.41 -9.72 -13.49
N SER G 668 -55.20 -10.78 -13.43
CA SER G 668 -55.39 -11.66 -14.58
C SER G 668 -56.80 -12.26 -14.63
N HIS G 669 -57.81 -11.42 -14.41
CA HIS G 669 -59.20 -11.85 -14.48
C HIS G 669 -59.71 -11.65 -15.91
N ASP G 670 -60.28 -12.72 -16.47
CA ASP G 670 -60.76 -12.75 -17.85
C ASP G 670 -59.60 -12.61 -18.86
N ASP G 671 -58.43 -13.11 -18.46
CA ASP G 671 -57.24 -13.05 -19.32
C ASP G 671 -56.93 -11.66 -19.83
N ILE G 672 -57.09 -10.64 -18.98
CA ILE G 672 -56.70 -9.29 -19.35
C ILE G 672 -55.19 -9.27 -19.47
N HIS G 673 -54.56 -10.28 -18.87
CA HIS G 673 -53.12 -10.38 -18.90
C HIS G 673 -52.56 -10.79 -20.27
N TYR G 674 -53.15 -11.81 -20.89
CA TYR G 674 -52.71 -12.21 -22.22
C TYR G 674 -53.19 -11.26 -23.31
N LYS G 675 -54.27 -10.52 -23.02
CA LYS G 675 -54.78 -9.52 -23.97
C LYS G 675 -53.86 -8.31 -24.07
N ASN G 676 -53.37 -7.84 -22.93
CA ASN G 676 -52.52 -6.65 -22.93
C ASN G 676 -51.11 -6.93 -23.47
N MET G 677 -50.82 -8.19 -23.76
CA MET G 677 -49.52 -8.60 -24.33
C MET G 677 -49.47 -8.48 -25.85
N LYS G 678 -50.58 -8.82 -26.50
CA LYS G 678 -50.70 -8.75 -27.95
C LYS G 678 -51.09 -7.34 -28.38
N ARG G 679 -51.87 -6.66 -27.54
CA ARG G 679 -52.20 -5.26 -27.76
C ARG G 679 -50.90 -4.48 -27.92
N ILE G 680 -49.86 -4.93 -27.21
CA ILE G 680 -48.53 -4.32 -27.30
C ILE G 680 -47.71 -4.87 -28.47
N HIS G 681 -47.94 -6.13 -28.83
CA HIS G 681 -47.29 -6.71 -30.00
C HIS G 681 -47.80 -6.04 -31.27
N GLU G 682 -49.10 -5.79 -31.32
CA GLU G 682 -49.74 -5.14 -32.47
C GLU G 682 -49.31 -3.68 -32.56
N LEU G 683 -49.49 -2.95 -31.46
CA LEU G 683 -49.05 -1.56 -31.38
C LEU G 683 -47.56 -1.46 -31.71
N ALA G 684 -46.88 -2.61 -31.70
CA ALA G 684 -45.46 -2.69 -31.98
C ALA G 684 -45.17 -2.70 -33.48
N VAL G 685 -45.81 -3.59 -34.23
CA VAL G 685 -45.59 -3.68 -35.68
C VAL G 685 -46.44 -2.65 -36.43
N GLU G 686 -47.40 -2.06 -35.73
CA GLU G 686 -48.25 -1.01 -36.26
C GLU G 686 -47.44 0.29 -36.40
N LYS G 687 -46.70 0.65 -35.35
CA LYS G 687 -45.84 1.83 -35.35
C LYS G 687 -44.56 1.62 -36.16
N GLY G 688 -44.41 0.41 -36.69
CA GLY G 688 -43.25 0.04 -37.51
C GLY G 688 -41.94 -0.04 -36.74
N ILE G 689 -41.93 -0.84 -35.67
CA ILE G 689 -40.76 -0.99 -34.80
C ILE G 689 -40.55 -2.42 -34.30
N ARG G 690 -41.33 -3.36 -34.81
CA ARG G 690 -41.39 -4.71 -34.22
C ARG G 690 -40.14 -5.60 -34.37
N ASP G 691 -39.70 -5.86 -35.59
CA ASP G 691 -38.57 -6.77 -35.76
C ASP G 691 -37.26 -6.08 -35.39
N LYS G 692 -37.36 -4.78 -35.07
CA LYS G 692 -36.26 -3.98 -34.58
C LYS G 692 -36.06 -4.15 -33.06
N ILE G 693 -37.17 -4.02 -32.32
CA ILE G 693 -37.19 -4.08 -30.86
C ILE G 693 -37.24 -5.52 -30.29
N MET G 694 -37.37 -5.61 -28.97
CA MET G 694 -37.63 -6.88 -28.30
C MET G 694 -38.73 -6.66 -27.27
N ILE G 695 -39.52 -7.71 -27.02
CA ILE G 695 -40.58 -7.63 -26.02
C ILE G 695 -40.58 -8.87 -25.12
N GLY G 696 -40.69 -8.64 -23.82
CA GLY G 696 -40.75 -9.74 -22.86
C GLY G 696 -41.79 -9.45 -21.78
N CYS G 697 -42.62 -10.46 -21.47
CA CYS G 697 -43.74 -10.28 -20.53
C CYS G 697 -43.76 -11.32 -19.41
N GLY G 698 -44.17 -10.90 -18.23
CA GLY G 698 -44.23 -11.77 -17.08
C GLY G 698 -45.27 -11.34 -16.06
N GLY G 699 -45.60 -12.27 -15.17
CA GLY G 699 -46.61 -12.06 -14.14
C GLY G 699 -46.93 -13.40 -13.51
N THR G 700 -47.71 -13.39 -12.43
CA THR G 700 -47.97 -14.63 -11.68
C THR G 700 -48.63 -15.72 -12.53
N GLN G 701 -49.42 -15.32 -13.53
CA GLN G 701 -50.20 -16.27 -14.31
C GLN G 701 -49.71 -16.45 -15.75
N VAL G 702 -48.46 -16.08 -16.01
CA VAL G 702 -47.91 -16.18 -17.35
C VAL G 702 -47.24 -17.52 -17.58
N THR G 703 -47.56 -18.16 -18.72
CA THR G 703 -46.87 -19.36 -19.14
C THR G 703 -46.01 -19.03 -20.35
N PRO G 704 -44.71 -19.38 -20.32
CA PRO G 704 -43.82 -18.99 -21.42
C PRO G 704 -44.48 -19.20 -22.78
N GLU G 705 -44.98 -20.40 -23.03
CA GLU G 705 -45.60 -20.73 -24.32
C GLU G 705 -46.73 -19.78 -24.71
N VAL G 706 -47.60 -19.45 -23.75
CA VAL G 706 -48.80 -18.64 -24.02
C VAL G 706 -48.50 -17.17 -24.41
N ALA G 707 -47.44 -16.61 -23.82
CA ALA G 707 -47.02 -15.27 -24.18
C ALA G 707 -46.25 -15.28 -25.50
N VAL G 708 -45.49 -16.35 -25.76
CA VAL G 708 -44.84 -16.54 -27.06
C VAL G 708 -45.89 -16.86 -28.14
N LYS G 709 -47.17 -16.85 -27.75
CA LYS G 709 -48.27 -17.02 -28.69
C LYS G 709 -49.03 -15.71 -28.93
N GLN G 710 -48.81 -14.71 -28.08
CA GLN G 710 -49.47 -13.40 -28.21
C GLN G 710 -48.74 -12.53 -29.22
N GLY G 711 -47.51 -12.93 -29.53
CA GLY G 711 -46.68 -12.18 -30.46
C GLY G 711 -45.46 -11.54 -29.81
N VAL G 712 -45.18 -11.88 -28.55
CA VAL G 712 -43.99 -11.36 -27.88
C VAL G 712 -42.86 -12.41 -27.91
N ASP G 713 -41.64 -11.98 -27.57
CA ASP G 713 -40.43 -12.81 -27.76
C ASP G 713 -40.23 -13.90 -26.69
N ALA G 714 -40.52 -13.57 -25.44
CA ALA G 714 -40.46 -14.55 -24.36
C ALA G 714 -41.41 -14.16 -23.24
N GLY G 715 -41.59 -15.07 -22.27
CA GLY G 715 -42.48 -14.82 -21.16
C GLY G 715 -41.95 -15.44 -19.88
N PHE G 716 -42.21 -14.78 -18.76
CA PHE G 716 -41.72 -15.27 -17.48
C PHE G 716 -42.83 -15.35 -16.42
N GLY G 717 -42.92 -16.50 -15.75
CA GLY G 717 -43.92 -16.72 -14.72
C GLY G 717 -43.28 -16.80 -13.36
N ARG G 718 -43.81 -17.66 -12.49
CA ARG G 718 -43.32 -17.73 -11.11
C ARG G 718 -41.83 -18.01 -10.99
N GLY G 719 -41.26 -17.61 -9.85
CA GLY G 719 -39.88 -17.86 -9.55
C GLY G 719 -38.87 -17.31 -10.54
N SER G 720 -39.27 -16.29 -11.29
CA SER G 720 -38.38 -15.65 -12.25
C SER G 720 -37.35 -14.80 -11.56
N LYS G 721 -36.17 -14.71 -12.17
CA LYS G 721 -35.09 -13.86 -11.67
C LYS G 721 -34.64 -12.86 -12.74
N GLY G 722 -33.87 -11.86 -12.32
CA GLY G 722 -33.34 -10.87 -13.23
C GLY G 722 -32.24 -11.46 -14.09
N ILE G 723 -31.79 -12.65 -13.73
CA ILE G 723 -30.79 -13.39 -14.52
C ILE G 723 -31.41 -13.90 -15.84
N HIS G 724 -32.64 -14.40 -15.79
CA HIS G 724 -33.31 -14.94 -16.98
C HIS G 724 -33.61 -13.86 -18.00
N VAL G 725 -34.31 -12.81 -17.56
CA VAL G 725 -34.58 -11.61 -18.35
C VAL G 725 -33.30 -11.08 -19.02
N ALA G 726 -32.22 -11.06 -18.24
CA ALA G 726 -30.89 -10.66 -18.74
C ALA G 726 -30.36 -11.64 -19.79
N THR G 727 -30.24 -12.92 -19.41
CA THR G 727 -29.82 -13.96 -20.37
C THR G 727 -30.64 -13.88 -21.67
N PHE G 728 -31.97 -13.81 -21.54
CA PHE G 728 -32.85 -13.67 -22.71
C PHE G 728 -32.55 -12.42 -23.53
N LEU G 729 -32.15 -11.33 -22.85
CA LEU G 729 -31.86 -10.08 -23.56
C LEU G 729 -30.50 -10.10 -24.28
N VAL G 730 -29.48 -10.67 -23.65
CA VAL G 730 -28.14 -10.73 -24.25
C VAL G 730 -28.13 -11.73 -25.39
N LYS G 731 -28.95 -12.77 -25.25
CA LYS G 731 -29.13 -13.79 -26.29
C LYS G 731 -29.99 -13.29 -27.46
N LYS G 732 -31.19 -12.79 -27.16
CA LYS G 732 -32.13 -12.40 -28.20
C LYS G 732 -31.61 -11.29 -29.12
N ARG G 733 -30.94 -10.29 -28.54
CA ARG G 733 -30.39 -9.19 -29.32
C ARG G 733 -29.40 -9.72 -30.35
N ARG G 734 -28.83 -10.89 -30.05
CA ARG G 734 -27.89 -11.58 -30.95
C ARG G 734 -28.60 -12.41 -32.02
N GLU G 735 -29.73 -13.02 -31.65
CA GLU G 735 -30.55 -13.76 -32.60
C GLU G 735 -30.93 -12.83 -33.75
N MET G 736 -30.60 -11.55 -33.59
CA MET G 736 -30.92 -10.52 -34.58
C MET G 736 -29.66 -9.94 -35.24
N ARG G 737 -28.57 -9.89 -34.49
CA ARG G 737 -27.29 -9.40 -35.03
C ARG G 737 -26.64 -10.51 -35.83
N ASP H 5 -3.73 -31.41 46.94
CA ASP H 5 -2.34 -31.08 47.21
C ASP H 5 -1.92 -31.35 48.66
N ASP H 6 -1.16 -32.42 48.89
CA ASP H 6 -0.69 -33.32 47.84
C ASP H 6 0.27 -32.60 46.86
N PHE H 7 -0.24 -32.16 45.71
CA PHE H 7 0.59 -31.55 44.67
C PHE H 7 1.56 -30.48 45.18
N GLN H 8 1.08 -29.58 46.03
CA GLN H 8 1.92 -28.49 46.54
C GLN H 8 3.06 -28.99 47.41
N GLN H 9 2.79 -29.98 48.25
CA GLN H 9 3.86 -30.64 48.99
C GLN H 9 4.89 -31.23 48.00
N ARG H 10 4.38 -31.84 46.95
CA ARG H 10 5.19 -32.69 46.08
C ARG H 10 5.97 -31.95 45.00
N ARG H 11 5.50 -30.76 44.64
CA ARG H 11 6.18 -29.93 43.63
C ARG H 11 7.24 -28.95 44.20
N ALA H 12 7.26 -28.80 45.52
CA ALA H 12 8.14 -27.85 46.20
C ALA H 12 9.54 -27.76 45.61
N HIS H 13 10.22 -28.90 45.56
CA HIS H 13 11.62 -28.97 45.19
C HIS H 13 11.93 -28.50 43.77
N LEU H 14 10.90 -28.07 43.05
CA LEU H 14 11.07 -27.66 41.66
C LEU H 14 11.07 -26.13 41.49
N ALA H 15 10.34 -25.44 42.36
CA ALA H 15 10.08 -24.01 42.18
C ALA H 15 11.29 -23.18 41.75
N ASN H 16 12.50 -23.55 42.17
CA ASN H 16 13.71 -22.84 41.77
C ASN H 16 14.10 -23.06 40.33
N LEU H 17 14.14 -24.32 39.92
CA LEU H 17 14.54 -24.69 38.57
C LEU H 17 13.91 -23.76 37.56
N SER H 18 14.68 -23.37 36.55
CA SER H 18 14.11 -22.57 35.48
C SER H 18 13.37 -23.49 34.52
N ASP H 19 12.87 -22.93 33.43
CA ASP H 19 12.20 -23.73 32.43
C ASP H 19 13.14 -24.69 31.75
N GLU H 20 14.39 -24.26 31.52
CA GLU H 20 15.40 -25.14 30.91
C GLU H 20 15.98 -26.12 31.91
N GLU H 21 16.10 -25.69 33.16
CA GLU H 21 16.50 -26.62 34.21
C GLU H 21 15.42 -27.72 34.27
N LEU H 22 14.15 -27.30 34.31
CA LEU H 22 13.05 -28.24 34.45
C LEU H 22 12.98 -29.25 33.31
N GLN H 23 12.99 -28.73 32.09
CA GLN H 23 12.86 -29.56 30.91
C GLN H 23 14.09 -30.46 30.71
N THR H 24 15.17 -30.13 31.38
CA THR H 24 16.36 -30.94 31.24
C THR H 24 16.38 -32.17 32.14
N ARG H 25 15.86 -32.05 33.36
CA ARG H 25 15.81 -33.26 34.18
C ARG H 25 14.62 -34.12 33.79
N PHE H 26 13.70 -33.54 33.05
CA PHE H 26 12.66 -34.32 32.43
C PHE H 26 13.29 -35.32 31.47
N TRP H 27 14.07 -34.83 30.52
CA TRP H 27 14.72 -35.73 29.56
C TRP H 27 15.87 -36.52 30.16
N GLU H 28 16.48 -36.01 31.23
CA GLU H 28 17.54 -36.78 31.88
C GLU H 28 16.92 -38.08 32.44
N MET H 29 15.88 -37.90 33.25
CA MET H 29 15.14 -39.03 33.83
C MET H 29 14.57 -39.95 32.75
N ALA H 30 13.98 -39.37 31.72
CA ALA H 30 13.47 -40.16 30.60
C ALA H 30 14.57 -41.06 30.03
N GLU H 31 15.76 -40.50 29.88
CA GLU H 31 16.87 -41.25 29.34
C GLU H 31 17.27 -42.36 30.31
N LYS H 32 17.32 -42.00 31.61
CA LYS H 32 17.63 -42.96 32.68
C LYS H 32 16.63 -44.13 32.81
N ILE H 33 15.41 -43.92 32.34
CA ILE H 33 14.35 -44.93 32.44
C ILE H 33 14.39 -45.94 31.31
N VAL H 34 14.78 -45.49 30.11
CA VAL H 34 14.78 -46.36 28.95
C VAL H 34 16.08 -47.13 28.81
N ASP H 35 17.14 -46.63 29.43
CA ASP H 35 18.45 -47.27 29.33
C ASP H 35 18.30 -48.77 29.57
N PRO H 36 17.81 -49.16 30.77
CA PRO H 36 17.76 -50.58 31.12
C PRO H 36 17.06 -51.38 30.03
N LEU H 37 16.12 -50.73 29.36
CA LEU H 37 15.26 -51.39 28.38
C LEU H 37 15.98 -51.62 27.08
N LEU H 38 16.67 -50.60 26.59
CA LEU H 38 17.46 -50.75 25.38
C LEU H 38 18.43 -51.90 25.55
N ASP H 39 19.04 -51.95 26.74
CA ASP H 39 20.00 -52.97 27.13
C ASP H 39 19.45 -54.37 26.91
N LEU H 40 18.23 -54.59 27.39
CA LEU H 40 17.51 -55.83 27.15
C LEU H 40 17.48 -56.08 25.65
N GLY H 41 17.03 -55.08 24.90
CA GLY H 41 17.04 -55.19 23.45
C GLY H 41 18.37 -55.69 22.92
N LYS H 42 19.46 -55.30 23.57
CA LYS H 42 20.82 -55.66 23.17
C LYS H 42 21.26 -57.11 23.52
N LYS H 43 20.97 -57.57 24.73
CA LYS H 43 21.47 -58.86 25.20
C LYS H 43 20.60 -60.06 24.85
N ASN H 44 19.40 -59.82 24.35
CA ASN H 44 18.42 -60.87 24.23
C ASN H 44 17.80 -60.95 22.84
N THR H 45 17.19 -62.09 22.51
CA THR H 45 16.43 -62.21 21.27
C THR H 45 15.00 -62.79 21.52
N THR H 46 14.22 -62.95 20.44
CA THR H 46 12.85 -63.45 20.53
C THR H 46 12.43 -64.14 19.24
N PRO H 47 11.28 -64.81 19.24
CA PRO H 47 10.85 -65.50 18.02
C PRO H 47 10.59 -64.54 16.86
N SER H 48 10.11 -63.34 17.18
CA SER H 48 9.73 -62.40 16.13
C SER H 48 11.00 -61.83 15.58
N ILE H 49 11.97 -61.60 16.47
CA ILE H 49 13.27 -61.10 16.03
C ILE H 49 13.89 -62.12 15.05
N GLU H 50 13.87 -63.40 15.43
CA GLU H 50 14.42 -64.49 14.62
C GLU H 50 13.69 -64.71 13.29
N ARG H 51 12.36 -64.68 13.29
CA ARG H 51 11.66 -64.96 12.05
C ARG H 51 11.92 -63.81 11.08
N SER H 52 12.09 -62.61 11.64
CA SER H 52 12.36 -61.40 10.85
C SER H 52 13.75 -61.52 10.19
N VAL H 53 14.72 -62.05 10.95
CA VAL H 53 16.00 -62.35 10.36
C VAL H 53 15.86 -63.32 9.16
N LEU H 54 15.15 -64.42 9.37
CA LEU H 54 14.90 -65.38 8.31
C LEU H 54 14.16 -64.76 7.12
N LEU H 55 13.17 -63.92 7.42
CA LEU H 55 12.47 -63.22 6.37
C LEU H 55 13.51 -62.50 5.55
N ARG H 56 14.33 -61.69 6.21
CA ARG H 56 15.32 -60.91 5.47
C ARG H 56 16.28 -61.83 4.72
N MET H 57 16.52 -63.01 5.27
CA MET H 57 17.46 -63.95 4.66
C MET H 57 16.91 -64.57 3.39
N GLY H 58 15.59 -64.63 3.25
CA GLY H 58 15.01 -65.09 2.02
C GLY H 58 14.06 -66.25 2.18
N PHE H 59 13.43 -66.35 3.34
CA PHE H 59 12.42 -67.40 3.57
C PHE H 59 11.04 -66.81 3.79
N SER H 60 10.01 -67.57 3.44
CA SER H 60 8.63 -67.18 3.66
C SER H 60 8.32 -67.28 5.15
N SER H 61 7.26 -66.59 5.59
CA SER H 61 6.86 -66.61 6.99
C SER H 61 6.51 -68.01 7.48
N LEU H 62 5.95 -68.84 6.60
CA LEU H 62 5.63 -70.24 6.93
C LEU H 62 6.92 -71.00 7.24
N GLU H 63 7.90 -70.80 6.37
CA GLU H 63 9.24 -71.37 6.51
C GLU H 63 9.92 -70.82 7.77
N ALA H 64 9.72 -69.54 8.04
CA ALA H 64 10.36 -68.92 9.19
C ALA H 64 9.85 -69.53 10.48
N LYS H 65 8.54 -69.75 10.56
CA LYS H 65 7.97 -70.30 11.79
C LYS H 65 8.44 -71.73 11.97
N ALA H 66 8.53 -72.45 10.85
CA ALA H 66 9.07 -73.79 10.86
C ALA H 66 10.46 -73.81 11.53
N ILE H 67 11.45 -73.17 10.89
CA ILE H 67 12.78 -73.07 11.47
C ILE H 67 12.77 -72.61 12.92
N VAL H 68 12.12 -71.47 13.19
CA VAL H 68 12.21 -70.85 14.51
C VAL H 68 11.55 -71.65 15.64
N ASP H 69 10.60 -72.51 15.28
CA ASP H 69 10.05 -73.42 16.27
C ASP H 69 10.98 -74.59 16.58
N LYS H 70 11.53 -75.23 15.54
CA LYS H 70 12.60 -76.21 15.72
C LYS H 70 13.81 -75.59 16.41
N THR H 71 14.07 -74.32 16.15
CA THR H 71 15.14 -73.64 16.88
C THR H 71 14.86 -73.59 18.39
N MET H 72 13.65 -73.20 18.75
CA MET H 72 13.30 -73.09 20.16
C MET H 72 13.24 -74.45 20.91
N ASP H 73 12.80 -75.51 20.21
CA ASP H 73 12.70 -76.87 20.76
C ASP H 73 14.07 -77.45 21.08
N ARG H 74 15.07 -77.02 20.31
CA ARG H 74 16.42 -77.51 20.53
C ARG H 74 17.25 -76.56 21.38
N GLY H 75 16.59 -75.60 22.02
CA GLY H 75 17.30 -74.67 22.89
C GLY H 75 18.48 -74.04 22.19
N LEU H 76 18.24 -73.55 20.98
CA LEU H 76 19.27 -72.97 20.13
C LEU H 76 19.05 -71.47 19.80
N MET H 77 18.05 -70.84 20.39
CA MET H 77 17.76 -69.43 20.09
C MET H 77 19.00 -68.52 20.24
N GLY H 78 19.80 -68.75 21.27
CA GLY H 78 20.97 -67.92 21.52
C GLY H 78 22.01 -67.88 20.39
N LYS H 79 21.94 -68.86 19.50
CA LYS H 79 22.84 -68.88 18.36
C LYS H 79 22.27 -68.12 17.15
N GLY H 80 20.95 -67.90 17.15
CA GLY H 80 20.28 -67.15 16.10
C GLY H 80 19.83 -67.97 14.90
N ALA H 81 18.52 -68.09 14.67
CA ALA H 81 18.02 -68.99 13.64
C ALA H 81 18.74 -68.78 12.33
N GLY H 82 18.96 -67.52 11.98
CA GLY H 82 19.73 -67.19 10.81
C GLY H 82 21.11 -67.85 10.84
N HIS H 83 21.88 -67.58 11.89
CA HIS H 83 23.20 -68.18 12.06
C HIS H 83 23.24 -69.67 11.71
N ILE H 84 22.29 -70.43 12.24
CA ILE H 84 22.12 -71.84 11.92
C ILE H 84 22.03 -72.07 10.40
N VAL H 85 21.03 -71.46 9.77
CA VAL H 85 20.81 -71.67 8.33
C VAL H 85 22.09 -71.47 7.54
N TYR H 86 22.91 -70.54 8.01
CA TYR H 86 24.16 -70.15 7.36
C TYR H 86 25.30 -71.13 7.62
N LYS H 87 25.60 -71.41 8.90
CA LYS H 87 26.60 -72.42 9.22
C LYS H 87 26.28 -73.73 8.48
N ILE H 88 25.04 -74.20 8.62
CA ILE H 88 24.58 -75.38 7.91
C ILE H 88 24.82 -75.31 6.40
N ALA H 89 24.56 -74.15 5.81
CA ALA H 89 24.77 -73.99 4.36
C ALA H 89 26.24 -74.15 3.99
N LYS H 90 27.13 -73.65 4.84
CA LYS H 90 28.53 -73.65 4.48
C LYS H 90 29.22 -74.92 4.96
N GLU H 91 28.53 -75.66 5.81
CA GLU H 91 29.06 -76.91 6.32
C GLU H 91 28.61 -78.07 5.44
N LYS H 92 27.62 -77.80 4.60
CA LYS H 92 27.08 -78.84 3.73
C LYS H 92 27.35 -78.52 2.25
N ASN H 93 28.03 -77.39 2.02
CA ASN H 93 28.36 -76.91 0.67
C ASN H 93 27.13 -76.72 -0.22
N ILE H 94 26.08 -76.12 0.34
CA ILE H 94 24.87 -75.76 -0.40
C ILE H 94 24.54 -74.27 -0.20
N SER H 95 23.41 -73.84 -0.77
CA SER H 95 23.04 -72.43 -0.73
C SER H 95 22.16 -72.13 0.47
N VAL H 96 22.34 -70.95 1.05
CA VAL H 96 21.48 -70.49 2.12
C VAL H 96 20.03 -70.89 1.86
N ARG H 97 19.58 -70.67 0.64
CA ARG H 97 18.18 -70.91 0.28
C ARG H 97 17.69 -72.32 0.63
N GLU H 98 18.43 -73.35 0.21
CA GLU H 98 17.98 -74.73 0.42
C GLU H 98 18.40 -75.27 1.77
N ALA H 99 19.48 -74.72 2.32
CA ALA H 99 19.88 -75.07 3.67
C ALA H 99 18.67 -74.81 4.52
N GLY H 100 18.09 -73.63 4.34
CA GLY H 100 17.02 -73.18 5.21
C GLY H 100 15.79 -74.01 4.99
N LEU H 101 15.49 -74.25 3.72
CA LEU H 101 14.33 -75.04 3.32
C LEU H 101 14.42 -76.43 3.92
N ALA H 102 15.63 -76.99 3.88
CA ALA H 102 15.91 -78.32 4.41
C ALA H 102 15.60 -78.36 5.91
N LEU H 103 16.08 -77.35 6.63
CA LEU H 103 15.86 -77.21 8.06
C LEU H 103 14.38 -77.01 8.38
N SER H 104 13.65 -76.37 7.47
CA SER H 104 12.24 -76.10 7.70
C SER H 104 11.45 -77.39 7.64
N GLU H 105 12.11 -78.45 7.15
CA GLU H 105 11.48 -79.75 6.96
C GLU H 105 12.05 -80.87 7.82
N GLY H 106 12.85 -80.53 8.83
CA GLY H 106 13.38 -81.52 9.77
C GLY H 106 14.82 -82.02 9.57
N LYS H 107 15.37 -81.80 8.37
CA LYS H 107 16.70 -82.33 8.03
C LYS H 107 17.84 -81.54 8.68
N TYR H 108 19.05 -82.07 8.58
CA TYR H 108 20.24 -81.46 9.18
C TYR H 108 20.08 -80.94 10.61
N TRP H 109 19.00 -81.33 11.29
CA TRP H 109 18.83 -80.86 12.67
C TRP H 109 19.78 -81.53 13.65
N ASP H 110 19.97 -82.84 13.50
CA ASP H 110 20.98 -83.55 14.26
C ASP H 110 22.37 -82.86 14.13
N ASP H 111 22.74 -82.49 12.89
CA ASP H 111 24.04 -81.84 12.62
C ASP H 111 24.11 -80.48 13.30
N ALA H 112 23.02 -79.74 13.15
CA ALA H 112 22.92 -78.40 13.68
C ALA H 112 23.25 -78.40 15.16
N ILE H 113 22.71 -79.36 15.88
CA ILE H 113 22.92 -79.47 17.31
C ILE H 113 24.41 -79.47 17.68
N GLN H 114 25.26 -79.69 16.67
CA GLN H 114 26.71 -79.55 16.85
C GLN H 114 27.34 -78.51 15.91
CO B12 I . 19.97 64.67 -32.10
N21 B12 I . 20.73 65.75 -30.71
N22 B12 I . 19.90 66.29 -33.13
N23 B12 I . 19.22 63.51 -33.45
N24 B12 I . 19.70 63.37 -30.73
C1 B12 I . 21.19 64.98 -29.51
C20 B12 I . 20.47 65.53 -28.30
C2 B12 I . 22.71 65.26 -29.37
C25 B12 I . 23.09 65.39 -27.89
C26 B12 I . 23.63 64.25 -30.07
C27 B12 I . 24.99 64.89 -30.34
O28 B12 I . 25.25 65.37 -31.43
N29 B12 I . 25.89 64.87 -29.34
C3 B12 I . 22.92 66.58 -30.06
C30 B12 I . 22.66 67.72 -29.10
C31 B12 I . 23.46 68.99 -29.40
C32 B12 I . 23.20 69.91 -28.24
O34 B12 I . 22.75 71.03 -28.42
N33 B12 I . 23.44 69.39 -27.04
C4 B12 I . 21.87 66.50 -31.11
C5 B12 I . 22.05 67.15 -32.41
C35 B12 I . 23.31 67.91 -32.63
C6 B12 I . 21.11 67.01 -33.36
C7 B12 I . 21.19 67.66 -34.73
C36 B12 I . 21.30 69.17 -34.60
C37 B12 I . 22.37 67.10 -35.54
C38 B12 I . 22.36 67.46 -37.01
O39 B12 I . 23.22 68.20 -37.46
N40 B12 I . 21.42 66.91 -37.77
C8 B12 I . 19.85 67.28 -35.36
C41 B12 I . 18.83 68.42 -35.41
C42 B12 I . 18.06 68.58 -34.11
C43 B12 I . 16.59 68.85 -34.35
O44 B12 I . 15.87 69.25 -33.45
N45 B12 I . 16.14 68.61 -35.58
C9 B12 I . 19.33 66.23 -34.43
C10 B12 I . 18.28 65.27 -34.83
C11 B12 I . 18.24 64.03 -34.35
C12 B12 I . 17.09 63.13 -34.87
C46 B12 I . 17.42 61.81 -35.58
C47 B12 I . 15.66 63.52 -34.52
C13 B12 I . 17.13 62.23 -33.60
C48 B12 I . 16.00 62.49 -32.61
C49 B12 I . 15.06 61.28 -32.41
C50 B12 I . 13.62 61.76 -32.29
O51 B12 I . 13.15 62.06 -31.21
N52 B12 I . 12.91 61.83 -33.43
C14 B12 I . 18.49 62.39 -32.97
C15 B12 I . 19.05 61.45 -31.99
C53 B12 I . 18.94 59.97 -32.28
C16 B12 I . 19.68 61.96 -30.93
C17 B12 I . 20.32 61.20 -29.78
C54 B12 I . 21.52 60.41 -30.29
C55 B12 I . 19.27 60.31 -29.11
C56 B12 I . 18.98 60.69 -27.66
C57 B12 I . 17.64 60.13 -27.21
O58 B12 I . 16.83 59.67 -28.02
N59 B12 I . 17.39 60.15 -25.91
C18 B12 I . 20.79 62.32 -28.83
C60 B12 I . 22.17 62.08 -28.22
C61 B12 I . 22.00 61.88 -26.73
O63 B12 I . 21.61 62.81 -26.02
N62 B12 I . 22.28 60.67 -26.25
C19 B12 I . 20.63 63.57 -29.68
C1P B12 I . 16.94 58.95 -25.24
C2P B12 I . 16.14 59.33 -23.99
C3P B12 I . 15.67 58.12 -23.18
O3 B12 I . 16.97 60.15 -23.21
O4 B12 I . 16.18 62.18 -24.49
O5 B12 I . 17.78 62.50 -22.62
P B12 I . 16.60 61.72 -23.12
O2 B12 I . 15.41 61.76 -22.04
C3R B12 I . 15.53 61.17 -20.75
C2R B12 I . 15.69 62.30 -19.76
O7R B12 I . 16.03 63.47 -20.52
C1R B12 I . 14.34 62.41 -19.05
O6R B12 I . 13.74 61.13 -19.18
C4R B12 I . 14.25 60.46 -20.33
C5R B12 I . 14.48 58.98 -20.01
O8R B12 I . 15.14 58.86 -18.75
N1B B12 I . 13.46 63.46 -19.66
C8B B12 I . 12.35 63.99 -19.11
C2B B12 I . 13.65 64.06 -20.84
N3B B12 I . 12.70 64.98 -21.10
C9B B12 I . 11.84 64.99 -20.07
C4B B12 I . 10.69 65.72 -19.79
C5B B12 I . 9.99 65.51 -18.60
C5M B12 I . 8.74 66.29 -18.30
C6B B12 I . 10.49 64.51 -17.62
C6M B12 I . 9.73 64.30 -16.35
C7B B12 I . 11.65 63.79 -17.91
C Z97 J . 23.30 13.28 3.95
N Z97 J . 24.28 14.31 1.90
O Z97 J . 22.23 13.03 3.39
P Z97 J . 31.43 9.66 10.03
N1 Z97 J . 26.83 7.62 8.58
C2 Z97 J . 26.12 7.82 7.35
C3 Z97 J . 26.55 8.82 6.42
O3 Z97 J . 25.83 9.03 5.26
C4 Z97 J . 27.67 9.58 6.68
C5 Z97 J . 28.39 9.36 7.97
C6 Z97 J . 27.98 8.41 8.86
CA Z97 J . 24.54 13.60 3.15
CB Z97 J . 25.72 14.13 3.98
CD Z97 J . 26.76 11.68 4.14
NE Z97 J . 27.89 10.76 4.36
CG Z97 J . 26.97 13.19 4.18
C2A Z97 J . 24.90 6.93 7.09
C4A Z97 J . 28.19 10.68 5.76
C5A Z97 J . 29.66 10.18 8.29
OP1 Z97 J . 32.59 10.54 9.46
OP2 Z97 J . 31.65 8.22 9.48
OP3 Z97 J . 31.49 9.68 11.54
OP4 Z97 J . 30.04 10.24 9.63
OXT Z97 J . 23.50 12.77 5.22
N1 5AD K . 42.20 15.50 29.84
C2 5AD K . 42.23 16.19 28.66
N3 5AD K . 41.53 15.71 27.55
C4 5AD K . 40.81 14.55 27.62
N9 5AD K . 40.07 13.90 26.72
C8 5AD K . 39.55 12.77 27.33
N7 5AD K . 40.00 12.74 28.65
C5 5AD K . 40.76 13.81 28.85
C6 5AD K . 41.44 14.29 29.93
N6 5AD K . 41.41 13.59 31.17
C1' 5AD K . 39.86 14.32 25.34
C2' 5AD K . 38.99 15.36 24.61
C3' 5AD K . 40.00 16.12 23.77
C4' 5AD K . 41.13 15.12 23.50
C5' 5AD K . 42.39 15.39 22.73
O4' 5AD K . 40.97 14.03 24.45
O2' 5AD K . 37.69 15.71 24.90
O3' 5AD K . 39.81 17.32 23.09
N1 5AD L . -60.87 -7.30 -0.83
C2 5AD L . -60.01 -8.27 -1.28
N3 5AD L . -58.63 -8.10 -1.11
C4 5AD L . -58.14 -6.97 -0.50
N9 5AD L . -56.89 -6.57 -0.23
C8 5AD L . -56.97 -5.34 0.39
N7 5AD L . -58.31 -4.98 0.50
C5 5AD L . -59.04 -5.95 -0.04
C6 5AD L . -60.37 -6.12 -0.20
N6 5AD L . -61.27 -5.14 0.29
C1' 5AD L . -55.70 -7.34 -0.51
C2' 5AD L . -54.69 -8.18 0.33
C3' 5AD L . -54.33 -9.33 -0.60
C4' 5AD L . -54.48 -8.74 -2.02
C5' 5AD L . -53.94 -9.26 -3.33
O4' 5AD L . -55.60 -7.81 -1.89
O2' 5AD L . -54.44 -8.07 1.69
O3' 5AD L . -53.70 -10.51 -0.27
C Z97 M . -29.70 -10.21 7.73
N Z97 M . -30.71 -11.93 6.26
O Z97 M . -29.79 -9.07 8.06
P Z97 M . -37.51 -5.78 1.42
N1 Z97 M . -33.82 -3.36 5.01
C2 Z97 M . -32.54 -3.92 5.21
C3 Z97 M . -32.26 -5.23 4.73
O3 Z97 M . -31.03 -5.81 4.92
C4 Z97 M . -33.24 -5.93 4.07
C5 Z97 M . -34.59 -5.31 3.88
C6 Z97 M . -34.83 -4.07 4.34
CA Z97 M . -30.06 -10.63 6.32
CB Z97 M . -30.78 -9.57 5.51
CD Z97 M . -31.49 -9.12 3.05
NE Z97 M . -31.57 -7.70 3.39
CG Z97 M . -31.53 -10.07 4.24
C2A Z97 M . -31.51 -3.09 5.97
C4A Z97 M . -32.96 -7.32 3.56
C5A Z97 M . -35.73 -6.05 3.18
OP1 Z97 M . -36.85 -7.09 0.95
OP2 Z97 M . -37.32 -4.71 0.29
OP3 Z97 M . -38.98 -6.05 1.71
OP4 Z97 M . -36.80 -5.27 2.73
OXT Z97 M . -28.93 -11.05 8.49
CO B12 N . -8.61 -69.58 10.90
N21 B12 N . -10.33 -70.41 10.93
N22 B12 N . -7.87 -71.34 11.07
N23 B12 N . -6.92 -68.65 10.76
N24 B12 N . -9.57 -67.97 11.28
C1 B12 N . -11.48 -69.48 10.77
C20 B12 N . -12.38 -69.67 11.97
C2 B12 N . -12.26 -69.93 9.51
C25 B12 N . -13.77 -69.82 9.75
C26 B12 N . -11.86 -69.19 8.23
C27 B12 N . -12.24 -70.07 7.05
O28 B12 N . -11.38 -70.63 6.38
N29 B12 N . -13.53 -70.18 6.79
C3 B12 N . -11.83 -71.37 9.30
C30 B12 N . -12.69 -72.36 10.08
C31 B12 N . -13.81 -72.96 9.23
C32 B12 N . -14.77 -73.62 10.17
O34 B12 N . -14.35 -74.16 11.18
N33 B12 N . -16.05 -73.56 9.85
C4 B12 N . -10.47 -71.38 9.90
C5 B12 N . -9.42 -72.32 9.49
C35 B12 N . -9.77 -73.34 8.43
C6 B12 N . -8.20 -72.29 10.05
C7 B12 N . -7.05 -73.24 9.74
C36 B12 N . -7.51 -74.66 10.04
C37 B12 N . -6.55 -73.11 8.31
C38 B12 N . -5.25 -73.83 8.07
O39 B12 N . -5.22 -74.76 7.28
N40 B12 N . -4.15 -73.42 8.71
C8 B12 N . -5.99 -72.84 10.75
C41 B12 N . -5.91 -73.74 11.99
C42 B12 N . -6.21 -73.05 13.32
C43 B12 N . -5.80 -73.94 14.48
O44 B12 N . -6.51 -74.09 15.48
N45 B12 N . -4.62 -74.55 14.38
C9 B12 N . -6.46 -71.49 11.15
C10 B12 N . -5.49 -70.47 11.51
C11 B12 N . -5.73 -69.17 11.35
C12 B12 N . -4.58 -68.24 11.74
C46 B12 N . -4.09 -67.28 10.65
C47 B12 N . -4.00 -68.18 13.15
C13 B12 N . -5.59 -67.10 12.11
C48 B12 N . -5.91 -66.92 13.61
C49 B12 N . -5.12 -65.80 14.31
C50 B12 N . -5.48 -65.76 15.77
O51 B12 N . -6.62 -66.04 16.14
N52 B12 N . -4.51 -65.43 16.62
C14 B12 N . -6.85 -67.34 11.31
C15 B12 N . -7.84 -66.31 11.00
C53 B12 N . -7.37 -64.92 10.69
C16 B12 N . -9.13 -66.66 10.92
C17 B12 N . -10.31 -65.75 10.64
C54 B12 N . -10.27 -65.24 9.21
C55 B12 N . -10.24 -64.61 11.66
C56 B12 N . -11.46 -64.51 12.58
C57 B12 N . -11.14 -63.55 13.70
O58 B12 N . -9.99 -63.42 14.15
N59 B12 N . -12.15 -62.86 14.18
C18 B12 N . -11.54 -66.68 10.84
C60 B12 N . -12.68 -66.40 9.86
C61 B12 N . -13.72 -65.51 10.55
O63 B12 N . -14.24 -65.85 11.59
N62 B12 N . -14.02 -64.36 9.94
C19 B12 N . -10.92 -68.06 10.89
C1P B12 N . -11.89 -61.61 14.85
C2P B12 N . -12.59 -61.69 16.20
C3P B12 N . -12.76 -60.31 16.83
O3 B12 N . -13.87 -62.29 15.97
O4 B12 N . -13.04 -64.53 16.73
O5 B12 N . -15.43 -64.27 16.01
P B12 N . -14.25 -63.64 16.70
O2 B12 N . -14.66 -63.16 18.17
C3R B12 N . -15.73 -62.23 18.35
C2R B12 N . -16.98 -63.01 18.71
O7R B12 N . -16.91 -64.31 18.14
C1R B12 N . -17.06 -62.97 20.24
O6R B12 N . -16.42 -61.73 20.57
C4R B12 N . -15.46 -61.36 19.57
C5R B12 N . -15.56 -59.87 19.25
O8R B12 N . -16.92 -59.41 19.21
N1B B12 N . -16.28 -64.04 20.95
C8B B12 N . -16.40 -64.35 22.25
C2B B12 N . -15.34 -64.83 20.42
N3B B12 N . -14.82 -65.68 21.34
C9B B12 N . -15.44 -65.43 22.51
C4B B12 N . -15.33 -66.00 23.77
C5B B12 N . -16.11 -65.52 24.81
C5M B12 N . -15.99 -66.10 26.20
C6B B12 N . -17.06 -64.42 24.56
C6M B12 N . -17.88 -63.93 25.74
C7B B12 N . -17.19 -63.85 23.30
N1 5AD O . 25.09 65.97 -39.38
C2 5AD O . 25.16 65.49 -38.11
N3 5AD O . 24.17 64.62 -37.63
C4 5AD O . 23.13 64.25 -38.45
N9 5AD O . 22.08 63.46 -38.24
C8 5AD O . 21.34 63.43 -39.39
N7 5AD O . 21.95 64.25 -40.33
C5 5AD O . 23.05 64.76 -39.78
C6 5AD O . 24.01 65.59 -40.23
N6 5AD O . 23.95 66.09 -41.56
C1' 5AD O . 21.79 62.75 -37.02
C2' 5AD O . 22.10 61.34 -36.46
C3' 5AD O . 22.06 61.47 -34.95
C4' 5AD O . 21.67 62.93 -34.62
C5' 5AD O . 21.26 63.48 -33.26
O4' 5AD O . 21.44 63.62 -35.89
O2' 5AD O . 22.15 60.15 -37.18
O3' 5AD O . 22.60 60.56 -34.06
C Z97 P . 11.00 39.92 -25.85
N Z97 P . 11.92 40.48 -23.59
O Z97 P . 11.12 40.26 -27.01
P Z97 P . 10.60 50.29 -28.70
N1 Z97 P . 7.87 45.72 -30.70
C2 Z97 P . 7.37 44.76 -29.76
C3 Z97 P . 7.87 44.76 -28.43
O3 Z97 P . 7.37 43.83 -27.53
C4 Z97 P . 8.81 45.66 -28.03
C5 Z97 P . 9.35 46.66 -29.02
C6 Z97 P . 8.87 46.66 -30.29
CA Z97 P . 11.17 40.94 -24.74
CB Z97 P . 11.65 42.29 -25.28
CD Z97 P . 10.17 44.37 -24.74
NE Z97 P . 9.66 44.28 -26.12
CG Z97 P . 11.39 43.53 -24.40
C2A Z97 P . 6.30 43.74 -30.15
C4A Z97 P . 9.33 45.61 -26.61
C5A Z97 P . 10.41 47.71 -28.60
OP1 Z97 P . 9.17 50.87 -28.63
OP2 Z97 P . 11.50 51.26 -29.54
OP3 Z97 P . 11.17 50.20 -27.30
OP4 Z97 P . 10.57 48.87 -29.38
OXT Z97 P . 10.51 38.66 -25.57
CO B12 Q . 43.49 13.89 21.77
N21 B12 Q . 45.08 14.86 21.33
N22 B12 Q . 44.49 12.99 23.13
N23 B12 Q . 41.82 12.97 22.07
N24 B12 Q . 42.91 14.52 20.07
C1 B12 Q . 44.91 15.93 20.31
C20 B12 Q . 45.79 15.57 19.12
C2 B12 Q . 45.39 17.26 20.94
C25 B12 Q . 46.11 18.08 19.88
C26 B12 Q . 44.38 18.17 21.65
C27 B12 Q . 45.12 19.16 22.54
O28 B12 Q . 45.16 19.03 23.76
N29 B12 Q . 45.73 20.19 21.94
C3 B12 Q . 46.35 16.79 22.02
C30 B12 Q . 47.69 16.52 21.39
C31 B12 Q . 48.87 16.59 22.31
C32 B12 Q . 50.02 16.94 21.43
O34 B12 Q . 50.90 16.14 21.16
N33 B12 Q . 49.99 18.18 20.94
C4 B12 Q . 45.71 15.50 22.44
C5 B12 Q . 45.76 14.97 23.81
C35 B12 Q . 46.48 15.76 24.85
C6 B12 Q . 45.17 13.79 24.11
C7 B12 Q . 45.20 13.13 25.49
C36 B12 Q . 46.64 12.96 25.96
C37 B12 Q . 44.35 13.92 26.49
C38 B12 Q . 44.16 13.25 27.85
O39 B12 Q . 44.36 13.90 28.87
N40 B12 Q . 43.76 11.96 27.90
C8 B12 Q . 44.57 11.77 25.22
C41 B12 Q . 45.63 10.67 25.13
C42 B12 Q . 45.43 9.67 23.99
C43 B12 Q . 46.52 8.63 23.94
O44 B12 Q . 47.47 8.76 23.19
N45 B12 Q . 46.39 7.57 24.73
C9 B12 Q . 43.87 12.00 23.91
C10 B12 Q . 42.68 11.24 23.53
C11 B12 Q . 41.78 11.68 22.67
C12 B12 Q . 40.58 10.77 22.41
C46 B12 Q . 39.19 11.38 22.52
C47 B12 Q . 40.81 9.33 21.93
C13 B12 Q . 40.41 11.30 20.95
C48 B12 Q . 40.89 10.38 19.78
C49 B12 Q . 39.78 9.48 19.19
C50 B12 Q . 40.24 8.55 18.08
O51 B12 Q . 40.87 8.95 17.11
N52 B12 Q . 39.91 7.26 18.15
C14 B12 Q . 41.02 12.67 20.93
C15 B12 Q . 40.68 13.69 19.95
C53 B12 Q . 39.27 13.75 19.45
C16 B12 Q . 41.58 14.61 19.62
C17 B12 Q . 41.42 15.73 18.61
C54 B12 Q . 40.35 16.73 19.06
C55 B12 Q . 41.03 15.07 17.29
C56 B12 Q . 42.15 14.93 16.25
C57 B12 Q . 41.62 14.39 14.95
O58 B12 Q . 41.33 13.21 14.84
N59 B12 Q . 41.49 15.28 13.94
C18 B12 Q . 42.80 16.41 18.61
C60 B12 Q . 42.77 17.91 18.72
C61 B12 Q . 42.93 18.42 17.30
O63 B12 Q . 43.78 17.94 16.57
N62 B12 Q . 42.09 19.40 16.93
C19 B12 Q . 43.54 15.71 19.71
C1P B12 Q . 40.76 15.01 12.72
C2P B12 Q . 41.57 14.10 11.80
C3P B12 Q . 40.76 13.79 10.55
O3 B12 Q . 42.74 14.78 11.38
O4 B12 Q . 44.25 13.20 12.78
O5 B12 Q . 45.14 15.34 11.90
P B12 Q . 44.21 14.19 11.64
O2 B12 Q . 44.58 13.53 10.23
C3R B12 Q . 44.66 14.30 9.02
C2R B12 Q . 46.09 14.73 8.74
O7R B12 Q . 46.93 14.71 9.90
C1R B12 Q . 46.56 13.74 7.68
O6R B12 Q . 45.41 13.30 6.98
C4R B12 Q . 44.26 13.45 7.81
C5R B12 Q . 43.13 14.05 6.99
O8R B12 Q . 43.48 15.31 6.42
N1B B12 Q . 47.15 12.54 8.32
C8B B12 Q . 47.81 11.60 7.65
C2B B12 Q . 47.13 12.20 9.62
N3B B12 Q . 47.79 11.02 9.82
C9B B12 Q . 48.24 10.58 8.64
C4B B12 Q . 48.96 9.46 8.22
C5B B12 Q . 49.27 9.32 6.86
C5M B12 Q . 50.05 8.14 6.32
C6B B12 Q . 48.83 10.35 5.88
C6M B12 Q . 49.18 10.17 4.42
C7B B12 Q . 48.12 11.47 6.29
CO B12 R . -53.53 -8.22 -5.11
N21 B12 R . -54.01 -9.44 -6.52
N22 B12 R . -54.94 -7.09 -5.81
N23 B12 R . -52.99 -7.05 -3.65
N24 B12 R . -51.91 -9.24 -5.00
C1 B12 R . -53.24 -10.72 -6.49
C20 B12 R . -52.57 -10.90 -7.83
C2 B12 R . -54.27 -11.86 -6.29
C25 B12 R . -53.87 -13.05 -7.17
C26 B12 R . -54.49 -12.27 -4.83
C27 B12 R . -55.54 -13.37 -4.65
O28 B12 R . -56.47 -13.53 -5.43
N29 B12 R . -55.38 -14.15 -3.58
C3 B12 R . -55.57 -11.26 -6.80
C30 B12 R . -55.66 -11.52 -8.30
C31 B12 R . -57.07 -11.48 -8.82
C32 B12 R . -56.95 -11.90 -10.26
O34 B12 R . -57.11 -11.08 -11.14
N33 B12 R . -56.65 -13.18 -10.46
C4 B12 R . -55.38 -9.82 -6.51
C5 B12 R . -56.50 -8.91 -6.25
C35 B12 R . -57.90 -9.44 -6.36
C6 B12 R . -56.27 -7.63 -5.91
C7 B12 R . -57.36 -6.60 -5.64
C36 B12 R . -58.25 -6.41 -6.87
C37 B12 R . -58.23 -6.96 -4.42
C38 B12 R . -58.75 -5.76 -3.66
O39 B12 R . -59.93 -5.51 -3.68
N40 B12 R . -57.87 -5.01 -2.97
C8 B12 R . -56.56 -5.31 -5.41
C41 B12 R . -56.61 -4.40 -6.64
C42 B12 R . -55.60 -3.26 -6.55
C43 B12 R . -55.26 -2.70 -7.92
O44 B12 R . -54.57 -3.34 -8.69
N45 B12 R . -55.75 -1.50 -8.21
C9 B12 R . -55.15 -5.83 -5.22
C10 B12 R . -54.12 -5.07 -4.50
C11 B12 R . -53.12 -5.64 -3.80
C12 B12 R . -52.16 -4.67 -3.11
C46 B12 R . -51.96 -4.72 -1.59
C47 B12 R . -51.32 -3.75 -4.00
C13 B12 R . -51.01 -5.74 -3.05
C48 B12 R . -49.81 -5.50 -3.98
C49 B12 R . -48.68 -4.67 -3.36
C50 B12 R . -47.77 -4.18 -4.47
O51 B12 R . -47.67 -4.82 -5.50
N52 B12 R . -47.12 -3.04 -4.25
C14 B12 R . -51.63 -7.10 -3.27
C15 B12 R . -50.92 -8.36 -3.01
C53 B12 R . -50.05 -8.48 -1.78
C16 B12 R . -51.13 -9.39 -3.83
C17 B12 R . -50.48 -10.76 -3.77
C54 B12 R . -50.89 -11.49 -2.49
C55 B12 R . -48.97 -10.56 -3.88
C56 B12 R . -48.46 -10.85 -5.28
C57 B12 R . -47.04 -10.32 -5.43
O58 B12 R . -46.82 -9.12 -5.36
N59 B12 R . -46.11 -11.26 -5.63
C18 B12 R . -51.03 -11.49 -5.00
C60 B12 R . -51.48 -12.93 -4.72
C61 B12 R . -50.44 -13.90 -5.27
O63 B12 R . -50.50 -14.27 -6.43
N62 B12 R . -49.51 -14.31 -4.42
C19 B12 R . -52.11 -10.55 -5.49
C1P B12 R . -44.72 -11.09 -5.28
C2P B12 R . -43.85 -11.16 -6.54
C3P B12 R . -42.39 -11.40 -6.19
O3 B12 R . -44.32 -12.21 -7.39
O4 B12 R . -45.74 -10.65 -8.89
O5 B12 R . -45.84 -13.07 -9.29
P B12 R . -44.94 -11.94 -8.86
O2 B12 R . -43.63 -11.91 -9.80
C3R B12 R . -42.82 -13.06 -10.06
C2R B12 R . -43.07 -13.47 -11.49
O7R B12 R . -44.41 -13.17 -11.87
C1R B12 R . -42.06 -12.63 -12.26
O6R B12 R . -41.00 -12.32 -11.36
C4R B12 R . -41.34 -12.70 -10.02
C5R B12 R . -40.38 -13.82 -9.63
O8R B12 R . -40.61 -14.32 -8.30
N1B B12 R . -42.67 -11.39 -12.84
C8B B12 R . -42.20 -10.76 -13.93
C2B B12 R . -43.74 -10.71 -12.41
N3B B12 R . -44.01 -9.63 -13.18
C9B B12 R . -43.08 -9.60 -14.16
C4B B12 R . -42.84 -8.74 -15.23
C5B B12 R . -41.77 -8.99 -16.08
C5M B12 R . -41.49 -8.08 -17.24
C6B B12 R . -40.89 -10.17 -15.85
C6M B12 R . -39.72 -10.42 -16.79
C7B B12 R . -41.13 -11.01 -14.78
N1 5AD S . -4.12 -73.43 4.76
C2 5AD S . -5.34 -72.80 4.75
N3 5AD S . -5.49 -71.58 5.43
C4 5AD S . -4.44 -71.03 6.12
N9 5AD S . -4.32 -69.90 6.83
C8 5AD S . -3.03 -69.83 7.31
N7 5AD S . -2.34 -70.96 6.86
C5 5AD S . -3.18 -71.69 6.13
C6 5AD S . -3.02 -72.86 5.47
N6 5AD S . -1.75 -73.50 5.50
C1' 5AD S . -5.37 -68.93 7.10
C2' 5AD S . -5.99 -67.74 6.35
C3' 5AD S . -7.40 -67.57 6.89
C4' 5AD S . -7.57 -68.62 8.01
C5' 5AD S . -8.70 -68.70 9.00
O4' 5AD S . -6.30 -69.33 8.17
O2' 5AD S . -5.33 -66.86 5.54
O3' 5AD S . -8.43 -66.91 6.24
C Z97 T . -4.97 -43.34 14.97
N Z97 T . -7.31 -43.57 14.03
O Z97 T . -3.99 -44.04 15.18
P Z97 T . -4.49 -53.55 17.04
N1 Z97 T . -0.85 -49.84 17.53
C2 Z97 T . -1.16 -48.58 18.12
C3 Z97 T . -2.51 -48.12 18.12
O3 Z97 T . -2.89 -46.92 18.68
C4 Z97 T . -3.50 -48.89 17.57
C5 Z97 T . -3.17 -50.21 16.95
C6 Z97 T . -1.87 -50.65 16.95
CA Z97 T . -6.37 -43.93 15.09
CB Z97 T . -6.37 -45.41 15.45
CD Z97 T . -6.67 -46.91 17.61
NE Z97 T . -5.22 -47.03 17.81
CG Z97 T . -7.20 -45.82 16.70
C2A Z97 T . -0.02 -47.78 18.72
C4A Z97 T . -4.92 -48.42 17.59
C5A Z97 T . -4.28 -51.10 16.33
OP1 Z97 T . -3.44 -53.64 18.18
OP2 Z97 T . -4.60 -54.93 16.31
OP3 Z97 T . -5.84 -53.16 17.61
OP4 Z97 T . -4.02 -52.44 16.02
OXT Z97 T . -4.83 -41.97 14.90
#